data_3WJM
#
_entry.id   3WJM
#
_cell.length_a   92.056
_cell.length_b   205.020
_cell.length_c   119.713
_cell.angle_alpha   90.00
_cell.angle_beta   103.00
_cell.angle_gamma   90.00
#
_symmetry.space_group_name_H-M   'P 1 21 1'
#
loop_
_entity.id
_entity.type
_entity.pdbx_description
1 polymer Arylphorin
2 polymer 'Silkworm storage protein'
3 branched alpha-D-mannopyranose-(1-3)-[beta-D-mannopyranose-(1-6)]beta-D-mannopyranose-(1-4)-2-acetamido-2-deoxy-beta-D-glucopyranose-(1-4)-2-acetamido-2-deoxy-beta-D-glucopyranose
4 branched beta-D-mannopyranose-(1-3)-[alpha-D-mannopyranose-(1-6)]beta-D-mannopyranose-(1-4)-2-acetamido-2-deoxy-beta-D-glucopyranose-(1-4)-2-acetamido-2-deoxy-beta-D-glucopyranose
5 branched alpha-D-mannopyranose-(1-6)-alpha-D-mannopyranose-(1-6)-[alpha-D-mannopyranose-(1-3)]beta-D-mannopyranose-(1-4)-2-acetamido-2-deoxy-beta-D-glucopyranose-(1-4)-2-acetamido-2-deoxy-beta-D-glucopyranose
6 branched alpha-D-mannopyranose-(1-2)-alpha-D-mannopyranose-(1-3)-[alpha-D-mannopyranose-(1-6)-alpha-D-mannopyranose-(1-6)]beta-D-mannopyranose-(1-4)-2-acetamido-2-deoxy-beta-D-glucopyranose-(1-4)-2-acetamido-2-deoxy-beta-D-glucopyranose
7 branched beta-D-mannopyranose-(1-3)-beta-D-mannopyranose-(1-3)-[alpha-D-mannopyranose-(1-6)]beta-D-mannopyranose-(1-4)-2-acetamido-2-deoxy-beta-D-glucopyranose-(1-4)-2-acetamido-2-deoxy-beta-D-glucopyranose
8 branched beta-D-mannopyranose-(1-2)-alpha-D-mannopyranose-(1-3)-beta-D-mannopyranose-(1-4)-2-acetamido-2-deoxy-beta-D-glucopyranose-(1-4)-2-acetamido-2-deoxy-beta-D-glucopyranose
9 water water
#
loop_
_entity_poly.entity_id
_entity_poly.type
_entity_poly.pdbx_seq_one_letter_code
_entity_poly.pdbx_strand_id
1 'polypeptide(L)'
;MKSVLILAGLVAVALSSAVPKPSTIKTKNVDAVFVEKQKKILSFFQDVSQLNTDDEYYKIGKDYDIEMNMDNYTNKKAVE
EFLKMYRTGFMPKNLEFSVFYDKMRDEAIALFHLFYYAKDFETFYKTACFARVHLNQGQFLYAFYIAVIQRSDCHGFVVP
APYEVYPKMFMNMEVLQKIYVTKMQDGLINPEAAAKYGIHKENDYFVYKANYSNAVLYNNEEQRLTYFTEDIGMNAYYYY
FHSHLPFWWTSEKYGALKERRGEVYFYFYQQLLARYYFERLTNGLGKIPEFSWYSPIKTGYYPLMLTKFTPFAQRPDYYN
LHTEENYERVRFLDTYEKTFVQFLQKDHFEAFGQKIDFHDPKAINFVGNYWQDNADLYGEEVTKDYQRSYEVFARRVLGA
APMPFDKYTFMPSAMDFYQTSLRDPAFYQLYNRIVEYIVEFKQYLKPYTQDKLYFDGVKITDVKVDKLTTFFENFEFDAS
NSVYFSKEEIKNNHVHDVKVRQPRLNHSPFNVNIEVDSNVASDAVVKIFLAPKYDDNGIPLTLEDNWMKFFELDWFTTKL
TAGQNKIIRNSNEFVIFKEDSVPMTEIMKMLDEGKVPFDMSEEFCYMPKRLMLPRGTEGGFPFQLFVFVYPFDNKGKDLA
PFESFVLDNKPLGFPLDRPVVDALFKVPNMYFKDIFIYHEGERFPYKFNIPSYDTQSNVVPKN
;
A,E,F
2 'polypeptide(L)'
;MKTVLILAGLIALALSSTVPEFKTTPVDAAFVEKQKKILSLFYNVNEISYEAEYYKVAQDFNIEASKDCYTNMKAYENFM
MMYKVGFLPKNLEFSIFYEKMREEAIALFKLFYYAKDFECFYKTACYARVYMNQGMFLYAYYIAIIQRSDTASFVLPAPY
EAYPQYFVNMEVKNKMDYVKMMDGCLDEKICYNYGIIKENEQFVMYANYSNSLTYPNNEDRIAYLTEDVGLNAYYYYFHS
HLPFWWNSGKYGAFKERRGEIYFFFYQQLLARYYMERLTNGLGKIPEFSWYSPLRTGYLPPFNSFYYPFAQRSNDYELHT
EKNYEEIRFLDIYEKTFFQYLQQGHFKAFDKKIDLHSSKAVNFVGNYWQTNADLFEEDFLQFYQRSYEVNARRVLGAAPK
PFNQYTFIPSALDFYQTSARDPAFYQLYKRIVQYIIEFKQYQVPYTQEALHFVGLKISDVKVDKMVTFFDHFDFDAFNTV
YFSKEELKSSPHGYKVRQPRLNHKPFTVTIDIKSDVATNAVVKMFLGPKYDENGFPFSLEDNWMNFYELDWFVQKVNPGQ
SQITRSSTDFAFFKEDSLPMAEIYKLLDQGKIPTDMFNSSDTMPSRLMLPKGTYDGFPFQLFVFVYPYEPTPKESEPFKA
VVPDNKPFGYPFDRPVLPQYFKQPNMFFKKVLVYHEGELFPYLFNIPHYTPDKAQL
;
B,C,D
#
loop_
_chem_comp.id
_chem_comp.type
_chem_comp.name
_chem_comp.formula
BMA D-saccharide, beta linking beta-D-mannopyranose 'C6 H12 O6'
MAN D-saccharide, alpha linking alpha-D-mannopyranose 'C6 H12 O6'
NAG D-saccharide, beta linking 2-acetamido-2-deoxy-beta-D-glucopyranose 'C8 H15 N O6'
#
# COMPACT_ATOMS: atom_id res chain seq x y z
N THR A 24 -38.41 39.13 28.42
CA THR A 24 -38.16 39.44 26.98
C THR A 24 -37.89 38.17 26.13
N ILE A 25 -38.98 37.51 25.80
CA ILE A 25 -39.02 36.49 24.78
C ILE A 25 -40.04 37.07 23.79
N LYS A 26 -39.60 37.25 22.55
CA LYS A 26 -40.43 37.95 21.56
C LYS A 26 -41.72 37.17 21.26
N THR A 27 -42.84 37.78 21.64
CA THR A 27 -44.15 37.14 21.69
C THR A 27 -44.94 37.36 20.38
N LYS A 28 -46.17 36.84 20.33
CA LYS A 28 -47.15 37.04 19.25
C LYS A 28 -48.51 36.55 19.75
N ASN A 29 -49.56 37.35 19.58
CA ASN A 29 -50.90 36.95 20.07
C ASN A 29 -51.68 36.10 19.10
N VAL A 30 -52.66 35.35 19.63
CA VAL A 30 -53.37 34.30 18.86
C VAL A 30 -54.77 34.00 19.44
N ASP A 31 -55.67 33.54 18.58
CA ASP A 31 -57.07 33.26 18.98
C ASP A 31 -57.28 31.83 19.47
N ALA A 32 -58.48 31.54 20.01
CA ALA A 32 -58.80 30.24 20.62
C ALA A 32 -58.85 29.11 19.61
N VAL A 33 -59.24 29.42 18.38
CA VAL A 33 -59.20 28.44 17.28
C VAL A 33 -57.75 28.02 16.98
N PHE A 34 -56.86 28.99 16.88
CA PHE A 34 -55.43 28.74 16.79
C PHE A 34 -54.95 27.90 17.98
N VAL A 35 -55.34 28.30 19.19
CA VAL A 35 -54.88 27.61 20.41
C VAL A 35 -55.18 26.11 20.40
N GLU A 36 -56.43 25.77 20.08
CA GLU A 36 -56.89 24.40 19.86
C GLU A 36 -55.99 23.61 18.89
N LYS A 37 -55.75 24.15 17.69
CA LYS A 37 -54.96 23.45 16.65
C LYS A 37 -53.53 23.23 17.10
N GLN A 38 -52.95 24.26 17.69
CA GLN A 38 -51.59 24.24 18.16
C GLN A 38 -51.40 23.19 19.26
N LYS A 39 -52.40 23.06 20.14
CA LYS A 39 -52.35 22.04 21.19
C LYS A 39 -52.32 20.66 20.56
N LYS A 40 -53.14 20.50 19.52
CA LYS A 40 -53.22 19.23 18.87
C LYS A 40 -51.90 18.86 18.22
N ILE A 41 -51.26 19.82 17.55
CA ILE A 41 -49.95 19.59 16.95
C ILE A 41 -48.91 19.23 18.02
N LEU A 42 -48.86 19.99 19.10
CA LEU A 42 -47.92 19.70 20.18
C LEU A 42 -48.07 18.32 20.83
N SER A 43 -49.29 17.79 20.86
CA SER A 43 -49.50 16.53 21.57
C SER A 43 -48.67 15.40 20.98
N PHE A 44 -48.34 15.51 19.68
CA PHE A 44 -47.66 14.44 18.99
C PHE A 44 -46.18 14.46 19.26
N PHE A 45 -45.74 15.46 20.03
CA PHE A 45 -44.33 15.54 20.36
C PHE A 45 -44.05 15.15 21.81
N GLN A 46 -45.06 14.72 22.55
CA GLN A 46 -44.90 14.35 23.94
C GLN A 46 -44.90 12.84 24.13
N ASP A 47 -43.86 12.34 24.80
CA ASP A 47 -43.80 10.95 25.20
C ASP A 47 -43.79 10.12 23.93
N VAL A 48 -42.94 10.58 23.03
CA VAL A 48 -42.88 10.18 21.65
C VAL A 48 -42.78 8.68 21.39
N SER A 49 -42.09 7.96 22.25
CA SER A 49 -41.91 6.54 21.97
C SER A 49 -43.00 5.66 22.60
N GLN A 50 -44.02 6.27 23.20
CA GLN A 50 -45.04 5.49 23.89
C GLN A 50 -46.40 5.91 23.46
N LEU A 51 -47.41 5.16 23.88
CA LEU A 51 -48.78 5.46 23.53
C LEU A 51 -49.64 5.53 24.76
N ASN A 52 -50.41 6.61 24.86
CA ASN A 52 -51.44 6.75 25.86
C ASN A 52 -52.77 6.24 25.32
N THR A 53 -53.09 4.98 25.62
CA THR A 53 -54.43 4.40 25.42
C THR A 53 -55.61 5.29 25.80
N ASP A 54 -55.40 6.20 26.73
CA ASP A 54 -56.48 6.99 27.27
C ASP A 54 -56.72 8.27 26.48
N ASP A 55 -55.71 8.71 25.72
CA ASP A 55 -55.75 9.99 24.98
C ASP A 55 -56.55 9.87 23.70
N GLU A 56 -57.15 11.01 23.34
CA GLU A 56 -57.96 11.17 22.15
C GLU A 56 -57.23 10.69 20.89
N TYR A 57 -55.94 10.98 20.80
CA TYR A 57 -55.26 10.63 19.58
C TYR A 57 -55.27 9.12 19.34
N TYR A 58 -55.27 8.35 20.43
CA TYR A 58 -55.23 6.93 20.26
C TYR A 58 -56.59 6.39 19.81
N LYS A 59 -57.67 6.87 20.41
CA LYS A 59 -59.03 6.42 20.02
C LYS A 59 -59.36 6.63 18.53
N ILE A 60 -58.96 7.77 17.97
CA ILE A 60 -59.19 8.09 16.57
C ILE A 60 -58.25 7.22 15.79
N GLY A 61 -56.98 7.27 16.17
CA GLY A 61 -55.93 6.51 15.55
C GLY A 61 -56.19 5.04 15.33
N LYS A 62 -56.48 4.32 16.41
CA LYS A 62 -56.71 2.88 16.34
C LYS A 62 -57.71 2.53 15.26
N ASP A 63 -58.82 3.27 15.23
CA ASP A 63 -60.00 2.90 14.44
C ASP A 63 -60.05 3.52 13.02
N TYR A 64 -59.08 4.37 12.69
CA TYR A 64 -59.20 5.22 11.50
C TYR A 64 -59.07 4.46 10.19
N ASP A 65 -60.06 4.65 9.32
CA ASP A 65 -60.18 3.93 8.06
C ASP A 65 -59.83 4.90 6.95
N ILE A 66 -58.64 4.74 6.38
CA ILE A 66 -58.21 5.61 5.31
C ILE A 66 -59.00 5.41 4.02
N GLU A 67 -59.13 4.18 3.55
CA GLU A 67 -59.88 3.90 2.32
C GLU A 67 -61.28 4.50 2.35
N MET A 68 -61.95 4.37 3.49
CA MET A 68 -63.29 4.90 3.67
C MET A 68 -63.31 6.44 3.61
N ASN A 69 -62.16 7.08 3.70
CA ASN A 69 -62.11 8.53 3.77
C ASN A 69 -61.40 9.14 2.59
N MET A 70 -61.31 8.34 1.51
CA MET A 70 -60.69 8.69 0.22
C MET A 70 -61.01 10.09 -0.25
N ASP A 71 -62.23 10.52 0.03
CA ASP A 71 -62.76 11.77 -0.49
C ASP A 71 -62.27 13.01 0.28
N ASN A 72 -61.63 12.79 1.43
CA ASN A 72 -61.05 13.90 2.24
C ASN A 72 -59.55 14.16 1.91
N TYR A 73 -59.10 13.67 0.75
CA TYR A 73 -57.77 13.94 0.23
C TYR A 73 -57.77 14.58 -1.16
N THR A 74 -57.11 15.72 -1.27
CA THR A 74 -56.77 16.37 -2.55
C THR A 74 -56.30 15.45 -3.69
N ASN A 75 -55.53 14.40 -3.37
CA ASN A 75 -54.88 13.54 -4.38
C ASN A 75 -55.20 12.03 -4.29
N LYS A 76 -56.11 11.52 -5.11
CA LYS A 76 -56.61 10.15 -4.91
C LYS A 76 -55.55 9.04 -5.06
N LYS A 77 -54.65 9.23 -6.03
CA LYS A 77 -53.48 8.38 -6.27
C LYS A 77 -52.52 8.20 -5.08
N ALA A 78 -52.30 9.26 -4.31
CA ALA A 78 -51.47 9.23 -3.10
C ALA A 78 -52.05 8.34 -2.01
N VAL A 79 -53.37 8.45 -1.83
CA VAL A 79 -54.05 7.60 -0.90
C VAL A 79 -53.85 6.16 -1.33
N GLU A 80 -53.98 5.89 -2.62
CA GLU A 80 -53.88 4.50 -3.07
C GLU A 80 -52.46 3.97 -3.13
N GLU A 81 -51.51 4.83 -3.47
CA GLU A 81 -50.11 4.49 -3.39
C GLU A 81 -49.76 4.06 -1.96
N PHE A 82 -50.23 4.85 -1.00
CA PHE A 82 -50.01 4.57 0.40
C PHE A 82 -50.67 3.26 0.84
N LEU A 83 -51.94 3.07 0.47
CA LEU A 83 -52.67 1.89 0.86
C LEU A 83 -51.97 0.64 0.36
N LYS A 84 -51.47 0.71 -0.87
CA LYS A 84 -50.71 -0.40 -1.45
C LYS A 84 -49.49 -0.75 -0.60
N MET A 85 -48.66 0.23 -0.28
CA MET A 85 -47.52 0.00 0.59
C MET A 85 -47.94 -0.48 1.97
N TYR A 86 -48.94 0.17 2.57
CA TYR A 86 -49.35 -0.19 3.92
C TYR A 86 -49.90 -1.61 4.03
N ARG A 87 -50.47 -2.14 2.96
CA ARG A 87 -50.90 -3.55 2.94
C ARG A 87 -49.68 -4.50 2.90
N THR A 88 -48.64 -4.06 2.19
CA THR A 88 -47.33 -4.72 2.18
C THR A 88 -46.62 -4.77 3.55
N GLY A 89 -46.87 -3.77 4.39
CA GLY A 89 -46.19 -3.69 5.65
C GLY A 89 -45.25 -2.52 5.55
N PHE A 90 -45.18 -1.79 6.65
CA PHE A 90 -44.26 -0.67 6.78
C PHE A 90 -43.22 -1.08 7.82
N MET A 91 -42.12 -0.35 7.92
CA MET A 91 -41.11 -0.52 8.97
C MET A 91 -41.74 -0.77 10.35
N PRO A 92 -41.28 -1.82 11.08
CA PRO A 92 -41.77 -2.11 12.44
C PRO A 92 -41.45 -0.99 13.42
N LYS A 93 -42.19 -0.92 14.50
CA LYS A 93 -41.90 0.02 15.55
C LYS A 93 -40.53 -0.23 16.17
N ASN A 94 -39.89 0.83 16.65
CA ASN A 94 -38.73 0.72 17.54
C ASN A 94 -37.37 0.64 16.84
N LEU A 95 -37.29 0.00 15.68
CA LEU A 95 -36.12 0.21 14.80
C LEU A 95 -35.80 1.70 14.51
N GLU A 96 -34.55 1.99 14.18
CA GLU A 96 -34.10 3.33 13.84
C GLU A 96 -34.48 3.69 12.42
N PHE A 97 -34.91 4.93 12.23
CA PHE A 97 -35.33 5.39 10.93
C PHE A 97 -34.32 6.35 10.37
N SER A 98 -33.94 6.14 9.11
CA SER A 98 -33.11 7.11 8.42
C SER A 98 -33.67 7.30 7.03
N VAL A 99 -33.74 8.54 6.54
CA VAL A 99 -34.26 8.80 5.20
C VAL A 99 -33.25 8.38 4.15
N PHE A 100 -32.04 8.04 4.59
CA PHE A 100 -31.04 7.71 3.61
C PHE A 100 -31.18 6.31 2.98
N TYR A 101 -32.11 5.48 3.43
CA TYR A 101 -32.30 4.16 2.79
C TYR A 101 -33.58 4.06 2.00
N ASP A 102 -33.54 3.54 0.78
CA ASP A 102 -34.69 3.53 -0.16
C ASP A 102 -36.08 3.25 0.45
N LYS A 103 -36.18 2.10 1.10
CA LYS A 103 -37.45 1.56 1.51
C LYS A 103 -38.04 2.41 2.60
N MET A 104 -37.20 2.86 3.54
CA MET A 104 -37.68 3.68 4.63
C MET A 104 -38.10 5.03 4.12
N ARG A 105 -37.34 5.57 3.16
CA ARG A 105 -37.63 6.84 2.52
C ARG A 105 -38.99 6.75 1.84
N ASP A 106 -39.17 5.71 1.03
CA ASP A 106 -40.41 5.58 0.25
C ASP A 106 -41.66 5.54 1.14
N GLU A 107 -41.52 4.92 2.31
CA GLU A 107 -42.58 4.85 3.30
C GLU A 107 -42.82 6.21 3.92
N ALA A 108 -41.76 6.88 4.35
CA ALA A 108 -41.82 8.27 4.78
C ALA A 108 -42.54 9.16 3.79
N ILE A 109 -42.17 9.09 2.53
CA ILE A 109 -42.79 9.93 1.53
C ILE A 109 -44.26 9.60 1.24
N ALA A 110 -44.59 8.33 1.13
CA ALA A 110 -46.00 8.00 0.95
C ALA A 110 -46.81 8.53 2.12
N LEU A 111 -46.21 8.52 3.31
CA LEU A 111 -46.83 9.09 4.49
C LEU A 111 -46.92 10.62 4.40
N PHE A 112 -45.82 11.25 4.05
CA PHE A 112 -45.84 12.72 3.90
C PHE A 112 -46.97 13.15 2.99
N HIS A 113 -47.12 12.45 1.86
CA HIS A 113 -48.15 12.77 0.86
C HIS A 113 -49.56 12.72 1.42
N LEU A 114 -49.81 11.69 2.22
CA LEU A 114 -51.04 11.55 2.97
C LEU A 114 -51.24 12.79 3.83
N PHE A 115 -50.22 13.23 4.55
CA PHE A 115 -50.34 14.42 5.40
C PHE A 115 -50.59 15.68 4.61
N TYR A 116 -49.86 15.81 3.51
CA TYR A 116 -49.89 17.03 2.73
C TYR A 116 -51.17 17.18 1.86
N TYR A 117 -51.78 16.07 1.48
CA TYR A 117 -52.93 16.13 0.63
C TYR A 117 -54.24 16.01 1.39
N ALA A 118 -54.15 15.98 2.71
CA ALA A 118 -55.35 15.97 3.54
C ALA A 118 -56.11 17.26 3.22
N LYS A 119 -57.43 17.17 3.06
CA LYS A 119 -58.23 18.28 2.54
C LYS A 119 -58.15 19.51 3.44
N ASP A 120 -58.18 19.30 4.75
CA ASP A 120 -58.22 20.37 5.75
C ASP A 120 -57.54 19.86 7.04
N PHE A 121 -57.52 20.69 8.07
CA PHE A 121 -56.80 20.34 9.28
C PHE A 121 -57.35 19.09 9.99
N GLU A 122 -58.67 18.99 10.08
CA GLU A 122 -59.34 17.87 10.73
C GLU A 122 -58.81 16.54 10.17
N THR A 123 -58.81 16.41 8.85
CA THR A 123 -58.34 15.20 8.17
C THR A 123 -56.84 14.98 8.40
N PHE A 124 -56.07 16.06 8.26
CA PHE A 124 -54.68 16.03 8.58
C PHE A 124 -54.49 15.47 9.98
N TYR A 125 -55.04 16.12 10.99
CA TYR A 125 -54.94 15.64 12.37
C TYR A 125 -55.27 14.15 12.55
N LYS A 126 -56.43 13.73 12.08
CA LYS A 126 -56.87 12.36 12.21
C LYS A 126 -55.87 11.42 11.55
N THR A 127 -55.24 11.86 10.46
CA THR A 127 -54.29 11.01 9.77
C THR A 127 -53.03 10.82 10.61
N ALA A 128 -52.56 11.89 11.24
CA ALA A 128 -51.43 11.81 12.17
C ALA A 128 -51.74 10.86 13.31
N CYS A 129 -52.98 10.89 13.78
CA CYS A 129 -53.39 10.03 14.83
C CYS A 129 -53.20 8.58 14.42
N PHE A 130 -53.65 8.25 13.22
CA PHE A 130 -53.54 6.90 12.69
C PHE A 130 -52.05 6.51 12.61
N ALA A 131 -51.24 7.43 12.12
CA ALA A 131 -49.84 7.16 11.86
C ALA A 131 -49.04 6.99 13.13
N ARG A 132 -49.34 7.78 14.17
CA ARG A 132 -48.72 7.60 15.47
C ARG A 132 -49.09 6.26 16.10
N VAL A 133 -50.30 5.78 15.91
CA VAL A 133 -50.68 4.51 16.49
C VAL A 133 -49.96 3.36 15.79
N HIS A 134 -49.96 3.34 14.44
CA HIS A 134 -49.56 2.17 13.65
C HIS A 134 -48.14 2.16 13.09
N LEU A 135 -47.52 3.33 12.94
CA LEU A 135 -46.21 3.34 12.30
C LEU A 135 -45.03 3.56 13.25
N ASN A 136 -43.83 3.26 12.74
CA ASN A 136 -42.59 3.50 13.44
C ASN A 136 -42.50 4.94 13.89
N GLN A 137 -42.00 5.16 15.12
CA GLN A 137 -41.94 6.50 15.72
C GLN A 137 -41.09 7.49 14.93
N GLY A 138 -39.89 7.07 14.53
CA GLY A 138 -38.97 7.97 13.82
C GLY A 138 -39.50 8.37 12.45
N GLN A 139 -40.13 7.42 11.78
CA GLN A 139 -40.64 7.60 10.44
C GLN A 139 -41.79 8.56 10.56
N PHE A 140 -42.65 8.32 11.55
CA PHE A 140 -43.77 9.21 11.81
C PHE A 140 -43.34 10.64 12.17
N LEU A 141 -42.45 10.80 13.14
CA LEU A 141 -42.02 12.14 13.56
C LEU A 141 -41.42 12.91 12.39
N TYR A 142 -40.61 12.20 11.58
CA TYR A 142 -39.99 12.76 10.39
C TYR A 142 -41.01 13.37 9.41
N ALA A 143 -41.93 12.53 8.97
CA ALA A 143 -42.97 12.92 8.04
C ALA A 143 -43.86 14.02 8.61
N PHE A 144 -44.18 13.89 9.90
CA PHE A 144 -45.12 14.80 10.54
C PHE A 144 -44.52 16.20 10.67
N TYR A 145 -43.25 16.25 11.06
CA TYR A 145 -42.54 17.49 11.23
C TYR A 145 -42.53 18.26 9.91
N ILE A 146 -42.11 17.60 8.84
CA ILE A 146 -42.11 18.21 7.51
C ILE A 146 -43.54 18.68 7.11
N ALA A 147 -44.54 17.80 7.26
CA ALA A 147 -45.95 18.15 7.01
C ALA A 147 -46.38 19.49 7.61
N VAL A 148 -46.12 19.66 8.90
CA VAL A 148 -46.44 20.89 9.60
C VAL A 148 -45.75 22.11 8.98
N ILE A 149 -44.49 21.96 8.58
CA ILE A 149 -43.83 23.01 7.84
C ILE A 149 -44.40 23.26 6.43
N GLN A 150 -44.75 22.21 5.70
CA GLN A 150 -45.12 22.36 4.29
C GLN A 150 -46.58 22.76 4.02
N ARG A 151 -47.50 22.20 4.81
CA ARG A 151 -48.94 22.51 4.74
C ARG A 151 -49.20 24.01 4.85
N SER A 152 -49.88 24.59 3.87
CA SER A 152 -50.20 26.02 3.93
C SER A 152 -51.07 26.44 5.12
N ASP A 153 -52.10 25.66 5.46
CA ASP A 153 -52.98 26.03 6.62
C ASP A 153 -52.26 25.94 7.98
N CYS A 154 -51.07 25.35 8.00
CA CYS A 154 -50.26 25.27 9.20
C CYS A 154 -49.22 26.40 9.29
N HIS A 155 -49.14 27.24 8.25
CA HIS A 155 -48.17 28.32 8.26
C HIS A 155 -48.44 29.27 9.42
N GLY A 156 -47.42 29.51 10.25
CA GLY A 156 -47.55 30.34 11.44
C GLY A 156 -47.56 29.51 12.73
N PHE A 157 -47.66 28.19 12.59
CA PHE A 157 -47.74 27.32 13.75
C PHE A 157 -46.36 26.96 14.18
N VAL A 158 -46.25 26.37 15.35
CA VAL A 158 -44.97 26.22 16.02
C VAL A 158 -44.64 24.76 16.31
N VAL A 159 -43.36 24.40 16.18
CA VAL A 159 -42.90 23.04 16.47
C VAL A 159 -41.79 23.10 17.50
N PRO A 160 -41.71 22.09 18.38
CA PRO A 160 -40.64 22.13 19.38
C PRO A 160 -39.27 21.93 18.73
N ALA A 161 -38.21 22.39 19.38
CA ALA A 161 -36.89 22.17 18.84
C ALA A 161 -36.54 20.69 18.73
N PRO A 162 -35.85 20.30 17.67
CA PRO A 162 -35.49 18.89 17.47
C PRO A 162 -34.81 18.19 18.66
N TYR A 163 -34.02 18.92 19.44
CA TYR A 163 -33.47 18.36 20.69
C TYR A 163 -34.48 17.99 21.81
N GLU A 164 -35.69 18.53 21.71
CA GLU A 164 -36.79 18.17 22.60
C GLU A 164 -37.51 16.94 22.10
N VAL A 165 -37.36 16.65 20.82
CA VAL A 165 -38.08 15.54 20.25
C VAL A 165 -37.21 14.31 20.14
N TYR A 166 -35.93 14.50 19.85
CA TYR A 166 -35.02 13.37 19.70
C TYR A 166 -33.91 13.56 20.72
N PRO A 167 -34.25 13.75 22.00
CA PRO A 167 -33.12 14.13 22.86
C PRO A 167 -31.92 13.13 22.84
N LYS A 168 -32.15 11.83 22.59
CA LYS A 168 -31.02 10.88 22.56
C LYS A 168 -30.04 11.28 21.48
N MET A 169 -30.49 12.05 20.52
CA MET A 169 -29.56 12.44 19.47
C MET A 169 -28.70 13.66 19.72
N PHE A 170 -28.92 14.32 20.85
CA PHE A 170 -28.19 15.51 21.18
C PHE A 170 -27.38 15.36 22.48
N MET A 171 -26.97 14.14 22.80
CA MET A 171 -26.29 13.88 24.08
C MET A 171 -25.51 12.57 24.11
N ASN A 172 -24.37 12.58 24.77
CA ASN A 172 -23.60 11.34 24.94
C ASN A 172 -24.24 10.38 25.95
N MET A 173 -23.71 9.18 25.99
CA MET A 173 -24.33 8.10 26.71
C MET A 173 -24.12 8.22 28.22
N GLU A 174 -23.08 8.90 28.66
CA GLU A 174 -22.91 9.15 30.06
C GLU A 174 -24.18 9.78 30.69
N VAL A 175 -24.58 10.94 30.18
CA VAL A 175 -25.77 11.62 30.67
C VAL A 175 -26.98 10.73 30.51
N LEU A 176 -26.98 9.99 29.42
CA LEU A 176 -28.13 9.19 29.11
C LEU A 176 -28.26 8.14 30.19
N GLN A 177 -27.15 7.58 30.63
CA GLN A 177 -27.22 6.49 31.58
C GLN A 177 -27.56 6.92 32.97
N LYS A 178 -27.13 8.12 33.32
CA LYS A 178 -27.54 8.69 34.57
C LYS A 178 -29.05 8.89 34.57
N ILE A 179 -29.58 9.45 33.48
CA ILE A 179 -31.02 9.65 33.34
C ILE A 179 -31.70 8.30 33.52
N TYR A 180 -31.19 7.27 32.86
CA TYR A 180 -31.80 5.95 32.96
C TYR A 180 -31.78 5.40 34.36
N VAL A 181 -30.61 5.46 35.01
CA VAL A 181 -30.42 4.91 36.38
C VAL A 181 -31.43 5.60 37.32
N THR A 182 -31.48 6.93 37.31
CA THR A 182 -32.43 7.68 38.13
C THR A 182 -33.89 7.24 37.91
N LYS A 183 -34.25 7.01 36.65
CA LYS A 183 -35.60 6.60 36.34
C LYS A 183 -35.88 5.18 36.90
N MET A 184 -34.95 4.26 36.64
CA MET A 184 -35.03 2.93 37.23
C MET A 184 -35.14 2.93 38.76
N GLN A 185 -34.50 3.87 39.43
CA GLN A 185 -34.58 3.96 40.89
C GLN A 185 -35.77 4.77 41.37
N ASP A 186 -36.38 5.54 40.47
CA ASP A 186 -37.49 6.40 40.85
C ASP A 186 -37.01 7.44 41.83
N GLY A 187 -35.80 7.92 41.61
CA GLY A 187 -35.25 8.98 42.43
C GLY A 187 -33.78 8.74 42.71
N LEU A 188 -33.25 9.58 43.61
CA LEU A 188 -31.85 9.52 44.03
C LEU A 188 -31.77 8.75 45.31
N ILE A 189 -30.94 7.70 45.32
CA ILE A 189 -30.72 6.89 46.53
C ILE A 189 -29.82 7.65 47.50
N ASN A 190 -29.04 8.56 46.96
CA ASN A 190 -28.09 9.35 47.69
C ASN A 190 -27.91 10.72 47.04
N PRO A 191 -28.71 11.72 47.48
CA PRO A 191 -28.74 13.00 46.77
C PRO A 191 -27.33 13.58 46.66
N GLU A 192 -26.57 13.46 47.75
CA GLU A 192 -25.21 13.98 47.85
C GLU A 192 -24.18 13.30 46.96
N ALA A 193 -24.33 11.99 46.76
CA ALA A 193 -23.52 11.27 45.79
C ALA A 193 -23.97 11.62 44.36
N ALA A 194 -25.28 11.82 44.17
CA ALA A 194 -25.80 12.21 42.87
C ALA A 194 -25.27 13.58 42.51
N ALA A 195 -25.21 14.49 43.48
CA ALA A 195 -24.62 15.84 43.29
C ALA A 195 -23.23 15.80 42.64
N LYS A 196 -22.36 14.91 43.14
CA LYS A 196 -21.00 14.76 42.61
C LYS A 196 -20.97 14.17 41.17
N TYR A 197 -22.10 13.62 40.69
CA TYR A 197 -22.25 13.21 39.29
C TYR A 197 -23.01 14.26 38.48
N GLY A 198 -23.31 15.40 39.11
CA GLY A 198 -23.97 16.51 38.44
C GLY A 198 -25.48 16.37 38.32
N ILE A 199 -26.08 15.67 39.28
CA ILE A 199 -27.49 15.40 39.27
C ILE A 199 -28.14 16.04 40.47
N HIS A 200 -29.15 16.85 40.23
CA HIS A 200 -29.93 17.53 41.27
C HIS A 200 -31.41 17.46 40.95
N LYS A 201 -32.24 17.33 41.98
CA LYS A 201 -33.66 17.71 41.93
C LYS A 201 -33.83 19.24 42.02
N GLU A 202 -34.56 19.83 41.10
CA GLU A 202 -34.92 21.25 41.22
C GLU A 202 -36.39 21.30 40.93
N ASN A 203 -37.18 21.68 41.93
CA ASN A 203 -38.63 21.50 41.87
C ASN A 203 -38.99 20.02 41.85
N ASP A 204 -39.73 19.65 40.82
CA ASP A 204 -40.11 18.27 40.55
C ASP A 204 -39.32 17.78 39.33
N TYR A 205 -38.21 18.45 39.04
CA TYR A 205 -37.36 18.09 37.92
C TYR A 205 -36.05 17.47 38.39
N PHE A 206 -35.57 16.48 37.65
CA PHE A 206 -34.21 16.03 37.75
C PHE A 206 -33.32 16.77 36.73
N VAL A 207 -32.26 17.43 37.20
CA VAL A 207 -31.39 18.24 36.36
C VAL A 207 -30.02 17.64 36.23
N TYR A 208 -29.59 17.44 34.99
CA TYR A 208 -28.35 16.76 34.69
C TYR A 208 -27.39 17.61 33.91
N LYS A 209 -26.26 17.90 34.55
CA LYS A 209 -25.16 18.58 33.87
C LYS A 209 -24.51 17.64 32.89
N ALA A 210 -24.12 18.16 31.74
CA ALA A 210 -23.45 17.40 30.67
C ALA A 210 -22.25 18.15 30.10
N ASN A 211 -21.15 17.43 29.88
CA ASN A 211 -19.99 17.91 29.16
C ASN A 211 -20.06 17.55 27.67
N TYR A 212 -19.20 18.19 26.89
CA TYR A 212 -19.00 17.83 25.51
C TYR A 212 -18.09 16.62 25.52
N SER A 213 -17.95 15.91 24.40
CA SER A 213 -17.29 14.62 24.47
C SER A 213 -15.80 14.72 24.77
N ASN A 214 -15.19 15.90 24.55
CA ASN A 214 -13.74 15.95 24.76
C ASN A 214 -13.35 15.78 26.23
N ALA A 215 -14.32 15.92 27.13
CA ALA A 215 -14.14 15.70 28.56
C ALA A 215 -13.85 14.20 28.93
N VAL A 216 -14.07 13.27 28.01
CA VAL A 216 -13.74 11.88 28.26
C VAL A 216 -12.94 11.30 27.06
N LEU A 217 -12.61 12.14 26.09
CA LEU A 217 -12.11 11.63 24.81
C LEU A 217 -11.34 12.72 24.09
N TYR A 218 -10.02 12.58 24.00
CA TYR A 218 -9.21 13.46 23.18
C TYR A 218 -8.36 12.60 22.22
N ASN A 219 -9.08 11.97 21.29
CA ASN A 219 -8.49 11.12 20.27
C ASN A 219 -7.91 11.87 19.04
N ASN A 220 -7.87 13.21 19.08
CA ASN A 220 -7.24 14.03 18.02
C ASN A 220 -7.54 15.52 18.17
N GLU A 221 -6.91 16.34 17.35
CA GLU A 221 -7.06 17.80 17.40
C GLU A 221 -8.47 18.29 17.13
N GLU A 222 -9.19 17.60 16.26
CA GLU A 222 -10.58 18.00 15.99
C GLU A 222 -11.45 18.09 17.27
N GLN A 223 -11.06 17.45 18.37
CA GLN A 223 -11.88 17.55 19.59
C GLN A 223 -11.88 18.95 20.19
N ARG A 224 -11.02 19.82 19.69
CA ARG A 224 -11.05 21.19 20.14
C ARG A 224 -12.41 21.84 19.83
N LEU A 225 -13.11 21.36 18.81
CA LEU A 225 -14.25 22.08 18.26
C LEU A 225 -15.64 21.63 18.75
N THR A 226 -15.65 20.78 19.77
CA THR A 226 -16.85 20.19 20.31
C THR A 226 -17.99 21.12 20.75
N TYR A 227 -17.67 22.23 21.39
CA TYR A 227 -18.70 23.15 21.83
C TYR A 227 -19.42 23.72 20.62
N PHE A 228 -18.83 23.56 19.44
CA PHE A 228 -19.51 23.97 18.21
C PHE A 228 -20.18 22.77 17.51
N THR A 229 -19.40 21.73 17.24
CA THR A 229 -19.88 20.67 16.38
C THR A 229 -20.92 19.88 17.12
N GLU A 230 -20.77 19.80 18.44
CA GLU A 230 -21.78 19.13 19.29
C GLU A 230 -22.88 20.06 19.78
N ASP A 231 -22.74 21.36 19.56
CA ASP A 231 -23.76 22.30 20.01
C ASP A 231 -25.15 21.91 19.49
N ILE A 232 -26.15 22.00 20.37
CA ILE A 232 -27.49 21.49 20.11
C ILE A 232 -28.26 22.35 19.12
N GLY A 233 -27.99 23.66 19.11
CA GLY A 233 -28.72 24.56 18.25
C GLY A 233 -28.15 24.40 16.86
N MET A 234 -26.84 24.24 16.79
CA MET A 234 -26.17 24.14 15.53
C MET A 234 -26.67 22.90 14.80
N ASN A 235 -26.73 21.80 15.54
CA ASN A 235 -27.27 20.57 15.02
C ASN A 235 -28.76 20.64 14.68
N ALA A 236 -29.58 21.12 15.59
CA ALA A 236 -30.99 21.24 15.27
C ALA A 236 -31.18 22.10 14.02
N TYR A 237 -30.29 23.07 13.81
CA TYR A 237 -30.39 23.97 12.68
C TYR A 237 -30.27 23.24 11.33
N TYR A 238 -29.36 22.26 11.24
CA TYR A 238 -29.18 21.46 10.05
C TYR A 238 -30.46 20.71 9.78
N TYR A 239 -31.06 20.22 10.86
CA TYR A 239 -32.25 19.39 10.77
C TYR A 239 -33.40 20.25 10.22
N TYR A 240 -33.52 21.46 10.75
CA TYR A 240 -34.43 22.47 10.25
C TYR A 240 -34.25 22.79 8.75
N PHE A 241 -33.01 22.91 8.31
CA PHE A 241 -32.75 23.25 6.94
C PHE A 241 -33.30 22.13 6.06
N HIS A 242 -33.09 20.88 6.48
CA HIS A 242 -33.49 19.79 5.64
C HIS A 242 -35.01 19.65 5.62
N SER A 243 -35.65 19.92 6.76
CA SER A 243 -37.07 19.73 6.84
C SER A 243 -37.80 20.82 6.05
N HIS A 244 -37.24 22.02 6.03
CA HIS A 244 -37.77 23.10 5.26
C HIS A 244 -37.86 22.79 3.75
N LEU A 245 -36.89 22.05 3.24
CA LEU A 245 -36.89 21.67 1.83
C LEU A 245 -36.04 20.43 1.54
N PRO A 246 -36.58 19.26 1.85
CA PRO A 246 -35.85 18.01 1.68
C PRO A 246 -35.50 17.70 0.22
N PHE A 247 -34.36 17.05 0.04
CA PHE A 247 -33.82 16.74 -1.30
C PHE A 247 -34.79 15.95 -2.16
N TRP A 248 -35.55 15.03 -1.55
CA TRP A 248 -36.43 14.13 -2.31
C TRP A 248 -37.68 14.80 -2.91
N TRP A 249 -37.93 16.05 -2.54
CA TRP A 249 -39.20 16.66 -2.95
C TRP A 249 -38.91 17.86 -3.81
N THR A 250 -39.85 18.11 -4.70
CA THR A 250 -39.84 19.25 -5.58
C THR A 250 -39.84 20.53 -4.78
N SER A 251 -39.45 21.64 -5.39
CA SER A 251 -39.73 22.92 -4.76
C SER A 251 -40.84 23.71 -5.51
N GLU A 252 -41.70 23.00 -6.24
CA GLU A 252 -42.80 23.59 -7.00
C GLU A 252 -43.59 24.58 -6.14
N LYS A 253 -43.88 24.21 -4.89
CA LYS A 253 -44.68 25.03 -3.98
C LYS A 253 -44.05 26.38 -3.61
N TYR A 254 -42.74 26.54 -3.76
CA TYR A 254 -42.07 27.81 -3.35
C TYR A 254 -41.90 28.89 -4.44
N GLY A 255 -42.75 28.89 -5.46
CA GLY A 255 -42.70 29.93 -6.46
C GLY A 255 -41.36 30.01 -7.19
N ALA A 256 -40.89 31.24 -7.38
CA ALA A 256 -39.65 31.46 -8.16
C ALA A 256 -38.38 30.96 -7.46
N LEU A 257 -38.52 30.38 -6.27
CA LEU A 257 -37.41 29.65 -5.64
C LEU A 257 -36.97 28.50 -6.52
N LYS A 258 -37.90 27.98 -7.31
CA LYS A 258 -37.60 26.81 -8.13
C LYS A 258 -36.41 27.09 -9.03
N GLU A 259 -36.29 28.34 -9.47
CA GLU A 259 -35.23 28.71 -10.41
C GLU A 259 -33.92 29.03 -9.72
N ARG A 260 -33.91 28.94 -8.40
CA ARG A 260 -32.80 29.29 -7.59
C ARG A 260 -32.50 28.23 -6.55
N ARG A 261 -33.08 27.05 -6.70
CA ARG A 261 -32.86 26.01 -5.70
C ARG A 261 -31.38 25.65 -5.51
N GLY A 262 -30.66 25.47 -6.60
CA GLY A 262 -29.28 25.06 -6.51
C GLY A 262 -28.45 26.14 -5.84
N GLU A 263 -28.92 27.38 -5.98
CA GLU A 263 -28.26 28.51 -5.34
C GLU A 263 -28.44 28.44 -3.82
N VAL A 264 -29.63 28.08 -3.37
CA VAL A 264 -29.85 27.95 -1.92
C VAL A 264 -29.03 26.83 -1.34
N TYR A 265 -28.97 25.72 -2.07
CA TYR A 265 -28.14 24.57 -1.72
C TYR A 265 -26.70 24.97 -1.54
N PHE A 266 -26.11 25.64 -2.53
CA PHE A 266 -24.71 26.02 -2.43
C PHE A 266 -24.52 26.98 -1.25
N TYR A 267 -25.36 28.00 -1.19
CA TYR A 267 -25.15 29.06 -0.24
C TYR A 267 -25.29 28.56 1.17
N PHE A 268 -26.27 27.69 1.38
CA PHE A 268 -26.41 27.12 2.69
C PHE A 268 -25.08 26.52 3.12
N TYR A 269 -24.51 25.61 2.34
CA TYR A 269 -23.21 25.02 2.71
C TYR A 269 -22.00 25.97 2.73
N GLN A 270 -21.92 26.87 1.76
CA GLN A 270 -20.85 27.87 1.73
C GLN A 270 -20.81 28.64 3.04
N GLN A 271 -21.96 29.19 3.46
CA GLN A 271 -22.05 29.95 4.72
C GLN A 271 -21.64 29.13 5.95
N LEU A 272 -22.19 27.92 6.04
CA LEU A 272 -21.96 27.03 7.17
C LEU A 272 -20.50 26.63 7.25
N LEU A 273 -19.86 26.41 6.10
CA LEU A 273 -18.45 26.04 6.05
C LEU A 273 -17.55 27.23 6.38
N ALA A 274 -17.95 28.43 5.98
CA ALA A 274 -17.25 29.63 6.45
C ALA A 274 -17.30 29.76 7.97
N ARG A 275 -18.50 29.61 8.53
CA ARG A 275 -18.65 29.68 9.95
C ARG A 275 -17.80 28.62 10.67
N TYR A 276 -17.81 27.40 10.16
CA TYR A 276 -17.04 26.33 10.73
C TYR A 276 -15.55 26.71 10.69
N TYR A 277 -15.15 27.26 9.56
CA TYR A 277 -13.75 27.60 9.34
C TYR A 277 -13.23 28.60 10.39
N PHE A 278 -14.10 29.52 10.82
CA PHE A 278 -13.76 30.50 11.81
C PHE A 278 -13.46 29.77 13.12
N GLU A 279 -14.29 28.80 13.46
CA GLU A 279 -14.08 28.06 14.67
C GLU A 279 -12.72 27.35 14.59
N ARG A 280 -12.38 26.80 13.43
CA ARG A 280 -11.05 26.21 13.27
C ARG A 280 -9.96 27.24 13.52
N LEU A 281 -10.06 28.40 12.86
CA LEU A 281 -9.05 29.40 13.01
C LEU A 281 -8.79 29.77 14.46
N THR A 282 -9.87 29.97 15.24
CA THR A 282 -9.72 30.49 16.59
C THR A 282 -9.26 29.42 17.54
N ASN A 283 -9.19 28.20 17.03
CA ASN A 283 -8.67 27.08 17.78
C ASN A 283 -7.34 26.57 17.16
N GLY A 284 -6.72 27.40 16.30
CA GLY A 284 -5.37 27.14 15.78
C GLY A 284 -5.19 25.93 14.88
N LEU A 285 -6.18 25.64 14.03
CA LEU A 285 -6.20 24.42 13.24
C LEU A 285 -6.12 24.57 11.71
N GLY A 286 -6.25 25.78 11.17
CA GLY A 286 -6.24 25.92 9.70
C GLY A 286 -7.26 25.11 8.88
N LYS A 287 -6.86 24.72 7.66
CA LYS A 287 -7.81 24.37 6.58
C LYS A 287 -8.34 22.96 6.66
N ILE A 288 -9.59 22.76 6.25
CA ILE A 288 -10.27 21.46 6.25
C ILE A 288 -9.57 20.54 5.25
N PRO A 289 -9.11 19.37 5.71
CA PRO A 289 -8.26 18.63 4.75
C PRO A 289 -9.03 17.95 3.63
N GLU A 290 -8.40 17.93 2.46
CA GLU A 290 -8.82 17.27 1.23
C GLU A 290 -8.67 15.74 1.37
N PHE A 291 -9.50 14.95 0.69
CA PHE A 291 -9.40 13.48 0.73
C PHE A 291 -9.58 12.80 -0.64
N SER A 292 -9.40 11.48 -0.69
CA SER A 292 -9.53 10.69 -1.91
C SER A 292 -10.31 9.40 -1.68
N TRP A 293 -11.30 9.06 -2.52
CA TRP A 293 -12.05 7.83 -2.26
C TRP A 293 -11.15 6.62 -2.41
N TYR A 294 -9.93 6.84 -2.86
CA TYR A 294 -9.00 5.73 -3.00
C TYR A 294 -7.90 5.68 -1.94
N SER A 295 -7.95 6.58 -0.96
CA SER A 295 -6.87 6.65 0.03
C SER A 295 -7.42 6.58 1.47
N PRO A 296 -6.55 6.35 2.48
CA PRO A 296 -7.10 6.45 3.84
C PRO A 296 -7.58 7.86 4.15
N ILE A 297 -8.57 7.98 5.03
CA ILE A 297 -8.91 9.30 5.56
C ILE A 297 -8.35 9.40 6.98
N LYS A 298 -7.66 10.50 7.29
CA LYS A 298 -6.83 10.53 8.50
C LYS A 298 -7.61 10.58 9.81
N THR A 299 -8.55 11.50 9.94
CA THR A 299 -9.21 11.69 11.24
C THR A 299 -10.50 10.90 11.42
N GLY A 300 -10.56 10.18 12.53
CA GLY A 300 -11.68 9.27 12.80
C GLY A 300 -12.76 9.95 13.58
N TYR A 301 -13.73 9.19 14.02
CA TYR A 301 -14.87 9.71 14.74
C TYR A 301 -15.33 8.62 15.66
N TYR A 302 -15.25 8.86 16.96
CA TYR A 302 -15.64 7.86 17.93
C TYR A 302 -16.96 8.30 18.61
N PRO A 303 -18.12 7.94 18.04
CA PRO A 303 -19.34 8.53 18.64
C PRO A 303 -19.72 7.88 19.99
N LEU A 304 -20.16 8.69 20.95
CA LEU A 304 -20.63 8.22 22.27
C LEU A 304 -22.15 8.26 22.38
N MET A 305 -22.86 8.27 21.26
CA MET A 305 -24.31 8.18 21.29
C MET A 305 -24.81 6.74 21.22
N LEU A 306 -25.99 6.55 21.80
CA LEU A 306 -26.71 5.30 21.82
C LEU A 306 -28.06 5.44 21.14
N THR A 307 -28.48 4.38 20.47
CA THR A 307 -29.88 4.26 20.15
C THR A 307 -30.36 2.91 20.61
N LYS A 308 -31.48 2.97 21.34
CA LYS A 308 -32.36 1.85 21.60
C LYS A 308 -31.75 0.42 21.55
N PHE A 309 -31.03 0.05 20.50
CA PHE A 309 -30.48 -1.32 20.43
C PHE A 309 -29.08 -1.48 19.83
N THR A 310 -28.31 -0.38 19.77
CA THR A 310 -26.94 -0.33 19.20
C THR A 310 -26.21 0.97 19.52
N PRO A 311 -24.86 0.93 19.54
CA PRO A 311 -24.16 2.20 19.41
C PRO A 311 -24.04 2.61 17.93
N PHE A 312 -23.71 3.87 17.68
CA PHE A 312 -23.29 4.34 16.34
C PHE A 312 -21.96 3.71 15.88
N ALA A 313 -21.65 3.82 14.59
CA ALA A 313 -20.46 3.17 14.06
C ALA A 313 -19.27 4.06 14.25
N GLN A 314 -18.11 3.49 14.57
CA GLN A 314 -16.84 4.22 14.73
C GLN A 314 -16.08 4.23 13.44
N ARG A 315 -15.33 5.30 13.17
CA ARG A 315 -14.38 5.30 12.05
C ARG A 315 -13.02 5.47 12.67
N PRO A 316 -12.16 4.47 12.61
CA PRO A 316 -10.83 4.68 13.20
C PRO A 316 -10.04 5.72 12.40
N ASP A 317 -8.97 6.28 12.97
CA ASP A 317 -8.05 7.13 12.18
C ASP A 317 -7.45 6.30 11.10
N TYR A 318 -7.10 6.91 9.99
CA TYR A 318 -6.59 6.18 8.82
C TYR A 318 -7.49 5.01 8.38
N TYR A 319 -8.76 5.30 8.18
CA TYR A 319 -9.69 4.32 7.67
C TYR A 319 -9.61 4.31 6.15
N ASN A 320 -9.36 3.14 5.60
CA ASN A 320 -9.28 2.98 4.19
C ASN A 320 -10.65 3.01 3.53
N LEU A 321 -10.95 4.11 2.86
CA LEU A 321 -12.24 4.28 2.20
C LEU A 321 -12.46 3.23 1.13
N HIS A 322 -11.37 2.65 0.61
CA HIS A 322 -11.47 1.75 -0.51
C HIS A 322 -11.31 0.26 -0.13
N THR A 323 -12.07 -0.22 0.84
CA THR A 323 -12.03 -1.64 1.23
C THR A 323 -13.05 -2.42 0.42
N GLU A 324 -12.85 -3.74 0.36
CA GLU A 324 -13.81 -4.69 -0.20
C GLU A 324 -15.27 -4.18 -0.26
N GLU A 325 -15.87 -3.90 0.89
CA GLU A 325 -17.30 -3.48 0.92
C GLU A 325 -17.67 -2.22 0.14
N ASN A 326 -16.70 -1.34 -0.16
CA ASN A 326 -16.98 -0.06 -0.77
C ASN A 326 -16.65 0.00 -2.24
N TYR A 327 -16.17 -1.12 -2.79
CA TYR A 327 -15.74 -1.08 -4.17
C TYR A 327 -16.82 -0.47 -5.08
N GLU A 328 -18.02 -1.00 -5.04
CA GLU A 328 -19.03 -0.58 -6.01
C GLU A 328 -19.47 0.83 -5.66
N ARG A 329 -19.55 1.12 -4.37
CA ARG A 329 -19.93 2.46 -3.93
C ARG A 329 -18.99 3.54 -4.45
N VAL A 330 -17.67 3.33 -4.35
CA VAL A 330 -16.62 4.28 -4.75
C VAL A 330 -16.63 4.46 -6.26
N ARG A 331 -16.86 3.36 -7.00
CA ARG A 331 -16.99 3.42 -8.45
C ARG A 331 -18.12 4.37 -8.77
N PHE A 332 -19.21 4.30 -8.02
CA PHE A 332 -20.34 5.20 -8.24
C PHE A 332 -19.94 6.66 -7.90
N LEU A 333 -19.34 6.82 -6.74
CA LEU A 333 -18.98 8.11 -6.21
C LEU A 333 -18.00 8.75 -7.13
N ASP A 334 -16.91 8.02 -7.43
CA ASP A 334 -15.93 8.48 -8.41
C ASP A 334 -16.52 8.93 -9.77
N THR A 335 -17.48 8.18 -10.35
CA THR A 335 -18.13 8.59 -11.62
C THR A 335 -18.98 9.86 -11.49
N TYR A 336 -19.69 9.96 -10.37
CA TYR A 336 -20.45 11.16 -10.09
C TYR A 336 -19.59 12.42 -10.20
N GLU A 337 -18.47 12.45 -9.50
CA GLU A 337 -17.54 13.57 -9.55
C GLU A 337 -16.99 13.85 -10.96
N LYS A 338 -16.40 12.83 -11.55
CA LYS A 338 -15.85 12.97 -12.89
C LYS A 338 -16.87 13.47 -13.93
N THR A 339 -18.14 13.09 -13.81
CA THR A 339 -19.17 13.63 -14.66
C THR A 339 -19.26 15.15 -14.56
N PHE A 340 -19.27 15.66 -13.34
CA PHE A 340 -19.11 17.06 -13.12
C PHE A 340 -17.84 17.61 -13.73
N VAL A 341 -16.69 16.99 -13.46
CA VAL A 341 -15.45 17.49 -14.08
C VAL A 341 -15.57 17.61 -15.61
N GLN A 342 -16.33 16.70 -16.22
CA GLN A 342 -16.52 16.67 -17.66
C GLN A 342 -17.35 17.87 -18.14
N PHE A 343 -18.42 18.14 -17.40
CA PHE A 343 -19.18 19.39 -17.51
C PHE A 343 -18.20 20.59 -17.54
N LEU A 344 -17.36 20.73 -16.52
CA LEU A 344 -16.41 21.85 -16.47
C LEU A 344 -15.57 21.93 -17.75
N GLN A 345 -15.00 20.81 -18.18
CA GLN A 345 -14.23 20.79 -19.43
C GLN A 345 -15.02 21.21 -20.66
N LYS A 346 -16.30 20.83 -20.73
CA LYS A 346 -17.17 21.12 -21.88
C LYS A 346 -17.73 22.54 -22.00
N ASP A 347 -17.83 23.29 -20.90
CA ASP A 347 -18.41 24.66 -20.85
C ASP A 347 -19.92 24.72 -21.15
N HIS A 348 -20.32 24.13 -22.27
CA HIS A 348 -21.71 24.10 -22.68
C HIS A 348 -22.00 22.65 -23.07
N PHE A 349 -23.12 22.12 -22.56
CA PHE A 349 -23.49 20.72 -22.78
C PHE A 349 -25.01 20.51 -22.63
N GLU A 350 -25.51 19.39 -23.13
CA GLU A 350 -26.86 19.02 -22.85
C GLU A 350 -26.82 17.90 -21.82
N ALA A 351 -27.54 18.05 -20.73
CA ALA A 351 -27.65 16.99 -19.72
C ALA A 351 -28.99 17.11 -19.03
N PHE A 352 -29.51 15.99 -18.56
CA PHE A 352 -30.79 15.99 -17.87
C PHE A 352 -31.89 16.71 -18.64
N GLY A 353 -31.77 16.76 -19.97
CA GLY A 353 -32.78 17.34 -20.82
C GLY A 353 -32.81 18.84 -20.80
N GLN A 354 -31.69 19.44 -20.40
CA GLN A 354 -31.47 20.90 -20.35
C GLN A 354 -30.16 21.27 -21.05
N LYS A 355 -30.22 22.38 -21.77
CA LYS A 355 -29.04 22.95 -22.37
C LYS A 355 -28.43 23.86 -21.31
N ILE A 356 -27.21 23.58 -20.90
CA ILE A 356 -26.55 24.33 -19.84
C ILE A 356 -25.29 25.00 -20.35
N ASP A 357 -25.05 26.23 -19.90
CA ASP A 357 -23.89 27.02 -20.30
C ASP A 357 -23.23 27.56 -19.05
N PHE A 358 -22.00 27.15 -18.77
CA PHE A 358 -21.39 27.52 -17.52
C PHE A 358 -20.99 28.99 -17.42
N HIS A 359 -21.09 29.72 -18.52
CA HIS A 359 -20.85 31.17 -18.47
C HIS A 359 -22.09 31.91 -17.94
N ASP A 360 -23.24 31.25 -17.98
CA ASP A 360 -24.50 31.83 -17.49
C ASP A 360 -24.47 31.73 -15.97
N PRO A 361 -24.59 32.88 -15.26
CA PRO A 361 -24.56 32.77 -13.78
C PRO A 361 -25.72 31.92 -13.24
N LYS A 362 -26.85 31.90 -13.95
CA LYS A 362 -28.03 31.09 -13.59
C LYS A 362 -27.79 29.56 -13.59
N ALA A 363 -26.73 29.10 -14.26
CA ALA A 363 -26.36 27.68 -14.28
C ALA A 363 -26.18 27.13 -12.87
N ILE A 364 -26.00 28.05 -11.92
CA ILE A 364 -25.77 27.66 -10.56
C ILE A 364 -26.95 26.85 -10.06
N ASN A 365 -28.14 27.11 -10.62
CA ASN A 365 -29.30 26.33 -10.27
C ASN A 365 -29.00 24.85 -10.58
N PHE A 366 -28.68 24.56 -11.84
CA PHE A 366 -28.34 23.18 -12.23
C PHE A 366 -27.18 22.55 -11.42
N VAL A 367 -26.11 23.30 -11.23
CA VAL A 367 -24.93 22.81 -10.55
C VAL A 367 -25.24 22.30 -9.15
N GLY A 368 -25.93 23.15 -8.38
CA GLY A 368 -26.37 22.79 -7.02
C GLY A 368 -27.31 21.62 -7.10
N ASN A 369 -28.27 21.67 -8.02
CA ASN A 369 -29.25 20.57 -8.11
C ASN A 369 -28.57 19.26 -8.43
N TYR A 370 -27.54 19.31 -9.28
CA TYR A 370 -26.75 18.14 -9.61
C TYR A 370 -26.09 17.52 -8.36
N TRP A 371 -25.51 18.35 -7.52
CA TRP A 371 -24.77 17.79 -6.38
C TRP A 371 -25.68 17.24 -5.34
N GLN A 372 -26.84 17.86 -5.16
CA GLN A 372 -27.77 17.34 -4.17
C GLN A 372 -28.61 16.21 -4.75
N ASP A 373 -28.51 16.00 -6.05
CA ASP A 373 -29.33 15.03 -6.75
C ASP A 373 -30.80 15.15 -6.36
N ASN A 374 -31.30 16.39 -6.24
CA ASN A 374 -32.70 16.63 -5.81
C ASN A 374 -33.77 16.46 -6.89
N ALA A 375 -35.05 16.48 -6.49
CA ALA A 375 -36.16 16.22 -7.38
C ALA A 375 -36.15 17.16 -8.58
N ASP A 376 -35.66 18.37 -8.37
CA ASP A 376 -35.65 19.37 -9.43
C ASP A 376 -34.59 19.15 -10.52
N LEU A 377 -33.57 18.32 -10.23
CA LEU A 377 -32.60 17.96 -11.25
C LEU A 377 -33.26 17.26 -12.43
N TYR A 378 -34.43 16.68 -12.18
CA TYR A 378 -35.15 15.88 -13.14
C TYR A 378 -36.52 16.45 -13.51
N GLY A 379 -36.91 17.54 -12.83
CA GLY A 379 -38.20 18.14 -13.05
C GLY A 379 -39.34 17.20 -12.72
N GLU A 380 -39.32 16.61 -11.52
CA GLU A 380 -40.30 15.63 -11.11
C GLU A 380 -40.75 16.03 -9.73
N GLU A 381 -41.83 15.43 -9.24
CA GLU A 381 -42.30 15.79 -7.91
C GLU A 381 -41.44 15.20 -6.77
N VAL A 382 -40.87 14.03 -7.00
CA VAL A 382 -40.35 13.23 -5.91
C VAL A 382 -39.24 12.40 -6.53
N THR A 383 -38.09 12.25 -5.84
CA THR A 383 -36.98 11.43 -6.41
C THR A 383 -37.25 9.94 -6.34
N LYS A 384 -36.56 9.16 -7.16
CA LYS A 384 -36.80 7.71 -7.28
C LYS A 384 -35.60 6.90 -6.84
N ASP A 385 -35.81 5.64 -6.41
CA ASP A 385 -34.71 4.73 -6.00
C ASP A 385 -33.60 4.62 -7.07
N TYR A 386 -34.01 4.57 -8.35
CA TYR A 386 -33.05 4.42 -9.42
C TYR A 386 -32.25 5.72 -9.76
N GLN A 387 -32.61 6.86 -9.14
CA GLN A 387 -31.81 8.07 -9.21
C GLN A 387 -30.84 8.18 -8.02
N ARG A 388 -29.76 7.39 -8.01
CA ARG A 388 -28.85 7.31 -6.84
C ARG A 388 -28.18 8.61 -6.47
N SER A 389 -28.24 8.90 -5.19
CA SER A 389 -27.73 10.15 -4.70
C SER A 389 -26.25 10.03 -4.33
N TYR A 390 -25.49 11.09 -4.63
CA TYR A 390 -24.12 11.22 -4.26
C TYR A 390 -23.97 11.39 -2.77
N GLU A 391 -24.75 12.30 -2.20
CA GLU A 391 -24.55 12.64 -0.80
C GLU A 391 -24.84 11.41 0.06
N VAL A 392 -25.93 10.73 -0.25
CA VAL A 392 -26.31 9.46 0.35
C VAL A 392 -25.17 8.47 0.37
N PHE A 393 -24.61 8.17 -0.81
CA PHE A 393 -23.54 7.16 -0.86
C PHE A 393 -22.19 7.63 -0.26
N ALA A 394 -21.90 8.92 -0.29
CA ALA A 394 -20.74 9.43 0.36
C ALA A 394 -20.91 9.28 1.88
N ARG A 395 -22.11 9.61 2.35
CA ARG A 395 -22.38 9.51 3.75
C ARG A 395 -22.21 8.06 4.17
N ARG A 396 -22.81 7.14 3.43
CA ARG A 396 -22.64 5.74 3.81
C ARG A 396 -21.17 5.28 3.79
N VAL A 397 -20.40 5.63 2.76
CA VAL A 397 -18.98 5.27 2.77
C VAL A 397 -18.18 5.83 3.99
N LEU A 398 -18.27 7.14 4.28
CA LEU A 398 -17.42 7.76 5.29
C LEU A 398 -17.87 7.42 6.70
N GLY A 399 -19.06 6.83 6.82
CA GLY A 399 -19.61 6.52 8.14
C GLY A 399 -19.00 5.27 8.72
N ALA A 400 -18.29 4.52 7.87
CA ALA A 400 -17.65 3.27 8.22
C ALA A 400 -18.55 2.22 8.85
N ALA A 401 -19.87 2.28 8.68
CA ALA A 401 -20.73 1.17 9.16
C ALA A 401 -20.61 -0.08 8.29
N PRO A 402 -20.87 -1.26 8.86
CA PRO A 402 -20.95 -2.51 8.06
C PRO A 402 -22.19 -2.55 7.21
N MET A 403 -22.27 -3.43 6.21
CA MET A 403 -23.45 -3.46 5.33
C MET A 403 -24.72 -3.61 6.16
N PRO A 404 -25.77 -2.83 5.86
CA PRO A 404 -27.03 -3.12 6.58
C PRO A 404 -27.38 -4.60 6.55
N PHE A 405 -27.90 -5.12 7.66
CA PHE A 405 -28.45 -6.48 7.79
C PHE A 405 -29.62 -6.74 6.82
N ASP A 406 -30.59 -5.82 6.75
CA ASP A 406 -31.62 -5.84 5.71
C ASP A 406 -32.16 -4.44 5.55
N LYS A 407 -33.16 -4.29 4.66
CA LYS A 407 -33.75 -2.98 4.36
C LYS A 407 -34.18 -2.13 5.61
N TYR A 408 -34.36 -2.74 6.78
CA TYR A 408 -34.78 -1.97 7.95
C TYR A 408 -33.79 -2.05 9.12
N THR A 409 -32.65 -2.69 8.92
CA THR A 409 -31.77 -2.93 10.05
C THR A 409 -30.39 -2.53 9.59
N PHE A 410 -29.97 -1.34 9.99
CA PHE A 410 -28.62 -0.89 9.73
C PHE A 410 -27.83 -0.55 11.00
N MET A 411 -26.53 -0.33 10.86
CA MET A 411 -25.79 0.24 11.96
C MET A 411 -25.59 1.75 11.78
N PRO A 412 -26.24 2.54 12.66
CA PRO A 412 -26.24 3.97 12.41
C PRO A 412 -24.85 4.57 12.63
N SER A 413 -24.51 5.54 11.77
CA SER A 413 -23.42 6.43 11.97
C SER A 413 -24.01 7.86 12.11
N ALA A 414 -23.22 8.84 12.60
CA ALA A 414 -23.69 10.24 12.71
C ALA A 414 -24.31 10.76 11.43
N MET A 415 -23.93 10.15 10.31
CA MET A 415 -24.26 10.73 9.00
C MET A 415 -25.52 10.13 8.38
N ASP A 416 -26.16 9.24 9.14
CA ASP A 416 -27.50 8.76 8.83
C ASP A 416 -28.62 9.70 9.27
N PHE A 417 -28.27 10.76 9.99
CA PHE A 417 -29.25 11.71 10.48
C PHE A 417 -28.83 13.14 10.33
N TYR A 418 -29.80 13.98 10.01
CA TYR A 418 -29.58 15.40 9.90
C TYR A 418 -29.28 15.96 11.28
N GLN A 419 -29.79 15.31 12.33
CA GLN A 419 -29.59 15.82 13.67
C GLN A 419 -28.24 15.49 14.30
N THR A 420 -27.43 14.65 13.65
CA THR A 420 -26.13 14.25 14.17
C THR A 420 -24.95 14.49 13.22
N SER A 421 -25.23 14.74 11.94
CA SER A 421 -24.14 14.93 10.94
C SER A 421 -23.04 15.90 11.34
N LEU A 422 -23.41 17.07 11.85
CA LEU A 422 -22.42 18.10 12.20
C LEU A 422 -21.41 17.63 13.20
N ARG A 423 -21.70 16.51 13.87
CA ARG A 423 -20.79 15.96 14.89
C ARG A 423 -19.52 15.39 14.32
N ASP A 424 -19.56 15.01 13.04
CA ASP A 424 -18.50 14.20 12.47
C ASP A 424 -17.57 15.06 11.62
N PRO A 425 -16.26 15.05 11.90
CA PRO A 425 -15.29 15.78 11.06
C PRO A 425 -15.48 15.54 9.57
N ALA A 426 -15.66 14.29 9.19
CA ALA A 426 -15.88 13.92 7.80
C ALA A 426 -17.05 14.67 7.15
N PHE A 427 -17.94 15.18 7.97
CA PHE A 427 -19.07 15.84 7.42
C PHE A 427 -18.59 17.10 6.71
N TYR A 428 -17.70 17.82 7.39
CA TYR A 428 -17.21 19.06 6.84
C TYR A 428 -16.28 18.80 5.65
N GLN A 429 -15.50 17.74 5.69
CA GLN A 429 -14.70 17.34 4.57
C GLN A 429 -15.53 17.03 3.32
N LEU A 430 -16.70 16.41 3.53
CA LEU A 430 -17.52 16.04 2.40
C LEU A 430 -18.12 17.27 1.73
N TYR A 431 -18.78 18.11 2.50
CA TYR A 431 -19.37 19.29 1.93
C TYR A 431 -18.40 20.35 1.44
N ASN A 432 -17.18 20.34 1.97
CA ASN A 432 -16.17 21.26 1.51
C ASN A 432 -15.76 20.83 0.12
N ARG A 433 -15.72 19.51 -0.09
CA ARG A 433 -15.40 18.95 -1.38
C ARG A 433 -16.45 19.41 -2.41
N ILE A 434 -17.73 19.15 -2.13
CA ILE A 434 -18.78 19.62 -3.03
C ILE A 434 -18.71 21.12 -3.29
N VAL A 435 -18.44 21.88 -2.24
CA VAL A 435 -18.49 23.33 -2.34
C VAL A 435 -17.31 23.75 -3.15
N GLU A 436 -16.18 23.07 -2.93
CA GLU A 436 -15.04 23.35 -3.82
C GLU A 436 -15.40 23.14 -5.29
N TYR A 437 -16.12 22.05 -5.60
CA TYR A 437 -16.47 21.80 -6.99
C TYR A 437 -17.39 22.87 -7.54
N ILE A 438 -18.32 23.34 -6.71
CA ILE A 438 -19.19 24.40 -7.18
C ILE A 438 -18.33 25.65 -7.43
N VAL A 439 -17.37 25.92 -6.54
CA VAL A 439 -16.46 27.05 -6.77
C VAL A 439 -15.66 26.95 -8.09
N GLU A 440 -15.37 25.73 -8.53
CA GLU A 440 -14.69 25.56 -9.81
C GLU A 440 -15.60 26.05 -10.90
N PHE A 441 -16.91 25.78 -10.79
CA PHE A 441 -17.84 26.29 -11.79
C PHE A 441 -17.86 27.81 -11.76
N LYS A 442 -17.82 28.40 -10.58
CA LYS A 442 -17.88 29.87 -10.53
C LYS A 442 -16.70 30.59 -11.16
N GLN A 443 -15.63 29.84 -11.48
CA GLN A 443 -14.47 30.39 -12.22
C GLN A 443 -14.80 30.83 -13.62
N TYR A 444 -15.88 30.28 -14.16
CA TYR A 444 -16.32 30.63 -15.51
C TYR A 444 -17.09 31.94 -15.52
N LEU A 445 -17.38 32.48 -14.35
CA LEU A 445 -18.20 33.69 -14.29
C LEU A 445 -17.32 34.93 -14.35
N LYS A 446 -17.75 35.92 -15.15
CA LYS A 446 -17.03 37.19 -15.34
C LYS A 446 -17.03 37.92 -14.02
N PRO A 447 -15.88 38.42 -13.61
CA PRO A 447 -15.84 39.15 -12.34
C PRO A 447 -16.59 40.45 -12.49
N TYR A 448 -17.22 40.93 -11.43
CA TYR A 448 -17.98 42.19 -11.51
C TYR A 448 -17.03 43.35 -11.80
N THR A 449 -17.46 44.24 -12.68
CA THR A 449 -16.68 45.46 -12.93
C THR A 449 -17.04 46.58 -11.95
N GLN A 450 -16.21 47.62 -11.92
CA GLN A 450 -16.47 48.84 -11.16
C GLN A 450 -17.89 49.37 -11.30
N ASP A 451 -18.38 49.47 -12.54
CA ASP A 451 -19.71 50.01 -12.84
C ASP A 451 -20.85 49.25 -12.20
N LYS A 452 -20.72 47.94 -12.08
CA LYS A 452 -21.72 47.11 -11.41
C LYS A 452 -21.87 47.35 -9.89
N LEU A 453 -20.79 47.76 -9.25
CA LEU A 453 -20.74 47.86 -7.80
C LEU A 453 -20.76 49.29 -7.27
N TYR A 454 -20.43 50.23 -8.15
CA TYR A 454 -20.29 51.61 -7.78
C TYR A 454 -21.66 52.23 -7.54
N PHE A 455 -21.90 52.71 -6.32
CA PHE A 455 -23.11 53.45 -5.99
C PHE A 455 -22.78 54.92 -6.20
N ASP A 456 -23.18 55.45 -7.36
CA ASP A 456 -23.01 56.88 -7.70
C ASP A 456 -23.29 57.86 -6.56
N GLY A 457 -22.28 58.65 -6.21
CA GLY A 457 -22.42 59.73 -5.22
C GLY A 457 -22.51 59.32 -3.76
N VAL A 458 -22.14 58.08 -3.47
CA VAL A 458 -22.27 57.48 -2.13
C VAL A 458 -20.94 56.95 -1.61
N LYS A 459 -20.57 57.34 -0.38
CA LYS A 459 -19.32 56.88 0.21
C LYS A 459 -19.48 56.51 1.68
N ILE A 460 -18.97 55.33 2.07
CA ILE A 460 -18.89 54.99 3.50
C ILE A 460 -17.64 55.65 4.06
N THR A 461 -17.79 56.45 5.10
CA THR A 461 -16.65 57.24 5.63
C THR A 461 -16.06 56.68 6.93
N ASP A 462 -16.87 55.90 7.65
CA ASP A 462 -16.37 55.23 8.83
C ASP A 462 -17.27 54.06 9.19
N VAL A 463 -16.66 52.99 9.71
CA VAL A 463 -17.41 51.95 10.40
C VAL A 463 -16.85 51.78 11.80
N LYS A 464 -17.73 51.60 12.77
CA LYS A 464 -17.33 51.45 14.16
C LYS A 464 -18.14 50.36 14.84
N VAL A 465 -17.51 49.58 15.70
CA VAL A 465 -18.20 48.41 16.24
C VAL A 465 -17.95 48.40 17.73
N ASP A 466 -18.97 48.21 18.53
CA ASP A 466 -18.74 47.94 19.96
C ASP A 466 -17.81 46.71 20.13
N LYS A 467 -17.27 46.53 21.33
CA LYS A 467 -16.49 45.36 21.65
C LYS A 467 -17.27 44.07 21.31
N LEU A 468 -16.60 43.16 20.61
CA LEU A 468 -17.16 41.84 20.25
C LEU A 468 -16.56 40.78 21.14
N THR A 469 -17.42 40.12 21.89
CA THR A 469 -16.96 39.33 23.02
C THR A 469 -17.87 38.09 23.21
N THR A 470 -17.28 36.91 23.18
CA THR A 470 -18.01 35.68 23.44
C THR A 470 -17.83 35.23 24.90
N PHE A 471 -18.71 34.32 25.32
CA PHE A 471 -18.65 33.73 26.68
C PHE A 471 -19.48 32.45 26.69
N PHE A 472 -19.20 31.55 27.61
CA PHE A 472 -20.06 30.38 27.72
C PHE A 472 -21.10 30.62 28.81
N GLU A 473 -22.25 29.95 28.70
CA GLU A 473 -23.36 30.21 29.59
C GLU A 473 -24.27 29.01 29.59
N ASN A 474 -24.59 28.53 30.79
CA ASN A 474 -25.54 27.43 30.96
C ASN A 474 -26.90 27.55 30.23
N PHE A 475 -27.31 26.47 29.55
CA PHE A 475 -28.62 26.35 28.89
C PHE A 475 -29.23 24.96 29.19
N GLU A 476 -30.52 24.92 29.54
CA GLU A 476 -31.25 23.68 29.86
C GLU A 476 -32.26 23.36 28.78
N PHE A 477 -32.47 22.08 28.47
CA PHE A 477 -33.55 21.64 27.61
C PHE A 477 -34.27 20.41 28.18
N ASP A 478 -35.52 20.18 27.74
CA ASP A 478 -36.34 19.08 28.22
C ASP A 478 -35.90 17.78 27.53
N ALA A 479 -35.34 16.84 28.30
CA ALA A 479 -34.91 15.57 27.72
C ALA A 479 -35.86 14.42 28.00
N SER A 480 -37.07 14.75 28.46
CA SER A 480 -38.06 13.69 28.82
C SER A 480 -38.39 12.65 27.75
N ASN A 481 -38.28 12.97 26.46
CA ASN A 481 -38.55 11.91 25.47
C ASN A 481 -37.51 10.82 25.47
N SER A 482 -36.45 10.96 26.24
CA SER A 482 -35.39 9.95 26.25
C SER A 482 -35.75 8.82 27.19
N VAL A 483 -36.71 9.11 28.07
CA VAL A 483 -37.13 8.19 29.12
C VAL A 483 -38.41 7.43 28.74
N TYR A 484 -38.54 6.22 29.30
CA TYR A 484 -39.81 5.48 29.31
C TYR A 484 -40.59 5.66 30.63
N PHE A 485 -41.88 5.99 30.52
CA PHE A 485 -42.71 6.22 31.69
C PHE A 485 -43.62 5.05 31.96
N SER A 486 -44.10 4.95 33.18
CA SER A 486 -44.99 3.86 33.56
C SER A 486 -46.43 4.18 33.18
N LYS A 487 -47.28 3.16 33.22
CA LYS A 487 -48.73 3.33 33.13
C LYS A 487 -49.26 4.51 33.97
N GLU A 488 -48.94 4.53 35.27
CA GLU A 488 -49.42 5.56 36.18
C GLU A 488 -49.02 6.96 35.77
N GLU A 489 -47.73 7.14 35.54
CA GLU A 489 -47.19 8.43 35.13
C GLU A 489 -47.80 8.95 33.82
N ILE A 490 -48.01 8.08 32.84
CA ILE A 490 -48.54 8.48 31.54
C ILE A 490 -50.00 8.96 31.65
N LYS A 491 -50.81 8.17 32.32
CA LYS A 491 -52.13 8.52 32.72
C LYS A 491 -52.15 9.87 33.40
N ASN A 492 -51.19 10.14 34.28
CA ASN A 492 -51.29 11.30 35.15
C ASN A 492 -50.54 12.50 34.63
N ASN A 493 -50.18 12.42 33.36
CA ASN A 493 -49.33 13.44 32.74
C ASN A 493 -48.01 13.79 33.45
N HIS A 494 -47.54 12.98 34.38
CA HIS A 494 -46.22 13.22 34.93
C HIS A 494 -45.17 12.63 34.00
N VAL A 495 -44.74 13.43 33.04
CA VAL A 495 -44.11 12.88 31.85
C VAL A 495 -43.08 13.90 31.35
N HIS A 496 -42.84 14.93 32.17
CA HIS A 496 -41.94 16.01 31.81
C HIS A 496 -40.90 16.35 32.87
N ASP A 497 -40.21 15.40 33.45
CA ASP A 497 -39.34 15.79 34.57
C ASP A 497 -37.81 15.71 34.39
N VAL A 498 -37.34 15.48 33.17
CA VAL A 498 -35.91 15.33 32.90
C VAL A 498 -35.31 16.53 32.18
N LYS A 499 -34.41 17.24 32.85
CA LYS A 499 -33.68 18.34 32.22
C LYS A 499 -32.18 18.08 32.03
N VAL A 500 -31.61 18.68 31.00
CA VAL A 500 -30.18 18.54 30.73
C VAL A 500 -29.60 19.95 30.62
N ARG A 501 -28.56 20.22 31.39
CA ARG A 501 -27.98 21.56 31.44
C ARG A 501 -26.60 21.45 30.84
N GLN A 502 -26.20 22.45 30.07
CA GLN A 502 -24.99 22.34 29.26
C GLN A 502 -24.49 23.73 28.93
N PRO A 503 -23.18 24.01 29.17
CA PRO A 503 -22.64 25.31 28.75
C PRO A 503 -22.67 25.46 27.23
N ARG A 504 -23.20 26.58 26.76
CA ARG A 504 -23.23 26.86 25.32
C ARG A 504 -22.65 28.24 25.02
N LEU A 505 -22.00 28.34 23.86
CA LEU A 505 -21.44 29.58 23.40
C LEU A 505 -22.55 30.63 23.30
N ASN A 506 -22.17 31.88 23.55
CA ASN A 506 -23.00 33.07 23.41
C ASN A 506 -22.05 34.27 23.14
N HIS A 507 -22.59 35.43 22.80
CA HIS A 507 -21.76 36.62 22.71
C HIS A 507 -22.59 37.78 23.24
N SER A 508 -21.95 38.89 23.53
CA SER A 508 -22.63 40.08 24.01
C SER A 508 -23.30 40.81 22.86
N PRO A 509 -24.43 41.49 23.11
CA PRO A 509 -25.01 42.26 22.01
C PRO A 509 -24.05 43.39 21.64
N PHE A 510 -24.05 43.78 20.37
CA PHE A 510 -23.19 44.87 19.92
C PHE A 510 -23.74 45.72 18.79
N ASN A 511 -23.27 46.96 18.72
CA ASN A 511 -23.68 47.91 17.70
C ASN A 511 -22.67 48.08 16.57
N VAL A 512 -23.20 48.19 15.37
CA VAL A 512 -22.41 48.52 14.18
C VAL A 512 -22.80 49.93 13.71
N ASN A 513 -21.84 50.85 13.75
CA ASN A 513 -22.06 52.25 13.43
C ASN A 513 -21.46 52.56 12.10
N ILE A 514 -22.33 52.96 11.19
CA ILE A 514 -21.96 53.18 9.82
C ILE A 514 -22.30 54.60 9.40
N GLU A 515 -21.28 55.35 9.00
CA GLU A 515 -21.43 56.71 8.55
C GLU A 515 -21.30 56.76 7.02
N VAL A 516 -22.43 57.05 6.37
CA VAL A 516 -22.51 57.11 4.91
C VAL A 516 -22.70 58.55 4.43
N ASP A 517 -22.00 58.91 3.35
CA ASP A 517 -22.19 60.18 2.63
C ASP A 517 -22.85 59.96 1.25
N SER A 518 -23.90 60.73 0.95
CA SER A 518 -24.52 60.71 -0.39
C SER A 518 -25.02 62.08 -0.81
N ASN A 519 -24.75 62.46 -2.07
CA ASN A 519 -25.23 63.75 -2.61
C ASN A 519 -26.75 63.78 -2.73
N VAL A 520 -27.31 62.73 -3.34
CA VAL A 520 -28.74 62.70 -3.58
C VAL A 520 -29.38 61.59 -2.77
N ALA A 521 -30.51 61.93 -2.16
CA ALA A 521 -31.30 61.01 -1.37
C ALA A 521 -31.65 59.78 -2.19
N SER A 522 -31.73 58.63 -1.54
CA SER A 522 -31.98 57.39 -2.26
C SER A 522 -32.23 56.21 -1.33
N ASP A 523 -33.11 55.29 -1.73
CA ASP A 523 -33.33 54.04 -1.04
C ASP A 523 -32.14 53.11 -1.27
N ALA A 524 -31.67 52.42 -0.22
CA ALA A 524 -30.45 51.59 -0.30
C ALA A 524 -30.48 50.26 0.46
N VAL A 525 -29.70 49.30 -0.04
CA VAL A 525 -29.42 48.06 0.69
C VAL A 525 -28.04 48.12 1.33
N VAL A 526 -27.99 47.67 2.58
CA VAL A 526 -26.74 47.54 3.33
C VAL A 526 -26.57 46.08 3.69
N LYS A 527 -25.40 45.54 3.35
CA LYS A 527 -25.03 44.18 3.71
C LYS A 527 -23.80 44.21 4.61
N ILE A 528 -23.76 43.27 5.56
CA ILE A 528 -22.65 43.14 6.48
C ILE A 528 -22.15 41.70 6.47
N PHE A 529 -20.87 41.51 6.14
CA PHE A 529 -20.20 40.19 6.23
C PHE A 529 -19.04 40.19 7.25
N LEU A 530 -18.71 38.99 7.72
CA LEU A 530 -17.56 38.69 8.56
C LEU A 530 -16.57 37.80 7.82
N ALA A 531 -15.30 38.17 7.85
CA ALA A 531 -14.25 37.37 7.25
C ALA A 531 -12.97 37.30 8.08
N PRO A 532 -12.13 36.29 7.82
CA PRO A 532 -10.83 36.19 8.52
C PRO A 532 -9.91 37.34 8.11
N LYS A 533 -8.87 37.59 8.87
CA LYS A 533 -7.93 38.65 8.48
C LYS A 533 -6.74 38.07 7.77
N TYR A 534 -6.22 36.98 8.34
CA TYR A 534 -5.00 36.35 7.86
C TYR A 534 -5.21 34.86 7.66
N ASP A 535 -4.36 34.27 6.82
CA ASP A 535 -4.18 32.83 6.82
C ASP A 535 -3.34 32.39 8.04
N ASP A 536 -2.87 31.15 7.98
CA ASP A 536 -2.14 30.56 9.10
C ASP A 536 -0.74 31.15 9.29
N ASN A 537 -0.17 31.64 8.19
CA ASN A 537 1.16 32.24 8.16
C ASN A 537 1.13 33.71 8.56
N GLY A 538 -0.07 34.25 8.70
CA GLY A 538 -0.25 35.65 9.08
C GLY A 538 -0.01 36.64 7.96
N ILE A 539 -0.23 36.22 6.70
CA ILE A 539 -0.35 37.14 5.55
C ILE A 539 -1.83 37.57 5.46
N PRO A 540 -2.08 38.87 5.24
CA PRO A 540 -3.46 39.33 5.06
C PRO A 540 -4.18 38.53 3.96
N LEU A 541 -5.40 38.07 4.18
CA LEU A 541 -6.04 37.39 3.09
C LEU A 541 -6.47 38.37 2.02
N THR A 542 -6.17 37.98 0.79
CA THR A 542 -6.60 38.76 -0.40
C THR A 542 -7.98 38.28 -0.86
N LEU A 543 -8.79 39.20 -1.38
CA LEU A 543 -10.12 38.90 -1.85
C LEU A 543 -10.09 37.80 -2.89
N GLU A 544 -9.10 37.82 -3.77
CA GLU A 544 -9.00 36.89 -4.89
C GLU A 544 -9.14 35.45 -4.44
N ASP A 545 -8.44 35.08 -3.38
CA ASP A 545 -8.43 33.67 -2.98
C ASP A 545 -9.55 33.38 -2.01
N ASN A 546 -10.02 34.40 -1.31
CA ASN A 546 -10.85 34.14 -0.16
C ASN A 546 -12.22 34.75 -0.11
N TRP A 547 -12.83 34.90 -1.28
CA TRP A 547 -14.14 35.51 -1.38
C TRP A 547 -15.24 34.56 -0.90
N MET A 548 -14.92 33.28 -0.84
CA MET A 548 -15.85 32.28 -0.30
C MET A 548 -15.66 32.07 1.20
N LYS A 549 -14.73 32.79 1.79
CA LYS A 549 -14.54 32.70 3.23
C LYS A 549 -15.39 33.72 4.00
N PHE A 550 -16.32 34.40 3.31
CA PHE A 550 -17.13 35.47 3.91
C PHE A 550 -18.50 35.03 4.43
N PHE A 551 -18.87 35.53 5.60
CA PHE A 551 -20.06 35.04 6.30
C PHE A 551 -21.00 36.21 6.46
N GLU A 552 -22.17 36.12 5.83
CA GLU A 552 -23.16 37.20 5.87
C GLU A 552 -23.70 37.32 7.27
N LEU A 553 -23.57 38.52 7.83
CA LEU A 553 -24.12 38.78 9.17
C LEU A 553 -25.50 39.42 9.13
N ASP A 554 -25.73 40.32 8.17
CA ASP A 554 -27.02 41.06 8.09
C ASP A 554 -27.25 41.75 6.75
N TRP A 555 -28.52 41.92 6.42
CA TRP A 555 -28.90 42.74 5.28
C TRP A 555 -30.14 43.51 5.71
N PHE A 556 -30.27 44.74 5.23
CA PHE A 556 -31.44 45.57 5.48
C PHE A 556 -31.42 46.79 4.59
N THR A 557 -32.54 47.49 4.52
CA THR A 557 -32.67 48.67 3.70
C THR A 557 -32.76 49.92 4.56
N THR A 558 -32.21 51.02 4.06
CA THR A 558 -32.43 52.30 4.69
C THR A 558 -32.80 53.35 3.62
N LYS A 559 -33.17 54.53 4.08
CA LYS A 559 -33.40 55.64 3.18
C LYS A 559 -32.28 56.63 3.41
N LEU A 560 -31.48 56.87 2.38
CA LEU A 560 -30.41 57.88 2.44
C LEU A 560 -30.97 59.26 2.13
N THR A 561 -30.35 60.30 2.71
CA THR A 561 -30.69 61.67 2.39
C THR A 561 -29.45 62.41 1.97
N ALA A 562 -29.67 63.51 1.26
CA ALA A 562 -28.62 64.44 0.89
C ALA A 562 -27.79 64.66 2.13
N GLY A 563 -26.48 64.50 1.98
CA GLY A 563 -25.53 64.84 3.01
C GLY A 563 -24.95 63.69 3.81
N GLN A 564 -25.09 63.76 5.12
CA GLN A 564 -24.34 62.91 6.03
C GLN A 564 -25.28 61.99 6.78
N ASN A 565 -25.02 60.70 6.65
CA ASN A 565 -25.86 59.64 7.24
C ASN A 565 -25.17 58.82 8.32
N LYS A 566 -25.96 58.32 9.26
CA LYS A 566 -25.44 57.50 10.34
C LYS A 566 -26.40 56.35 10.60
N ILE A 567 -25.92 55.15 10.35
CA ILE A 567 -26.76 53.98 10.48
C ILE A 567 -26.30 53.15 11.68
N ILE A 568 -27.20 52.95 12.63
CA ILE A 568 -26.89 52.13 13.80
C ILE A 568 -27.67 50.84 13.73
N ARG A 569 -26.96 49.72 13.75
CA ARG A 569 -27.59 48.42 13.69
C ARG A 569 -27.12 47.54 14.85
N ASN A 570 -28.05 47.11 15.70
CA ASN A 570 -27.69 46.15 16.76
C ASN A 570 -27.59 44.73 16.24
N SER A 571 -26.65 43.94 16.78
CA SER A 571 -26.53 42.51 16.44
C SER A 571 -27.86 41.80 16.64
N ASN A 572 -28.66 42.37 17.53
CA ASN A 572 -29.88 41.76 18.02
C ASN A 572 -30.98 41.85 17.01
N GLU A 573 -30.79 42.73 16.02
CA GLU A 573 -31.73 43.00 14.93
C GLU A 573 -31.24 42.42 13.62
N PHE A 574 -30.08 41.75 13.63
CA PHE A 574 -29.63 40.99 12.46
C PHE A 574 -30.67 39.94 12.08
N VAL A 575 -31.05 39.91 10.80
CA VAL A 575 -32.20 39.14 10.38
C VAL A 575 -31.89 37.69 10.07
N ILE A 576 -30.60 37.36 9.89
CA ILE A 576 -30.11 36.00 9.51
C ILE A 576 -30.17 35.00 10.69
N PHE A 577 -30.46 35.49 11.89
CA PHE A 577 -30.34 34.66 13.10
C PHE A 577 -31.61 34.68 13.92
N LYS A 578 -31.82 33.65 14.73
CA LYS A 578 -32.98 33.59 15.62
C LYS A 578 -32.58 33.48 17.07
N GLU A 579 -33.55 33.75 17.94
CA GLU A 579 -33.38 33.45 19.35
C GLU A 579 -33.61 31.98 19.69
N ASP A 580 -33.02 31.55 20.81
CA ASP A 580 -33.26 30.25 21.39
C ASP A 580 -34.74 29.86 21.44
N SER A 581 -35.06 28.62 21.07
CA SER A 581 -36.39 28.05 21.26
C SER A 581 -36.78 28.06 22.73
N VAL A 582 -38.09 28.15 22.97
CA VAL A 582 -38.66 27.92 24.28
C VAL A 582 -39.00 26.41 24.42
N PRO A 583 -38.88 25.84 25.65
CA PRO A 583 -39.41 24.48 25.80
C PRO A 583 -40.93 24.40 25.57
N MET A 584 -41.39 23.19 25.26
CA MET A 584 -42.80 22.92 24.98
C MET A 584 -43.62 23.19 26.20
N THR A 585 -42.99 22.99 27.34
CA THR A 585 -43.59 23.28 28.62
C THR A 585 -44.00 24.75 28.77
N GLU A 586 -43.12 25.68 28.38
CA GLU A 586 -43.49 27.09 28.44
C GLU A 586 -44.44 27.54 27.33
N ILE A 587 -44.48 26.78 26.24
CA ILE A 587 -45.46 27.06 25.19
C ILE A 587 -46.91 26.73 25.60
N MET A 588 -47.10 25.69 26.41
CA MET A 588 -48.39 25.35 26.97
C MET A 588 -48.82 26.47 27.90
N LYS A 589 -47.91 26.90 28.77
CA LYS A 589 -48.23 28.03 29.62
C LYS A 589 -48.55 29.26 28.79
N MET A 590 -47.73 29.55 27.79
CA MET A 590 -48.02 30.68 26.93
C MET A 590 -49.37 30.58 26.25
N LEU A 591 -49.72 29.39 25.78
CA LEU A 591 -50.95 29.21 25.01
C LEU A 591 -52.20 29.43 25.86
N ASP A 592 -52.03 29.40 27.18
CA ASP A 592 -53.13 29.76 28.08
C ASP A 592 -53.29 31.26 28.15
N GLU A 593 -52.26 32.01 27.79
CA GLU A 593 -52.38 33.47 27.72
C GLU A 593 -52.72 33.97 26.30
N GLY A 594 -52.90 33.05 25.35
CA GLY A 594 -53.09 33.42 23.96
C GLY A 594 -51.83 33.96 23.31
N LYS A 595 -50.69 33.37 23.61
CA LYS A 595 -49.42 33.84 23.04
C LYS A 595 -48.61 32.70 22.43
N VAL A 596 -47.87 33.00 21.36
CA VAL A 596 -46.93 32.06 20.81
C VAL A 596 -45.58 32.76 20.59
N PRO A 597 -44.48 32.05 20.90
CA PRO A 597 -43.13 32.56 20.69
C PRO A 597 -42.77 32.86 19.23
N PHE A 598 -42.71 34.14 18.88
CA PHE A 598 -42.51 34.60 17.50
C PHE A 598 -41.36 33.92 16.72
N ASP A 599 -40.19 33.82 17.35
CA ASP A 599 -39.02 33.26 16.67
C ASP A 599 -39.16 31.75 16.36
N MET A 600 -40.12 31.08 17.00
CA MET A 600 -40.37 29.66 16.71
C MET A 600 -41.35 29.52 15.54
N SER A 601 -42.04 30.61 15.22
CA SER A 601 -43.10 30.61 14.24
C SER A 601 -42.61 31.00 12.85
N GLU A 602 -41.90 32.13 12.79
CA GLU A 602 -41.50 32.76 11.54
C GLU A 602 -40.02 32.57 11.25
N GLU A 603 -39.23 32.39 12.30
CA GLU A 603 -37.77 32.30 12.18
C GLU A 603 -37.15 30.97 12.64
N PHE A 604 -37.91 29.87 12.60
CA PHE A 604 -37.41 28.57 13.09
C PHE A 604 -36.14 28.03 12.39
N CYS A 605 -35.97 28.29 11.11
CA CYS A 605 -34.87 27.69 10.37
C CYS A 605 -33.65 28.61 10.23
N TYR A 606 -33.64 29.73 10.93
CA TYR A 606 -32.41 30.51 10.97
C TYR A 606 -31.42 29.97 12.01
N MET A 607 -30.13 30.23 11.73
CA MET A 607 -29.03 29.95 12.67
C MET A 607 -29.26 30.62 14.03
N PRO A 608 -28.92 29.93 15.10
CA PRO A 608 -29.09 30.65 16.36
C PRO A 608 -28.12 31.84 16.53
N LYS A 609 -28.70 32.99 16.86
CA LYS A 609 -28.04 34.19 17.34
C LYS A 609 -26.79 33.98 18.24
N ARG A 610 -26.85 33.06 19.21
CA ARG A 610 -25.80 32.97 20.22
C ARG A 610 -24.52 32.33 19.71
N LEU A 611 -24.65 31.61 18.59
CA LEU A 611 -23.52 31.09 17.85
C LEU A 611 -23.07 31.98 16.68
N MET A 612 -23.60 33.18 16.61
CA MET A 612 -23.19 34.10 15.54
C MET A 612 -21.67 34.25 15.39
N LEU A 613 -20.97 34.58 16.47
CA LEU A 613 -19.52 34.81 16.48
C LEU A 613 -18.77 33.52 16.82
N PRO A 614 -17.56 33.33 16.25
CA PRO A 614 -16.74 32.18 16.68
C PRO A 614 -16.18 32.45 18.08
N ARG A 615 -15.86 31.41 18.85
CA ARG A 615 -15.26 31.65 20.16
C ARG A 615 -13.98 32.49 20.04
N GLY A 616 -13.95 33.63 20.72
CA GLY A 616 -12.81 34.53 20.66
C GLY A 616 -11.63 34.03 21.47
N THR A 617 -10.66 34.93 21.71
CA THR A 617 -9.49 34.64 22.52
C THR A 617 -9.30 35.79 23.47
N GLU A 618 -8.53 35.57 24.53
CA GLU A 618 -8.50 36.50 25.64
C GLU A 618 -7.83 37.75 25.16
N GLY A 619 -6.86 37.59 24.27
CA GLY A 619 -6.19 38.71 23.62
C GLY A 619 -6.93 39.37 22.47
N GLY A 620 -7.91 38.67 21.90
CA GLY A 620 -8.73 39.19 20.78
C GLY A 620 -8.23 38.70 19.43
N PHE A 621 -8.85 37.66 18.91
CA PHE A 621 -8.51 37.12 17.60
C PHE A 621 -8.95 38.04 16.44
N PRO A 622 -8.08 38.26 15.44
CA PRO A 622 -8.38 39.21 14.36
C PRO A 622 -9.30 38.67 13.24
N PHE A 623 -10.40 39.38 13.02
CA PHE A 623 -11.21 39.20 11.83
C PHE A 623 -11.41 40.54 11.15
N GLN A 624 -12.25 40.57 10.13
CA GLN A 624 -12.64 41.85 9.57
C GLN A 624 -14.15 41.88 9.19
N LEU A 625 -14.80 43.04 9.33
CA LEU A 625 -16.11 43.27 8.71
C LEU A 625 -16.01 43.86 7.31
N PHE A 626 -16.77 43.28 6.38
CA PHE A 626 -17.07 43.89 5.07
C PHE A 626 -18.47 44.52 5.10
N VAL A 627 -18.55 45.80 4.77
CA VAL A 627 -19.84 46.46 4.69
C VAL A 627 -20.02 47.01 3.32
N PHE A 628 -21.16 46.70 2.74
CA PHE A 628 -21.48 47.08 1.36
C PHE A 628 -22.82 47.84 1.28
N VAL A 629 -22.84 48.93 0.53
CA VAL A 629 -24.09 49.65 0.34
C VAL A 629 -24.32 49.83 -1.14
N TYR A 630 -25.52 49.50 -1.61
CA TYR A 630 -25.89 49.66 -3.03
C TYR A 630 -27.36 50.04 -3.20
N PRO A 631 -27.74 50.45 -4.43
CA PRO A 631 -29.06 51.00 -4.74
C PRO A 631 -30.20 49.99 -4.61
N PHE A 632 -31.32 50.46 -4.07
CA PHE A 632 -32.48 49.63 -3.93
C PHE A 632 -33.59 50.27 -4.75
N ASP A 633 -33.37 50.49 -6.05
CA ASP A 633 -34.31 51.30 -6.81
C ASP A 633 -35.73 50.70 -6.95
N ASN A 634 -35.86 49.38 -7.06
CA ASN A 634 -37.19 48.74 -7.00
C ASN A 634 -37.15 47.36 -6.32
N LYS A 635 -38.07 46.48 -6.67
CA LYS A 635 -38.05 45.09 -6.17
C LYS A 635 -38.51 44.07 -7.23
N GLY A 636 -37.84 44.07 -8.37
CA GLY A 636 -38.14 43.19 -9.51
C GLY A 636 -38.39 41.72 -9.17
N LYS A 637 -37.35 41.03 -8.71
CA LYS A 637 -37.46 39.64 -8.27
C LYS A 637 -37.16 39.54 -6.78
N ASP A 638 -38.16 39.18 -5.97
CA ASP A 638 -37.91 38.94 -4.54
C ASP A 638 -38.60 37.73 -3.93
N LEU A 639 -37.86 36.98 -3.14
CA LEU A 639 -38.37 35.76 -2.51
C LEU A 639 -39.08 36.03 -1.18
N ALA A 640 -40.32 35.56 -1.10
CA ALA A 640 -41.12 35.53 0.13
C ALA A 640 -41.90 34.21 0.32
N PRO A 641 -42.02 33.37 -0.74
CA PRO A 641 -42.49 32.00 -0.49
C PRO A 641 -41.59 31.10 0.40
N PHE A 642 -40.27 31.05 0.15
CA PHE A 642 -39.34 30.30 1.03
C PHE A 642 -39.21 31.03 2.36
N GLU A 643 -38.86 32.30 2.25
CA GLU A 643 -39.08 33.39 3.22
C GLU A 643 -38.33 34.61 2.69
N SER A 644 -38.60 35.78 3.28
CA SER A 644 -37.98 37.04 2.88
C SER A 644 -36.50 37.06 3.22
N PHE A 645 -35.73 36.38 2.39
CA PHE A 645 -34.28 36.28 2.50
C PHE A 645 -33.71 37.19 1.42
N VAL A 646 -34.05 36.92 0.16
CA VAL A 646 -33.56 37.68 -0.99
C VAL A 646 -34.62 38.64 -1.54
N LEU A 647 -34.87 39.77 -0.85
CA LEU A 647 -35.75 40.82 -1.38
C LEU A 647 -35.15 41.53 -2.61
N ASP A 648 -34.20 40.86 -3.25
CA ASP A 648 -33.45 41.38 -4.41
C ASP A 648 -33.33 40.37 -5.55
N ASN A 649 -33.35 40.89 -6.77
CA ASN A 649 -32.93 40.10 -7.92
C ASN A 649 -31.40 39.93 -7.95
N LYS A 650 -30.78 40.01 -6.77
CA LYS A 650 -29.32 39.88 -6.65
C LYS A 650 -28.99 38.44 -6.24
N PRO A 651 -27.89 37.89 -6.79
CA PRO A 651 -27.41 36.56 -6.34
C PRO A 651 -27.29 36.46 -4.82
N LEU A 652 -27.46 35.25 -4.30
CA LEU A 652 -27.18 35.00 -2.91
C LEU A 652 -25.70 35.29 -2.63
N GLY A 653 -25.44 36.09 -1.61
CA GLY A 653 -24.05 36.43 -1.27
C GLY A 653 -23.40 37.49 -2.14
N PHE A 654 -24.19 38.20 -2.95
CA PHE A 654 -23.75 39.38 -3.68
C PHE A 654 -23.16 40.34 -2.65
N PRO A 655 -22.05 41.03 -2.96
CA PRO A 655 -21.29 41.03 -4.20
C PRO A 655 -20.18 39.99 -4.21
N LEU A 656 -20.28 38.97 -3.36
CA LEU A 656 -19.25 37.94 -3.23
C LEU A 656 -19.74 36.55 -3.61
N ASP A 657 -20.44 36.46 -4.73
CA ASP A 657 -21.03 35.20 -5.18
C ASP A 657 -20.29 34.67 -6.39
N ARG A 658 -19.23 35.39 -6.79
CA ARG A 658 -18.36 35.02 -7.90
C ARG A 658 -16.92 35.50 -7.63
N PRO A 659 -15.93 35.09 -8.48
CA PRO A 659 -14.60 35.47 -8.04
C PRO A 659 -14.31 36.93 -8.30
N VAL A 660 -13.29 37.42 -7.61
CA VAL A 660 -13.06 38.84 -7.43
C VAL A 660 -11.65 39.18 -7.95
N VAL A 661 -11.50 40.36 -8.55
CA VAL A 661 -10.16 40.93 -8.76
C VAL A 661 -10.03 42.20 -7.89
N ASP A 662 -9.07 42.20 -6.97
CA ASP A 662 -8.92 43.27 -5.96
C ASP A 662 -9.03 44.71 -6.50
N ALA A 663 -8.32 45.00 -7.59
CA ALA A 663 -8.33 46.32 -8.19
C ALA A 663 -9.67 46.71 -8.83
N LEU A 664 -10.29 45.73 -9.50
CA LEU A 664 -11.59 45.94 -10.14
C LEU A 664 -12.75 46.05 -9.17
N PHE A 665 -12.47 45.87 -7.89
CA PHE A 665 -13.53 45.57 -6.92
C PHE A 665 -13.76 46.73 -5.97
N LYS A 666 -12.68 47.15 -5.32
CA LYS A 666 -12.71 48.24 -4.33
C LYS A 666 -13.44 49.47 -4.86
N VAL A 667 -14.41 49.93 -4.08
CA VAL A 667 -15.33 50.94 -4.51
C VAL A 667 -15.68 51.81 -3.31
N PRO A 668 -15.97 53.10 -3.52
CA PRO A 668 -16.20 53.92 -2.34
C PRO A 668 -17.38 53.55 -1.43
N ASN A 669 -18.35 52.79 -1.94
CA ASN A 669 -19.45 52.34 -1.09
C ASN A 669 -19.20 50.97 -0.50
N MET A 670 -17.94 50.56 -0.45
CA MET A 670 -17.54 49.42 0.37
C MET A 670 -16.58 49.88 1.45
N TYR A 671 -16.57 49.13 2.53
CA TYR A 671 -15.66 49.43 3.62
C TYR A 671 -15.24 48.13 4.33
N PHE A 672 -13.93 48.00 4.51
CA PHE A 672 -13.30 46.89 5.19
C PHE A 672 -12.78 47.38 6.50
N LYS A 673 -13.32 46.85 7.60
CA LYS A 673 -12.90 47.24 8.94
C LYS A 673 -12.32 46.07 9.71
N ASP A 674 -11.12 46.26 10.26
CA ASP A 674 -10.49 45.26 11.15
C ASP A 674 -11.13 45.21 12.52
N ILE A 675 -11.45 44.02 12.99
CA ILE A 675 -12.03 43.83 14.31
C ILE A 675 -11.37 42.67 15.06
N PHE A 676 -11.59 42.63 16.37
CA PHE A 676 -11.09 41.55 17.20
C PHE A 676 -12.20 40.92 18.03
N ILE A 677 -12.23 39.59 18.07
CA ILE A 677 -13.25 38.91 18.85
C ILE A 677 -12.65 38.39 20.16
N TYR A 678 -13.17 38.89 21.29
CA TYR A 678 -12.65 38.50 22.60
C TYR A 678 -13.41 37.34 23.20
N HIS A 679 -12.82 36.74 24.23
CA HIS A 679 -13.55 35.81 25.05
C HIS A 679 -13.50 36.22 26.50
N GLU A 680 -14.62 36.10 27.20
CA GLU A 680 -14.67 36.51 28.59
C GLU A 680 -15.08 35.33 29.45
N GLY A 681 -14.59 35.33 30.70
CA GLY A 681 -14.86 34.24 31.66
C GLY A 681 -14.20 32.92 31.29
N GLU A 682 -14.62 31.85 31.95
CA GLU A 682 -14.10 30.51 31.61
C GLU A 682 -13.94 30.26 30.12
N ARG A 683 -12.78 29.77 29.72
CA ARG A 683 -12.56 29.44 28.33
C ARG A 683 -12.95 27.99 27.96
N PHE A 684 -13.01 27.11 28.96
CA PHE A 684 -13.29 25.68 28.74
C PHE A 684 -14.64 25.27 29.33
N PRO A 685 -15.57 24.78 28.49
CA PRO A 685 -16.89 24.48 29.02
C PRO A 685 -16.93 23.55 30.23
N TYR A 686 -16.10 22.53 30.27
CA TYR A 686 -16.17 21.60 31.39
C TYR A 686 -15.99 22.32 32.74
N LYS A 687 -15.36 23.50 32.74
CA LYS A 687 -15.19 24.23 34.00
C LYS A 687 -16.52 24.70 34.54
N PHE A 688 -17.58 24.65 33.73
CA PHE A 688 -18.92 24.95 34.22
C PHE A 688 -19.54 23.72 34.89
N ASN A 689 -18.94 22.55 34.74
CA ASN A 689 -19.60 21.33 35.16
C ASN A 689 -18.99 20.56 36.35
N ILE A 690 -18.10 21.26 37.07
CA ILE A 690 -17.43 20.70 38.23
C ILE A 690 -18.37 20.82 39.42
N PRO A 691 -18.52 19.75 40.22
CA PRO A 691 -19.34 19.88 41.44
C PRO A 691 -18.54 20.64 42.46
N SER A 692 -19.20 21.46 43.25
CA SER A 692 -18.45 22.14 44.30
C SER A 692 -18.47 21.35 45.60
N TYR A 693 -17.38 21.45 46.34
CA TYR A 693 -17.07 20.53 47.41
C TYR A 693 -17.07 21.21 48.77
N GLU B 21 -28.88 -45.86 -24.15
CA GLU B 21 -29.82 -45.17 -23.20
C GLU B 21 -30.50 -43.93 -23.78
N PHE B 22 -30.13 -43.60 -25.01
CA PHE B 22 -30.32 -42.27 -25.57
C PHE B 22 -31.44 -42.16 -26.64
N LYS B 23 -32.09 -41.01 -26.69
CA LYS B 23 -33.08 -40.71 -27.71
C LYS B 23 -32.45 -40.79 -29.12
N THR B 24 -33.04 -41.58 -30.03
CA THR B 24 -32.57 -41.58 -31.44
C THR B 24 -33.49 -40.89 -32.46
N THR B 25 -32.90 -40.47 -33.58
CA THR B 25 -33.62 -39.87 -34.71
C THR B 25 -33.31 -40.71 -35.94
N PRO B 26 -34.34 -41.24 -36.60
CA PRO B 26 -34.08 -41.84 -37.90
C PRO B 26 -33.54 -40.83 -38.90
N VAL B 27 -32.66 -41.29 -39.76
CA VAL B 27 -31.88 -40.45 -40.63
C VAL B 27 -31.62 -41.18 -41.97
N ASP B 28 -31.80 -40.49 -43.09
CA ASP B 28 -31.75 -41.18 -44.38
C ASP B 28 -30.30 -41.38 -44.93
N ALA B 29 -30.14 -41.92 -46.14
CA ALA B 29 -28.80 -42.28 -46.68
C ALA B 29 -27.89 -41.09 -47.12
N ALA B 30 -28.48 -40.08 -47.74
CA ALA B 30 -27.80 -38.86 -48.19
C ALA B 30 -27.12 -38.18 -47.01
N PHE B 31 -27.84 -38.18 -45.91
CA PHE B 31 -27.44 -37.60 -44.65
C PHE B 31 -26.22 -38.32 -44.09
N VAL B 32 -26.31 -39.63 -43.94
CA VAL B 32 -25.19 -40.40 -43.46
C VAL B 32 -23.91 -40.12 -44.29
N GLU B 33 -24.00 -40.04 -45.64
CA GLU B 33 -22.81 -39.76 -46.45
C GLU B 33 -22.22 -38.43 -46.02
N LYS B 34 -23.08 -37.41 -45.94
CA LYS B 34 -22.63 -36.07 -45.55
C LYS B 34 -22.08 -35.96 -44.13
N GLN B 35 -22.81 -36.51 -43.15
CA GLN B 35 -22.41 -36.53 -41.73
C GLN B 35 -21.02 -37.16 -41.55
N LYS B 36 -20.81 -38.31 -42.20
CA LYS B 36 -19.52 -38.98 -42.19
C LYS B 36 -18.38 -38.11 -42.70
N LYS B 37 -18.55 -37.52 -43.88
CA LYS B 37 -17.57 -36.56 -44.40
C LYS B 37 -17.27 -35.49 -43.34
N ILE B 38 -18.32 -34.92 -42.77
CA ILE B 38 -18.13 -33.89 -41.75
C ILE B 38 -17.28 -34.40 -40.58
N LEU B 39 -17.66 -35.52 -39.98
CA LEU B 39 -16.98 -36.02 -38.80
C LEU B 39 -15.53 -36.39 -39.10
N SER B 40 -15.24 -36.77 -40.33
CA SER B 40 -13.91 -37.23 -40.69
C SER B 40 -12.83 -36.17 -40.56
N LEU B 41 -13.21 -34.91 -40.42
CA LEU B 41 -12.22 -33.85 -40.36
C LEU B 41 -11.75 -33.72 -38.91
N PHE B 42 -12.51 -34.32 -38.00
CA PHE B 42 -12.21 -34.26 -36.58
C PHE B 42 -11.34 -35.45 -36.15
N TYR B 43 -10.84 -36.24 -37.09
CA TYR B 43 -10.00 -37.39 -36.76
C TYR B 43 -8.50 -37.11 -36.83
N ASN B 44 -7.81 -37.29 -35.70
CA ASN B 44 -6.35 -37.12 -35.63
C ASN B 44 -5.99 -35.69 -35.99
N VAL B 45 -6.84 -34.80 -35.49
CA VAL B 45 -6.83 -33.37 -35.74
C VAL B 45 -5.42 -32.77 -35.86
N ASN B 46 -4.46 -33.46 -35.28
CA ASN B 46 -3.16 -32.87 -34.97
C ASN B 46 -2.05 -33.29 -35.93
N GLU B 47 -2.35 -34.24 -36.79
CA GLU B 47 -1.43 -34.65 -37.85
C GLU B 47 -2.19 -34.86 -39.15
N ILE B 48 -1.45 -35.17 -40.21
CA ILE B 48 -2.07 -35.30 -41.54
C ILE B 48 -1.82 -36.71 -42.04
N SER B 49 -2.88 -37.32 -42.56
CA SER B 49 -2.82 -38.64 -43.16
C SER B 49 -2.70 -38.52 -44.68
N TYR B 50 -1.52 -38.84 -45.20
CA TYR B 50 -1.23 -38.69 -46.62
C TYR B 50 -2.12 -39.55 -47.50
N GLU B 51 -2.78 -40.53 -46.89
CA GLU B 51 -3.60 -41.51 -47.60
C GLU B 51 -5.08 -41.31 -47.36
N ALA B 52 -5.44 -40.31 -46.55
CA ALA B 52 -6.86 -40.04 -46.31
C ALA B 52 -7.44 -39.20 -47.45
N GLU B 53 -8.74 -39.36 -47.67
CA GLU B 53 -9.52 -38.62 -48.68
C GLU B 53 -9.24 -37.13 -48.64
N TYR B 54 -9.40 -36.58 -47.44
CA TYR B 54 -9.37 -35.15 -47.23
C TYR B 54 -8.08 -34.56 -47.78
N TYR B 55 -7.01 -35.34 -47.66
CA TYR B 55 -5.71 -34.90 -48.11
C TYR B 55 -5.66 -34.78 -49.63
N LYS B 56 -6.17 -35.80 -50.34
CA LYS B 56 -6.14 -35.81 -51.79
C LYS B 56 -7.04 -34.70 -52.34
N VAL B 57 -8.27 -34.60 -51.85
CA VAL B 57 -9.15 -33.47 -52.17
C VAL B 57 -8.49 -32.10 -51.88
N ALA B 58 -7.72 -31.98 -50.80
CA ALA B 58 -7.04 -30.72 -50.49
C ALA B 58 -5.95 -30.38 -51.50
N GLN B 59 -5.30 -31.39 -52.01
CA GLN B 59 -4.23 -31.21 -52.95
C GLN B 59 -4.78 -30.88 -54.32
N ASP B 60 -5.89 -31.53 -54.67
CA ASP B 60 -6.58 -31.30 -55.93
C ASP B 60 -7.31 -29.95 -55.92
N PHE B 61 -7.30 -29.23 -54.79
CA PHE B 61 -8.11 -28.02 -54.70
C PHE B 61 -7.36 -26.76 -55.04
N ASN B 62 -7.53 -26.36 -56.29
CA ASN B 62 -7.09 -25.08 -56.79
C ASN B 62 -7.95 -23.97 -56.18
N ILE B 63 -7.46 -23.37 -55.10
CA ILE B 63 -8.18 -22.25 -54.48
C ILE B 63 -8.22 -21.05 -55.42
N GLU B 64 -7.17 -20.91 -56.23
CA GLU B 64 -6.97 -19.75 -57.13
C GLU B 64 -8.07 -19.63 -58.18
N ALA B 65 -8.38 -20.76 -58.81
CA ALA B 65 -9.25 -20.77 -59.97
C ALA B 65 -10.70 -21.10 -59.60
N SER B 66 -11.08 -20.93 -58.35
CA SER B 66 -12.46 -21.31 -58.01
C SER B 66 -13.24 -20.27 -57.24
N LYS B 67 -13.24 -19.05 -57.77
CA LYS B 67 -14.00 -17.92 -57.21
C LYS B 67 -15.50 -18.20 -57.23
N ASP B 68 -15.91 -19.01 -58.21
CA ASP B 68 -17.30 -19.33 -58.45
C ASP B 68 -17.79 -20.48 -57.55
N CYS B 69 -16.97 -20.87 -56.59
CA CYS B 69 -17.43 -21.79 -55.56
C CYS B 69 -18.15 -21.00 -54.44
N TYR B 70 -18.15 -19.67 -54.58
CA TYR B 70 -18.62 -18.79 -53.52
C TYR B 70 -19.65 -17.74 -53.90
N THR B 71 -20.59 -17.58 -52.98
CA THR B 71 -21.68 -16.62 -53.00
C THR B 71 -21.19 -15.18 -52.96
N ASN B 72 -20.18 -14.91 -52.13
CA ASN B 72 -19.67 -13.57 -51.87
C ASN B 72 -18.27 -13.36 -52.49
N MET B 73 -18.12 -12.43 -53.43
CA MET B 73 -16.84 -12.30 -54.13
C MET B 73 -15.86 -11.59 -53.23
N LYS B 74 -16.37 -10.61 -52.49
CA LYS B 74 -15.55 -9.81 -51.61
C LYS B 74 -14.86 -10.72 -50.60
N ALA B 75 -15.63 -11.59 -49.94
CA ALA B 75 -15.13 -12.57 -48.98
C ALA B 75 -14.05 -13.47 -49.57
N TYR B 76 -14.25 -13.86 -50.82
CA TYR B 76 -13.28 -14.70 -51.50
C TYR B 76 -11.95 -13.97 -51.65
N GLU B 77 -11.99 -12.81 -52.31
CA GLU B 77 -10.78 -12.02 -52.50
C GLU B 77 -10.13 -11.57 -51.19
N ASN B 78 -10.95 -11.26 -50.20
CA ASN B 78 -10.45 -10.90 -48.88
C ASN B 78 -9.54 -12.00 -48.34
N PHE B 79 -10.03 -13.24 -48.34
CA PHE B 79 -9.25 -14.38 -47.88
C PHE B 79 -7.94 -14.58 -48.67
N MET B 80 -8.03 -14.42 -49.99
CA MET B 80 -6.89 -14.56 -50.87
C MET B 80 -5.79 -13.55 -50.55
N MET B 81 -6.16 -12.29 -50.33
CA MET B 81 -5.17 -11.28 -50.01
C MET B 81 -4.41 -11.78 -48.79
N MET B 82 -5.17 -12.18 -47.77
CA MET B 82 -4.64 -12.67 -46.52
C MET B 82 -3.79 -13.92 -46.69
N TYR B 83 -4.25 -14.82 -47.54
CA TYR B 83 -3.56 -16.07 -47.70
C TYR B 83 -2.25 -15.90 -48.46
N LYS B 84 -2.20 -14.96 -49.39
CA LYS B 84 -0.94 -14.60 -50.07
C LYS B 84 0.12 -14.09 -49.08
N VAL B 85 -0.33 -13.36 -48.06
CA VAL B 85 0.50 -12.90 -46.96
C VAL B 85 0.94 -14.12 -46.14
N GLY B 86 0.01 -14.67 -45.34
CA GLY B 86 0.25 -15.90 -44.61
C GLY B 86 -0.58 -15.88 -43.37
N PHE B 87 -1.00 -17.05 -42.91
CA PHE B 87 -1.82 -17.20 -41.70
C PHE B 87 -1.01 -17.72 -40.50
N LEU B 88 -1.60 -17.66 -39.30
CA LEU B 88 -1.06 -18.35 -38.14
C LEU B 88 -0.52 -19.69 -38.61
N PRO B 89 0.78 -19.94 -38.35
CA PRO B 89 1.46 -21.20 -38.64
C PRO B 89 0.84 -22.36 -37.87
N LYS B 90 1.03 -23.57 -38.36
CA LYS B 90 0.53 -24.77 -37.72
C LYS B 90 1.16 -24.96 -36.33
N ASN B 91 0.45 -25.70 -35.47
CA ASN B 91 0.94 -26.05 -34.12
C ASN B 91 0.83 -24.98 -33.00
N LEU B 92 0.76 -23.70 -33.35
CA LEU B 92 0.67 -22.66 -32.32
C LEU B 92 -0.71 -22.59 -31.70
N GLU B 93 -0.83 -21.91 -30.58
CA GLU B 93 -2.11 -21.81 -29.92
C GLU B 93 -3.03 -20.83 -30.62
N PHE B 94 -4.26 -21.24 -30.87
CA PHE B 94 -5.21 -20.33 -31.43
C PHE B 94 -6.18 -19.82 -30.38
N SER B 95 -6.45 -18.52 -30.40
CA SER B 95 -7.44 -17.88 -29.52
C SER B 95 -8.11 -16.71 -30.23
N ILE B 96 -9.41 -16.66 -30.17
CA ILE B 96 -10.14 -15.64 -30.93
C ILE B 96 -10.04 -14.28 -30.23
N PHE B 97 -9.34 -14.24 -29.09
CA PHE B 97 -9.27 -12.99 -28.32
C PHE B 97 -8.12 -12.10 -28.78
N TYR B 98 -7.27 -12.60 -29.69
CA TYR B 98 -6.15 -11.81 -30.24
C TYR B 98 -6.46 -11.34 -31.64
N GLU B 99 -6.32 -10.04 -31.87
CA GLU B 99 -6.76 -9.38 -33.10
C GLU B 99 -6.42 -10.07 -34.44
N LYS B 100 -5.14 -10.21 -34.75
CA LYS B 100 -4.81 -10.76 -36.05
C LYS B 100 -5.35 -12.18 -36.22
N MET B 101 -5.31 -12.98 -35.17
CA MET B 101 -5.85 -14.34 -35.21
C MET B 101 -7.35 -14.33 -35.51
N ARG B 102 -8.09 -13.47 -34.80
CA ARG B 102 -9.53 -13.34 -35.00
C ARG B 102 -9.85 -12.99 -36.45
N GLU B 103 -9.14 -11.98 -36.99
CA GLU B 103 -9.39 -11.53 -38.35
C GLU B 103 -9.19 -12.65 -39.37
N GLU B 104 -8.28 -13.57 -39.06
CA GLU B 104 -7.96 -14.69 -39.94
C GLU B 104 -9.00 -15.79 -39.80
N ALA B 105 -9.43 -16.03 -38.58
CA ALA B 105 -10.48 -16.99 -38.34
C ALA B 105 -11.79 -16.52 -39.00
N ILE B 106 -12.11 -15.23 -38.88
CA ILE B 106 -13.31 -14.68 -39.50
C ILE B 106 -13.27 -14.80 -41.04
N ALA B 107 -12.09 -14.57 -41.63
CA ALA B 107 -11.96 -14.67 -43.06
C ALA B 107 -12.24 -16.11 -43.48
N LEU B 108 -11.71 -17.06 -42.71
CA LEU B 108 -11.88 -18.46 -43.07
C LEU B 108 -13.34 -18.88 -42.88
N PHE B 109 -13.98 -18.42 -41.81
CA PHE B 109 -15.42 -18.64 -41.63
C PHE B 109 -16.25 -18.04 -42.77
N LYS B 110 -15.90 -16.85 -43.22
CA LYS B 110 -16.61 -16.24 -44.32
C LYS B 110 -16.58 -17.19 -45.52
N LEU B 111 -15.40 -17.76 -45.78
CA LEU B 111 -15.22 -18.73 -46.85
C LEU B 111 -16.13 -19.94 -46.68
N PHE B 112 -16.12 -20.53 -45.47
CA PHE B 112 -16.94 -21.70 -45.25
C PHE B 112 -18.40 -21.34 -45.46
N TYR B 113 -18.81 -20.19 -44.93
CA TYR B 113 -20.22 -19.86 -44.87
C TYR B 113 -20.79 -19.49 -46.23
N TYR B 114 -19.95 -18.88 -47.09
CA TYR B 114 -20.41 -18.42 -48.39
C TYR B 114 -20.19 -19.46 -49.48
N ALA B 115 -19.79 -20.67 -49.09
CA ALA B 115 -19.62 -21.76 -50.05
C ALA B 115 -20.99 -22.06 -50.71
N LYS B 116 -21.04 -21.89 -52.02
CA LYS B 116 -22.20 -22.15 -52.85
C LYS B 116 -23.05 -23.36 -52.41
N ASP B 117 -22.40 -24.49 -52.16
CA ASP B 117 -23.11 -25.72 -51.77
C ASP B 117 -22.23 -26.61 -50.93
N PHE B 118 -22.75 -27.77 -50.55
CA PHE B 118 -22.00 -28.66 -49.65
C PHE B 118 -20.68 -29.17 -50.24
N GLU B 119 -20.66 -29.46 -51.53
CA GLU B 119 -19.39 -29.85 -52.15
C GLU B 119 -18.24 -28.83 -51.96
N CYS B 120 -18.51 -27.56 -52.26
CA CYS B 120 -17.48 -26.54 -52.21
C CYS B 120 -17.08 -26.35 -50.79
N PHE B 121 -18.03 -26.64 -49.90
CA PHE B 121 -17.82 -26.44 -48.50
C PHE B 121 -16.85 -27.50 -47.99
N TYR B 122 -17.16 -28.75 -48.29
CA TYR B 122 -16.23 -29.85 -48.04
C TYR B 122 -14.79 -29.61 -48.54
N LYS B 123 -14.64 -29.28 -49.83
CA LYS B 123 -13.33 -29.02 -50.40
C LYS B 123 -12.59 -27.95 -49.63
N THR B 124 -13.23 -26.81 -49.41
CA THR B 124 -12.60 -25.71 -48.68
C THR B 124 -12.11 -26.24 -47.34
N ALA B 125 -12.94 -27.04 -46.70
CA ALA B 125 -12.67 -27.56 -45.36
C ALA B 125 -11.45 -28.48 -45.39
N CYS B 126 -11.36 -29.32 -46.43
CA CYS B 126 -10.24 -30.24 -46.63
C CYS B 126 -8.98 -29.41 -46.83
N TYR B 127 -9.10 -28.44 -47.72
CA TYR B 127 -8.04 -27.50 -47.95
C TYR B 127 -7.52 -26.85 -46.66
N ALA B 128 -8.44 -26.36 -45.83
CA ALA B 128 -8.08 -25.69 -44.59
C ALA B 128 -7.49 -26.67 -43.58
N ARG B 129 -8.08 -27.85 -43.52
CA ARG B 129 -7.62 -28.87 -42.61
C ARG B 129 -6.17 -29.26 -42.90
N VAL B 130 -5.73 -29.09 -44.13
CA VAL B 130 -4.38 -29.47 -44.52
C VAL B 130 -3.39 -28.33 -44.37
N TYR B 131 -3.69 -27.16 -44.92
CA TYR B 131 -2.75 -26.04 -44.95
C TYR B 131 -2.83 -25.08 -43.76
N MET B 132 -3.69 -25.33 -42.78
CA MET B 132 -3.88 -24.30 -41.75
C MET B 132 -3.73 -24.75 -40.31
N ASN B 133 -3.45 -23.78 -39.45
CA ASN B 133 -3.45 -23.98 -38.01
C ASN B 133 -4.71 -24.74 -37.61
N GLN B 134 -4.49 -25.89 -37.02
CA GLN B 134 -5.56 -26.81 -36.67
C GLN B 134 -6.57 -26.23 -35.69
N GLY B 135 -6.11 -25.48 -34.70
CA GLY B 135 -7.00 -24.83 -33.76
C GLY B 135 -7.89 -23.82 -34.48
N MET B 136 -7.30 -23.13 -35.45
CA MET B 136 -8.03 -22.08 -36.15
C MET B 136 -9.06 -22.74 -37.06
N PHE B 137 -8.66 -23.85 -37.67
CA PHE B 137 -9.56 -24.61 -38.48
C PHE B 137 -10.74 -25.13 -37.68
N LEU B 138 -10.45 -25.78 -36.55
CA LEU B 138 -11.52 -26.35 -35.75
C LEU B 138 -12.52 -25.29 -35.32
N TYR B 139 -12.00 -24.18 -34.82
CA TYR B 139 -12.86 -23.04 -34.46
C TYR B 139 -13.81 -22.64 -35.60
N ALA B 140 -13.26 -22.41 -36.78
CA ALA B 140 -14.01 -21.90 -37.91
C ALA B 140 -14.94 -22.97 -38.43
N TYR B 141 -14.45 -24.19 -38.51
CA TYR B 141 -15.22 -25.30 -38.99
C TYR B 141 -16.42 -25.59 -38.08
N TYR B 142 -16.22 -25.57 -36.76
CA TYR B 142 -17.35 -25.78 -35.84
C TYR B 142 -18.47 -24.81 -36.17
N ILE B 143 -18.09 -23.55 -36.14
CA ILE B 143 -19.04 -22.50 -36.26
C ILE B 143 -19.80 -22.64 -37.61
N ALA B 144 -19.05 -22.82 -38.71
CA ALA B 144 -19.61 -23.00 -40.06
C ALA B 144 -20.70 -24.06 -40.16
N ILE B 145 -20.46 -25.21 -39.56
CA ILE B 145 -21.45 -26.27 -39.51
C ILE B 145 -22.72 -25.87 -38.77
N ILE B 146 -22.58 -25.15 -37.67
CA ILE B 146 -23.71 -24.70 -36.90
C ILE B 146 -24.49 -23.61 -37.66
N GLN B 147 -23.77 -22.79 -38.43
CA GLN B 147 -24.40 -21.63 -39.03
C GLN B 147 -24.96 -21.84 -40.44
N ARG B 148 -24.30 -22.66 -41.24
CA ARG B 148 -24.78 -22.94 -42.60
C ARG B 148 -26.13 -23.65 -42.62
N SER B 149 -27.15 -23.02 -43.19
CA SER B 149 -28.50 -23.61 -43.21
C SER B 149 -28.61 -25.02 -43.84
N ASP B 150 -27.70 -25.39 -44.74
CA ASP B 150 -27.64 -26.75 -45.30
C ASP B 150 -26.91 -27.75 -44.39
N THR B 151 -26.31 -27.24 -43.32
CA THR B 151 -25.70 -28.12 -42.35
C THR B 151 -26.44 -28.04 -41.00
N ALA B 152 -27.48 -27.22 -40.92
CA ALA B 152 -28.12 -26.88 -39.64
C ALA B 152 -28.40 -28.10 -38.78
N SER B 153 -28.93 -29.15 -39.41
CA SER B 153 -29.31 -30.39 -38.73
C SER B 153 -28.20 -31.42 -38.34
N PHE B 154 -27.01 -31.32 -38.93
CA PHE B 154 -25.94 -32.29 -38.68
C PHE B 154 -25.31 -32.18 -37.31
N VAL B 155 -24.67 -33.26 -36.87
CA VAL B 155 -24.15 -33.38 -35.52
C VAL B 155 -22.63 -33.17 -35.42
N LEU B 156 -22.16 -32.80 -34.24
CA LEU B 156 -20.76 -32.50 -34.00
C LEU B 156 -20.22 -33.28 -32.83
N PRO B 157 -18.93 -33.67 -32.89
CA PRO B 157 -18.35 -34.31 -31.73
C PRO B 157 -18.33 -33.31 -30.56
N ALA B 158 -18.48 -33.82 -29.36
CA ALA B 158 -18.36 -33.00 -28.18
C ALA B 158 -17.01 -32.31 -28.19
N PRO B 159 -16.94 -31.04 -27.69
CA PRO B 159 -15.67 -30.26 -27.63
C PRO B 159 -14.49 -30.99 -26.95
N TYR B 160 -14.78 -31.88 -26.00
CA TYR B 160 -13.74 -32.60 -25.26
C TYR B 160 -13.07 -33.74 -26.06
N GLU B 161 -13.72 -34.14 -27.13
CA GLU B 161 -13.19 -35.12 -28.03
C GLU B 161 -12.41 -34.47 -29.16
N ALA B 162 -12.75 -33.23 -29.48
CA ALA B 162 -12.02 -32.48 -30.50
C ALA B 162 -10.80 -31.72 -29.94
N TYR B 163 -10.90 -31.23 -28.70
CA TYR B 163 -9.82 -30.50 -28.05
C TYR B 163 -9.45 -31.08 -26.70
N PRO B 164 -8.99 -32.33 -26.64
CA PRO B 164 -8.94 -32.91 -25.31
C PRO B 164 -7.87 -32.29 -24.39
N GLN B 165 -6.87 -31.63 -24.99
CA GLN B 165 -5.87 -30.86 -24.24
C GLN B 165 -6.51 -29.74 -23.38
N TYR B 166 -7.77 -29.38 -23.67
CA TYR B 166 -8.41 -28.34 -22.87
C TYR B 166 -9.34 -28.95 -21.84
N PHE B 167 -9.44 -30.27 -21.80
CA PHE B 167 -10.33 -30.90 -20.84
C PHE B 167 -9.62 -31.95 -19.99
N VAL B 168 -8.31 -32.12 -20.20
CA VAL B 168 -7.50 -33.13 -19.49
C VAL B 168 -6.47 -32.41 -18.61
N ASN B 169 -6.48 -32.68 -17.30
CA ASN B 169 -5.39 -32.26 -16.44
C ASN B 169 -4.08 -32.95 -16.82
N MET B 170 -3.00 -32.20 -16.69
CA MET B 170 -1.67 -32.57 -17.16
C MET B 170 -1.20 -33.98 -16.77
N GLU B 171 -1.47 -34.39 -15.54
CA GLU B 171 -1.07 -35.69 -15.06
C GLU B 171 -1.60 -36.80 -15.97
N VAL B 172 -2.88 -36.70 -16.33
CA VAL B 172 -3.49 -37.66 -17.23
C VAL B 172 -2.85 -37.58 -18.61
N LYS B 173 -2.67 -36.39 -19.14
CA LYS B 173 -2.08 -36.22 -20.49
C LYS B 173 -0.72 -36.90 -20.60
N ASN B 174 0.07 -36.78 -19.54
CA ASN B 174 1.39 -37.34 -19.49
C ASN B 174 1.32 -38.85 -19.35
N LYS B 175 0.39 -39.34 -18.53
CA LYS B 175 0.19 -40.78 -18.42
C LYS B 175 -0.06 -41.40 -19.80
N MET B 176 -0.85 -40.73 -20.63
CA MET B 176 -1.14 -41.18 -21.98
C MET B 176 0.04 -41.07 -22.92
N ASP B 177 0.75 -39.95 -22.82
CA ASP B 177 1.90 -39.72 -23.67
C ASP B 177 2.96 -40.80 -23.46
N TYR B 178 3.16 -41.20 -22.21
CA TYR B 178 4.17 -42.18 -21.90
C TYR B 178 3.72 -43.58 -22.26
N VAL B 179 2.42 -43.84 -22.18
CA VAL B 179 1.91 -45.11 -22.67
C VAL B 179 2.08 -45.28 -24.20
N LYS B 180 1.82 -44.21 -24.95
CA LYS B 180 2.06 -44.21 -26.39
C LYS B 180 3.54 -44.48 -26.71
N MET B 181 4.43 -43.73 -26.07
CA MET B 181 5.89 -43.86 -26.29
C MET B 181 6.37 -45.26 -25.97
N MET B 182 5.70 -45.91 -25.03
CA MET B 182 6.03 -47.25 -24.59
C MET B 182 5.40 -48.30 -25.48
N ASP B 183 4.47 -47.86 -26.32
CA ASP B 183 3.67 -48.78 -27.11
C ASP B 183 2.91 -49.75 -26.21
N GLY B 184 2.29 -49.25 -25.15
CA GLY B 184 1.44 -50.09 -24.31
C GLY B 184 1.99 -50.27 -22.93
N CYS B 185 1.36 -51.14 -22.14
CA CYS B 185 1.79 -51.34 -20.77
C CYS B 185 2.89 -52.37 -20.67
N LEU B 186 4.03 -51.94 -20.11
CA LEU B 186 5.10 -52.87 -19.79
C LEU B 186 4.54 -53.98 -18.91
N ASP B 187 3.98 -53.59 -17.76
CA ASP B 187 3.41 -54.54 -16.81
C ASP B 187 2.01 -54.08 -16.36
N GLU B 188 0.98 -54.88 -16.63
CA GLU B 188 -0.39 -54.51 -16.28
C GLU B 188 -0.54 -54.00 -14.84
N LYS B 189 0.22 -54.59 -13.92
CA LYS B 189 0.03 -54.32 -12.49
C LYS B 189 0.63 -53.04 -11.94
N ILE B 190 1.79 -52.61 -12.46
CA ILE B 190 2.23 -51.22 -12.22
C ILE B 190 1.19 -50.28 -12.83
N CYS B 191 0.90 -50.46 -14.11
CA CYS B 191 -0.09 -49.65 -14.81
C CYS B 191 -1.37 -49.53 -13.98
N TYR B 192 -1.86 -50.65 -13.43
CA TYR B 192 -3.12 -50.63 -12.70
C TYR B 192 -3.09 -49.65 -11.55
N ASN B 193 -1.99 -49.71 -10.80
CA ASN B 193 -1.83 -48.87 -9.64
C ASN B 193 -1.77 -47.40 -9.98
N TYR B 194 -1.52 -47.09 -11.25
CA TYR B 194 -1.51 -45.72 -11.76
C TYR B 194 -2.80 -45.36 -12.44
N GLY B 195 -3.82 -46.20 -12.29
CA GLY B 195 -5.11 -45.94 -12.91
C GLY B 195 -5.13 -46.12 -14.42
N ILE B 196 -4.32 -47.03 -14.92
CA ILE B 196 -4.27 -47.35 -16.34
C ILE B 196 -4.68 -48.80 -16.56
N ILE B 197 -5.62 -49.01 -17.47
CA ILE B 197 -6.26 -50.30 -17.65
C ILE B 197 -6.48 -50.55 -19.13
N LYS B 198 -6.40 -51.83 -19.53
CA LYS B 198 -6.82 -52.29 -20.85
C LYS B 198 -8.25 -52.79 -20.88
N GLU B 199 -9.03 -52.33 -21.85
CA GLU B 199 -10.42 -52.74 -22.00
C GLU B 199 -10.78 -52.79 -23.48
N ASN B 200 -11.06 -54.00 -23.96
CA ASN B 200 -11.39 -54.25 -25.37
C ASN B 200 -10.28 -53.71 -26.24
N GLU B 201 -9.04 -53.98 -25.84
CA GLU B 201 -7.87 -53.41 -26.53
C GLU B 201 -7.96 -51.88 -26.67
N GLN B 202 -8.44 -51.21 -25.63
CA GLN B 202 -8.39 -49.74 -25.54
C GLN B 202 -7.83 -49.39 -24.16
N PHE B 203 -7.07 -48.31 -24.06
CA PHE B 203 -6.57 -47.87 -22.75
C PHE B 203 -7.56 -46.92 -22.05
N VAL B 204 -7.80 -47.18 -20.77
CA VAL B 204 -8.64 -46.31 -19.93
C VAL B 204 -7.78 -45.71 -18.82
N MET B 205 -7.71 -44.38 -18.79
CA MET B 205 -6.99 -43.69 -17.75
C MET B 205 -7.97 -43.04 -16.79
N TYR B 206 -7.89 -43.38 -15.51
CA TYR B 206 -8.73 -42.78 -14.48
C TYR B 206 -8.22 -41.40 -14.09
N ALA B 207 -9.13 -40.46 -13.92
CA ALA B 207 -8.73 -39.06 -13.69
C ALA B 207 -9.41 -38.47 -12.48
N ASN B 208 -8.60 -37.89 -11.60
CA ASN B 208 -9.05 -37.13 -10.45
C ASN B 208 -9.29 -35.68 -10.85
N TYR B 209 -10.14 -34.97 -10.13
CA TYR B 209 -10.21 -33.50 -10.24
C TYR B 209 -9.02 -32.91 -9.51
N SER B 210 -8.61 -31.72 -9.87
CA SER B 210 -7.37 -31.21 -9.30
C SER B 210 -7.44 -30.87 -7.83
N ASN B 211 -6.31 -31.01 -7.13
CA ASN B 211 -6.22 -30.77 -5.66
C ASN B 211 -5.81 -29.32 -5.30
N SER B 212 -5.58 -29.03 -4.01
CA SER B 212 -5.37 -27.64 -3.55
C SER B 212 -4.12 -27.04 -4.21
N LEU B 213 -3.45 -27.88 -4.99
CA LEU B 213 -2.24 -27.50 -5.70
C LEU B 213 -2.60 -26.75 -7.02
N THR B 214 -3.86 -26.84 -7.42
CA THR B 214 -4.45 -26.20 -8.61
C THR B 214 -5.36 -24.95 -8.29
N TYR B 215 -6.18 -25.11 -7.23
CA TYR B 215 -6.95 -24.03 -6.63
C TYR B 215 -6.41 -23.97 -5.19
N PRO B 216 -5.39 -23.15 -4.92
CA PRO B 216 -4.80 -23.04 -3.55
C PRO B 216 -5.71 -22.33 -2.51
N ASN B 217 -6.97 -22.75 -2.43
CA ASN B 217 -8.01 -22.08 -1.67
C ASN B 217 -9.31 -22.85 -1.62
N ASN B 218 -10.34 -22.23 -1.04
CA ASN B 218 -11.69 -22.78 -0.93
C ASN B 218 -12.40 -23.16 -2.21
N GLU B 219 -12.07 -22.47 -3.29
CA GLU B 219 -12.67 -22.76 -4.59
C GLU B 219 -12.40 -24.20 -5.11
N ASP B 220 -11.51 -24.90 -4.41
CA ASP B 220 -11.25 -26.29 -4.73
C ASP B 220 -12.37 -27.19 -4.25
N ARG B 221 -13.18 -26.72 -3.31
CA ARG B 221 -14.37 -27.45 -2.88
C ARG B 221 -15.25 -27.80 -4.09
N ILE B 222 -15.13 -27.02 -5.17
CA ILE B 222 -16.11 -27.00 -6.26
C ILE B 222 -15.53 -27.53 -7.57
N ALA B 223 -14.31 -28.05 -7.52
CA ALA B 223 -13.58 -28.35 -8.73
C ALA B 223 -14.39 -29.34 -9.56
N TYR B 224 -15.20 -30.16 -8.90
CA TYR B 224 -16.03 -31.13 -9.62
C TYR B 224 -17.13 -30.48 -10.50
N LEU B 225 -17.46 -29.21 -10.30
CA LEU B 225 -18.36 -28.53 -11.24
C LEU B 225 -17.55 -27.72 -12.26
N THR B 226 -16.60 -26.95 -11.76
CA THR B 226 -15.82 -26.04 -12.60
C THR B 226 -14.93 -26.76 -13.59
N GLU B 227 -14.52 -27.99 -13.30
CA GLU B 227 -13.65 -28.69 -14.21
C GLU B 227 -14.49 -29.63 -15.09
N ASP B 228 -15.69 -29.92 -14.60
CA ASP B 228 -16.60 -30.76 -15.35
C ASP B 228 -16.58 -30.47 -16.86
N VAL B 229 -16.57 -31.53 -17.66
CA VAL B 229 -16.37 -31.42 -19.10
C VAL B 229 -17.66 -30.96 -19.83
N GLY B 230 -18.80 -31.35 -19.28
CA GLY B 230 -20.08 -30.93 -19.81
C GLY B 230 -20.15 -29.43 -19.68
N LEU B 231 -19.85 -28.94 -18.48
CA LEU B 231 -20.02 -27.52 -18.22
C LEU B 231 -19.13 -26.66 -19.09
N ASN B 232 -17.92 -27.11 -19.31
CA ASN B 232 -17.01 -26.40 -20.16
C ASN B 232 -17.40 -26.48 -21.64
N ALA B 233 -17.87 -27.64 -22.07
CA ALA B 233 -18.38 -27.79 -23.43
C ALA B 233 -19.53 -26.84 -23.66
N TYR B 234 -20.42 -26.76 -22.67
CA TYR B 234 -21.64 -25.99 -22.76
C TYR B 234 -21.31 -24.57 -23.16
N TYR B 235 -20.29 -24.01 -22.51
CA TYR B 235 -19.85 -22.65 -22.75
C TYR B 235 -19.25 -22.49 -24.14
N TYR B 236 -18.48 -23.48 -24.57
CA TYR B 236 -17.96 -23.48 -25.92
C TYR B 236 -19.10 -23.47 -26.99
N TYR B 237 -20.13 -24.25 -26.71
CA TYR B 237 -21.29 -24.35 -27.55
C TYR B 237 -22.08 -23.06 -27.63
N PHE B 238 -22.23 -22.39 -26.51
CA PHE B 238 -22.94 -21.13 -26.47
C PHE B 238 -22.23 -20.05 -27.28
N HIS B 239 -20.91 -20.03 -27.24
CA HIS B 239 -20.18 -19.11 -28.08
C HIS B 239 -20.35 -19.38 -29.59
N SER B 240 -20.12 -20.64 -29.98
CA SER B 240 -20.19 -21.03 -31.39
C SER B 240 -21.57 -20.86 -32.02
N HIS B 241 -22.61 -20.87 -31.19
CA HIS B 241 -23.97 -20.72 -31.69
C HIS B 241 -24.28 -19.31 -32.10
N LEU B 242 -23.62 -18.35 -31.45
CA LEU B 242 -23.62 -16.94 -31.88
C LEU B 242 -22.41 -16.17 -31.36
N PRO B 243 -21.33 -16.10 -32.16
CA PRO B 243 -20.09 -15.46 -31.76
C PRO B 243 -20.25 -13.95 -31.66
N PHE B 244 -19.66 -13.37 -30.62
CA PHE B 244 -19.71 -11.93 -30.45
C PHE B 244 -19.33 -11.13 -31.70
N TRP B 245 -18.42 -11.64 -32.51
CA TRP B 245 -17.92 -10.86 -33.65
C TRP B 245 -18.85 -10.88 -34.84
N TRP B 246 -19.94 -11.62 -34.74
CA TRP B 246 -20.85 -11.73 -35.85
C TRP B 246 -22.21 -11.18 -35.50
N ASN B 247 -22.67 -10.28 -36.38
CA ASN B 247 -24.04 -10.06 -36.79
C ASN B 247 -25.02 -11.11 -36.26
N SER B 248 -26.24 -10.72 -35.92
CA SER B 248 -27.24 -11.75 -35.66
C SER B 248 -28.42 -11.76 -36.66
N GLY B 249 -28.24 -11.06 -37.79
CA GLY B 249 -29.30 -10.88 -38.79
C GLY B 249 -29.77 -12.16 -39.44
N LYS B 250 -28.97 -13.21 -39.34
CA LYS B 250 -29.35 -14.54 -39.78
C LYS B 250 -30.56 -15.06 -39.01
N TYR B 251 -30.76 -14.58 -37.78
CA TYR B 251 -31.90 -15.04 -36.99
C TYR B 251 -33.07 -14.06 -36.97
N GLY B 252 -33.05 -13.12 -37.91
CA GLY B 252 -34.09 -12.13 -38.08
C GLY B 252 -34.61 -11.53 -36.79
N ALA B 253 -35.87 -11.84 -36.46
CA ALA B 253 -36.58 -11.25 -35.32
C ALA B 253 -35.83 -11.37 -33.97
N PHE B 254 -34.94 -12.36 -33.86
CA PHE B 254 -34.12 -12.55 -32.67
C PHE B 254 -33.11 -11.42 -32.42
N LYS B 255 -32.59 -10.84 -33.49
CA LYS B 255 -31.64 -9.73 -33.39
C LYS B 255 -32.08 -8.66 -32.39
N GLU B 256 -33.37 -8.36 -32.33
CA GLU B 256 -33.87 -7.35 -31.41
C GLU B 256 -33.78 -7.82 -29.95
N ARG B 257 -33.36 -9.07 -29.71
CA ARG B 257 -33.31 -9.63 -28.34
C ARG B 257 -31.92 -10.22 -27.97
N ARG B 258 -30.88 -9.79 -28.66
CA ARG B 258 -29.60 -10.42 -28.53
C ARG B 258 -29.01 -10.14 -27.15
N GLY B 259 -29.18 -8.91 -26.66
CA GLY B 259 -28.68 -8.53 -25.35
C GLY B 259 -29.43 -9.19 -24.22
N GLU B 260 -30.69 -9.49 -24.49
CA GLU B 260 -31.51 -10.15 -23.53
C GLU B 260 -30.96 -11.57 -23.36
N ILE B 261 -30.67 -12.24 -24.46
CA ILE B 261 -30.08 -13.56 -24.42
C ILE B 261 -28.75 -13.63 -23.67
N TYR B 262 -27.93 -12.60 -23.87
CA TYR B 262 -26.61 -12.47 -23.23
C TYR B 262 -26.74 -12.37 -21.70
N PHE B 263 -27.64 -11.51 -21.23
CA PHE B 263 -27.91 -11.43 -19.81
C PHE B 263 -28.35 -12.78 -19.24
N PHE B 264 -29.49 -13.25 -19.73
CA PHE B 264 -30.08 -14.51 -19.32
C PHE B 264 -29.03 -15.65 -19.23
N PHE B 265 -28.19 -15.79 -20.24
CA PHE B 265 -27.22 -16.86 -20.21
C PHE B 265 -26.34 -16.77 -18.96
N TYR B 266 -25.71 -15.61 -18.72
CA TYR B 266 -24.84 -15.46 -17.54
C TYR B 266 -25.58 -15.47 -16.24
N GLN B 267 -26.78 -14.87 -16.20
CA GLN B 267 -27.54 -14.85 -14.96
C GLN B 267 -27.85 -16.29 -14.54
N GLN B 268 -28.32 -17.11 -15.49
CA GLN B 268 -28.67 -18.50 -15.21
C GLN B 268 -27.46 -19.27 -14.72
N LEU B 269 -26.35 -19.09 -15.43
CA LEU B 269 -25.13 -19.77 -15.15
C LEU B 269 -24.67 -19.44 -13.75
N LEU B 270 -24.70 -18.16 -13.40
CA LEU B 270 -24.17 -17.77 -12.11
C LEU B 270 -25.10 -18.25 -10.99
N ALA B 271 -26.41 -18.28 -11.27
CA ALA B 271 -27.39 -18.79 -10.32
C ALA B 271 -27.14 -20.26 -10.05
N ARG B 272 -26.95 -21.03 -11.11
CA ARG B 272 -26.55 -22.44 -10.97
C ARG B 272 -25.25 -22.62 -10.16
N TYR B 273 -24.31 -21.71 -10.37
CA TYR B 273 -23.01 -21.86 -9.78
C TYR B 273 -23.10 -21.51 -8.31
N TYR B 274 -23.91 -20.52 -7.97
CA TYR B 274 -24.07 -20.10 -6.60
C TYR B 274 -24.72 -21.19 -5.73
N MET B 275 -25.59 -21.98 -6.36
CA MET B 275 -26.21 -23.11 -5.71
C MET B 275 -25.20 -24.14 -5.33
N GLU B 276 -24.19 -24.34 -6.17
CA GLU B 276 -23.11 -25.30 -5.86
C GLU B 276 -22.27 -24.79 -4.70
N ARG B 277 -21.94 -23.50 -4.71
CA ARG B 277 -21.35 -22.84 -3.56
C ARG B 277 -22.10 -23.10 -2.22
N LEU B 278 -23.40 -22.79 -2.21
CA LEU B 278 -24.20 -22.95 -1.01
C LEU B 278 -24.16 -24.36 -0.44
N THR B 279 -24.20 -25.36 -1.30
CA THR B 279 -24.16 -26.73 -0.81
C THR B 279 -22.74 -27.15 -0.34
N ASN B 280 -21.72 -26.41 -0.75
CA ASN B 280 -20.37 -26.66 -0.26
C ASN B 280 -19.93 -25.62 0.79
N GLY B 281 -20.87 -24.97 1.46
CA GLY B 281 -20.57 -23.99 2.50
C GLY B 281 -19.82 -22.72 2.11
N LEU B 282 -20.02 -22.21 0.89
CA LEU B 282 -19.18 -21.12 0.33
C LEU B 282 -19.66 -19.68 0.19
N GLY B 283 -20.96 -19.40 0.26
CA GLY B 283 -21.42 -18.00 0.13
C GLY B 283 -21.31 -17.24 -1.19
N LYS B 284 -21.62 -15.93 -1.16
CA LYS B 284 -21.53 -14.98 -2.29
C LYS B 284 -20.25 -15.07 -3.10
N ILE B 285 -20.39 -14.89 -4.41
CA ILE B 285 -19.24 -14.68 -5.30
C ILE B 285 -18.51 -13.39 -4.88
N PRO B 286 -17.22 -13.50 -4.55
CA PRO B 286 -16.55 -12.23 -4.16
C PRO B 286 -16.60 -11.15 -5.26
N GLU B 287 -16.69 -9.89 -4.83
CA GLU B 287 -16.60 -8.72 -5.69
C GLU B 287 -15.17 -8.30 -5.73
N PHE B 288 -14.75 -7.61 -6.79
CA PHE B 288 -13.36 -7.13 -6.87
C PHE B 288 -13.20 -5.69 -7.38
N SER B 289 -11.96 -5.24 -7.44
CA SER B 289 -11.64 -3.91 -7.91
C SER B 289 -10.38 -3.98 -8.79
N TRP B 290 -10.40 -3.29 -9.93
CA TRP B 290 -9.22 -3.26 -10.78
C TRP B 290 -8.04 -2.63 -10.07
N TYR B 291 -8.29 -1.87 -9.03
CA TYR B 291 -7.17 -1.20 -8.40
C TYR B 291 -6.75 -1.89 -7.13
N SER B 292 -7.16 -3.14 -6.93
CA SER B 292 -6.79 -3.85 -5.70
C SER B 292 -6.44 -5.28 -6.00
N PRO B 293 -5.78 -5.96 -5.03
CA PRO B 293 -5.42 -7.36 -5.24
C PRO B 293 -6.64 -8.27 -5.29
N LEU B 294 -6.60 -9.25 -6.17
CA LEU B 294 -7.64 -10.24 -6.28
C LEU B 294 -7.29 -11.43 -5.38
N ARG B 295 -8.18 -11.76 -4.45
CA ARG B 295 -7.91 -12.77 -3.46
C ARG B 295 -7.62 -14.14 -4.05
N THR B 296 -8.45 -14.58 -5.00
CA THR B 296 -8.42 -16.00 -5.31
C THR B 296 -7.68 -16.40 -6.58
N GLY B 297 -6.57 -17.09 -6.39
CA GLY B 297 -5.71 -17.48 -7.46
C GLY B 297 -6.16 -18.71 -8.21
N TYR B 298 -5.49 -18.97 -9.31
CA TYR B 298 -5.75 -20.12 -10.14
C TYR B 298 -4.44 -20.59 -10.76
N LEU B 299 -4.16 -21.89 -10.62
CA LEU B 299 -3.02 -22.54 -11.27
C LEU B 299 -3.42 -23.66 -12.22
N PRO B 300 -3.50 -23.38 -13.53
CA PRO B 300 -4.00 -24.44 -14.43
C PRO B 300 -2.93 -25.49 -14.78
N PRO B 301 -3.27 -26.81 -14.69
CA PRO B 301 -2.49 -27.88 -15.34
C PRO B 301 -2.77 -27.98 -16.83
N PHE B 302 -2.34 -26.98 -17.58
CA PHE B 302 -2.43 -27.00 -19.01
C PHE B 302 -1.18 -26.33 -19.56
N ASN B 303 -0.74 -26.80 -20.72
CA ASN B 303 0.34 -26.15 -21.44
C ASN B 303 0.11 -26.19 -22.94
N SER B 304 0.76 -25.28 -23.63
CA SER B 304 0.72 -25.23 -25.08
C SER B 304 2.05 -25.72 -25.64
N PHE B 305 2.59 -26.82 -25.17
CA PHE B 305 3.77 -27.36 -25.85
C PHE B 305 4.80 -26.23 -26.22
N TYR B 306 4.85 -25.15 -25.44
CA TYR B 306 5.62 -23.95 -25.80
C TYR B 306 5.73 -23.07 -24.55
N TYR B 307 4.56 -22.67 -24.05
CA TYR B 307 4.41 -22.09 -22.71
C TYR B 307 3.49 -22.97 -21.88
N PRO B 308 3.78 -23.10 -20.58
CA PRO B 308 2.71 -23.57 -19.70
C PRO B 308 1.63 -22.47 -19.53
N PHE B 309 0.40 -22.85 -19.21
CA PHE B 309 -0.59 -21.84 -18.84
C PHE B 309 -0.10 -20.94 -17.69
N ALA B 310 -0.26 -19.64 -17.91
CA ALA B 310 -0.07 -18.57 -16.92
C ALA B 310 -0.79 -18.88 -15.59
N GLN B 311 -0.08 -18.70 -14.50
CA GLN B 311 -0.67 -18.86 -13.18
C GLN B 311 -1.06 -17.52 -12.54
N ARG B 312 -2.08 -17.53 -11.69
CA ARG B 312 -2.44 -16.34 -10.95
C ARG B 312 -2.37 -16.68 -9.51
N SER B 313 -1.43 -16.08 -8.78
CA SER B 313 -1.29 -16.35 -7.36
C SER B 313 -2.43 -15.78 -6.53
N ASN B 314 -2.46 -16.07 -5.24
CA ASN B 314 -3.48 -15.54 -4.38
C ASN B 314 -3.09 -14.11 -4.11
N ASP B 315 -4.05 -13.18 -4.07
CA ASP B 315 -3.77 -11.77 -3.72
C ASP B 315 -2.88 -11.11 -4.77
N TYR B 316 -3.19 -11.39 -6.03
CA TYR B 316 -2.46 -10.87 -7.16
C TYR B 316 -2.92 -9.45 -7.43
N GLU B 317 -1.96 -8.54 -7.51
CA GLU B 317 -2.24 -7.13 -7.77
C GLU B 317 -2.58 -6.91 -9.25
N LEU B 318 -3.84 -6.60 -9.53
CA LEU B 318 -4.27 -6.30 -10.91
C LEU B 318 -3.62 -5.06 -11.48
N HIS B 319 -3.42 -4.06 -10.63
CA HIS B 319 -2.96 -2.76 -11.10
C HIS B 319 -1.43 -2.68 -11.05
N THR B 320 -0.74 -3.43 -11.90
CA THR B 320 0.74 -3.30 -11.96
C THR B 320 1.05 -2.71 -13.32
N GLU B 321 2.29 -2.23 -13.49
CA GLU B 321 2.67 -1.45 -14.66
C GLU B 321 2.15 -1.98 -16.00
N LYS B 322 2.30 -3.28 -16.23
CA LYS B 322 1.86 -3.83 -17.48
C LYS B 322 0.35 -3.80 -17.67
N ASN B 323 -0.40 -3.49 -16.62
CA ASN B 323 -1.83 -3.35 -16.75
C ASN B 323 -2.39 -1.95 -16.70
N TYR B 324 -1.56 -0.96 -16.38
CA TYR B 324 -2.00 0.43 -16.32
C TYR B 324 -2.93 0.79 -17.48
N GLU B 325 -2.56 0.43 -18.70
CA GLU B 325 -3.27 0.92 -19.87
C GLU B 325 -4.61 0.23 -20.00
N GLU B 326 -4.64 -1.08 -19.80
CA GLU B 326 -5.86 -1.88 -19.95
C GLU B 326 -6.90 -1.54 -18.89
N ILE B 327 -6.43 -1.29 -17.65
CA ILE B 327 -7.30 -0.88 -16.54
C ILE B 327 -7.95 0.45 -16.81
N ARG B 328 -7.18 1.36 -17.42
CA ARG B 328 -7.73 2.65 -17.83
C ARG B 328 -8.92 2.43 -18.73
N PHE B 329 -8.73 1.60 -19.76
CA PHE B 329 -9.79 1.20 -20.67
C PHE B 329 -11.01 0.57 -19.98
N LEU B 330 -10.78 -0.44 -19.16
CA LEU B 330 -11.86 -1.11 -18.46
C LEU B 330 -12.58 -0.15 -17.53
N ASP B 331 -11.83 0.78 -16.96
CA ASP B 331 -12.41 1.70 -16.00
C ASP B 331 -13.41 2.66 -16.65
N ILE B 332 -13.12 3.16 -17.87
CA ILE B 332 -14.05 4.09 -18.47
C ILE B 332 -15.20 3.37 -19.09
N TYR B 333 -14.91 2.18 -19.59
CA TYR B 333 -15.94 1.37 -20.17
C TYR B 333 -17.05 1.17 -19.13
N GLU B 334 -16.66 0.87 -17.89
CA GLU B 334 -17.61 0.79 -16.76
C GLU B 334 -18.26 2.13 -16.44
N LYS B 335 -17.45 3.17 -16.34
CA LYS B 335 -18.00 4.45 -15.91
C LYS B 335 -18.92 5.10 -16.93
N THR B 336 -18.65 4.86 -18.21
CA THR B 336 -19.57 5.24 -19.28
C THR B 336 -20.96 4.68 -19.02
N PHE B 337 -21.01 3.38 -18.68
CA PHE B 337 -22.25 2.74 -18.22
C PHE B 337 -22.96 3.46 -17.03
N PHE B 338 -22.21 3.77 -15.96
CA PHE B 338 -22.77 4.56 -14.85
C PHE B 338 -23.40 5.86 -15.34
N GLN B 339 -22.68 6.58 -16.18
CA GLN B 339 -23.18 7.81 -16.76
C GLN B 339 -24.50 7.60 -17.52
N TYR B 340 -24.60 6.47 -18.25
CA TYR B 340 -25.91 6.10 -18.87
C TYR B 340 -27.04 6.07 -17.84
N LEU B 341 -26.81 5.29 -16.78
CA LEU B 341 -27.72 5.09 -15.70
C LEU B 341 -28.11 6.41 -15.11
N GLN B 342 -27.14 7.25 -14.81
CA GLN B 342 -27.45 8.56 -14.26
C GLN B 342 -28.33 9.45 -15.20
N GLN B 343 -28.12 9.34 -16.50
CA GLN B 343 -28.76 10.26 -17.43
C GLN B 343 -30.16 9.83 -17.89
N GLY B 344 -30.58 8.60 -17.56
CA GLY B 344 -31.86 8.05 -18.04
C GLY B 344 -31.98 7.92 -19.57
N HIS B 345 -31.69 9.01 -20.26
CA HIS B 345 -31.82 9.03 -21.71
C HIS B 345 -30.66 9.76 -22.38
N PHE B 346 -30.28 9.29 -23.56
CA PHE B 346 -29.03 9.69 -24.15
C PHE B 346 -28.96 9.04 -25.51
N LYS B 347 -28.14 9.62 -26.38
CA LYS B 347 -27.72 9.01 -27.63
C LYS B 347 -26.42 8.18 -27.44
N ALA B 348 -26.39 6.98 -28.03
CA ALA B 348 -25.17 6.18 -28.00
C ALA B 348 -25.12 5.29 -29.23
N PHE B 349 -23.95 5.25 -29.88
CA PHE B 349 -23.72 4.41 -31.06
C PHE B 349 -24.79 4.56 -32.18
N ASP B 350 -25.15 5.80 -32.55
CA ASP B 350 -26.25 6.14 -33.50
C ASP B 350 -27.56 6.49 -32.81
N LYS B 351 -27.92 5.58 -31.91
CA LYS B 351 -29.25 5.45 -31.31
C LYS B 351 -29.59 6.53 -30.27
N LYS B 352 -30.88 6.74 -30.02
CA LYS B 352 -31.29 7.48 -28.85
C LYS B 352 -31.95 6.45 -27.99
N ILE B 353 -31.41 6.24 -26.79
CA ILE B 353 -31.83 5.16 -25.90
C ILE B 353 -32.56 5.70 -24.67
N ASP B 354 -33.69 5.07 -24.34
CA ASP B 354 -34.42 5.46 -23.16
C ASP B 354 -34.51 4.21 -22.32
N LEU B 355 -33.98 4.30 -21.09
CA LEU B 355 -33.80 3.12 -20.28
C LEU B 355 -35.10 2.58 -19.74
N HIS B 356 -36.20 3.29 -19.96
CA HIS B 356 -37.54 2.75 -19.63
C HIS B 356 -38.13 1.68 -20.64
N SER B 357 -37.49 1.48 -21.81
CA SER B 357 -38.05 0.51 -22.78
C SER B 357 -37.35 -0.88 -22.79
N SER B 358 -37.52 -1.66 -23.86
CA SER B 358 -36.86 -2.97 -24.03
C SER B 358 -35.80 -2.93 -25.13
N LYS B 359 -35.98 -2.01 -26.07
CA LYS B 359 -34.89 -1.66 -27.00
C LYS B 359 -33.64 -1.34 -26.16
N ALA B 360 -33.89 -1.21 -24.84
CA ALA B 360 -32.90 -0.93 -23.81
C ALA B 360 -32.21 -2.19 -23.34
N VAL B 361 -32.98 -3.19 -22.91
CA VAL B 361 -32.39 -4.46 -22.46
C VAL B 361 -31.43 -4.99 -23.51
N ASN B 362 -31.89 -4.95 -24.76
CA ASN B 362 -31.09 -5.44 -25.84
C ASN B 362 -29.80 -4.62 -25.97
N PHE B 363 -29.94 -3.29 -25.90
CA PHE B 363 -28.77 -2.45 -26.05
C PHE B 363 -27.76 -2.73 -24.93
N VAL B 364 -28.28 -2.84 -23.70
CA VAL B 364 -27.47 -3.01 -22.53
C VAL B 364 -26.62 -4.28 -22.65
N GLY B 365 -27.22 -5.40 -23.00
CA GLY B 365 -26.46 -6.60 -23.26
C GLY B 365 -25.42 -6.40 -24.34
N ASN B 366 -25.84 -5.81 -25.46
CA ASN B 366 -24.91 -5.66 -26.57
C ASN B 366 -23.72 -4.80 -26.18
N TYR B 367 -23.99 -3.77 -25.36
CA TYR B 367 -22.98 -2.86 -24.84
C TYR B 367 -21.91 -3.63 -24.11
N TRP B 368 -22.36 -4.52 -23.27
CA TRP B 368 -21.45 -5.19 -22.38
C TRP B 368 -20.65 -6.28 -23.05
N GLN B 369 -21.15 -6.74 -24.20
CA GLN B 369 -20.47 -7.78 -24.92
C GLN B 369 -19.68 -7.20 -26.08
N THR B 370 -19.72 -5.89 -26.28
CA THR B 370 -19.18 -5.26 -27.51
C THR B 370 -19.33 -6.18 -28.69
N ASN B 371 -20.54 -6.65 -28.96
CA ASN B 371 -20.72 -7.55 -30.08
C ASN B 371 -21.02 -6.72 -31.33
N ALA B 372 -21.13 -7.40 -32.48
CA ALA B 372 -21.26 -6.76 -33.78
C ALA B 372 -22.53 -5.95 -33.85
N ASP B 373 -23.55 -6.42 -33.12
CA ASP B 373 -24.85 -5.79 -33.17
C ASP B 373 -24.83 -4.39 -32.55
N LEU B 374 -23.90 -4.17 -31.62
CA LEU B 374 -23.83 -2.93 -30.90
C LEU B 374 -23.44 -1.83 -31.84
N PHE B 375 -22.75 -2.21 -32.90
CA PHE B 375 -22.33 -1.26 -33.91
C PHE B 375 -23.22 -1.32 -35.17
N GLU B 376 -24.17 -2.24 -35.21
CA GLU B 376 -25.06 -2.40 -36.36
C GLU B 376 -24.28 -2.83 -37.63
N GLU B 377 -23.30 -3.69 -37.42
CA GLU B 377 -22.41 -4.07 -38.49
C GLU B 377 -22.40 -5.57 -38.61
N ASP B 378 -21.79 -6.09 -39.68
CA ASP B 378 -21.81 -7.51 -39.92
C ASP B 378 -20.74 -8.22 -39.13
N PHE B 379 -19.53 -7.66 -39.04
CA PHE B 379 -18.46 -8.27 -38.27
C PHE B 379 -17.75 -7.22 -37.40
N LEU B 380 -17.28 -7.59 -36.21
CA LEU B 380 -16.42 -6.71 -35.41
C LEU B 380 -15.21 -6.27 -36.20
N GLN B 381 -14.89 -4.98 -36.10
CA GLN B 381 -13.78 -4.38 -36.82
C GLN B 381 -12.52 -4.37 -35.96
N PHE B 382 -11.37 -4.53 -36.62
CA PHE B 382 -10.00 -4.42 -36.07
C PHE B 382 -9.87 -3.63 -34.78
N TYR B 383 -10.44 -2.42 -34.75
CA TYR B 383 -10.18 -1.35 -33.75
C TYR B 383 -11.29 -1.12 -32.69
N GLN B 384 -12.34 -1.94 -32.68
CA GLN B 384 -13.40 -1.78 -31.67
C GLN B 384 -13.10 -2.66 -30.46
N ARG B 385 -12.57 -2.07 -29.39
CA ARG B 385 -11.99 -2.83 -28.28
C ARG B 385 -13.05 -3.40 -27.38
N SER B 386 -12.82 -4.61 -26.91
CA SER B 386 -13.80 -5.34 -26.10
C SER B 386 -13.50 -5.27 -24.60
N TYR B 387 -14.53 -4.94 -23.82
CA TYR B 387 -14.41 -5.00 -22.39
C TYR B 387 -14.06 -6.41 -21.97
N GLU B 388 -14.84 -7.39 -22.44
CA GLU B 388 -14.60 -8.76 -21.97
C GLU B 388 -13.21 -9.23 -22.32
N VAL B 389 -12.73 -8.87 -23.50
CA VAL B 389 -11.39 -9.29 -23.95
C VAL B 389 -10.30 -8.74 -23.01
N ASN B 390 -10.42 -7.48 -22.59
CA ASN B 390 -9.37 -6.92 -21.76
C ASN B 390 -9.57 -7.29 -20.32
N ALA B 391 -10.81 -7.35 -19.87
CA ALA B 391 -11.04 -7.94 -18.57
C ALA B 391 -10.32 -9.29 -18.50
N ARG B 392 -10.45 -10.11 -19.52
CA ARG B 392 -9.88 -11.44 -19.45
C ARG B 392 -8.37 -11.40 -19.55
N ARG B 393 -7.83 -10.43 -20.25
CA ARG B 393 -6.38 -10.39 -20.32
C ARG B 393 -5.73 -9.96 -19.00
N VAL B 394 -6.34 -8.98 -18.37
CA VAL B 394 -5.89 -8.58 -17.09
C VAL B 394 -6.07 -9.66 -16.02
N LEU B 395 -7.24 -10.32 -15.98
CA LEU B 395 -7.46 -11.31 -14.90
C LEU B 395 -6.67 -12.61 -15.12
N GLY B 396 -6.28 -12.82 -16.38
CA GLY B 396 -5.64 -14.07 -16.82
C GLY B 396 -4.19 -14.18 -16.36
N ALA B 397 -3.61 -13.05 -15.98
CA ALA B 397 -2.27 -12.95 -15.39
C ALA B 397 -1.06 -13.13 -16.31
N ALA B 398 -1.28 -13.44 -17.59
CA ALA B 398 -0.19 -13.75 -18.54
C ALA B 398 0.71 -12.56 -18.82
N PRO B 399 2.04 -12.78 -19.01
CA PRO B 399 2.92 -11.78 -19.62
C PRO B 399 2.41 -11.42 -21.00
N LYS B 400 2.82 -10.27 -21.54
CA LYS B 400 2.24 -9.80 -22.80
C LYS B 400 2.70 -10.65 -23.96
N PRO B 401 1.82 -10.89 -24.98
CA PRO B 401 2.26 -11.72 -26.10
C PRO B 401 3.62 -11.30 -26.66
N PHE B 402 4.38 -12.31 -27.09
CA PHE B 402 5.69 -12.12 -27.68
C PHE B 402 5.61 -11.45 -29.05
N ASN B 403 4.63 -11.85 -29.87
CA ASN B 403 4.31 -11.20 -31.17
C ASN B 403 2.87 -11.50 -31.59
N GLN B 404 2.54 -11.16 -32.85
CA GLN B 404 1.16 -11.27 -33.39
C GLN B 404 0.57 -12.64 -33.18
N TYR B 405 1.42 -13.66 -33.30
CA TYR B 405 0.96 -15.04 -33.40
C TYR B 405 1.26 -15.86 -32.17
N THR B 406 1.92 -15.26 -31.19
CA THR B 406 2.41 -16.03 -30.07
C THR B 406 2.11 -15.31 -28.77
N PHE B 407 1.09 -15.80 -28.07
CA PHE B 407 0.77 -15.32 -26.72
C PHE B 407 1.03 -16.41 -25.68
N ILE B 408 1.11 -16.04 -24.42
CA ILE B 408 1.14 -17.03 -23.34
C ILE B 408 -0.29 -17.35 -22.85
N PRO B 409 -0.69 -18.61 -22.94
CA PRO B 409 -2.12 -18.86 -22.77
C PRO B 409 -2.55 -18.80 -21.33
N SER B 410 -3.81 -18.39 -21.10
CA SER B 410 -4.51 -18.59 -19.80
C SER B 410 -5.88 -19.23 -19.97
N ALA B 411 -6.47 -19.73 -18.89
CA ALA B 411 -7.78 -20.40 -18.97
C ALA B 411 -8.84 -19.49 -19.62
N LEU B 412 -8.64 -18.18 -19.47
CA LEU B 412 -9.61 -17.21 -19.92
C LEU B 412 -9.42 -16.87 -21.42
N ASP B 413 -8.37 -17.43 -22.02
CA ASP B 413 -8.09 -17.30 -23.45
C ASP B 413 -9.01 -18.20 -24.29
N PHE B 414 -9.61 -19.20 -23.66
CA PHE B 414 -10.50 -20.12 -24.38
C PHE B 414 -11.88 -20.32 -23.74
N TYR B 415 -12.90 -20.36 -24.60
CA TYR B 415 -14.23 -20.74 -24.20
C TYR B 415 -14.25 -22.13 -23.56
N GLN B 416 -13.35 -23.00 -23.99
CA GLN B 416 -13.39 -24.35 -23.45
C GLN B 416 -12.67 -24.53 -22.10
N THR B 417 -11.93 -23.53 -21.64
CA THR B 417 -11.28 -23.58 -20.31
C THR B 417 -11.74 -22.51 -19.33
N SER B 418 -12.44 -21.48 -19.85
CA SER B 418 -12.91 -20.36 -19.03
C SER B 418 -13.59 -20.76 -17.74
N ALA B 419 -14.46 -21.76 -17.76
CA ALA B 419 -15.27 -22.01 -16.59
C ALA B 419 -14.44 -22.59 -15.44
N ARG B 420 -13.14 -22.77 -15.67
CA ARG B 420 -12.32 -23.44 -14.69
C ARG B 420 -11.71 -22.49 -13.65
N ASP B 421 -11.69 -21.20 -13.99
CA ASP B 421 -11.03 -20.16 -13.21
C ASP B 421 -12.11 -19.44 -12.37
N PRO B 422 -11.94 -19.42 -11.04
CA PRO B 422 -12.79 -18.64 -10.13
C PRO B 422 -13.04 -17.24 -10.68
N ALA B 423 -12.01 -16.60 -11.23
CA ALA B 423 -12.12 -15.23 -11.73
C ALA B 423 -13.17 -15.06 -12.80
N PHE B 424 -13.40 -16.13 -13.56
CA PHE B 424 -14.46 -16.10 -14.59
C PHE B 424 -15.83 -15.74 -14.01
N TYR B 425 -16.27 -16.45 -12.98
CA TYR B 425 -17.54 -16.12 -12.30
C TYR B 425 -17.47 -14.76 -11.62
N GLN B 426 -16.31 -14.38 -11.10
CA GLN B 426 -16.26 -13.04 -10.59
C GLN B 426 -16.44 -12.01 -11.71
N LEU B 427 -15.87 -12.25 -12.90
CA LEU B 427 -15.97 -11.24 -13.97
C LEU B 427 -17.40 -11.12 -14.42
N TYR B 428 -18.04 -12.24 -14.73
CA TYR B 428 -19.43 -12.16 -15.14
C TYR B 428 -20.40 -11.76 -14.04
N LYS B 429 -20.11 -12.08 -12.78
CA LYS B 429 -20.90 -11.50 -11.70
C LYS B 429 -20.90 -9.99 -11.74
N ARG B 430 -19.77 -9.40 -12.09
CA ARG B 430 -19.68 -7.95 -12.16
C ARG B 430 -20.62 -7.34 -13.25
N ILE B 431 -20.51 -7.87 -14.47
CA ILE B 431 -21.36 -7.46 -15.57
C ILE B 431 -22.84 -7.62 -15.27
N VAL B 432 -23.19 -8.80 -14.77
CA VAL B 432 -24.57 -9.13 -14.46
C VAL B 432 -25.14 -8.16 -13.46
N GLN B 433 -24.36 -7.82 -12.44
CA GLN B 433 -24.75 -6.76 -11.49
C GLN B 433 -25.01 -5.40 -12.10
N TYR B 434 -24.18 -4.99 -13.05
CA TYR B 434 -24.36 -3.72 -13.70
C TYR B 434 -25.70 -3.75 -14.50
N ILE B 435 -26.01 -4.91 -15.05
CA ILE B 435 -27.26 -5.03 -15.74
C ILE B 435 -28.44 -4.95 -14.76
N ILE B 436 -28.34 -5.64 -13.64
CA ILE B 436 -29.32 -5.49 -12.56
C ILE B 436 -29.49 -4.04 -12.12
N GLU B 437 -28.43 -3.25 -12.09
CA GLU B 437 -28.59 -1.82 -11.80
C GLU B 437 -29.48 -1.17 -12.85
N PHE B 438 -29.21 -1.46 -14.13
CA PHE B 438 -30.09 -0.98 -15.20
C PHE B 438 -31.55 -1.45 -14.99
N LYS B 439 -31.73 -2.69 -14.54
CA LYS B 439 -33.05 -3.28 -14.44
C LYS B 439 -33.95 -2.58 -13.45
N GLN B 440 -33.35 -1.82 -12.56
CA GLN B 440 -34.12 -1.01 -11.63
C GLN B 440 -34.91 0.06 -12.39
N TYR B 441 -34.60 0.27 -13.66
CA TYR B 441 -35.35 1.23 -14.47
C TYR B 441 -36.61 0.61 -15.02
N GLN B 442 -36.61 -0.71 -15.12
CA GLN B 442 -37.74 -1.44 -15.66
C GLN B 442 -38.90 -1.45 -14.66
N VAL B 443 -40.10 -1.24 -15.20
CA VAL B 443 -41.34 -1.17 -14.43
C VAL B 443 -41.74 -2.60 -14.02
N PRO B 444 -42.00 -2.79 -12.73
CA PRO B 444 -42.29 -4.13 -12.20
C PRO B 444 -43.66 -4.69 -12.63
N TYR B 445 -43.78 -6.02 -12.65
CA TYR B 445 -45.03 -6.70 -13.01
C TYR B 445 -46.07 -6.44 -11.93
N THR B 446 -47.29 -6.20 -12.39
CA THR B 446 -48.42 -5.83 -11.55
C THR B 446 -49.29 -7.08 -11.37
N GLN B 447 -50.25 -7.01 -10.44
CA GLN B 447 -51.19 -8.11 -10.18
C GLN B 447 -51.81 -8.62 -11.50
N GLU B 448 -52.29 -7.70 -12.32
CA GLU B 448 -53.06 -8.05 -13.52
C GLU B 448 -52.23 -8.72 -14.61
N ALA B 449 -50.94 -8.42 -14.65
CA ALA B 449 -50.06 -9.00 -15.66
C ALA B 449 -49.63 -10.42 -15.27
N LEU B 450 -49.92 -10.82 -14.04
CA LEU B 450 -49.38 -12.08 -13.51
C LEU B 450 -50.49 -13.04 -13.18
N HIS B 451 -51.65 -12.50 -12.84
CA HIS B 451 -52.85 -13.27 -12.45
C HIS B 451 -53.45 -13.93 -13.66
N PHE B 452 -53.80 -15.21 -13.52
CA PHE B 452 -54.39 -15.99 -14.59
C PHE B 452 -55.84 -16.20 -14.20
N VAL B 453 -56.72 -15.43 -14.83
CA VAL B 453 -58.11 -15.38 -14.42
C VAL B 453 -58.69 -16.79 -14.52
N GLY B 454 -59.28 -17.26 -13.42
CA GLY B 454 -59.88 -18.57 -13.35
C GLY B 454 -58.97 -19.78 -13.31
N LEU B 455 -57.68 -19.60 -12.97
CA LEU B 455 -56.81 -20.75 -12.77
C LEU B 455 -56.02 -20.69 -11.47
N LYS B 456 -55.88 -21.86 -10.84
CA LYS B 456 -55.21 -22.01 -9.54
C LYS B 456 -54.43 -23.32 -9.38
N ILE B 457 -53.19 -23.20 -8.92
CA ILE B 457 -52.41 -24.36 -8.45
C ILE B 457 -52.76 -24.68 -7.00
N SER B 458 -53.29 -25.88 -6.78
CA SER B 458 -53.68 -26.32 -5.44
C SER B 458 -52.58 -27.14 -4.72
N ASP B 459 -51.76 -27.86 -5.50
CA ASP B 459 -50.60 -28.56 -4.97
C ASP B 459 -49.48 -28.91 -5.97
N VAL B 460 -48.26 -29.02 -5.44
CA VAL B 460 -47.11 -29.54 -6.18
C VAL B 460 -46.44 -30.67 -5.36
N LYS B 461 -46.21 -31.81 -6.01
CA LYS B 461 -45.51 -32.93 -5.40
C LYS B 461 -44.30 -33.28 -6.23
N VAL B 462 -43.24 -33.72 -5.58
CA VAL B 462 -42.00 -34.06 -6.26
C VAL B 462 -41.44 -35.36 -5.72
N ASP B 463 -41.03 -36.23 -6.63
CA ASP B 463 -40.22 -37.42 -6.31
C ASP B 463 -38.96 -37.06 -5.52
N LYS B 464 -38.33 -38.06 -4.91
CA LYS B 464 -37.07 -37.82 -4.25
C LYS B 464 -36.03 -37.28 -5.26
N MET B 465 -35.37 -36.18 -4.91
CA MET B 465 -34.32 -35.63 -5.75
C MET B 465 -32.98 -35.99 -5.16
N VAL B 466 -32.21 -36.75 -5.94
CA VAL B 466 -31.02 -37.44 -5.46
C VAL B 466 -29.88 -37.21 -6.44
N THR B 467 -28.77 -36.65 -5.96
CA THR B 467 -27.58 -36.56 -6.79
C THR B 467 -26.65 -37.68 -6.39
N PHE B 468 -25.61 -37.86 -7.20
CA PHE B 468 -24.62 -38.92 -7.00
C PHE B 468 -23.48 -38.80 -8.02
N PHE B 469 -22.36 -39.46 -7.77
CA PHE B 469 -21.33 -39.49 -8.80
C PHE B 469 -21.30 -40.83 -9.49
N ASP B 470 -21.11 -40.83 -10.81
CA ASP B 470 -20.75 -42.05 -11.53
C ASP B 470 -19.79 -41.81 -12.67
N HIS B 471 -19.16 -42.88 -13.15
CA HIS B 471 -18.10 -42.78 -14.15
C HIS B 471 -18.59 -42.36 -15.55
N PHE B 472 -17.76 -41.61 -16.27
CA PHE B 472 -18.04 -41.18 -17.62
C PHE B 472 -16.74 -41.24 -18.41
N ASP B 473 -16.81 -41.83 -19.61
CA ASP B 473 -15.68 -41.97 -20.54
C ASP B 473 -15.74 -40.98 -21.70
N PHE B 474 -14.58 -40.48 -22.12
CA PHE B 474 -14.46 -39.89 -23.46
C PHE B 474 -13.18 -40.32 -24.16
N ASP B 475 -13.15 -40.23 -25.50
CA ASP B 475 -11.93 -40.56 -26.26
C ASP B 475 -10.99 -39.36 -26.32
N ALA B 476 -9.81 -39.48 -25.74
CA ALA B 476 -8.83 -38.38 -25.77
C ALA B 476 -7.74 -38.56 -26.84
N PHE B 477 -8.01 -39.47 -27.77
CA PHE B 477 -7.08 -39.83 -28.84
C PHE B 477 -6.51 -38.62 -29.60
N ASN B 478 -7.25 -37.53 -29.66
CA ASN B 478 -6.76 -36.33 -30.32
C ASN B 478 -5.50 -35.66 -29.78
N THR B 479 -5.10 -35.92 -28.53
CA THR B 479 -3.81 -35.39 -28.11
C THR B 479 -2.70 -36.44 -28.01
N VAL B 480 -2.81 -37.46 -28.84
CA VAL B 480 -1.84 -38.52 -28.89
C VAL B 480 -1.41 -38.57 -30.34
N TYR B 481 -0.12 -38.80 -30.59
CA TYR B 481 0.40 -38.85 -31.94
C TYR B 481 0.60 -40.27 -32.34
N PHE B 482 0.37 -40.49 -33.63
CA PHE B 482 0.47 -41.79 -34.24
C PHE B 482 1.50 -41.76 -35.37
N SER B 483 2.00 -42.95 -35.72
CA SER B 483 2.98 -43.12 -36.80
C SER B 483 2.29 -43.14 -38.15
N LYS B 484 3.08 -43.13 -39.22
CA LYS B 484 2.51 -43.23 -40.58
C LYS B 484 1.61 -44.46 -40.69
N GLU B 485 2.09 -45.58 -40.16
CA GLU B 485 1.37 -46.86 -40.23
C GLU B 485 0.03 -46.81 -39.54
N GLU B 486 0.05 -46.41 -38.27
CA GLU B 486 -1.15 -46.33 -37.46
C GLU B 486 -2.16 -45.40 -38.11
N LEU B 487 -1.70 -44.28 -38.67
CA LEU B 487 -2.57 -43.23 -39.23
C LEU B 487 -3.43 -43.77 -40.35
N LYS B 488 -2.84 -44.66 -41.15
CA LYS B 488 -3.56 -45.32 -42.23
C LYS B 488 -4.89 -45.94 -41.79
N SER B 489 -5.09 -46.14 -40.48
CA SER B 489 -6.26 -46.80 -39.90
C SER B 489 -7.04 -45.91 -38.94
N SER B 490 -6.84 -44.60 -39.07
CA SER B 490 -7.41 -43.54 -38.20
C SER B 490 -7.66 -43.96 -36.73
N PRO B 491 -6.68 -43.74 -35.84
CA PRO B 491 -6.76 -44.56 -34.65
C PRO B 491 -7.19 -43.80 -33.42
N HIS B 492 -7.80 -44.51 -32.49
CA HIS B 492 -8.42 -43.96 -31.31
C HIS B 492 -8.12 -44.94 -30.17
N GLY B 493 -8.97 -44.98 -29.16
CA GLY B 493 -8.80 -45.94 -28.08
C GLY B 493 -7.90 -45.47 -26.95
N TYR B 494 -7.87 -44.16 -26.73
CA TYR B 494 -7.21 -43.61 -25.55
C TYR B 494 -8.27 -42.90 -24.74
N LYS B 495 -8.95 -43.66 -23.87
CA LYS B 495 -10.13 -43.16 -23.14
C LYS B 495 -9.83 -42.66 -21.72
N VAL B 496 -10.45 -41.53 -21.34
CA VAL B 496 -10.33 -40.96 -19.97
C VAL B 496 -11.62 -41.20 -19.18
N ARG B 497 -11.48 -41.75 -17.97
CA ARG B 497 -12.61 -42.07 -17.09
C ARG B 497 -12.59 -41.11 -15.92
N GLN B 498 -13.75 -40.53 -15.63
CA GLN B 498 -13.86 -39.48 -14.61
C GLN B 498 -15.19 -39.54 -13.85
N PRO B 499 -15.15 -39.44 -12.51
CA PRO B 499 -16.46 -39.32 -11.86
C PRO B 499 -17.06 -37.98 -12.19
N ARG B 500 -18.36 -37.98 -12.44
CA ARG B 500 -19.05 -36.77 -12.77
C ARG B 500 -20.34 -36.77 -11.98
N LEU B 501 -20.78 -35.58 -11.60
CA LEU B 501 -22.03 -35.41 -10.90
C LEU B 501 -23.17 -35.90 -11.81
N ASN B 502 -24.34 -36.17 -11.21
CA ASN B 502 -25.47 -36.73 -11.89
C ASN B 502 -26.63 -36.80 -10.91
N HIS B 503 -27.84 -36.99 -11.43
CA HIS B 503 -29.03 -37.17 -10.60
C HIS B 503 -29.93 -38.25 -11.15
N LYS B 504 -30.79 -38.76 -10.29
CA LYS B 504 -31.74 -39.78 -10.64
C LYS B 504 -32.96 -39.05 -11.19
N PRO B 505 -33.68 -39.67 -12.15
CA PRO B 505 -34.81 -38.97 -12.75
C PRO B 505 -35.87 -38.78 -11.70
N PHE B 506 -36.69 -37.75 -11.88
CA PHE B 506 -37.78 -37.50 -10.95
C PHE B 506 -39.01 -36.86 -11.64
N THR B 507 -40.15 -36.93 -10.97
CA THR B 507 -41.38 -36.42 -11.53
C THR B 507 -41.93 -35.27 -10.70
N VAL B 508 -42.33 -34.22 -11.40
CA VAL B 508 -43.09 -33.16 -10.78
C VAL B 508 -44.55 -33.32 -11.18
N THR B 509 -45.44 -33.37 -10.18
CA THR B 509 -46.87 -33.38 -10.45
C THR B 509 -47.50 -32.11 -9.89
N ILE B 510 -48.26 -31.45 -10.75
CA ILE B 510 -48.89 -30.20 -10.41
C ILE B 510 -50.39 -30.39 -10.43
N ASP B 511 -51.06 -29.86 -9.42
CA ASP B 511 -52.50 -29.98 -9.32
C ASP B 511 -53.13 -28.62 -9.58
N ILE B 512 -54.08 -28.60 -10.51
CA ILE B 512 -54.67 -27.37 -11.00
C ILE B 512 -56.19 -27.39 -11.01
N LYS B 513 -56.78 -26.39 -10.36
CA LYS B 513 -58.22 -26.11 -10.49
C LYS B 513 -58.39 -24.91 -11.40
N SER B 514 -59.28 -25.03 -12.37
CA SER B 514 -59.50 -23.98 -13.37
C SER B 514 -60.93 -23.92 -13.85
N ASP B 515 -61.34 -22.71 -14.22
CA ASP B 515 -62.71 -22.45 -14.61
C ASP B 515 -62.99 -22.75 -16.08
N VAL B 516 -62.13 -22.32 -16.99
CA VAL B 516 -62.37 -22.58 -18.41
C VAL B 516 -61.16 -23.25 -19.08
N ALA B 517 -61.12 -23.23 -20.40
CA ALA B 517 -60.27 -24.16 -21.13
C ALA B 517 -59.38 -23.48 -22.18
N THR B 518 -58.08 -23.43 -21.90
CA THR B 518 -57.09 -22.85 -22.80
C THR B 518 -55.78 -23.60 -22.71
N ASN B 519 -54.89 -23.31 -23.66
CA ASN B 519 -53.52 -23.74 -23.56
C ASN B 519 -52.83 -22.88 -22.49
N ALA B 520 -52.03 -23.52 -21.64
CA ALA B 520 -51.26 -22.84 -20.59
C ALA B 520 -49.76 -23.03 -20.80
N VAL B 521 -48.99 -22.08 -20.31
CA VAL B 521 -47.55 -22.27 -20.23
C VAL B 521 -47.27 -22.66 -18.81
N VAL B 522 -46.58 -23.79 -18.65
CA VAL B 522 -46.07 -24.20 -17.35
C VAL B 522 -44.56 -23.94 -17.29
N LYS B 523 -44.14 -23.18 -16.28
CA LYS B 523 -42.71 -22.90 -16.03
C LYS B 523 -42.28 -23.29 -14.62
N MET B 524 -41.10 -23.91 -14.55
CA MET B 524 -40.49 -24.33 -13.28
C MET B 524 -39.11 -23.73 -13.08
N PHE B 525 -38.90 -23.20 -11.89
CA PHE B 525 -37.61 -22.60 -11.53
C PHE B 525 -37.05 -23.25 -10.28
N LEU B 526 -35.72 -23.28 -10.16
CA LEU B 526 -35.07 -23.70 -8.93
C LEU B 526 -34.33 -22.55 -8.27
N GLY B 527 -34.68 -22.29 -7.01
CA GLY B 527 -33.99 -21.25 -6.24
C GLY B 527 -33.51 -21.73 -4.88
N PRO B 528 -32.56 -20.97 -4.27
CA PRO B 528 -32.18 -21.26 -2.88
C PRO B 528 -33.30 -20.90 -1.93
N LYS B 529 -33.40 -21.57 -0.79
CA LYS B 529 -34.42 -21.26 0.22
C LYS B 529 -33.82 -20.38 1.32
N TYR B 530 -32.55 -20.61 1.65
CA TYR B 530 -31.86 -19.74 2.61
C TYR B 530 -30.54 -19.25 2.04
N ASP B 531 -30.05 -18.12 2.55
CA ASP B 531 -28.64 -17.72 2.34
C ASP B 531 -27.65 -18.50 3.25
N GLU B 532 -26.36 -18.22 3.11
CA GLU B 532 -25.30 -18.78 3.96
C GLU B 532 -25.51 -18.54 5.48
N ASN B 533 -26.30 -17.50 5.80
CA ASN B 533 -26.93 -17.24 7.12
C ASN B 533 -27.58 -18.55 7.65
N GLY B 534 -28.62 -18.98 6.93
CA GLY B 534 -29.62 -19.90 7.44
C GLY B 534 -30.94 -19.15 7.53
N PHE B 535 -30.98 -18.02 6.83
CA PHE B 535 -32.07 -17.06 6.88
C PHE B 535 -32.91 -17.13 5.60
N PRO B 536 -34.27 -17.08 5.72
CA PRO B 536 -35.06 -17.22 4.50
C PRO B 536 -34.78 -16.09 3.52
N PHE B 537 -34.60 -16.43 2.24
CA PHE B 537 -34.36 -15.44 1.19
C PHE B 537 -35.71 -14.81 0.90
N SER B 538 -35.74 -13.49 0.71
CA SER B 538 -36.96 -12.89 0.25
C SER B 538 -36.81 -12.54 -1.24
N LEU B 539 -37.93 -12.58 -1.94
CA LEU B 539 -37.98 -12.58 -3.39
C LEU B 539 -37.32 -11.33 -4.00
N GLU B 540 -37.53 -10.19 -3.35
CA GLU B 540 -36.82 -8.94 -3.62
C GLU B 540 -35.32 -9.13 -3.90
N ASP B 541 -34.68 -10.03 -3.15
CA ASP B 541 -33.22 -10.19 -3.23
C ASP B 541 -32.85 -11.58 -3.67
N ASN B 542 -33.78 -12.24 -4.36
CA ASN B 542 -33.57 -13.60 -4.79
C ASN B 542 -34.00 -13.89 -6.23
N TRP B 543 -34.72 -12.97 -6.86
CA TRP B 543 -35.26 -13.24 -8.20
C TRP B 543 -34.16 -13.58 -9.20
N MET B 544 -32.99 -12.96 -9.03
CA MET B 544 -31.80 -13.25 -9.85
C MET B 544 -31.17 -14.61 -9.56
N ASN B 545 -31.67 -15.31 -8.55
CA ASN B 545 -31.01 -16.52 -8.12
C ASN B 545 -31.76 -17.78 -8.50
N PHE B 546 -32.82 -17.60 -9.28
CA PHE B 546 -33.63 -18.73 -9.75
C PHE B 546 -33.13 -19.16 -11.11
N TYR B 547 -32.86 -20.45 -11.28
CA TYR B 547 -32.66 -20.91 -12.65
C TYR B 547 -33.79 -21.77 -13.12
N GLU B 548 -34.12 -21.54 -14.38
CA GLU B 548 -35.20 -22.18 -15.09
C GLU B 548 -34.87 -23.65 -15.23
N LEU B 549 -35.86 -24.51 -14.96
CA LEU B 549 -35.70 -25.92 -15.24
C LEU B 549 -36.44 -26.30 -16.52
N ASP B 550 -37.61 -25.70 -16.74
CA ASP B 550 -38.49 -26.21 -17.76
C ASP B 550 -39.51 -25.20 -18.25
N TRP B 551 -40.01 -25.48 -19.47
CA TRP B 551 -40.99 -24.69 -20.19
C TRP B 551 -41.78 -25.65 -21.05
N PHE B 552 -43.10 -25.62 -20.90
CA PHE B 552 -43.95 -26.35 -21.85
C PHE B 552 -45.39 -25.83 -21.86
N VAL B 553 -46.06 -26.09 -22.98
CA VAL B 553 -47.45 -25.71 -23.20
C VAL B 553 -48.39 -26.86 -22.87
N GLN B 554 -49.53 -26.55 -22.28
CA GLN B 554 -50.47 -27.55 -21.83
C GLN B 554 -51.89 -27.17 -22.16
N LYS B 555 -52.68 -28.12 -22.67
CA LYS B 555 -54.14 -27.94 -22.73
C LYS B 555 -54.72 -28.07 -21.32
N VAL B 556 -55.30 -26.99 -20.81
CA VAL B 556 -56.02 -27.04 -19.53
C VAL B 556 -57.50 -27.38 -19.70
N ASN B 557 -58.00 -28.31 -18.86
CA ASN B 557 -59.41 -28.70 -18.76
C ASN B 557 -60.16 -27.87 -17.71
N PRO B 558 -61.49 -27.73 -17.86
CA PRO B 558 -62.30 -27.22 -16.76
C PRO B 558 -62.18 -28.13 -15.53
N GLY B 559 -62.26 -27.55 -14.33
CA GLY B 559 -62.18 -28.32 -13.09
C GLY B 559 -60.77 -28.74 -12.67
N GLN B 560 -60.66 -29.97 -12.18
CA GLN B 560 -59.47 -30.46 -11.49
C GLN B 560 -58.71 -31.42 -12.37
N SER B 561 -57.41 -31.17 -12.57
CA SER B 561 -56.53 -32.04 -13.35
C SER B 561 -55.12 -32.04 -12.77
N GLN B 562 -54.28 -32.97 -13.22
CA GLN B 562 -52.93 -33.13 -12.74
C GLN B 562 -51.96 -33.16 -13.87
N ILE B 563 -50.99 -32.26 -13.85
CA ILE B 563 -49.91 -32.30 -14.82
C ILE B 563 -48.71 -33.00 -14.22
N THR B 564 -48.27 -34.04 -14.91
CA THR B 564 -47.13 -34.86 -14.57
C THR B 564 -45.99 -34.52 -15.52
N ARG B 565 -44.80 -34.33 -14.97
CA ARG B 565 -43.72 -33.89 -15.81
C ARG B 565 -42.43 -34.49 -15.30
N SER B 566 -41.78 -35.30 -16.12
CA SER B 566 -40.53 -35.91 -15.69
C SER B 566 -39.29 -35.06 -16.03
N SER B 567 -38.26 -35.17 -15.19
CA SER B 567 -37.01 -34.48 -15.39
C SER B 567 -36.36 -34.80 -16.72
N THR B 568 -36.47 -36.06 -17.17
CA THR B 568 -35.85 -36.49 -18.41
C THR B 568 -36.44 -35.73 -19.58
N ASP B 569 -37.57 -35.07 -19.34
CA ASP B 569 -38.24 -34.29 -20.39
C ASP B 569 -38.01 -32.76 -20.29
N PHE B 570 -37.26 -32.32 -19.30
CA PHE B 570 -37.13 -30.90 -19.04
C PHE B 570 -36.51 -30.24 -20.27
N ALA B 571 -37.11 -29.13 -20.67
CA ALA B 571 -36.81 -28.51 -21.94
C ALA B 571 -35.38 -28.00 -22.06
N PHE B 572 -34.73 -27.66 -20.95
CA PHE B 572 -33.40 -26.97 -20.96
C PHE B 572 -32.20 -27.82 -20.59
N PHE B 573 -32.35 -29.12 -20.70
CA PHE B 573 -31.27 -30.03 -20.34
C PHE B 573 -31.15 -31.12 -21.36
N LYS B 574 -29.91 -31.55 -21.60
CA LYS B 574 -29.64 -32.54 -22.63
C LYS B 574 -29.04 -33.80 -22.05
N GLU B 575 -29.07 -34.87 -22.83
CA GLU B 575 -28.40 -36.09 -22.45
C GLU B 575 -26.91 -35.91 -22.72
N ASP B 576 -26.10 -36.87 -22.30
CA ASP B 576 -24.68 -36.82 -22.60
C ASP B 576 -24.44 -36.99 -24.10
N SER B 577 -23.46 -36.27 -24.63
CA SER B 577 -22.86 -36.55 -25.95
C SER B 577 -22.37 -37.97 -26.04
N LEU B 578 -22.55 -38.58 -27.20
CA LEU B 578 -21.95 -39.90 -27.47
C LEU B 578 -20.59 -39.64 -28.07
N PRO B 579 -19.62 -40.54 -27.82
CA PRO B 579 -18.36 -40.33 -28.51
C PRO B 579 -18.53 -40.74 -29.97
N MET B 580 -17.73 -40.15 -30.86
CA MET B 580 -17.70 -40.53 -32.27
C MET B 580 -17.76 -42.04 -32.59
N ALA B 581 -16.94 -42.86 -31.93
CA ALA B 581 -17.05 -44.32 -32.08
C ALA B 581 -18.51 -44.78 -32.03
N GLU B 582 -19.30 -44.26 -31.08
CA GLU B 582 -20.72 -44.62 -30.97
C GLU B 582 -21.60 -43.96 -32.02
N ILE B 583 -21.38 -42.67 -32.27
CA ILE B 583 -22.02 -41.97 -33.38
C ILE B 583 -21.90 -42.73 -34.72
N TYR B 584 -20.69 -43.20 -35.03
CA TYR B 584 -20.42 -44.05 -36.20
C TYR B 584 -21.24 -45.32 -36.26
N LYS B 585 -21.45 -45.95 -35.10
CA LYS B 585 -22.25 -47.19 -35.02
C LYS B 585 -23.74 -46.96 -35.21
N LEU B 586 -24.23 -45.85 -34.65
CA LEU B 586 -25.61 -45.37 -34.85
C LEU B 586 -25.84 -45.01 -36.31
N LEU B 587 -24.92 -44.26 -36.90
CA LEU B 587 -25.02 -43.90 -38.29
C LEU B 587 -25.12 -45.14 -39.14
N ASP B 588 -24.39 -46.19 -38.75
CA ASP B 588 -24.45 -47.49 -39.43
C ASP B 588 -25.84 -48.13 -39.39
N GLN B 589 -26.68 -47.66 -38.48
CA GLN B 589 -28.04 -48.18 -38.31
C GLN B 589 -29.15 -47.21 -38.82
N GLY B 590 -28.74 -46.05 -39.35
CA GLY B 590 -29.68 -45.06 -39.81
C GLY B 590 -30.15 -44.12 -38.71
N LYS B 591 -29.35 -43.96 -37.66
CA LYS B 591 -29.75 -43.21 -36.48
C LYS B 591 -28.71 -42.17 -36.11
N ILE B 592 -29.18 -41.09 -35.48
CA ILE B 592 -28.32 -40.19 -34.73
C ILE B 592 -28.98 -39.87 -33.38
N PRO B 593 -28.19 -39.43 -32.40
CA PRO B 593 -28.73 -38.98 -31.09
C PRO B 593 -29.44 -37.61 -31.16
N THR B 594 -30.68 -37.54 -30.65
CA THR B 594 -31.51 -36.34 -30.83
C THR B 594 -30.86 -35.11 -30.22
N ASP B 595 -30.29 -35.29 -29.03
CA ASP B 595 -29.82 -34.16 -28.25
C ASP B 595 -28.59 -33.50 -28.85
N MET B 596 -27.69 -34.30 -29.39
CA MET B 596 -26.56 -33.75 -30.13
C MET B 596 -26.99 -33.01 -31.39
N PHE B 597 -28.19 -33.31 -31.88
CA PHE B 597 -28.72 -32.75 -33.13
C PHE B 597 -29.65 -31.57 -32.88
N ASN B 598 -30.65 -31.80 -32.05
CA ASN B 598 -31.72 -30.87 -31.81
C ASN B 598 -31.35 -29.86 -30.73
N SER B 599 -30.38 -30.21 -29.87
CA SER B 599 -30.07 -29.35 -28.72
C SER B 599 -28.71 -29.56 -28.09
N SER B 600 -27.65 -29.29 -28.83
CA SER B 600 -26.32 -29.37 -28.26
C SER B 600 -25.98 -28.22 -27.28
N ASP B 601 -26.61 -27.07 -27.46
CA ASP B 601 -26.27 -25.85 -26.68
C ASP B 601 -27.09 -25.73 -25.40
N THR B 602 -27.45 -26.86 -24.84
CA THR B 602 -28.26 -26.91 -23.67
C THR B 602 -27.40 -27.57 -22.61
N MET B 603 -27.63 -27.23 -21.34
CA MET B 603 -26.80 -27.78 -20.28
C MET B 603 -27.04 -29.27 -20.08
N PRO B 604 -26.00 -30.02 -19.70
CA PRO B 604 -26.28 -31.45 -19.54
C PRO B 604 -27.17 -31.76 -18.34
N SER B 605 -27.95 -32.84 -18.44
CA SER B 605 -28.87 -33.28 -17.40
C SER B 605 -28.17 -33.55 -16.11
N ARG B 606 -27.04 -34.25 -16.18
CA ARG B 606 -26.40 -34.66 -14.94
C ARG B 606 -26.11 -33.47 -13.99
N LEU B 607 -25.89 -32.29 -14.57
CA LEU B 607 -25.65 -31.09 -13.82
C LEU B 607 -26.92 -30.31 -13.45
N MET B 608 -28.08 -30.87 -13.78
CA MET B 608 -29.35 -30.23 -13.45
C MET B 608 -29.44 -29.79 -12.01
N LEU B 609 -28.94 -30.61 -11.08
CA LEU B 609 -29.03 -30.35 -9.64
C LEU B 609 -27.65 -30.16 -9.06
N PRO B 610 -27.49 -29.27 -8.07
CA PRO B 610 -26.21 -29.15 -7.37
C PRO B 610 -26.06 -30.29 -6.40
N LYS B 611 -24.81 -30.65 -6.07
CA LYS B 611 -24.55 -31.78 -5.16
C LYS B 611 -25.39 -31.56 -3.91
N GLY B 612 -26.23 -32.52 -3.54
CA GLY B 612 -26.91 -32.43 -2.23
C GLY B 612 -26.08 -32.91 -1.03
N THR B 613 -26.79 -33.35 0.01
CA THR B 613 -26.19 -33.84 1.25
C THR B 613 -26.97 -35.11 1.62
N TYR B 614 -26.46 -35.95 2.51
CA TYR B 614 -27.17 -37.21 2.84
C TYR B 614 -28.44 -36.85 3.57
N ASP B 615 -28.24 -36.01 4.58
CA ASP B 615 -29.13 -34.98 5.07
C ASP B 615 -30.32 -34.61 4.14
N GLY B 616 -30.02 -33.87 3.06
CA GLY B 616 -31.01 -33.35 2.12
C GLY B 616 -30.92 -31.84 2.15
N PHE B 617 -30.54 -31.20 1.05
CA PHE B 617 -30.28 -29.74 1.09
C PHE B 617 -31.47 -28.90 0.61
N PRO B 618 -31.88 -27.90 1.43
CA PRO B 618 -33.15 -27.16 1.26
C PRO B 618 -33.09 -26.13 0.15
N PHE B 619 -33.91 -26.32 -0.88
CA PHE B 619 -34.09 -25.33 -1.94
C PHE B 619 -35.57 -25.11 -2.19
N GLN B 620 -35.89 -24.19 -3.08
CA GLN B 620 -37.29 -24.12 -3.46
C GLN B 620 -37.57 -24.23 -4.93
N LEU B 621 -38.70 -24.85 -5.20
CA LEU B 621 -39.20 -25.10 -6.53
C LEU B 621 -40.31 -24.09 -6.84
N PHE B 622 -40.11 -23.29 -7.87
CA PHE B 622 -41.14 -22.31 -8.23
C PHE B 622 -41.87 -22.78 -9.47
N VAL B 623 -43.19 -22.90 -9.33
CA VAL B 623 -44.06 -23.39 -10.40
C VAL B 623 -45.01 -22.28 -10.85
N PHE B 624 -44.91 -21.92 -12.14
CA PHE B 624 -45.70 -20.83 -12.72
C PHE B 624 -46.55 -21.32 -13.85
N VAL B 625 -47.84 -20.99 -13.79
CA VAL B 625 -48.75 -21.24 -14.91
C VAL B 625 -49.40 -19.96 -15.43
N TYR B 626 -49.20 -19.65 -16.73
CA TYR B 626 -49.84 -18.46 -17.33
C TYR B 626 -50.41 -18.74 -18.72
N PRO B 627 -51.34 -17.87 -19.19
CA PRO B 627 -52.01 -18.17 -20.46
C PRO B 627 -51.06 -18.21 -21.64
N TYR B 628 -51.28 -19.14 -22.56
CA TYR B 628 -50.44 -19.28 -23.73
C TYR B 628 -50.93 -18.43 -24.90
N GLU B 629 -50.04 -17.61 -25.42
CA GLU B 629 -50.37 -16.78 -26.59
C GLU B 629 -49.62 -17.28 -27.81
N PRO B 630 -50.30 -18.05 -28.69
CA PRO B 630 -49.67 -18.55 -29.91
C PRO B 630 -49.01 -17.42 -30.72
N THR B 631 -47.69 -17.50 -30.79
CA THR B 631 -46.90 -16.48 -31.47
C THR B 631 -45.67 -17.13 -32.12
N PRO B 632 -44.65 -16.31 -32.48
CA PRO B 632 -43.52 -16.61 -33.34
C PRO B 632 -43.48 -17.95 -34.09
N LYS B 633 -43.03 -17.90 -35.34
CA LYS B 633 -42.85 -19.10 -36.14
C LYS B 633 -41.47 -19.03 -36.77
N GLU B 634 -40.45 -19.37 -35.98
CA GLU B 634 -39.07 -18.87 -36.17
C GLU B 634 -38.04 -19.91 -36.61
N SER B 635 -36.79 -19.63 -36.23
CA SER B 635 -35.64 -20.43 -36.64
C SER B 635 -34.44 -20.31 -35.69
N GLU B 636 -34.72 -20.13 -34.40
CA GLU B 636 -33.87 -20.48 -33.23
C GLU B 636 -32.33 -20.49 -33.31
N PRO B 637 -31.64 -19.57 -32.62
CA PRO B 637 -30.19 -19.72 -32.44
C PRO B 637 -29.81 -20.59 -31.22
N PHE B 638 -30.68 -20.61 -30.21
CA PHE B 638 -30.50 -21.38 -28.99
C PHE B 638 -31.84 -22.07 -28.66
N LYS B 639 -31.81 -23.08 -27.79
CA LYS B 639 -33.06 -23.70 -27.31
C LYS B 639 -33.68 -22.92 -26.14
N ALA B 640 -32.91 -21.93 -25.65
CA ALA B 640 -33.41 -20.96 -24.65
C ALA B 640 -34.48 -20.03 -25.26
N VAL B 641 -34.50 -19.93 -26.60
CA VAL B 641 -35.51 -19.18 -27.35
C VAL B 641 -36.77 -20.05 -27.59
N VAL B 642 -37.70 -20.02 -26.66
CA VAL B 642 -38.96 -20.74 -26.79
C VAL B 642 -40.04 -19.84 -27.44
N PRO B 643 -40.95 -20.40 -28.28
CA PRO B 643 -41.94 -19.61 -29.03
C PRO B 643 -42.93 -18.80 -28.17
N ASP B 644 -42.41 -17.80 -27.47
CA ASP B 644 -43.16 -16.96 -26.55
C ASP B 644 -42.65 -15.52 -26.60
N ASN B 645 -43.56 -14.56 -26.71
CA ASN B 645 -43.17 -13.16 -26.65
C ASN B 645 -42.78 -12.65 -25.25
N LYS B 646 -42.97 -13.44 -24.21
CA LYS B 646 -42.52 -13.05 -22.85
C LYS B 646 -40.99 -12.92 -22.79
N PRO B 647 -40.47 -12.09 -21.86
CA PRO B 647 -39.01 -12.05 -21.71
C PRO B 647 -38.40 -13.38 -21.29
N PHE B 648 -37.12 -13.61 -21.59
CA PHE B 648 -36.39 -14.76 -21.05
C PHE B 648 -36.26 -14.61 -19.56
N GLY B 649 -36.73 -15.63 -18.85
CA GLY B 649 -36.67 -15.64 -17.41
C GLY B 649 -37.96 -15.15 -16.82
N TYR B 650 -38.91 -14.72 -17.66
CA TYR B 650 -40.19 -14.24 -17.18
C TYR B 650 -40.76 -15.32 -16.28
N PRO B 651 -41.35 -14.94 -15.11
CA PRO B 651 -41.52 -13.59 -14.54
C PRO B 651 -40.35 -13.09 -13.69
N PHE B 652 -39.17 -13.73 -13.85
CA PHE B 652 -37.95 -13.38 -13.14
C PHE B 652 -36.89 -12.80 -14.06
N ASP B 653 -37.31 -11.91 -14.94
CA ASP B 653 -36.40 -11.19 -15.78
C ASP B 653 -36.12 -9.81 -15.18
N ARG B 654 -36.70 -9.48 -14.01
CA ARG B 654 -36.63 -8.10 -13.48
C ARG B 654 -37.05 -7.97 -12.00
N PRO B 655 -36.69 -6.86 -11.33
CA PRO B 655 -37.15 -6.61 -9.97
C PRO B 655 -38.61 -6.89 -9.65
N VAL B 656 -38.78 -7.55 -8.52
CA VAL B 656 -40.02 -8.07 -8.04
C VAL B 656 -40.52 -7.28 -6.83
N LEU B 657 -41.82 -7.07 -6.78
CA LEU B 657 -42.50 -6.65 -5.55
C LEU B 657 -43.11 -7.93 -4.99
N PRO B 658 -42.58 -8.42 -3.85
CA PRO B 658 -42.93 -9.75 -3.34
C PRO B 658 -44.43 -9.99 -3.17
N GLN B 659 -45.21 -8.92 -2.98
CA GLN B 659 -46.66 -9.06 -2.71
C GLN B 659 -47.53 -9.32 -3.96
N TYR B 660 -46.92 -9.41 -5.14
CA TYR B 660 -47.66 -9.86 -6.32
C TYR B 660 -47.33 -11.30 -6.71
N PHE B 661 -46.56 -11.98 -5.89
CA PHE B 661 -46.18 -13.34 -6.21
C PHE B 661 -46.95 -14.29 -5.31
N LYS B 662 -48.18 -13.86 -5.01
CA LYS B 662 -49.06 -14.67 -4.22
C LYS B 662 -50.30 -15.06 -5.02
N GLN B 663 -50.25 -14.90 -6.35
CA GLN B 663 -51.38 -15.31 -7.19
C GLN B 663 -51.59 -16.83 -7.08
N PRO B 664 -52.86 -17.24 -7.17
CA PRO B 664 -53.18 -18.64 -7.02
C PRO B 664 -52.47 -19.49 -8.06
N ASN B 665 -52.01 -18.87 -9.15
CA ASN B 665 -51.35 -19.62 -10.23
C ASN B 665 -49.83 -19.70 -10.08
N MET B 666 -49.37 -19.42 -8.86
CA MET B 666 -47.98 -19.61 -8.42
C MET B 666 -47.93 -20.53 -7.22
N PHE B 667 -46.92 -21.40 -7.17
CA PHE B 667 -46.66 -22.26 -6.04
C PHE B 667 -45.16 -22.24 -5.77
N PHE B 668 -44.76 -21.86 -4.56
CA PHE B 668 -43.37 -22.10 -4.11
C PHE B 668 -43.33 -23.37 -3.26
N LYS B 669 -42.58 -24.39 -3.69
CA LYS B 669 -42.42 -25.60 -2.86
C LYS B 669 -41.00 -25.76 -2.32
N LYS B 670 -40.88 -25.97 -1.02
CA LYS B 670 -39.62 -26.44 -0.41
C LYS B 670 -39.35 -27.84 -0.93
N VAL B 671 -38.15 -28.03 -1.47
CA VAL B 671 -37.65 -29.34 -1.81
C VAL B 671 -36.29 -29.56 -1.14
N LEU B 672 -35.94 -30.81 -0.92
CA LEU B 672 -34.63 -31.10 -0.37
C LEU B 672 -33.89 -31.96 -1.35
N VAL B 673 -32.68 -31.55 -1.64
CA VAL B 673 -31.83 -32.30 -2.56
C VAL B 673 -30.92 -33.24 -1.78
N TYR B 674 -31.15 -34.55 -1.91
CA TYR B 674 -30.28 -35.58 -1.31
C TYR B 674 -29.04 -35.94 -2.15
N HIS B 675 -28.19 -36.78 -1.57
CA HIS B 675 -27.03 -37.28 -2.26
C HIS B 675 -26.82 -38.71 -1.84
N GLU B 676 -26.31 -39.55 -2.73
CA GLU B 676 -26.07 -40.95 -2.36
C GLU B 676 -24.71 -41.47 -2.79
N GLY B 677 -24.25 -42.48 -2.06
CA GLY B 677 -22.93 -43.08 -2.25
C GLY B 677 -21.91 -42.05 -1.81
N GLU B 678 -20.66 -42.25 -2.23
CA GLU B 678 -19.54 -41.34 -1.90
C GLU B 678 -19.80 -39.85 -2.18
N LEU B 679 -19.40 -39.02 -1.22
CA LEU B 679 -19.54 -37.57 -1.28
C LEU B 679 -18.39 -36.94 -2.05
N PHE B 680 -17.22 -37.57 -1.98
CA PHE B 680 -16.02 -37.04 -2.63
C PHE B 680 -15.69 -37.87 -3.85
N PRO B 681 -15.46 -37.24 -4.99
CA PRO B 681 -15.23 -38.01 -6.22
C PRO B 681 -13.94 -38.84 -6.24
N TYR B 682 -12.89 -38.36 -5.58
CA TYR B 682 -11.61 -39.08 -5.51
C TYR B 682 -11.69 -40.54 -4.99
N LEU B 683 -12.67 -40.85 -4.13
CA LEU B 683 -12.89 -42.24 -3.69
C LEU B 683 -13.37 -43.19 -4.81
N PHE B 684 -13.65 -42.63 -5.98
CA PHE B 684 -14.09 -43.40 -7.14
C PHE B 684 -12.89 -43.84 -7.96
N ASN B 685 -11.70 -43.39 -7.59
CA ASN B 685 -10.52 -43.58 -8.42
C ASN B 685 -9.37 -44.23 -7.71
N ILE B 686 -9.67 -44.85 -6.59
CA ILE B 686 -8.65 -45.52 -5.80
C ILE B 686 -8.45 -46.94 -6.33
N PRO B 687 -7.20 -47.32 -6.64
CA PRO B 687 -6.73 -48.66 -7.00
C PRO B 687 -7.44 -49.87 -6.35
N HIS B 688 -6.71 -50.66 -5.56
CA HIS B 688 -7.16 -51.97 -5.08
C HIS B 688 -8.07 -51.87 -3.84
N GLU C 21 32.79 29.02 -43.33
CA GLU C 21 32.47 27.94 -42.35
C GLU C 21 30.98 27.65 -42.19
N PHE C 22 30.23 28.70 -41.89
CA PHE C 22 28.80 28.64 -41.70
C PHE C 22 28.18 29.40 -42.87
N LYS C 23 26.99 28.96 -43.29
CA LYS C 23 26.21 29.63 -44.35
C LYS C 23 25.96 31.10 -43.97
N THR C 24 26.33 32.04 -44.83
CA THR C 24 25.95 33.43 -44.56
C THR C 24 24.95 33.99 -45.59
N THR C 25 24.29 35.08 -45.22
CA THR C 25 23.44 35.81 -46.13
C THR C 25 23.93 37.25 -46.12
N PRO C 26 24.19 37.82 -47.31
CA PRO C 26 24.39 39.27 -47.42
C PRO C 26 23.14 40.01 -46.94
N VAL C 27 23.34 41.17 -46.33
CA VAL C 27 22.30 41.87 -45.63
C VAL C 27 22.59 43.36 -45.77
N ASP C 28 21.55 44.18 -45.96
CA ASP C 28 21.76 45.61 -46.23
C ASP C 28 21.93 46.47 -44.97
N ALA C 29 22.22 47.76 -45.12
CA ALA C 29 22.51 48.58 -43.96
C ALA C 29 21.31 48.90 -43.07
N ALA C 30 20.13 49.11 -43.66
CA ALA C 30 18.91 49.47 -42.92
C ALA C 30 18.58 48.35 -41.95
N PHE C 31 18.83 47.13 -42.43
CA PHE C 31 18.74 45.88 -41.67
C PHE C 31 19.69 45.85 -40.45
N VAL C 32 20.94 46.25 -40.69
CA VAL C 32 21.97 46.24 -39.66
C VAL C 32 21.62 47.16 -38.47
N GLU C 33 21.08 48.35 -38.76
CA GLU C 33 20.57 49.25 -37.72
C GLU C 33 19.51 48.59 -36.84
N LYS C 34 18.59 47.90 -37.48
CA LYS C 34 17.45 47.35 -36.81
C LYS C 34 17.85 46.13 -35.99
N GLN C 35 18.65 45.24 -36.60
CA GLN C 35 19.11 44.03 -35.95
C GLN C 35 19.89 44.43 -34.72
N LYS C 36 20.73 45.45 -34.85
CA LYS C 36 21.48 45.96 -33.71
C LYS C 36 20.58 46.45 -32.57
N LYS C 37 19.57 47.24 -32.91
CA LYS C 37 18.54 47.63 -31.94
C LYS C 37 17.91 46.42 -31.25
N ILE C 38 17.52 45.41 -32.03
CA ILE C 38 16.98 44.20 -31.44
C ILE C 38 17.97 43.54 -30.50
N LEU C 39 19.19 43.28 -30.98
CA LEU C 39 20.12 42.51 -30.17
C LEU C 39 20.43 43.24 -28.87
N SER C 40 20.40 44.57 -28.90
CA SER C 40 20.83 45.38 -27.77
C SER C 40 20.01 45.22 -26.49
N LEU C 41 18.76 44.81 -26.59
CA LEU C 41 17.97 44.55 -25.41
C LEU C 41 18.39 43.25 -24.70
N PHE C 42 19.37 42.55 -25.26
CA PHE C 42 19.78 41.25 -24.71
C PHE C 42 21.06 41.33 -23.88
N TYR C 43 21.53 42.54 -23.62
CA TYR C 43 22.79 42.72 -22.90
C TYR C 43 22.53 43.05 -21.46
N ASN C 44 23.07 42.19 -20.58
CA ASN C 44 22.99 42.30 -19.12
C ASN C 44 21.54 42.41 -18.72
N VAL C 45 20.76 41.40 -19.12
CA VAL C 45 19.30 41.41 -19.03
C VAL C 45 18.79 41.56 -17.61
N ASN C 46 19.67 41.23 -16.68
CA ASN C 46 19.42 41.14 -15.25
C ASN C 46 19.68 42.48 -14.52
N GLU C 47 20.15 43.48 -15.25
CA GLU C 47 20.45 44.79 -14.69
C GLU C 47 20.02 45.90 -15.64
N ILE C 48 19.86 47.10 -15.12
CA ILE C 48 19.59 48.23 -15.98
C ILE C 48 20.84 49.13 -16.08
N SER C 49 21.25 49.45 -17.32
CA SER C 49 22.31 50.43 -17.57
C SER C 49 21.70 51.82 -17.78
N TYR C 50 21.86 52.70 -16.80
CA TYR C 50 21.28 54.04 -16.86
C TYR C 50 21.72 54.93 -18.04
N GLU C 51 22.75 54.50 -18.76
CA GLU C 51 23.26 55.31 -19.88
C GLU C 51 23.24 54.59 -21.25
N ALA C 52 22.58 53.45 -21.31
CA ALA C 52 22.33 52.82 -22.60
C ALA C 52 21.17 53.52 -23.26
N GLU C 53 21.17 53.49 -24.59
CA GLU C 53 20.09 53.99 -25.44
C GLU C 53 18.71 53.59 -24.90
N TYR C 54 18.50 52.29 -24.71
CA TYR C 54 17.20 51.77 -24.30
C TYR C 54 16.61 52.42 -23.05
N TYR C 55 17.46 52.86 -22.13
CA TYR C 55 16.97 53.45 -20.90
C TYR C 55 16.44 54.86 -21.12
N LYS C 56 17.12 55.60 -21.99
CA LYS C 56 16.75 56.96 -22.30
C LYS C 56 15.41 56.95 -23.01
N VAL C 57 15.32 56.12 -24.04
CA VAL C 57 14.07 55.90 -24.79
C VAL C 57 12.91 55.50 -23.88
N ALA C 58 13.16 54.65 -22.88
CA ALA C 58 12.14 54.24 -21.93
C ALA C 58 11.69 55.37 -21.01
N GLN C 59 12.66 56.18 -20.58
CA GLN C 59 12.41 57.35 -19.75
C GLN C 59 11.53 58.33 -20.53
N ASP C 60 11.85 58.48 -21.82
CA ASP C 60 11.15 59.37 -22.77
C ASP C 60 9.83 58.81 -23.34
N PHE C 61 9.54 57.53 -23.09
CA PHE C 61 8.34 56.92 -23.68
C PHE C 61 7.13 56.99 -22.77
N ASN C 62 6.26 57.92 -23.10
CA ASN C 62 5.05 58.15 -22.36
C ASN C 62 4.01 57.13 -22.81
N ILE C 63 3.84 56.06 -22.03
CA ILE C 63 2.92 54.97 -22.41
C ILE C 63 1.47 55.46 -22.47
N GLU C 64 1.16 56.41 -21.60
CA GLU C 64 -0.18 56.96 -21.43
C GLU C 64 -0.69 57.67 -22.68
N ALA C 65 0.19 58.44 -23.31
CA ALA C 65 -0.22 59.35 -24.37
C ALA C 65 0.09 58.80 -25.77
N SER C 66 0.27 57.49 -25.87
CA SER C 66 0.58 56.91 -27.18
C SER C 66 -0.37 55.82 -27.64
N LYS C 67 -1.67 56.07 -27.51
CA LYS C 67 -2.71 55.17 -28.08
C LYS C 67 -2.46 54.93 -29.56
N ASP C 68 -1.92 55.95 -30.23
CA ASP C 68 -1.71 55.97 -31.68
C ASP C 68 -0.41 55.28 -32.14
N CYS C 69 0.24 54.57 -31.23
CA CYS C 69 1.36 53.69 -31.58
C CYS C 69 0.86 52.26 -31.88
N TYR C 70 -0.45 52.05 -31.76
CA TYR C 70 -1.00 50.73 -31.86
C TYR C 70 -2.23 50.58 -32.77
N THR C 71 -2.09 49.64 -33.70
CA THR C 71 -3.16 49.01 -34.43
C THR C 71 -4.49 48.82 -33.67
N ASN C 72 -4.44 48.43 -32.40
CA ASN C 72 -5.61 47.92 -31.70
C ASN C 72 -5.89 48.66 -30.39
N MET C 73 -6.95 49.47 -30.33
CA MET C 73 -7.28 50.23 -29.11
C MET C 73 -7.60 49.35 -27.90
N LYS C 74 -8.27 48.24 -28.16
CA LYS C 74 -8.62 47.29 -27.11
C LYS C 74 -7.37 46.68 -26.43
N ALA C 75 -6.38 46.27 -27.22
CA ALA C 75 -5.11 45.75 -26.70
C ALA C 75 -4.39 46.76 -25.84
N TYR C 76 -4.33 47.98 -26.35
CA TYR C 76 -3.70 49.05 -25.64
C TYR C 76 -4.34 49.28 -24.29
N GLU C 77 -5.64 49.52 -24.31
CA GLU C 77 -6.32 49.87 -23.08
C GLU C 77 -6.44 48.72 -22.10
N ASN C 78 -6.50 47.50 -22.63
CA ASN C 78 -6.34 46.32 -21.82
C ASN C 78 -5.00 46.34 -21.00
N PHE C 79 -3.88 46.57 -21.70
CA PHE C 79 -2.56 46.70 -21.06
C PHE C 79 -2.54 47.72 -19.93
N MET C 80 -3.15 48.87 -20.18
CA MET C 80 -3.21 49.97 -19.23
C MET C 80 -3.98 49.62 -17.95
N MET C 81 -5.06 48.86 -18.09
CA MET C 81 -5.84 48.43 -16.94
C MET C 81 -4.91 47.69 -16.01
N MET C 82 -4.21 46.70 -16.56
CA MET C 82 -3.28 45.86 -15.81
C MET C 82 -2.10 46.66 -15.29
N TYR C 83 -1.61 47.58 -16.10
CA TYR C 83 -0.43 48.32 -15.75
C TYR C 83 -0.68 49.21 -14.55
N LYS C 84 -1.77 49.98 -14.56
CA LYS C 84 -2.17 50.81 -13.43
C LYS C 84 -2.37 50.04 -12.12
N VAL C 85 -2.74 48.77 -12.21
CA VAL C 85 -2.69 47.85 -11.07
C VAL C 85 -1.22 47.55 -10.70
N GLY C 86 -0.48 46.94 -11.64
CA GLY C 86 0.86 46.42 -11.38
C GLY C 86 1.05 44.98 -11.84
N PHE C 87 2.26 44.71 -12.32
CA PHE C 87 2.65 43.43 -12.90
C PHE C 87 3.58 42.65 -11.99
N LEU C 88 3.93 41.45 -12.43
CA LEU C 88 4.96 40.64 -11.78
C LEU C 88 6.18 41.52 -11.60
N PRO C 89 6.58 41.74 -10.34
CA PRO C 89 7.77 42.49 -9.98
C PRO C 89 9.03 41.88 -10.55
N LYS C 90 10.09 42.70 -10.64
CA LYS C 90 11.39 42.23 -11.17
C LYS C 90 12.00 41.11 -10.33
N ASN C 91 12.83 40.29 -10.99
CA ASN C 91 13.67 39.28 -10.31
C ASN C 91 13.04 37.94 -9.90
N LEU C 92 11.70 37.88 -9.86
CA LEU C 92 10.98 36.62 -9.60
C LEU C 92 10.91 35.80 -10.86
N GLU C 93 10.69 34.50 -10.70
CA GLU C 93 10.63 33.59 -11.81
C GLU C 93 9.39 33.77 -12.65
N PHE C 94 9.56 33.77 -13.96
CA PHE C 94 8.41 33.87 -14.82
C PHE C 94 8.14 32.51 -15.46
N SER C 95 6.87 32.12 -15.45
CA SER C 95 6.46 30.92 -16.18
C SER C 95 5.08 31.10 -16.78
N ILE C 96 4.99 30.73 -18.04
CA ILE C 96 3.78 30.87 -18.79
C ILE C 96 2.71 29.95 -18.21
N PHE C 97 3.13 28.96 -17.40
CA PHE C 97 2.15 27.99 -16.86
C PHE C 97 1.27 28.45 -15.74
N TYR C 98 1.54 29.61 -15.15
CA TYR C 98 0.67 30.14 -14.11
C TYR C 98 -0.23 31.23 -14.69
N GLU C 99 -1.49 31.25 -14.32
CA GLU C 99 -2.51 32.09 -15.01
C GLU C 99 -2.24 33.58 -15.02
N LYS C 100 -2.01 34.16 -13.85
CA LYS C 100 -1.93 35.59 -13.77
C LYS C 100 -0.73 36.06 -14.59
N MET C 101 0.39 35.34 -14.51
CA MET C 101 1.57 35.70 -15.26
C MET C 101 1.35 35.57 -16.77
N ARG C 102 0.74 34.47 -17.20
CA ARG C 102 0.43 34.29 -18.61
C ARG C 102 -0.36 35.49 -19.11
N GLU C 103 -1.41 35.87 -18.37
CA GLU C 103 -2.29 36.92 -18.83
C GLU C 103 -1.55 38.26 -18.95
N GLU C 104 -0.57 38.45 -18.07
CA GLU C 104 0.34 39.59 -18.14
C GLU C 104 1.27 39.50 -19.37
N ALA C 105 1.92 38.35 -19.55
CA ALA C 105 2.73 38.07 -20.72
C ALA C 105 1.96 38.28 -22.04
N ILE C 106 0.72 37.79 -22.10
CA ILE C 106 -0.06 37.92 -23.30
C ILE C 106 -0.44 39.39 -23.57
N ALA C 107 -0.78 40.14 -22.51
CA ALA C 107 -1.07 41.55 -22.67
C ALA C 107 0.14 42.28 -23.26
N LEU C 108 1.33 41.93 -22.74
CA LEU C 108 2.57 42.51 -23.27
C LEU C 108 2.82 42.08 -24.72
N PHE C 109 2.62 40.80 -25.01
CA PHE C 109 2.77 40.33 -26.38
C PHE C 109 1.86 41.12 -27.31
N LYS C 110 0.58 41.28 -26.96
CA LYS C 110 -0.36 41.99 -27.80
C LYS C 110 0.14 43.38 -28.18
N LEU C 111 0.56 44.15 -27.18
CA LEU C 111 1.18 45.47 -27.40
C LEU C 111 2.33 45.42 -28.37
N PHE C 112 3.25 44.48 -28.17
CA PHE C 112 4.38 44.31 -29.07
C PHE C 112 3.92 44.05 -30.49
N TYR C 113 2.89 43.24 -30.64
CA TYR C 113 2.53 42.69 -31.91
C TYR C 113 1.60 43.67 -32.67
N TYR C 114 0.90 44.53 -31.94
CA TYR C 114 0.04 45.48 -32.60
C TYR C 114 0.68 46.85 -32.70
N ALA C 115 1.98 46.92 -32.41
CA ALA C 115 2.74 48.16 -32.61
C ALA C 115 2.76 48.50 -34.09
N LYS C 116 2.41 49.74 -34.43
CA LYS C 116 2.21 50.17 -35.83
C LYS C 116 3.38 49.92 -36.80
N ASP C 117 4.59 50.22 -36.36
CA ASP C 117 5.79 49.95 -37.14
C ASP C 117 6.93 49.58 -36.18
N PHE C 118 8.11 49.40 -36.74
CA PHE C 118 9.26 48.97 -35.95
C PHE C 118 9.63 49.94 -34.83
N GLU C 119 9.65 51.24 -35.11
CA GLU C 119 10.03 52.21 -34.10
C GLU C 119 9.13 52.10 -32.86
N CYS C 120 7.83 51.89 -33.06
CA CYS C 120 6.87 51.78 -31.96
C CYS C 120 7.08 50.53 -31.13
N PHE C 121 7.36 49.44 -31.83
CA PHE C 121 7.78 48.21 -31.24
C PHE C 121 9.08 48.38 -30.43
N TYR C 122 10.07 49.03 -31.02
CA TYR C 122 11.31 49.35 -30.30
C TYR C 122 11.04 50.13 -29.00
N LYS C 123 10.26 51.18 -29.09
CA LYS C 123 10.02 52.00 -27.90
C LYS C 123 9.35 51.22 -26.77
N THR C 124 8.40 50.36 -27.13
CA THR C 124 7.63 49.55 -26.17
C THR C 124 8.51 48.55 -25.47
N ALA C 125 9.45 47.98 -26.23
CA ALA C 125 10.34 46.96 -25.73
C ALA C 125 11.32 47.59 -24.74
N CYS C 126 11.87 48.74 -25.10
CA CYS C 126 12.69 49.52 -24.20
C CYS C 126 11.93 49.74 -22.91
N TYR C 127 10.71 50.25 -23.04
CA TYR C 127 9.87 50.50 -21.90
C TYR C 127 9.75 49.26 -20.97
N ALA C 128 9.50 48.09 -21.57
CA ALA C 128 9.28 46.85 -20.84
C ALA C 128 10.59 46.32 -20.29
N ARG C 129 11.65 46.58 -21.03
CA ARG C 129 12.97 46.10 -20.67
C ARG C 129 13.41 46.76 -19.38
N VAL C 130 12.86 47.94 -19.11
CA VAL C 130 13.22 48.72 -17.96
C VAL C 130 12.25 48.48 -16.82
N TYR C 131 10.96 48.50 -17.12
CA TYR C 131 9.96 48.45 -16.07
C TYR C 131 9.37 47.10 -15.74
N MET C 132 9.71 46.06 -16.47
CA MET C 132 9.13 44.76 -16.14
C MET C 132 10.05 43.59 -15.92
N ASN C 133 9.50 42.60 -15.22
CA ASN C 133 10.19 41.38 -14.89
C ASN C 133 10.82 40.87 -16.15
N GLN C 134 12.09 40.51 -16.04
CA GLN C 134 12.95 40.28 -17.20
C GLN C 134 12.61 38.99 -17.94
N GLY C 135 12.12 38.00 -17.20
CA GLY C 135 11.72 36.73 -17.79
C GLY C 135 10.47 36.97 -18.58
N MET C 136 9.56 37.73 -17.99
CA MET C 136 8.34 38.11 -18.68
C MET C 136 8.66 38.93 -19.93
N PHE C 137 9.58 39.87 -19.81
CA PHE C 137 9.92 40.66 -20.97
C PHE C 137 10.55 39.77 -22.03
N LEU C 138 11.48 38.91 -21.63
CA LEU C 138 12.24 38.20 -22.65
C LEU C 138 11.29 37.26 -23.34
N TYR C 139 10.37 36.68 -22.59
CA TYR C 139 9.47 35.72 -23.17
C TYR C 139 8.61 36.37 -24.28
N ALA C 140 8.00 37.51 -23.98
CA ALA C 140 7.10 38.16 -24.92
C ALA C 140 7.88 38.74 -26.09
N TYR C 141 9.13 39.10 -25.84
CA TYR C 141 9.97 39.77 -26.82
C TYR C 141 10.44 38.79 -27.88
N TYR C 142 11.02 37.66 -27.48
CA TYR C 142 11.27 36.55 -28.43
C TYR C 142 10.07 36.26 -29.29
N ILE C 143 8.96 35.98 -28.64
CA ILE C 143 7.74 35.64 -29.33
C ILE C 143 7.33 36.76 -30.29
N ALA C 144 7.32 38.01 -29.83
CA ALA C 144 7.05 39.14 -30.71
C ALA C 144 7.95 39.25 -31.93
N ILE C 145 9.26 39.02 -31.77
CA ILE C 145 10.18 39.12 -32.90
C ILE C 145 9.83 38.09 -33.93
N ILE C 146 9.38 36.95 -33.47
CA ILE C 146 9.14 35.88 -34.42
C ILE C 146 7.83 36.05 -35.16
N GLN C 147 6.87 36.71 -34.53
CA GLN C 147 5.53 36.79 -35.08
C GLN C 147 5.28 38.03 -35.91
N ARG C 148 5.82 39.17 -35.50
CA ARG C 148 5.64 40.41 -36.25
C ARG C 148 6.20 40.20 -37.63
N SER C 149 5.43 40.52 -38.65
CA SER C 149 5.86 40.21 -39.99
C SER C 149 6.98 41.14 -40.47
N ASP C 150 7.17 42.27 -39.78
CA ASP C 150 8.25 43.21 -40.10
C ASP C 150 9.58 42.84 -39.42
N THR C 151 9.52 41.80 -38.59
CA THR C 151 10.71 41.30 -37.92
C THR C 151 11.03 39.84 -38.36
N ALA C 152 10.16 39.26 -39.19
CA ALA C 152 10.25 37.87 -39.69
C ALA C 152 11.68 37.32 -39.84
N SER C 153 12.51 38.06 -40.55
CA SER C 153 13.81 37.62 -40.99
C SER C 153 14.93 37.95 -40.01
N PHE C 154 14.62 38.74 -38.98
CA PHE C 154 15.63 39.08 -37.97
C PHE C 154 16.04 37.93 -37.09
N VAL C 155 17.27 38.00 -36.59
CA VAL C 155 17.92 36.90 -35.89
C VAL C 155 17.84 37.15 -34.39
N LEU C 156 17.76 36.06 -33.64
CA LEU C 156 17.75 36.12 -32.20
C LEU C 156 18.99 35.46 -31.63
N PRO C 157 19.46 35.92 -30.46
CA PRO C 157 20.54 35.13 -29.89
C PRO C 157 19.94 33.84 -29.39
N ALA C 158 20.76 32.80 -29.25
CA ALA C 158 20.27 31.52 -28.73
C ALA C 158 19.76 31.68 -27.30
N PRO C 159 18.70 30.94 -26.95
CA PRO C 159 18.14 31.02 -25.60
C PRO C 159 19.18 30.80 -24.49
N TYR C 160 20.19 29.96 -24.72
CA TYR C 160 21.22 29.72 -23.70
C TYR C 160 22.06 30.96 -23.42
N GLU C 161 22.11 31.91 -24.37
CA GLU C 161 22.85 33.16 -24.14
C GLU C 161 21.91 34.14 -23.47
N ALA C 162 20.62 33.95 -23.70
CA ALA C 162 19.59 34.86 -23.18
C ALA C 162 19.20 34.45 -21.75
N TYR C 163 19.23 33.15 -21.47
CA TYR C 163 18.88 32.66 -20.13
C TYR C 163 19.94 31.71 -19.62
N PRO C 164 21.18 32.19 -19.44
CA PRO C 164 22.16 31.15 -19.14
C PRO C 164 21.90 30.34 -17.83
N GLN C 165 21.19 30.94 -16.88
CA GLN C 165 20.86 30.26 -15.66
C GLN C 165 19.97 28.99 -15.84
N TYR C 166 19.30 28.84 -16.99
CA TYR C 166 18.53 27.62 -17.27
C TYR C 166 19.31 26.57 -18.01
N PHE C 167 20.58 26.85 -18.27
CA PHE C 167 21.36 25.98 -19.10
C PHE C 167 22.72 25.67 -18.51
N VAL C 168 23.08 26.42 -17.46
CA VAL C 168 24.28 26.21 -16.67
C VAL C 168 23.89 25.41 -15.41
N ASN C 169 24.59 24.31 -15.15
CA ASN C 169 24.47 23.66 -13.84
C ASN C 169 25.00 24.57 -12.73
N MET C 170 24.52 24.36 -11.51
CA MET C 170 24.86 25.18 -10.34
C MET C 170 26.34 25.31 -10.07
N GLU C 171 27.03 24.17 -10.02
CA GLU C 171 28.47 24.14 -9.86
C GLU C 171 29.16 25.23 -10.67
N VAL C 172 28.81 25.30 -11.95
CA VAL C 172 29.48 26.20 -12.90
C VAL C 172 29.07 27.63 -12.62
N LYS C 173 27.79 27.81 -12.33
CA LYS C 173 27.28 29.11 -12.00
C LYS C 173 28.01 29.68 -10.76
N ASN C 174 28.18 28.89 -9.70
CA ASN C 174 28.92 29.35 -8.53
C ASN C 174 30.40 29.68 -8.84
N LYS C 175 31.06 28.85 -9.64
CA LYS C 175 32.43 29.14 -10.07
C LYS C 175 32.53 30.51 -10.74
N MET C 176 31.60 30.79 -11.66
CA MET C 176 31.51 32.06 -12.33
C MET C 176 31.29 33.22 -11.38
N ASP C 177 30.32 33.07 -10.48
CA ASP C 177 30.04 34.08 -9.46
C ASP C 177 31.28 34.35 -8.61
N TYR C 178 32.05 33.31 -8.28
CA TYR C 178 33.17 33.55 -7.37
C TYR C 178 34.36 34.24 -8.04
N VAL C 179 34.58 33.96 -9.32
CA VAL C 179 35.56 34.72 -10.12
C VAL C 179 35.16 36.20 -10.24
N LYS C 180 33.88 36.48 -10.46
CA LYS C 180 33.39 37.88 -10.44
C LYS C 180 33.61 38.57 -9.08
N MET C 181 33.24 37.91 -7.99
CA MET C 181 33.47 38.43 -6.64
C MET C 181 34.95 38.70 -6.34
N MET C 182 35.85 37.84 -6.81
CA MET C 182 37.28 38.04 -6.65
C MET C 182 37.82 39.00 -7.68
N ASP C 183 37.05 39.27 -8.72
CA ASP C 183 37.50 40.15 -9.80
C ASP C 183 38.70 39.52 -10.51
N GLY C 184 38.58 38.23 -10.81
CA GLY C 184 39.63 37.55 -11.54
C GLY C 184 40.23 36.39 -10.78
N CYS C 185 41.36 35.91 -11.25
CA CYS C 185 41.93 34.69 -10.72
C CYS C 185 43.01 35.00 -9.73
N LEU C 186 42.90 34.41 -8.53
CA LEU C 186 43.97 34.39 -7.53
C LEU C 186 45.30 34.06 -8.20
N ASP C 187 45.49 32.80 -8.57
CA ASP C 187 46.50 32.47 -9.57
C ASP C 187 45.98 31.45 -10.58
N GLU C 188 46.48 31.55 -11.81
CA GLU C 188 46.08 30.68 -12.90
C GLU C 188 46.03 29.20 -12.53
N LYS C 189 47.09 28.72 -11.87
CA LYS C 189 47.29 27.28 -11.62
C LYS C 189 46.25 26.62 -10.67
N ILE C 190 45.83 27.33 -9.62
CA ILE C 190 44.66 26.92 -8.79
C ILE C 190 43.42 26.83 -9.69
N CYS C 191 43.13 27.93 -10.37
CA CYS C 191 41.95 28.04 -11.20
C CYS C 191 41.97 27.06 -12.34
N TYR C 192 43.13 26.83 -12.94
CA TYR C 192 43.20 25.84 -13.99
C TYR C 192 42.74 24.48 -13.47
N ASN C 193 43.06 24.20 -12.21
CA ASN C 193 42.74 22.92 -11.63
C ASN C 193 41.26 22.81 -11.27
N TYR C 194 40.59 23.94 -11.20
CA TYR C 194 39.12 23.97 -11.10
C TYR C 194 38.41 24.13 -12.43
N GLY C 195 39.16 24.00 -13.54
CA GLY C 195 38.60 24.07 -14.89
C GLY C 195 38.28 25.49 -15.32
N ILE C 196 39.02 26.45 -14.80
CA ILE C 196 38.81 27.87 -15.09
C ILE C 196 40.08 28.38 -15.75
N ILE C 197 39.97 28.88 -16.98
CA ILE C 197 41.12 29.46 -17.70
C ILE C 197 40.80 30.80 -18.36
N LYS C 198 41.82 31.61 -18.63
CA LYS C 198 41.68 32.83 -19.44
C LYS C 198 42.06 32.61 -20.91
N GLU C 199 41.16 32.96 -21.82
CA GLU C 199 41.53 33.08 -23.21
C GLU C 199 41.16 34.46 -23.72
N ASN C 200 42.13 35.15 -24.32
CA ASN C 200 41.96 36.52 -24.81
C ASN C 200 41.22 37.43 -23.83
N GLU C 201 41.69 37.45 -22.58
CA GLU C 201 41.06 38.20 -21.48
C GLU C 201 39.55 37.92 -21.36
N GLN C 202 39.20 36.65 -21.48
CA GLN C 202 37.83 36.20 -21.33
C GLN C 202 37.97 34.97 -20.44
N PHE C 203 37.00 34.70 -19.56
CA PHE C 203 37.05 33.47 -18.75
C PHE C 203 36.33 32.29 -19.39
N VAL C 204 37.00 31.13 -19.40
CA VAL C 204 36.42 29.89 -19.90
C VAL C 204 36.29 28.93 -18.72
N MET C 205 35.07 28.45 -18.51
CA MET C 205 34.76 27.52 -17.42
C MET C 205 34.34 26.16 -17.98
N TYR C 206 35.16 25.13 -17.77
CA TYR C 206 34.82 23.79 -18.28
C TYR C 206 33.64 23.17 -17.51
N ALA C 207 32.65 22.62 -18.20
CA ALA C 207 31.48 22.07 -17.50
C ALA C 207 31.19 20.64 -17.87
N ASN C 208 31.02 19.83 -16.83
CA ASN C 208 30.66 18.42 -16.96
C ASN C 208 29.15 18.32 -17.06
N TYR C 209 28.64 17.22 -17.59
CA TYR C 209 27.20 16.97 -17.46
C TYR C 209 26.99 16.39 -16.06
N SER C 210 25.78 16.42 -15.55
CA SER C 210 25.61 16.01 -14.16
C SER C 210 25.78 14.52 -13.86
N ASN C 211 26.25 14.23 -12.65
CA ASN C 211 26.44 12.84 -12.18
C ASN C 211 25.15 12.23 -11.53
N SER C 212 25.30 11.09 -10.86
CA SER C 212 24.14 10.36 -10.38
C SER C 212 23.46 11.07 -9.22
N LEU C 213 24.08 12.14 -8.71
CA LEU C 213 23.44 12.94 -7.67
C LEU C 213 22.31 13.79 -8.23
N THR C 214 22.25 13.98 -9.55
CA THR C 214 21.10 14.70 -10.14
C THR C 214 20.18 13.78 -11.00
N TYR C 215 20.80 12.76 -11.62
CA TYR C 215 20.06 11.64 -12.19
C TYR C 215 20.37 10.35 -11.38
N PRO C 216 19.63 10.10 -10.27
CA PRO C 216 19.90 8.93 -9.35
C PRO C 216 19.44 7.56 -9.90
N ASN C 217 19.77 7.30 -11.16
CA ASN C 217 19.32 6.14 -11.91
C ASN C 217 19.93 6.11 -13.31
N ASN C 218 19.65 5.04 -14.03
CA ASN C 218 20.15 4.83 -15.36
C ASN C 218 19.97 5.96 -16.34
N GLU C 219 19.01 6.82 -16.07
CA GLU C 219 18.73 7.91 -16.98
C GLU C 219 19.95 8.81 -17.09
N ASP C 220 20.84 8.70 -16.11
CA ASP C 220 22.11 9.42 -16.15
C ASP C 220 23.04 9.04 -17.32
N ARG C 221 22.88 7.85 -17.91
CA ARG C 221 23.62 7.50 -19.13
C ARG C 221 23.44 8.51 -20.27
N ILE C 222 22.33 9.23 -20.23
CA ILE C 222 21.80 10.02 -21.32
C ILE C 222 21.96 11.53 -21.04
N ALA C 223 22.55 11.87 -19.89
CA ALA C 223 22.64 13.28 -19.51
C ALA C 223 23.20 14.16 -20.68
N TYR C 224 24.13 13.64 -21.48
CA TYR C 224 24.70 14.42 -22.58
C TYR C 224 23.70 14.75 -23.69
N LEU C 225 22.62 13.99 -23.82
CA LEU C 225 21.57 14.41 -24.75
C LEU C 225 20.50 15.26 -24.02
N THR C 226 20.03 14.79 -22.87
CA THR C 226 18.98 15.52 -22.17
C THR C 226 19.38 16.89 -21.63
N GLU C 227 20.64 17.06 -21.26
CA GLU C 227 21.13 18.36 -20.78
C GLU C 227 21.74 19.22 -21.86
N ASP C 228 21.88 18.66 -23.05
CA ASP C 228 22.40 19.39 -24.18
C ASP C 228 21.70 20.74 -24.34
N VAL C 229 22.50 21.78 -24.54
CA VAL C 229 21.97 23.12 -24.70
C VAL C 229 21.20 23.31 -26.02
N GLY C 230 21.60 22.63 -27.09
CA GLY C 230 20.90 22.71 -28.38
C GLY C 230 19.51 22.10 -28.26
N LEU C 231 19.43 20.86 -27.78
CA LEU C 231 18.15 20.21 -27.61
C LEU C 231 17.16 20.94 -26.67
N ASN C 232 17.64 21.55 -25.60
CA ASN C 232 16.74 22.31 -24.74
C ASN C 232 16.24 23.58 -25.41
N ALA C 233 17.17 24.33 -26.00
CA ALA C 233 16.85 25.49 -26.79
C ALA C 233 15.86 25.14 -27.93
N TYR C 234 16.03 23.96 -28.52
CA TYR C 234 15.21 23.54 -29.66
C TYR C 234 13.75 23.61 -29.27
N TYR C 235 13.46 23.10 -28.08
CA TYR C 235 12.12 22.99 -27.57
C TYR C 235 11.58 24.39 -27.28
N TYR C 236 12.40 25.26 -26.74
CA TYR C 236 12.00 26.64 -26.50
C TYR C 236 11.57 27.37 -27.81
N TYR C 237 12.38 27.24 -28.85
CA TYR C 237 12.09 27.79 -30.16
C TYR C 237 10.76 27.25 -30.66
N PHE C 238 10.55 25.95 -30.45
CA PHE C 238 9.36 25.31 -30.96
C PHE C 238 8.17 25.99 -30.30
N HIS C 239 8.23 26.15 -28.98
CA HIS C 239 7.14 26.79 -28.29
C HIS C 239 6.95 28.19 -28.80
N SER C 240 8.04 28.95 -28.92
CA SER C 240 7.94 30.35 -29.38
C SER C 240 7.42 30.52 -30.78
N HIS C 241 7.50 29.48 -31.62
CA HIS C 241 7.06 29.68 -33.00
C HIS C 241 5.55 29.64 -33.16
N LEU C 242 4.90 28.95 -32.25
CA LEU C 242 3.45 28.97 -32.17
C LEU C 242 3.03 28.56 -30.76
N PRO C 243 2.89 29.53 -29.86
CA PRO C 243 2.55 29.20 -28.46
C PRO C 243 1.13 28.66 -28.32
N PHE C 244 0.96 27.68 -27.42
CA PHE C 244 -0.35 27.04 -27.26
C PHE C 244 -1.45 28.09 -27.08
N TRP C 245 -1.11 29.18 -26.43
CA TRP C 245 -2.13 30.13 -26.05
C TRP C 245 -2.64 31.04 -27.16
N TRP C 246 -1.96 31.06 -28.31
CA TRP C 246 -2.34 31.94 -29.42
C TRP C 246 -3.01 31.12 -30.53
N ASN C 247 -4.03 31.65 -31.19
CA ASN C 247 -4.55 30.99 -32.41
C ASN C 247 -3.50 30.98 -33.52
N SER C 248 -3.80 30.32 -34.63
CA SER C 248 -2.80 30.25 -35.71
C SER C 248 -3.29 30.98 -36.94
N GLY C 249 -4.19 31.93 -36.71
CA GLY C 249 -4.83 32.71 -37.76
C GLY C 249 -3.81 33.40 -38.63
N LYS C 250 -2.67 33.73 -38.02
CA LYS C 250 -1.56 34.37 -38.72
C LYS C 250 -1.17 33.54 -39.95
N TYR C 251 -1.27 32.22 -39.84
CA TYR C 251 -0.77 31.30 -40.86
C TYR C 251 -1.78 30.70 -41.86
N GLY C 252 -3.01 31.23 -41.87
CA GLY C 252 -4.08 30.83 -42.83
C GLY C 252 -4.32 29.32 -43.00
N ALA C 253 -4.17 28.83 -44.24
CA ALA C 253 -4.34 27.41 -44.62
C ALA C 253 -3.71 26.38 -43.65
N PHE C 254 -2.63 26.77 -42.98
CA PHE C 254 -2.03 25.95 -41.94
C PHE C 254 -2.89 25.72 -40.68
N LYS C 255 -3.83 26.61 -40.40
CA LYS C 255 -4.68 26.46 -39.21
C LYS C 255 -5.33 25.10 -39.12
N GLU C 256 -5.79 24.61 -40.27
CA GLU C 256 -6.48 23.33 -40.38
C GLU C 256 -5.57 22.14 -40.17
N ARG C 257 -4.28 22.38 -39.90
CA ARG C 257 -3.30 21.30 -39.69
C ARG C 257 -2.44 21.46 -38.43
N ARG C 258 -2.91 22.26 -37.47
CA ARG C 258 -2.12 22.54 -36.28
C ARG C 258 -1.93 21.30 -35.41
N GLY C 259 -3.04 20.60 -35.15
CA GLY C 259 -3.02 19.43 -34.30
C GLY C 259 -2.14 18.38 -34.90
N GLU C 260 -1.98 18.45 -36.22
CA GLU C 260 -1.12 17.52 -36.93
C GLU C 260 0.33 17.78 -36.56
N ILE C 261 0.70 19.06 -36.50
CA ILE C 261 2.04 19.45 -36.17
C ILE C 261 2.41 19.05 -34.77
N TYR C 262 1.41 19.06 -33.90
CA TYR C 262 1.68 18.78 -32.52
C TYR C 262 2.07 17.33 -32.40
N PHE C 263 1.27 16.45 -32.98
CA PHE C 263 1.62 15.06 -32.91
C PHE C 263 3.02 14.88 -33.50
N PHE C 264 3.22 15.39 -34.71
CA PHE C 264 4.43 15.15 -35.47
C PHE C 264 5.63 15.62 -34.65
N PHE C 265 5.55 16.81 -34.07
CA PHE C 265 6.68 17.30 -33.33
C PHE C 265 7.08 16.32 -32.19
N TYR C 266 6.11 15.86 -31.41
CA TYR C 266 6.38 15.01 -30.29
C TYR C 266 6.70 13.58 -30.69
N GLN C 267 6.10 13.10 -31.78
CA GLN C 267 6.41 11.75 -32.24
C GLN C 267 7.89 11.74 -32.67
N GLN C 268 8.34 12.82 -33.26
CA GLN C 268 9.68 12.88 -33.82
C GLN C 268 10.68 12.90 -32.70
N LEU C 269 10.40 13.73 -31.69
CA LEU C 269 11.30 13.89 -30.57
C LEU C 269 11.44 12.58 -29.78
N LEU C 270 10.33 11.87 -29.59
CA LEU C 270 10.38 10.69 -28.83
C LEU C 270 11.09 9.63 -29.63
N ALA C 271 11.02 9.71 -30.95
CA ALA C 271 11.73 8.76 -31.81
C ALA C 271 13.22 8.97 -31.67
N ARG C 272 13.64 10.22 -31.64
CA ARG C 272 15.04 10.59 -31.43
C ARG C 272 15.57 10.12 -30.09
N TYR C 273 14.78 10.34 -29.03
CA TYR C 273 15.14 10.04 -27.67
C TYR C 273 15.27 8.51 -27.47
N TYR C 274 14.33 7.75 -28.03
CA TYR C 274 14.36 6.30 -27.90
C TYR C 274 15.63 5.74 -28.54
N MET C 275 16.07 6.42 -29.58
CA MET C 275 17.26 6.00 -30.28
C MET C 275 18.52 6.23 -29.46
N GLU C 276 18.51 7.31 -28.69
CA GLU C 276 19.62 7.52 -27.78
C GLU C 276 19.59 6.45 -26.65
N ARG C 277 18.39 6.17 -26.13
CA ARG C 277 18.19 5.12 -25.15
C ARG C 277 18.78 3.81 -25.65
N LEU C 278 18.52 3.51 -26.92
CA LEU C 278 18.93 2.21 -27.47
C LEU C 278 20.42 2.04 -27.53
N THR C 279 21.13 3.09 -27.96
CA THR C 279 22.58 3.04 -28.02
C THR C 279 23.26 3.02 -26.66
N ASN C 280 22.53 3.41 -25.62
CA ASN C 280 23.07 3.36 -24.24
C ASN C 280 22.51 2.19 -23.42
N GLY C 281 21.99 1.19 -24.14
CA GLY C 281 21.41 0.00 -23.55
C GLY C 281 20.21 0.16 -22.64
N LEU C 282 19.35 1.14 -22.89
CA LEU C 282 18.30 1.49 -21.93
C LEU C 282 16.82 1.11 -22.15
N GLY C 283 16.39 0.65 -23.33
CA GLY C 283 14.98 0.18 -23.47
C GLY C 283 13.85 1.21 -23.54
N LYS C 284 12.60 0.71 -23.61
CA LYS C 284 11.39 1.54 -23.82
C LYS C 284 11.26 2.66 -22.82
N ILE C 285 10.70 3.78 -23.26
CA ILE C 285 10.28 4.85 -22.36
C ILE C 285 9.20 4.30 -21.42
N PRO C 286 9.42 4.38 -20.11
CA PRO C 286 8.47 3.79 -19.15
C PRO C 286 7.06 4.42 -19.16
N GLU C 287 6.03 3.61 -18.84
CA GLU C 287 4.65 4.04 -18.71
C GLU C 287 4.38 4.31 -17.23
N PHE C 288 3.43 5.16 -16.90
CA PHE C 288 3.06 5.39 -15.49
C PHE C 288 1.54 5.49 -15.29
N SER C 289 1.17 5.81 -14.07
CA SER C 289 -0.19 5.91 -13.63
C SER C 289 -0.32 7.03 -12.60
N TRP C 290 -1.41 7.78 -12.63
CA TRP C 290 -1.55 8.89 -11.67
C TRP C 290 -1.76 8.34 -10.28
N TYR C 291 -2.06 7.05 -10.18
CA TYR C 291 -2.42 6.47 -8.90
C TYR C 291 -1.31 5.59 -8.33
N SER C 292 -0.11 5.74 -8.88
CA SER C 292 1.00 4.88 -8.56
C SER C 292 2.28 5.66 -8.46
N PRO C 293 3.28 5.07 -7.77
CA PRO C 293 4.55 5.72 -7.66
C PRO C 293 5.23 5.81 -9.00
N LEU C 294 5.80 6.96 -9.29
CA LEU C 294 6.64 7.14 -10.47
C LEU C 294 8.07 6.75 -10.16
N ARG C 295 8.64 5.83 -10.93
CA ARG C 295 9.98 5.29 -10.66
C ARG C 295 11.15 6.24 -10.76
N THR C 296 11.25 7.02 -11.81
CA THR C 296 12.54 7.66 -12.04
C THR C 296 12.53 9.12 -11.66
N GLY C 297 13.36 9.43 -10.66
CA GLY C 297 13.45 10.76 -10.08
C GLY C 297 14.38 11.70 -10.80
N TYR C 298 14.47 12.92 -10.31
CA TYR C 298 15.29 13.95 -10.91
C TYR C 298 15.47 15.06 -9.92
N LEU C 299 16.73 15.47 -9.74
CA LEU C 299 17.06 16.54 -8.81
C LEU C 299 17.76 17.65 -9.56
N PRO C 300 17.02 18.68 -9.95
CA PRO C 300 17.57 19.73 -10.80
C PRO C 300 18.65 20.55 -10.09
N PRO C 301 19.79 20.79 -10.76
CA PRO C 301 20.81 21.68 -10.17
C PRO C 301 20.60 23.14 -10.61
N PHE C 302 19.36 23.62 -10.41
CA PHE C 302 19.01 25.00 -10.66
C PHE C 302 18.41 25.61 -9.42
N ASN C 303 18.41 26.93 -9.36
CA ASN C 303 17.71 27.71 -8.34
C ASN C 303 17.22 29.07 -8.83
N SER C 304 16.13 29.56 -8.28
CA SER C 304 15.56 30.88 -8.59
C SER C 304 16.06 31.87 -7.55
N PHE C 305 15.54 33.09 -7.51
CA PHE C 305 16.00 34.02 -6.47
C PHE C 305 15.73 33.54 -5.03
N TYR C 306 14.64 32.80 -4.87
CA TYR C 306 14.16 32.39 -3.55
C TYR C 306 14.33 30.93 -3.24
N TYR C 307 14.25 30.10 -4.29
CA TYR C 307 14.06 28.69 -4.09
C TYR C 307 15.00 27.88 -4.94
N PRO C 308 15.52 26.76 -4.40
CA PRO C 308 16.10 25.80 -5.32
C PRO C 308 14.96 25.11 -6.03
N PHE C 309 15.20 24.69 -7.25
CA PHE C 309 14.20 23.93 -8.00
C PHE C 309 13.71 22.69 -7.23
N ALA C 310 12.43 22.42 -7.37
CA ALA C 310 11.82 21.26 -6.75
C ALA C 310 12.51 19.96 -7.22
N GLN C 311 12.67 18.99 -6.32
CA GLN C 311 13.28 17.69 -6.64
C GLN C 311 12.20 16.59 -6.62
N ARG C 312 12.36 15.56 -7.43
CA ARG C 312 11.41 14.46 -7.29
C ARG C 312 12.22 13.21 -7.00
N SER C 313 12.06 12.61 -5.82
CA SER C 313 12.84 11.44 -5.48
C SER C 313 12.48 10.22 -6.32
N ASN C 314 13.28 9.16 -6.28
CA ASN C 314 12.84 7.92 -6.87
C ASN C 314 11.61 7.33 -6.15
N ASP C 315 10.73 6.69 -6.92
CA ASP C 315 9.50 6.11 -6.37
C ASP C 315 8.58 7.12 -5.66
N TYR C 316 8.43 8.28 -6.30
CA TYR C 316 7.65 9.40 -5.76
C TYR C 316 6.19 9.07 -5.99
N GLU C 317 5.42 9.01 -4.90
CA GLU C 317 4.00 8.74 -5.04
C GLU C 317 3.25 9.97 -5.62
N LEU C 318 2.73 9.81 -6.83
CA LEU C 318 1.99 10.85 -7.51
C LEU C 318 0.69 11.18 -6.78
N HIS C 319 0.01 10.15 -6.30
CA HIS C 319 -1.25 10.27 -5.61
C HIS C 319 -1.15 10.66 -4.10
N THR C 320 -0.68 11.87 -3.77
CA THR C 320 -0.78 12.37 -2.39
C THR C 320 -1.84 13.47 -2.26
N GLU C 321 -2.23 13.78 -1.02
CA GLU C 321 -3.20 14.83 -0.69
C GLU C 321 -3.12 16.04 -1.61
N LYS C 322 -1.94 16.63 -1.80
CA LYS C 322 -1.91 17.89 -2.55
C LYS C 322 -2.22 17.74 -4.06
N ASN C 323 -2.20 16.51 -4.57
CA ASN C 323 -2.51 16.26 -5.99
C ASN C 323 -3.86 15.67 -6.31
N TYR C 324 -4.68 15.44 -5.29
CA TYR C 324 -5.89 14.67 -5.48
C TYR C 324 -6.77 15.31 -6.54
N GLU C 325 -7.02 16.63 -6.45
CA GLU C 325 -7.90 17.33 -7.37
C GLU C 325 -7.31 17.35 -8.78
N GLU C 326 -6.04 17.69 -8.88
CA GLU C 326 -5.36 17.72 -10.16
C GLU C 326 -5.43 16.37 -10.89
N ILE C 327 -5.26 15.29 -10.11
CA ILE C 327 -5.28 13.95 -10.68
C ILE C 327 -6.64 13.57 -11.17
N ARG C 328 -7.70 13.97 -10.45
CA ARG C 328 -9.07 13.70 -10.93
C ARG C 328 -9.33 14.48 -12.24
N PHE C 329 -8.83 15.71 -12.30
CA PHE C 329 -8.87 16.45 -13.54
C PHE C 329 -8.17 15.68 -14.71
N LEU C 330 -6.94 15.20 -14.47
CA LEU C 330 -6.12 14.53 -15.50
C LEU C 330 -6.71 13.21 -15.95
N ASP C 331 -7.12 12.42 -14.98
CA ASP C 331 -7.82 11.18 -15.23
C ASP C 331 -9.03 11.35 -16.10
N ILE C 332 -9.91 12.31 -15.80
CA ILE C 332 -11.09 12.41 -16.67
C ILE C 332 -10.76 13.03 -18.04
N TYR C 333 -9.66 13.79 -18.09
CA TYR C 333 -9.27 14.42 -19.35
C TYR C 333 -8.94 13.32 -20.37
N GLU C 334 -8.23 12.29 -19.91
CA GLU C 334 -7.87 11.15 -20.74
C GLU C 334 -9.11 10.33 -21.08
N LYS C 335 -9.88 9.94 -20.08
CA LYS C 335 -11.02 9.09 -20.32
C LYS C 335 -12.07 9.73 -21.25
N THR C 336 -12.17 11.06 -21.26
CA THR C 336 -13.05 11.75 -22.20
C THR C 336 -12.64 11.43 -23.63
N PHE C 337 -11.34 11.43 -23.88
CA PHE C 337 -10.79 11.03 -25.17
C PHE C 337 -11.22 9.62 -25.53
N PHE C 338 -10.94 8.66 -24.62
CA PHE C 338 -11.40 7.28 -24.80
C PHE C 338 -12.89 7.19 -25.18
N GLN C 339 -13.73 8.03 -24.59
CA GLN C 339 -15.17 7.99 -24.84
C GLN C 339 -15.56 8.44 -26.26
N TYR C 340 -14.89 9.49 -26.73
CA TYR C 340 -14.96 9.89 -28.13
C TYR C 340 -14.68 8.70 -29.02
N LEU C 341 -13.50 8.11 -28.85
CA LEU C 341 -13.12 6.97 -29.65
C LEU C 341 -14.14 5.86 -29.56
N GLN C 342 -14.62 5.57 -28.35
CA GLN C 342 -15.61 4.52 -28.20
C GLN C 342 -16.82 4.84 -29.05
N GLN C 343 -17.13 6.12 -29.16
CA GLN C 343 -18.32 6.59 -29.85
C GLN C 343 -18.19 6.81 -31.37
N GLY C 344 -16.97 6.77 -31.91
CA GLY C 344 -16.73 7.08 -33.33
C GLY C 344 -17.14 8.49 -33.75
N HIS C 345 -18.43 8.78 -33.63
CA HIS C 345 -18.98 10.06 -34.05
C HIS C 345 -18.90 10.94 -32.85
N PHE C 346 -17.69 11.53 -32.64
CA PHE C 346 -17.45 12.57 -31.62
C PHE C 346 -17.82 14.02 -32.01
N LYS C 347 -17.53 14.96 -31.13
CA LYS C 347 -18.18 16.28 -31.20
C LYS C 347 -17.94 17.00 -29.90
N ALA C 348 -16.88 17.78 -29.88
CA ALA C 348 -16.69 18.73 -28.83
C ALA C 348 -16.67 20.10 -29.45
N PHE C 349 -16.95 21.09 -28.59
CA PHE C 349 -16.78 22.54 -28.83
C PHE C 349 -17.28 23.09 -30.17
N ASP C 350 -18.52 22.71 -30.53
CA ASP C 350 -19.31 23.25 -31.65
C ASP C 350 -19.79 22.20 -32.66
N LYS C 351 -18.86 21.58 -33.39
CA LYS C 351 -19.23 20.68 -34.50
C LYS C 351 -19.36 19.22 -34.09
N LYS C 352 -19.90 18.40 -35.02
CA LYS C 352 -19.79 16.95 -34.97
C LYS C 352 -18.57 16.55 -35.82
N ILE C 353 -17.64 15.79 -35.28
CA ILE C 353 -16.48 15.42 -36.10
C ILE C 353 -16.34 13.92 -36.31
N ASP C 354 -16.12 13.56 -37.56
CA ASP C 354 -15.98 12.19 -37.97
C ASP C 354 -14.54 11.72 -37.88
N LEU C 355 -14.33 10.52 -37.35
CA LEU C 355 -12.99 9.94 -37.12
C LEU C 355 -12.15 9.60 -38.36
N HIS C 356 -12.79 9.44 -39.51
CA HIS C 356 -12.08 9.00 -40.69
C HIS C 356 -11.62 10.18 -41.55
N SER C 357 -12.08 11.40 -41.26
CA SER C 357 -11.59 12.60 -41.95
C SER C 357 -10.35 13.13 -41.24
N SER C 358 -10.02 14.39 -41.49
CA SER C 358 -8.74 14.94 -41.04
C SER C 358 -8.93 16.22 -40.24
N LYS C 359 -10.10 16.83 -40.42
CA LYS C 359 -10.68 17.72 -39.42
C LYS C 359 -10.47 17.03 -38.06
N ALA C 360 -10.53 15.69 -38.10
CA ALA C 360 -10.20 14.84 -36.96
C ALA C 360 -8.75 14.98 -36.45
N VAL C 361 -7.73 14.72 -37.26
CA VAL C 361 -6.35 14.83 -36.77
C VAL C 361 -6.13 16.21 -36.18
N ASN C 362 -6.82 17.19 -36.75
CA ASN C 362 -6.62 18.55 -36.27
C ASN C 362 -7.15 18.64 -34.86
N PHE C 363 -8.37 18.16 -34.69
CA PHE C 363 -9.00 18.17 -33.41
C PHE C 363 -8.18 17.42 -32.36
N VAL C 364 -7.58 16.29 -32.76
CA VAL C 364 -6.94 15.42 -31.80
C VAL C 364 -5.79 16.10 -31.13
N GLY C 365 -4.92 16.70 -31.94
CA GLY C 365 -3.74 17.38 -31.42
C GLY C 365 -4.08 18.61 -30.59
N ASN C 366 -5.03 19.39 -31.09
CA ASN C 366 -5.51 20.54 -30.38
C ASN C 366 -6.08 20.15 -29.03
N TYR C 367 -6.70 18.97 -28.97
CA TYR C 367 -7.37 18.51 -27.77
C TYR C 367 -6.36 18.22 -26.68
N TRP C 368 -5.29 17.52 -27.05
CA TRP C 368 -4.26 17.12 -26.13
C TRP C 368 -3.47 18.33 -25.71
N GLN C 369 -3.55 19.42 -26.49
CA GLN C 369 -2.78 20.61 -26.17
C GLN C 369 -3.59 21.69 -25.48
N THR C 370 -4.89 21.53 -25.47
CA THR C 370 -5.79 22.62 -25.09
C THR C 370 -5.32 23.95 -25.65
N ASN C 371 -5.04 24.02 -26.96
CA ASN C 371 -4.56 25.30 -27.54
C ASN C 371 -5.73 26.16 -27.92
N ALA C 372 -5.46 27.42 -28.29
CA ALA C 372 -6.56 28.36 -28.58
C ALA C 372 -7.46 27.89 -29.75
N ASP C 373 -6.91 27.02 -30.60
CA ASP C 373 -7.67 26.53 -31.75
C ASP C 373 -8.81 25.62 -31.37
N LEU C 374 -8.59 24.80 -30.33
CA LEU C 374 -9.61 23.91 -29.80
C LEU C 374 -10.93 24.61 -29.54
N PHE C 375 -10.86 25.85 -29.05
CA PHE C 375 -12.05 26.61 -28.70
C PHE C 375 -12.36 27.63 -29.78
N GLU C 376 -11.52 27.69 -30.81
CA GLU C 376 -11.69 28.60 -31.95
C GLU C 376 -11.73 30.07 -31.51
N GLU C 377 -10.78 30.44 -30.68
CA GLU C 377 -10.69 31.79 -30.19
C GLU C 377 -9.27 32.31 -30.42
N ASP C 378 -9.07 33.60 -30.18
CA ASP C 378 -7.84 34.27 -30.50
C ASP C 378 -6.78 33.97 -29.48
N PHE C 379 -7.15 34.08 -28.22
CA PHE C 379 -6.21 33.80 -27.17
C PHE C 379 -6.89 32.90 -26.17
N LEU C 380 -6.10 32.03 -25.57
CA LEU C 380 -6.56 31.22 -24.48
C LEU C 380 -7.14 32.04 -23.33
N GLN C 381 -8.20 31.55 -22.73
CA GLN C 381 -8.94 32.28 -21.72
C GLN C 381 -8.64 31.79 -20.30
N PHE C 382 -8.79 32.72 -19.34
CA PHE C 382 -8.32 32.53 -17.95
C PHE C 382 -8.76 31.20 -17.30
N TYR C 383 -10.00 30.78 -17.58
CA TYR C 383 -10.67 29.62 -16.98
C TYR C 383 -10.54 28.32 -17.77
N GLN C 384 -9.78 28.32 -18.86
CA GLN C 384 -9.69 27.15 -19.73
C GLN C 384 -8.51 26.32 -19.27
N ARG C 385 -8.74 25.17 -18.65
CA ARG C 385 -7.65 24.42 -17.97
C ARG C 385 -6.97 23.44 -18.88
N SER C 386 -5.66 23.44 -18.81
CA SER C 386 -4.83 22.67 -19.70
C SER C 386 -4.51 21.30 -19.11
N TYR C 387 -4.58 20.26 -19.94
CA TYR C 387 -4.08 18.96 -19.53
C TYR C 387 -2.59 18.99 -19.24
N GLU C 388 -1.82 19.53 -20.19
CA GLU C 388 -0.36 19.55 -20.07
C GLU C 388 0.11 20.36 -18.84
N VAL C 389 -0.50 21.52 -18.64
CA VAL C 389 -0.17 22.30 -17.47
C VAL C 389 -0.39 21.50 -16.19
N ASN C 390 -1.53 20.82 -16.07
CA ASN C 390 -1.77 20.10 -14.83
C ASN C 390 -0.86 18.90 -14.66
N ALA C 391 -0.58 18.23 -15.77
CA ALA C 391 0.37 17.12 -15.69
C ALA C 391 1.74 17.59 -15.21
N ARG C 392 2.25 18.64 -15.84
CA ARG C 392 3.51 19.26 -15.50
C ARG C 392 3.56 19.64 -14.02
N ARG C 393 2.51 20.20 -13.48
CA ARG C 393 2.52 20.48 -12.06
C ARG C 393 2.55 19.24 -11.13
N VAL C 394 1.86 18.18 -11.51
CA VAL C 394 1.87 16.96 -10.75
C VAL C 394 3.24 16.28 -10.84
N LEU C 395 3.81 16.21 -12.04
CA LEU C 395 5.06 15.47 -12.23
C LEU C 395 6.27 16.26 -11.70
N GLY C 396 6.13 17.59 -11.63
CA GLY C 396 7.22 18.52 -11.28
C GLY C 396 7.55 18.46 -9.81
N ALA C 397 6.57 17.98 -9.03
CA ALA C 397 6.73 17.65 -7.60
C ALA C 397 6.90 18.83 -6.66
N ALA C 398 6.76 20.05 -7.17
CA ALA C 398 6.91 21.27 -6.36
C ALA C 398 5.77 21.40 -5.35
N PRO C 399 6.03 22.02 -4.19
CA PRO C 399 4.92 22.43 -3.31
C PRO C 399 4.14 23.53 -3.97
N LYS C 400 2.90 23.75 -3.53
CA LYS C 400 1.99 24.73 -4.13
C LYS C 400 2.43 26.19 -4.00
N PRO C 401 2.09 27.02 -5.03
CA PRO C 401 2.54 28.42 -5.06
C PRO C 401 2.24 29.17 -3.77
N PHE C 402 3.17 30.03 -3.35
CA PHE C 402 3.02 30.82 -2.15
C PHE C 402 1.93 31.86 -2.33
N ASN C 403 2.05 32.67 -3.38
CA ASN C 403 0.94 33.48 -3.90
C ASN C 403 1.04 33.43 -5.42
N GLN C 404 0.25 34.23 -6.12
CA GLN C 404 0.08 34.06 -7.54
C GLN C 404 1.32 34.46 -8.30
N TYR C 405 2.20 35.22 -7.65
CA TYR C 405 3.44 35.70 -8.29
C TYR C 405 4.67 34.90 -7.89
N THR C 406 4.49 33.90 -7.04
CA THR C 406 5.61 33.25 -6.43
C THR C 406 5.30 31.80 -6.34
N PHE C 407 5.96 31.04 -7.19
CA PHE C 407 5.81 29.60 -7.20
C PHE C 407 7.20 28.99 -7.03
N ILE C 408 7.27 27.70 -6.74
CA ILE C 408 8.55 27.06 -6.59
C ILE C 408 8.92 26.33 -7.88
N PRO C 409 9.98 26.77 -8.55
CA PRO C 409 10.21 26.22 -9.87
C PRO C 409 10.51 24.71 -9.89
N SER C 410 10.21 24.06 -11.01
CA SER C 410 10.75 22.73 -11.34
C SER C 410 11.14 22.79 -12.82
N ALA C 411 11.89 21.81 -13.30
CA ALA C 411 12.28 21.76 -14.70
C ALA C 411 11.10 21.85 -15.69
N LEU C 412 9.98 21.28 -15.31
CA LEU C 412 8.79 21.28 -16.14
C LEU C 412 8.10 22.65 -16.23
N ASP C 413 8.54 23.61 -15.41
CA ASP C 413 7.98 24.99 -15.45
C ASP C 413 8.44 25.85 -16.64
N PHE C 414 9.43 25.35 -17.41
CA PHE C 414 10.01 26.16 -18.50
C PHE C 414 10.31 25.36 -19.72
N TYR C 415 10.17 26.00 -20.88
CA TYR C 415 10.54 25.29 -22.09
C TYR C 415 12.04 25.15 -22.25
N GLN C 416 12.77 26.03 -21.58
CA GLN C 416 14.23 25.96 -21.65
C GLN C 416 14.80 24.78 -20.90
N THR C 417 14.06 24.25 -19.92
CA THR C 417 14.55 23.18 -19.03
C THR C 417 13.76 21.87 -19.06
N SER C 418 12.56 21.89 -19.64
CA SER C 418 11.75 20.67 -19.74
C SER C 418 12.42 19.40 -20.20
N ALA C 419 13.28 19.49 -21.21
CA ALA C 419 13.83 18.26 -21.81
C ALA C 419 14.86 17.56 -20.92
N ARG C 420 15.14 18.14 -19.74
CA ARG C 420 16.14 17.59 -18.83
C ARG C 420 15.57 16.52 -17.95
N ASP C 421 14.24 16.56 -17.80
CA ASP C 421 13.56 15.69 -16.82
C ASP C 421 13.02 14.42 -17.47
N PRO C 422 13.41 13.25 -16.97
CA PRO C 422 12.92 12.05 -17.61
C PRO C 422 11.38 11.98 -17.66
N ALA C 423 10.70 12.70 -16.79
CA ALA C 423 9.23 12.61 -16.71
C ALA C 423 8.58 13.32 -17.91
N PHE C 424 9.30 14.29 -18.44
CA PHE C 424 8.88 14.98 -19.64
C PHE C 424 8.64 13.98 -20.78
N TYR C 425 9.61 13.09 -21.04
CA TYR C 425 9.48 12.14 -22.11
C TYR C 425 8.42 11.11 -21.79
N GLN C 426 8.16 10.85 -20.52
CA GLN C 426 7.10 9.92 -20.16
C GLN C 426 5.71 10.52 -20.31
N LEU C 427 5.58 11.80 -20.00
CA LEU C 427 4.30 12.43 -20.16
C LEU C 427 3.99 12.47 -21.62
N TYR C 428 4.93 12.95 -22.44
CA TYR C 428 4.65 13.07 -23.88
C TYR C 428 4.52 11.72 -24.59
N LYS C 429 5.30 10.72 -24.21
CA LYS C 429 5.05 9.38 -24.74
C LYS C 429 3.60 8.91 -24.45
N ARG C 430 3.05 9.26 -23.29
CA ARG C 430 1.68 8.84 -22.95
C ARG C 430 0.65 9.51 -23.91
N ILE C 431 0.81 10.81 -24.07
CA ILE C 431 -0.03 11.55 -24.98
C ILE C 431 0.12 10.99 -26.40
N VAL C 432 1.35 10.65 -26.78
CA VAL C 432 1.55 10.16 -28.13
C VAL C 432 0.87 8.80 -28.33
N GLN C 433 0.88 7.97 -27.30
CA GLN C 433 0.23 6.64 -27.28
C GLN C 433 -1.26 6.75 -27.44
N TYR C 434 -1.85 7.70 -26.72
CA TYR C 434 -3.25 8.02 -26.91
C TYR C 434 -3.59 8.45 -28.34
N ILE C 435 -2.77 9.34 -28.92
CA ILE C 435 -3.04 9.79 -30.27
C ILE C 435 -2.97 8.60 -31.24
N ILE C 436 -1.99 7.75 -31.02
CA ILE C 436 -1.82 6.53 -31.82
C ILE C 436 -3.02 5.62 -31.71
N GLU C 437 -3.68 5.58 -30.55
CA GLU C 437 -4.89 4.79 -30.44
C GLU C 437 -5.94 5.33 -31.41
N PHE C 438 -6.01 6.64 -31.57
CA PHE C 438 -6.88 7.24 -32.60
C PHE C 438 -6.44 6.85 -34.02
N LYS C 439 -5.14 6.92 -34.31
CA LYS C 439 -4.70 6.56 -35.67
C LYS C 439 -5.21 5.18 -36.13
N GLN C 440 -5.56 4.29 -35.19
CA GLN C 440 -6.18 3.00 -35.54
C GLN C 440 -7.47 3.19 -36.33
N TYR C 441 -8.03 4.39 -36.36
CA TYR C 441 -9.30 4.57 -37.07
C TYR C 441 -9.06 5.11 -38.49
N GLN C 442 -7.84 5.57 -38.74
CA GLN C 442 -7.49 6.08 -40.04
C GLN C 442 -7.35 4.90 -40.97
N VAL C 443 -7.81 5.08 -42.22
CA VAL C 443 -7.58 4.11 -43.29
C VAL C 443 -6.10 4.08 -43.66
N PRO C 444 -5.46 2.89 -43.59
CA PRO C 444 -4.06 2.76 -44.05
C PRO C 444 -3.89 2.98 -45.58
N TYR C 445 -2.71 3.46 -45.99
CA TYR C 445 -2.42 3.60 -47.42
C TYR C 445 -2.34 2.26 -48.12
N THR C 446 -2.95 2.24 -49.30
CA THR C 446 -3.05 1.10 -50.20
C THR C 446 -1.82 1.07 -51.11
N GLN C 447 -1.71 0.00 -51.88
CA GLN C 447 -0.63 -0.17 -52.87
C GLN C 447 -0.57 0.98 -53.85
N GLU C 448 -1.72 1.40 -54.35
CA GLU C 448 -1.79 2.36 -55.44
C GLU C 448 -1.43 3.76 -54.98
N ALA C 449 -1.73 4.05 -53.72
CA ALA C 449 -1.42 5.34 -53.10
C ALA C 449 0.08 5.48 -52.83
N LEU C 450 0.81 4.38 -52.82
CA LEU C 450 2.24 4.40 -52.48
C LEU C 450 3.18 4.08 -53.64
N HIS C 451 2.64 3.48 -54.71
CA HIS C 451 3.43 3.05 -55.88
C HIS C 451 3.73 4.25 -56.76
N PHE C 452 5.00 4.50 -57.07
CA PHE C 452 5.35 5.47 -58.10
C PHE C 452 5.48 4.68 -59.38
N VAL C 453 4.36 4.60 -60.13
CA VAL C 453 4.32 3.86 -61.40
C VAL C 453 5.49 4.37 -62.24
N GLY C 454 6.33 3.45 -62.73
CA GLY C 454 7.39 3.75 -63.70
C GLY C 454 8.73 4.12 -63.09
N LEU C 455 8.84 4.04 -61.78
CA LEU C 455 10.08 4.44 -61.12
C LEU C 455 10.50 3.50 -59.96
N LYS C 456 11.80 3.25 -59.89
CA LYS C 456 12.39 2.21 -59.04
C LYS C 456 13.72 2.70 -58.47
N ILE C 457 13.85 2.66 -57.14
CA ILE C 457 15.14 2.82 -56.47
C ILE C 457 15.92 1.52 -56.53
N SER C 458 17.03 1.51 -57.25
CA SER C 458 17.77 0.25 -57.42
C SER C 458 18.89 0.01 -56.40
N ASP C 459 19.35 1.08 -55.73
CA ASP C 459 20.37 0.93 -54.68
C ASP C 459 20.52 2.19 -53.79
N VAL C 460 20.98 2.00 -52.55
CA VAL C 460 21.35 3.10 -51.66
C VAL C 460 22.68 2.81 -51.00
N LYS C 461 23.60 3.77 -51.06
CA LYS C 461 24.90 3.66 -50.37
C LYS C 461 25.10 4.83 -49.43
N VAL C 462 25.75 4.63 -48.27
CA VAL C 462 26.08 5.78 -47.38
C VAL C 462 27.55 5.77 -46.97
N ASP C 463 28.13 6.96 -46.85
CA ASP C 463 29.42 7.19 -46.19
C ASP C 463 29.42 6.69 -44.75
N LYS C 464 30.60 6.56 -44.16
CA LYS C 464 30.70 6.26 -42.74
C LYS C 464 29.88 7.28 -42.01
N MET C 465 29.02 6.81 -41.13
CA MET C 465 28.34 7.74 -40.21
C MET C 465 29.04 7.61 -38.87
N VAL C 466 29.56 8.73 -38.38
CA VAL C 466 30.46 8.69 -37.25
C VAL C 466 30.03 9.77 -36.29
N THR C 467 29.82 9.40 -35.03
CA THR C 467 29.66 10.41 -33.97
C THR C 467 30.96 10.57 -33.15
N PHE C 468 31.11 11.75 -32.52
CA PHE C 468 32.18 12.10 -31.57
C PHE C 468 31.70 13.29 -30.70
N PHE C 469 32.38 13.55 -29.59
CA PHE C 469 32.14 14.77 -28.80
C PHE C 469 33.24 15.74 -29.13
N ASP C 470 32.92 17.01 -29.13
CA ASP C 470 33.94 18.04 -29.17
C ASP C 470 33.45 19.27 -28.43
N HIS C 471 34.38 20.18 -28.14
CA HIS C 471 34.09 21.31 -27.27
C HIS C 471 33.10 22.27 -27.87
N PHE C 472 32.38 22.95 -26.98
CA PHE C 472 31.46 23.97 -27.37
C PHE C 472 31.36 25.14 -26.39
N ASP C 473 31.58 26.36 -26.88
CA ASP C 473 31.46 27.60 -26.12
C ASP C 473 30.17 28.37 -26.27
N PHE C 474 29.70 28.93 -25.17
CA PHE C 474 28.74 30.05 -25.24
C PHE C 474 28.98 31.08 -24.12
N ASP C 475 28.45 32.29 -24.27
CA ASP C 475 28.67 33.34 -23.28
C ASP C 475 27.58 33.23 -22.21
N ALA C 476 27.98 33.07 -20.95
CA ALA C 476 27.01 32.96 -19.88
C ALA C 476 26.96 34.27 -19.12
N PHE C 477 27.55 35.29 -19.73
CA PHE C 477 27.64 36.64 -19.17
C PHE C 477 26.31 37.16 -18.59
N ASN C 478 25.19 36.79 -19.17
CA ASN C 478 23.88 37.20 -18.65
C ASN C 478 23.51 36.75 -17.22
N THR C 479 24.21 35.79 -16.63
CA THR C 479 24.01 35.62 -15.18
C THR C 479 25.15 35.96 -14.29
N VAL C 480 26.10 36.76 -14.77
CA VAL C 480 26.96 37.47 -13.84
C VAL C 480 26.52 38.93 -13.74
N TYR C 481 26.63 39.48 -12.55
CA TYR C 481 26.29 40.87 -12.28
C TYR C 481 27.52 41.78 -12.31
N PHE C 482 27.29 43.02 -12.73
CA PHE C 482 28.35 43.87 -13.12
C PHE C 482 28.13 45.20 -12.43
N SER C 483 29.19 45.99 -12.27
CA SER C 483 29.10 47.24 -11.53
C SER C 483 28.55 48.34 -12.43
N LYS C 484 28.22 49.49 -11.85
CA LYS C 484 27.77 50.65 -12.62
C LYS C 484 28.77 51.03 -13.72
N GLU C 485 30.05 51.13 -13.36
CA GLU C 485 31.13 51.43 -14.34
C GLU C 485 31.26 50.38 -15.46
N GLU C 486 31.27 49.09 -15.11
CA GLU C 486 31.44 48.07 -16.12
C GLU C 486 30.28 48.07 -17.13
N LEU C 487 29.06 48.39 -16.66
CA LEU C 487 27.83 48.40 -17.50
C LEU C 487 27.89 49.42 -18.64
N LYS C 488 28.48 50.59 -18.42
CA LYS C 488 28.73 51.53 -19.51
C LYS C 488 29.37 50.88 -20.74
N SER C 489 30.02 49.72 -20.60
CA SER C 489 30.71 49.08 -21.73
C SER C 489 30.15 47.74 -22.17
N SER C 490 28.90 47.45 -21.80
CA SER C 490 28.25 46.16 -22.08
C SER C 490 29.19 44.91 -22.06
N PRO C 491 29.49 44.40 -20.83
CA PRO C 491 30.55 43.45 -20.65
C PRO C 491 30.06 42.03 -20.75
N HIS C 492 30.83 41.24 -21.50
CA HIS C 492 30.68 39.80 -21.59
C HIS C 492 32.01 39.14 -21.18
N GLY C 493 32.32 38.03 -21.82
CA GLY C 493 33.56 37.34 -21.55
C GLY C 493 33.55 36.28 -20.46
N TYR C 494 32.37 35.76 -20.11
CA TYR C 494 32.30 34.61 -19.20
C TYR C 494 31.74 33.44 -19.96
N LYS C 495 32.63 32.60 -20.47
CA LYS C 495 32.24 31.54 -21.37
C LYS C 495 32.19 30.20 -20.67
N VAL C 496 31.17 29.41 -20.99
CA VAL C 496 31.07 28.03 -20.53
C VAL C 496 31.46 27.12 -21.71
N ARG C 497 32.28 26.10 -21.44
CA ARG C 497 32.73 25.18 -22.48
C ARG C 497 32.36 23.74 -22.16
N GLN C 498 31.68 23.14 -23.11
CA GLN C 498 31.11 21.83 -22.88
C GLN C 498 31.41 20.85 -23.98
N PRO C 499 31.73 19.59 -23.60
CA PRO C 499 31.81 18.58 -24.63
C PRO C 499 30.40 18.36 -25.15
N ARG C 500 30.22 18.22 -26.44
CA ARG C 500 28.88 18.12 -26.94
C ARG C 500 28.90 17.11 -28.05
N LEU C 501 27.79 16.43 -28.19
CA LEU C 501 27.69 15.41 -29.20
C LEU C 501 27.81 16.06 -30.60
N ASN C 502 28.23 15.28 -31.60
CA ASN C 502 28.48 15.74 -32.95
C ASN C 502 28.71 14.57 -33.92
N HIS C 503 28.66 14.84 -35.22
CA HIS C 503 28.92 13.81 -36.23
C HIS C 503 29.70 14.33 -37.41
N LYS C 504 30.39 13.46 -38.13
CA LYS C 504 31.06 13.88 -39.36
C LYS C 504 30.08 13.92 -40.51
N PRO C 505 30.22 14.91 -41.41
CA PRO C 505 29.30 14.90 -42.56
C PRO C 505 29.36 13.58 -43.35
N PHE C 506 28.23 13.17 -43.91
CA PHE C 506 28.19 12.00 -44.78
C PHE C 506 27.31 12.29 -46.01
N THR C 507 27.35 11.41 -46.99
CA THR C 507 26.55 11.61 -48.20
C THR C 507 25.64 10.40 -48.40
N VAL C 508 24.41 10.62 -48.85
CA VAL C 508 23.57 9.48 -49.21
C VAL C 508 23.40 9.42 -50.73
N THR C 509 23.60 8.22 -51.27
CA THR C 509 23.65 8.01 -52.69
C THR C 509 22.50 7.12 -53.09
N ILE C 510 21.63 7.64 -53.93
CA ILE C 510 20.42 6.94 -54.31
C ILE C 510 20.45 6.64 -55.80
N ASP C 511 20.24 5.38 -56.16
CA ASP C 511 20.25 5.00 -57.55
C ASP C 511 18.84 4.83 -58.03
N ILE C 512 18.52 5.51 -59.12
CA ILE C 512 17.17 5.53 -59.65
C ILE C 512 17.03 5.15 -61.13
N LYS C 513 16.04 4.34 -61.42
CA LYS C 513 15.67 4.04 -62.81
C LYS C 513 14.23 4.46 -62.96
N SER C 514 13.97 5.37 -63.87
CA SER C 514 12.59 5.66 -64.26
C SER C 514 12.33 5.64 -65.79
N ASP C 515 11.05 5.58 -66.15
CA ASP C 515 10.60 5.39 -67.52
C ASP C 515 10.47 6.74 -68.24
N VAL C 516 10.41 7.78 -67.43
CA VAL C 516 9.93 9.07 -67.87
C VAL C 516 10.63 10.18 -67.02
N ALA C 517 10.79 11.39 -67.57
CA ALA C 517 11.32 12.51 -66.80
C ALA C 517 10.23 13.21 -65.98
N THR C 518 10.40 13.24 -64.66
CA THR C 518 9.39 13.77 -63.78
C THR C 518 10.03 14.47 -62.59
N ASN C 519 9.30 15.35 -61.94
CA ASN C 519 9.69 15.90 -60.65
C ASN C 519 9.31 14.95 -59.51
N ALA C 520 10.24 14.64 -58.61
CA ALA C 520 9.98 13.74 -57.47
C ALA C 520 10.28 14.35 -56.11
N VAL C 521 9.62 13.84 -55.07
CA VAL C 521 10.02 14.16 -53.72
C VAL C 521 10.83 13.00 -53.18
N VAL C 522 11.91 13.34 -52.50
CA VAL C 522 12.77 12.36 -51.88
C VAL C 522 12.73 12.61 -50.41
N LYS C 523 12.42 11.57 -49.64
CA LYS C 523 12.41 11.70 -48.21
C LYS C 523 13.28 10.63 -47.61
N MET C 524 13.96 10.98 -46.52
CA MET C 524 14.74 10.02 -45.70
C MET C 524 14.38 10.03 -44.21
N PHE C 525 14.38 8.83 -43.63
CA PHE C 525 14.01 8.58 -42.24
C PHE C 525 15.05 7.67 -41.65
N LEU C 526 15.28 7.80 -40.33
CA LEU C 526 16.15 6.91 -39.59
C LEU C 526 15.31 6.22 -38.53
N GLY C 527 15.43 4.90 -38.43
CA GLY C 527 14.69 4.13 -37.46
C GLY C 527 15.55 3.04 -36.88
N PRO C 528 15.11 2.39 -35.80
CA PRO C 528 15.90 1.27 -35.27
C PRO C 528 15.77 0.04 -36.18
N LYS C 529 16.79 -0.83 -36.17
CA LYS C 529 16.73 -2.13 -36.85
C LYS C 529 16.28 -3.24 -35.89
N TYR C 530 16.72 -3.15 -34.63
CA TYR C 530 16.52 -4.18 -33.61
C TYR C 530 15.95 -3.55 -32.36
N ASP C 531 15.09 -4.29 -31.67
CA ASP C 531 14.65 -3.90 -30.32
C ASP C 531 15.73 -4.27 -29.29
N GLU C 532 15.45 -3.94 -28.02
CA GLU C 532 16.38 -4.12 -26.89
C GLU C 532 16.73 -5.59 -26.73
N ASN C 533 15.85 -6.46 -27.23
CA ASN C 533 16.08 -7.89 -27.24
C ASN C 533 17.17 -8.25 -28.25
N GLY C 534 17.07 -7.73 -29.47
CA GLY C 534 17.97 -8.07 -30.58
C GLY C 534 17.20 -8.66 -31.75
N PHE C 535 15.88 -8.49 -31.69
CA PHE C 535 14.94 -8.91 -32.71
C PHE C 535 14.65 -7.82 -33.73
N PRO C 536 14.51 -8.20 -35.00
CA PRO C 536 14.14 -7.19 -36.00
C PRO C 536 12.76 -6.60 -35.70
N PHE C 537 12.61 -5.29 -35.88
CA PHE C 537 11.34 -4.61 -35.76
C PHE C 537 10.55 -4.89 -37.01
N SER C 538 9.23 -5.03 -36.87
CA SER C 538 8.31 -4.94 -38.02
C SER C 538 7.88 -3.53 -38.27
N LEU C 539 7.66 -3.20 -39.52
CA LEU C 539 7.02 -1.94 -39.83
C LEU C 539 5.78 -1.67 -38.98
N GLU C 540 4.85 -2.63 -38.86
CA GLU C 540 3.65 -2.49 -38.03
C GLU C 540 3.93 -2.01 -36.60
N ASP C 541 5.13 -2.24 -36.10
CA ASP C 541 5.44 -1.90 -34.71
C ASP C 541 6.49 -0.80 -34.58
N ASN C 542 6.88 -0.22 -35.68
CA ASN C 542 8.06 0.59 -35.67
C ASN C 542 7.88 1.89 -36.41
N TRP C 543 6.75 2.02 -37.12
CA TRP C 543 6.49 3.19 -37.93
C TRP C 543 6.57 4.48 -37.11
N MET C 544 6.20 4.41 -35.84
CA MET C 544 6.30 5.57 -34.96
C MET C 544 7.73 5.85 -34.47
N ASN C 545 8.67 4.97 -34.72
CA ASN C 545 10.03 5.14 -34.23
C ASN C 545 11.00 5.62 -35.29
N PHE C 546 10.48 6.14 -36.39
CA PHE C 546 11.30 6.68 -37.45
C PHE C 546 11.25 8.19 -37.34
N TYR C 547 12.39 8.86 -37.38
CA TYR C 547 12.32 10.29 -37.57
C TYR C 547 12.91 10.70 -38.91
N GLU C 548 12.29 11.73 -39.46
CA GLU C 548 12.61 12.26 -40.72
C GLU C 548 13.94 12.96 -40.65
N LEU C 549 14.73 12.73 -41.71
CA LEU C 549 16.05 13.29 -41.85
C LEU C 549 16.11 14.37 -42.90
N ASP C 550 15.39 14.21 -44.01
CA ASP C 550 15.50 15.15 -45.12
C ASP C 550 14.30 15.10 -46.04
N TRP C 551 14.07 16.17 -46.77
CA TRP C 551 12.97 16.26 -47.70
C TRP C 551 13.51 17.15 -48.76
N PHE C 552 13.32 16.77 -50.03
CA PHE C 552 13.69 17.63 -51.16
C PHE C 552 13.12 17.20 -52.48
N VAL C 553 12.97 18.18 -53.37
CA VAL C 553 12.38 18.01 -54.71
C VAL C 553 13.51 17.71 -55.67
N GLN C 554 13.41 16.62 -56.40
CA GLN C 554 14.41 16.26 -57.40
C GLN C 554 13.81 16.16 -58.79
N LYS C 555 14.55 16.61 -59.79
CA LYS C 555 14.12 16.40 -61.16
C LYS C 555 14.73 15.12 -61.69
N VAL C 556 13.92 14.08 -61.86
CA VAL C 556 14.41 12.84 -62.44
C VAL C 556 14.46 12.85 -63.99
N ASN C 557 15.51 12.21 -64.52
CA ASN C 557 15.62 11.89 -65.94
C ASN C 557 15.08 10.50 -66.29
N PRO C 558 14.68 10.30 -67.55
CA PRO C 558 14.38 8.94 -67.98
C PRO C 558 15.62 8.01 -67.89
N GLY C 559 15.41 6.73 -67.63
CA GLY C 559 16.51 5.79 -67.51
C GLY C 559 17.20 5.75 -66.15
N GLN C 560 18.53 5.62 -66.18
CA GLN C 560 19.32 5.37 -65.00
C GLN C 560 19.99 6.66 -64.56
N SER C 561 19.73 7.07 -63.33
CA SER C 561 20.31 8.31 -62.82
C SER C 561 20.67 8.20 -61.35
N GLN C 562 21.41 9.18 -60.84
CA GLN C 562 22.00 9.08 -59.52
C GLN C 562 21.90 10.35 -58.67
N ILE C 563 21.33 10.24 -57.48
CA ILE C 563 21.18 11.38 -56.57
C ILE C 563 22.12 11.29 -55.35
N THR C 564 22.96 12.31 -55.19
CA THR C 564 23.84 12.45 -54.04
C THR C 564 23.38 13.63 -53.19
N ARG C 565 23.48 13.47 -51.88
CA ARG C 565 22.87 14.42 -50.95
C ARG C 565 23.62 14.37 -49.65
N SER C 566 24.23 15.50 -49.32
CA SER C 566 25.06 15.62 -48.14
C SER C 566 24.21 15.91 -46.89
N SER C 567 24.71 15.48 -45.73
CA SER C 567 24.01 15.66 -44.47
C SER C 567 23.93 17.14 -44.13
N THR C 568 24.93 17.91 -44.53
CA THR C 568 24.96 19.36 -44.31
C THR C 568 23.82 20.06 -45.05
N ASP C 569 23.15 19.35 -45.95
CA ASP C 569 22.00 19.93 -46.68
C ASP C 569 20.66 19.38 -46.20
N PHE C 570 20.65 18.49 -45.21
CA PHE C 570 19.38 17.95 -44.77
C PHE C 570 18.45 19.09 -44.33
N ALA C 571 17.24 19.04 -44.87
CA ALA C 571 16.21 20.05 -44.68
C ALA C 571 15.91 20.34 -43.21
N PHE C 572 15.99 19.34 -42.34
CA PHE C 572 15.44 19.46 -40.98
C PHE C 572 16.46 19.66 -39.85
N PHE C 573 17.67 20.11 -40.17
CA PHE C 573 18.65 20.32 -39.11
C PHE C 573 19.36 21.61 -39.42
N LYS C 574 19.90 22.25 -38.38
CA LYS C 574 20.59 23.54 -38.51
C LYS C 574 22.02 23.49 -38.00
N GLU C 575 22.80 24.50 -38.36
CA GLU C 575 24.12 24.68 -37.81
C GLU C 575 23.99 25.23 -36.39
N ASP C 576 25.10 25.27 -35.65
CA ASP C 576 25.11 25.82 -34.30
C ASP C 576 24.86 27.31 -34.38
N SER C 577 24.18 27.84 -33.36
CA SER C 577 23.99 29.26 -33.24
C SER C 577 25.34 29.95 -33.05
N LEU C 578 25.48 31.20 -33.48
CA LEU C 578 26.67 31.94 -33.14
C LEU C 578 26.39 32.79 -31.91
N PRO C 579 27.43 33.07 -31.10
CA PRO C 579 27.26 34.00 -29.98
C PRO C 579 27.08 35.41 -30.49
N MET C 580 26.46 36.28 -29.71
CA MET C 580 26.27 37.66 -30.13
C MET C 580 27.57 38.37 -30.54
N ALA C 581 28.66 38.10 -29.81
CA ALA C 581 29.95 38.62 -30.19
C ALA C 581 30.18 38.38 -31.69
N GLU C 582 30.02 37.15 -32.14
CA GLU C 582 30.16 36.85 -33.58
C GLU C 582 29.06 37.50 -34.44
N ILE C 583 27.84 37.59 -33.91
CA ILE C 583 26.77 38.21 -34.66
C ILE C 583 27.12 39.66 -35.03
N TYR C 584 27.52 40.46 -34.04
CA TYR C 584 27.94 41.85 -34.30
C TYR C 584 29.12 41.94 -35.25
N LYS C 585 30.06 41.00 -35.15
CA LYS C 585 31.25 40.98 -36.02
C LYS C 585 30.87 40.74 -37.47
N LEU C 586 30.01 39.74 -37.67
CA LEU C 586 29.43 39.47 -38.98
C LEU C 586 28.58 40.65 -39.46
N LEU C 587 27.75 41.22 -38.58
CA LEU C 587 26.95 42.38 -38.95
C LEU C 587 27.80 43.49 -39.51
N ASP C 588 29.00 43.64 -38.97
CA ASP C 588 29.95 44.67 -39.41
C ASP C 588 30.53 44.41 -40.81
N GLN C 589 30.25 43.22 -41.34
CA GLN C 589 30.60 42.82 -42.71
C GLN C 589 29.35 42.83 -43.63
N GLY C 590 28.19 43.19 -43.07
CA GLY C 590 26.93 43.08 -43.80
C GLY C 590 26.53 41.63 -44.01
N LYS C 591 27.01 40.76 -43.13
CA LYS C 591 26.72 39.33 -43.19
C LYS C 591 25.83 38.90 -42.03
N ILE C 592 25.09 37.81 -42.26
CA ILE C 592 24.19 37.24 -41.25
C ILE C 592 24.16 35.71 -41.40
N PRO C 593 24.07 34.97 -40.29
CA PRO C 593 24.09 33.51 -40.44
C PRO C 593 22.77 32.99 -40.96
N THR C 594 22.77 32.37 -42.14
CA THR C 594 21.51 31.90 -42.72
C THR C 594 20.71 31.11 -41.71
N ASP C 595 21.33 30.12 -41.11
CA ASP C 595 20.60 29.17 -40.27
C ASP C 595 19.89 29.79 -39.05
N MET C 596 20.46 30.85 -38.50
CA MET C 596 19.82 31.59 -37.41
C MET C 596 18.62 32.42 -37.88
N PHE C 597 18.52 32.68 -39.19
CA PHE C 597 17.41 33.48 -39.66
C PHE C 597 16.35 32.65 -40.35
N ASN C 598 16.79 31.68 -41.17
CA ASN C 598 15.90 30.91 -42.03
C ASN C 598 15.33 29.66 -41.36
N SER C 599 15.87 29.30 -40.19
CA SER C 599 15.49 28.08 -39.50
C SER C 599 16.09 27.93 -38.08
N SER C 600 15.63 28.74 -37.14
CA SER C 600 16.08 28.60 -35.76
C SER C 600 15.37 27.41 -35.09
N ASP C 601 14.15 27.15 -35.55
CA ASP C 601 13.25 26.18 -34.95
C ASP C 601 13.47 24.74 -35.39
N THR C 602 14.69 24.37 -35.64
CA THR C 602 14.92 23.13 -36.32
C THR C 602 16.01 22.50 -35.48
N MET C 603 16.11 21.18 -35.45
CA MET C 603 17.04 20.56 -34.54
C MET C 603 18.49 20.79 -34.90
N PRO C 604 19.36 20.90 -33.89
CA PRO C 604 20.77 21.12 -34.25
C PRO C 604 21.38 19.94 -34.97
N SER C 605 22.23 20.25 -35.93
CA SER C 605 22.93 19.27 -36.75
C SER C 605 23.70 18.25 -35.94
N ARG C 606 24.49 18.70 -34.96
CA ARG C 606 25.34 17.79 -34.20
C ARG C 606 24.59 16.63 -33.51
N LEU C 607 23.32 16.87 -33.16
CA LEU C 607 22.45 15.84 -32.60
C LEU C 607 21.65 15.00 -33.62
N MET C 608 21.86 15.21 -34.92
CA MET C 608 21.17 14.39 -35.93
C MET C 608 21.36 12.90 -35.73
N LEU C 609 22.48 12.48 -35.15
CA LEU C 609 22.78 11.05 -35.01
C LEU C 609 22.88 10.69 -33.56
N PRO C 610 22.30 9.56 -33.15
CA PRO C 610 22.46 9.12 -31.77
C PRO C 610 23.88 8.64 -31.56
N LYS C 611 24.39 8.66 -30.35
CA LYS C 611 25.79 8.27 -30.13
C LYS C 611 26.04 6.83 -30.69
N GLY C 612 27.08 6.63 -31.47
CA GLY C 612 27.36 5.29 -31.98
C GLY C 612 28.13 4.43 -30.99
N THR C 613 28.72 3.35 -31.49
CA THR C 613 29.63 2.49 -30.70
C THR C 613 30.91 2.29 -31.52
N TYR C 614 32.00 1.86 -30.88
CA TYR C 614 33.28 1.78 -31.61
C TYR C 614 33.04 0.74 -32.66
N ASP C 615 32.22 -0.18 -32.21
CA ASP C 615 31.63 -1.30 -32.88
C ASP C 615 30.88 -0.91 -34.20
N GLY C 616 29.88 -0.04 -34.07
CA GLY C 616 29.02 0.30 -35.18
C GLY C 616 27.61 -0.08 -34.77
N PHE C 617 26.79 0.90 -34.45
CA PHE C 617 25.46 0.58 -33.92
C PHE C 617 24.41 0.46 -35.03
N PRO C 618 23.74 -0.72 -35.10
CA PRO C 618 22.82 -1.02 -36.19
C PRO C 618 21.52 -0.18 -36.17
N PHE C 619 21.30 0.57 -37.24
CA PHE C 619 20.06 1.30 -37.48
C PHE C 619 19.62 1.06 -38.92
N GLN C 620 18.54 1.72 -39.32
CA GLN C 620 18.12 1.62 -40.71
C GLN C 620 17.54 2.87 -41.32
N LEU C 621 17.91 3.07 -42.57
CA LEU C 621 17.58 4.25 -43.31
C LEU C 621 16.47 3.91 -44.31
N PHE C 622 15.36 4.68 -44.25
CA PHE C 622 14.25 4.55 -45.20
C PHE C 622 14.31 5.69 -46.21
N VAL C 623 14.49 5.36 -47.49
CA VAL C 623 14.43 6.32 -48.58
C VAL C 623 13.14 6.02 -49.34
N PHE C 624 12.39 7.08 -49.58
CA PHE C 624 11.10 6.97 -50.22
C PHE C 624 11.07 8.00 -51.31
N VAL C 625 10.65 7.60 -52.50
CA VAL C 625 10.50 8.54 -53.61
C VAL C 625 9.05 8.51 -54.15
N TYR C 626 8.38 9.66 -54.19
CA TYR C 626 7.01 9.80 -54.77
C TYR C 626 6.83 11.05 -55.62
N PRO C 627 5.75 11.14 -56.43
CA PRO C 627 5.68 12.24 -57.40
C PRO C 627 5.51 13.57 -56.71
N TYR C 628 6.08 14.61 -57.31
CA TYR C 628 5.89 15.97 -56.87
C TYR C 628 4.62 16.55 -57.48
N GLU C 629 3.69 16.95 -56.61
CA GLU C 629 2.48 17.63 -57.08
C GLU C 629 2.56 19.10 -56.70
N PRO C 630 2.54 19.97 -57.74
CA PRO C 630 2.78 21.40 -57.57
C PRO C 630 1.82 22.01 -56.55
N THR C 631 2.34 22.35 -55.36
CA THR C 631 1.56 23.01 -54.29
C THR C 631 2.06 24.46 -54.09
N PRO C 632 1.25 25.49 -54.42
CA PRO C 632 1.70 26.91 -54.40
C PRO C 632 2.41 27.45 -53.12
N LYS C 633 2.51 28.78 -53.02
CA LYS C 633 3.39 29.49 -52.04
C LYS C 633 2.72 30.04 -50.76
N GLU C 634 3.34 29.73 -49.62
CA GLU C 634 2.78 30.04 -48.29
C GLU C 634 3.75 30.93 -47.50
N SER C 635 3.72 30.82 -46.16
CA SER C 635 4.77 31.31 -45.24
C SER C 635 4.48 30.86 -43.79
N GLU C 636 4.56 29.55 -43.59
CA GLU C 636 4.16 28.87 -42.36
C GLU C 636 5.12 29.08 -41.17
N PRO C 637 4.78 28.59 -39.95
CA PRO C 637 5.54 28.85 -38.71
C PRO C 637 6.76 27.97 -38.38
N PHE C 638 6.86 26.80 -39.02
CA PHE C 638 8.01 25.88 -38.84
C PHE C 638 8.62 25.49 -40.19
N LYS C 639 9.85 25.00 -40.18
CA LYS C 639 10.49 24.47 -41.40
C LYS C 639 10.08 23.00 -41.69
N ALA C 640 9.41 22.38 -40.71
CA ALA C 640 8.78 21.07 -40.89
C ALA C 640 7.60 21.12 -41.88
N VAL C 641 7.00 22.30 -42.08
CA VAL C 641 5.86 22.45 -43.01
C VAL C 641 6.35 22.69 -44.42
N VAL C 642 6.34 21.62 -45.18
CA VAL C 642 7.10 21.58 -46.41
C VAL C 642 6.11 21.75 -47.58
N PRO C 643 6.53 22.37 -48.72
CA PRO C 643 5.58 22.66 -49.83
C PRO C 643 4.90 21.42 -50.47
N ASP C 644 4.10 20.71 -49.66
CA ASP C 644 3.49 19.45 -50.04
C ASP C 644 2.18 19.18 -49.30
N ASN C 645 1.16 18.83 -50.05
CA ASN C 645 -0.13 18.50 -49.45
C ASN C 645 -0.15 17.22 -48.63
N LYS C 646 0.97 16.49 -48.60
CA LYS C 646 1.01 15.20 -47.86
C LYS C 646 0.95 15.41 -46.35
N PRO C 647 0.44 14.42 -45.60
CA PRO C 647 0.55 14.46 -44.14
C PRO C 647 2.02 14.62 -43.70
N PHE C 648 2.26 15.31 -42.59
CA PHE C 648 3.60 15.32 -42.00
C PHE C 648 3.94 13.93 -41.52
N GLY C 649 5.16 13.50 -41.84
CA GLY C 649 5.61 12.19 -41.46
C GLY C 649 5.26 11.19 -42.54
N TYR C 650 4.56 11.63 -43.60
CA TYR C 650 4.17 10.73 -44.69
C TYR C 650 5.39 10.02 -45.31
N PRO C 651 5.29 8.70 -45.57
CA PRO C 651 4.17 7.77 -45.42
C PRO C 651 4.09 7.05 -44.05
N PHE C 652 4.81 7.57 -43.05
CA PHE C 652 4.79 7.02 -41.68
C PHE C 652 4.01 7.91 -40.73
N ASP C 653 2.83 8.31 -41.14
CA ASP C 653 2.02 9.20 -40.31
C ASP C 653 0.87 8.46 -39.66
N ARG C 654 0.74 7.17 -39.99
CA ARG C 654 -0.34 6.35 -39.53
C ARG C 654 0.10 4.87 -39.60
N PRO C 655 -0.62 3.97 -38.92
CA PRO C 655 -0.43 2.52 -39.04
C PRO C 655 -0.26 1.96 -40.45
N VAL C 656 0.50 0.88 -40.52
CA VAL C 656 1.08 0.41 -41.74
C VAL C 656 0.66 -1.03 -41.92
N LEU C 657 0.33 -1.38 -43.17
CA LEU C 657 0.17 -2.76 -43.53
C LEU C 657 1.48 -3.12 -44.22
N PRO C 658 2.35 -3.95 -43.57
CA PRO C 658 3.73 -4.15 -44.10
C PRO C 658 3.88 -4.69 -45.53
N GLN C 659 2.83 -5.35 -46.03
CA GLN C 659 2.80 -5.89 -47.39
C GLN C 659 2.78 -4.78 -48.43
N TYR C 660 2.31 -3.59 -48.06
CA TYR C 660 2.38 -2.45 -48.95
C TYR C 660 3.71 -1.70 -48.94
N PHE C 661 4.63 -2.10 -48.09
CA PHE C 661 5.87 -1.39 -48.09
C PHE C 661 7.02 -2.12 -48.81
N LYS C 662 6.71 -2.71 -49.95
CA LYS C 662 7.74 -3.34 -50.78
C LYS C 662 7.67 -2.80 -52.19
N GLN C 663 7.13 -1.59 -52.27
CA GLN C 663 7.13 -0.72 -53.46
C GLN C 663 8.53 -0.52 -54.06
N PRO C 664 8.66 -0.65 -55.38
CA PRO C 664 9.95 -0.45 -56.09
C PRO C 664 10.62 0.87 -55.70
N ASN C 665 9.82 1.89 -55.40
CA ASN C 665 10.28 3.23 -55.08
C ASN C 665 10.46 3.46 -53.59
N MET C 666 10.52 2.37 -52.82
CA MET C 666 10.98 2.41 -51.43
C MET C 666 12.22 1.55 -51.22
N PHE C 667 12.99 1.83 -50.18
CA PHE C 667 14.22 1.10 -49.94
C PHE C 667 14.64 1.25 -48.45
N PHE C 668 14.85 0.13 -47.79
CA PHE C 668 15.37 0.12 -46.43
C PHE C 668 16.82 -0.32 -46.44
N LYS C 669 17.75 0.53 -45.99
CA LYS C 669 19.16 0.12 -45.84
C LYS C 669 19.59 -0.02 -44.36
N LYS C 670 20.19 -1.15 -43.99
CA LYS C 670 21.00 -1.23 -42.76
C LYS C 670 22.17 -0.26 -42.87
N VAL C 671 22.27 0.66 -41.93
CA VAL C 671 23.44 1.47 -41.74
C VAL C 671 23.96 1.24 -40.32
N LEU C 672 25.25 1.42 -40.11
CA LEU C 672 25.82 1.25 -38.77
C LEU C 672 26.33 2.61 -38.34
N VAL C 673 26.09 3.00 -37.09
CA VAL C 673 26.59 4.28 -36.61
C VAL C 673 27.77 4.00 -35.71
N TYR C 674 28.92 4.59 -36.05
CA TYR C 674 30.12 4.41 -35.26
C TYR C 674 30.30 5.57 -34.29
N HIS C 675 31.31 5.45 -33.42
CA HIS C 675 31.71 6.57 -32.58
C HIS C 675 33.23 6.64 -32.58
N GLU C 676 33.76 7.85 -32.50
CA GLU C 676 35.22 8.06 -32.51
C GLU C 676 35.65 8.97 -31.37
N GLY C 677 36.89 8.78 -30.93
CA GLY C 677 37.39 9.46 -29.73
C GLY C 677 36.79 8.87 -28.46
N GLU C 678 36.99 9.58 -27.36
CA GLU C 678 36.43 9.22 -26.05
C GLU C 678 34.93 8.94 -26.10
N LEU C 679 34.51 7.89 -25.39
CA LEU C 679 33.10 7.53 -25.32
C LEU C 679 32.37 8.40 -24.28
N PHE C 680 33.09 8.93 -23.29
CA PHE C 680 32.47 9.65 -22.18
C PHE C 680 32.85 11.12 -22.22
N PRO C 681 31.85 12.02 -22.17
CA PRO C 681 32.14 13.47 -22.19
C PRO C 681 33.07 13.97 -21.09
N TYR C 682 33.04 13.40 -19.88
CA TYR C 682 33.90 13.94 -18.79
C TYR C 682 35.39 13.78 -19.08
N LEU C 683 35.78 12.82 -19.91
CA LEU C 683 37.18 12.66 -20.30
C LEU C 683 37.76 13.90 -21.00
N PHE C 684 36.92 14.86 -21.36
CA PHE C 684 37.34 16.12 -22.04
C PHE C 684 37.49 17.30 -21.09
N ASN C 685 37.06 17.12 -19.84
CA ASN C 685 37.07 18.17 -18.86
C ASN C 685 38.02 17.86 -17.71
N ILE C 686 38.97 16.97 -17.97
CA ILE C 686 39.97 16.57 -16.95
C ILE C 686 41.19 17.48 -17.10
N PRO C 687 41.59 18.16 -16.01
CA PRO C 687 42.74 19.07 -16.05
C PRO C 687 44.02 18.52 -16.72
N HIS C 688 44.93 17.91 -15.97
CA HIS C 688 46.22 17.54 -16.56
C HIS C 688 46.22 16.18 -17.24
N GLU D 21 -31.39 -35.96 39.73
CA GLU D 21 -30.45 -35.99 38.58
C GLU D 21 -29.71 -34.64 38.34
N PHE D 22 -29.48 -33.92 39.43
CA PHE D 22 -28.52 -32.81 39.47
C PHE D 22 -27.64 -33.16 40.68
N LYS D 23 -26.33 -33.33 40.50
CA LYS D 23 -25.44 -33.85 41.56
C LYS D 23 -25.54 -33.06 42.87
N THR D 24 -25.83 -33.77 43.97
CA THR D 24 -25.99 -33.22 45.33
C THR D 24 -24.74 -33.46 46.19
N THR D 25 -24.45 -32.55 47.12
CA THR D 25 -23.54 -32.87 48.22
C THR D 25 -24.18 -32.39 49.53
N PRO D 26 -24.32 -33.29 50.53
CA PRO D 26 -24.79 -32.86 51.86
C PRO D 26 -23.78 -31.91 52.51
N VAL D 27 -24.26 -31.10 53.45
CA VAL D 27 -23.52 -29.98 54.02
C VAL D 27 -24.20 -29.57 55.30
N ASP D 28 -23.42 -29.29 56.34
CA ASP D 28 -23.96 -29.02 57.69
C ASP D 28 -24.37 -27.57 57.89
N ALA D 29 -24.75 -27.22 59.13
CA ALA D 29 -25.35 -25.91 59.45
C ALA D 29 -24.36 -24.74 59.63
N ALA D 30 -23.16 -24.99 60.14
CA ALA D 30 -22.14 -23.94 60.23
C ALA D 30 -21.79 -23.47 58.81
N PHE D 31 -21.97 -24.36 57.85
CA PHE D 31 -21.59 -24.12 56.50
C PHE D 31 -22.58 -23.17 55.88
N VAL D 32 -23.84 -23.40 56.18
CA VAL D 32 -24.95 -22.66 55.61
C VAL D 32 -24.76 -21.19 55.92
N GLU D 33 -24.44 -20.91 57.18
CA GLU D 33 -24.17 -19.56 57.66
C GLU D 33 -23.05 -18.87 56.90
N LYS D 34 -21.92 -19.53 56.74
CA LYS D 34 -20.80 -18.90 56.02
C LYS D 34 -21.09 -18.73 54.52
N GLN D 35 -21.81 -19.70 53.92
CA GLN D 35 -22.09 -19.66 52.51
C GLN D 35 -23.07 -18.54 52.23
N LYS D 36 -24.01 -18.34 53.17
CA LYS D 36 -25.00 -17.27 53.05
C LYS D 36 -24.32 -15.92 53.13
N LYS D 37 -23.33 -15.75 54.01
CA LYS D 37 -22.60 -14.49 54.09
C LYS D 37 -21.92 -14.24 52.77
N ILE D 38 -21.18 -15.20 52.26
CA ILE D 38 -20.40 -14.99 51.04
C ILE D 38 -21.33 -14.68 49.88
N LEU D 39 -22.42 -15.44 49.75
CA LEU D 39 -23.35 -15.20 48.67
C LEU D 39 -24.00 -13.82 48.70
N SER D 40 -24.18 -13.28 49.90
CA SER D 40 -24.91 -12.04 50.05
C SER D 40 -24.22 -10.82 49.47
N LEU D 41 -22.92 -10.89 49.27
CA LEU D 41 -22.20 -9.75 48.69
C LEU D 41 -22.45 -9.58 47.17
N PHE D 42 -23.03 -10.62 46.57
CA PHE D 42 -23.37 -10.67 45.15
C PHE D 42 -24.77 -10.14 44.83
N TYR D 43 -25.52 -9.71 45.85
CA TYR D 43 -26.85 -9.16 45.63
C TYR D 43 -26.85 -7.67 45.35
N ASN D 44 -27.26 -7.30 44.13
CA ASN D 44 -27.36 -5.92 43.70
C ASN D 44 -26.01 -5.22 43.71
N VAL D 45 -25.01 -5.89 43.12
CA VAL D 45 -23.58 -5.50 43.25
C VAL D 45 -23.32 -4.05 42.85
N ASN D 46 -24.25 -3.53 42.06
CA ASN D 46 -24.20 -2.25 41.41
C ASN D 46 -24.70 -1.09 42.28
N GLU D 47 -25.30 -1.37 43.45
CA GLU D 47 -25.80 -0.27 44.30
C GLU D 47 -25.59 -0.62 45.76
N ILE D 48 -25.94 0.29 46.67
CA ILE D 48 -25.71 0.10 48.09
C ILE D 48 -27.02 0.16 48.87
N SER D 49 -27.30 -0.92 49.60
CA SER D 49 -28.45 -0.97 50.47
C SER D 49 -28.03 -0.61 51.92
N TYR D 50 -28.41 0.58 52.40
CA TYR D 50 -28.07 1.02 53.77
C TYR D 50 -28.54 0.13 54.91
N GLU D 51 -29.44 -0.78 54.62
CA GLU D 51 -29.87 -1.69 55.65
C GLU D 51 -29.53 -3.16 55.38
N ALA D 52 -28.63 -3.38 54.44
CA ALA D 52 -28.03 -4.70 54.31
C ALA D 52 -27.07 -4.91 55.48
N GLU D 53 -26.90 -6.15 55.91
CA GLU D 53 -25.91 -6.43 56.93
C GLU D 53 -24.53 -5.90 56.52
N TYR D 54 -24.13 -6.19 55.29
CA TYR D 54 -22.81 -5.78 54.83
C TYR D 54 -22.54 -4.30 55.06
N TYR D 55 -23.56 -3.47 54.94
CA TYR D 55 -23.37 -2.06 55.10
C TYR D 55 -23.07 -1.72 56.54
N LYS D 56 -23.76 -2.36 57.48
CA LYS D 56 -23.56 -2.14 58.91
C LYS D 56 -22.16 -2.58 59.30
N VAL D 57 -21.83 -3.80 58.94
CA VAL D 57 -20.51 -4.39 59.14
C VAL D 57 -19.35 -3.52 58.60
N ALA D 58 -19.55 -2.88 57.45
CA ALA D 58 -18.53 -2.00 56.87
C ALA D 58 -18.44 -0.67 57.60
N GLN D 59 -19.55 -0.23 58.14
CA GLN D 59 -19.62 1.01 58.89
C GLN D 59 -18.83 0.79 60.18
N ASP D 60 -19.03 -0.39 60.76
CA ASP D 60 -18.41 -0.78 62.01
C ASP D 60 -16.95 -1.25 61.88
N PHE D 61 -16.46 -1.41 60.65
CA PHE D 61 -15.09 -1.92 60.43
C PHE D 61 -14.04 -0.83 60.34
N ASN D 62 -13.35 -0.65 61.47
CA ASN D 62 -12.25 0.30 61.56
C ASN D 62 -10.98 -0.30 60.95
N ILE D 63 -10.56 0.24 59.81
CA ILE D 63 -9.50 -0.39 59.04
C ILE D 63 -8.09 -0.02 59.50
N GLU D 64 -7.93 1.24 59.94
CA GLU D 64 -6.68 1.72 60.54
C GLU D 64 -6.35 0.92 61.75
N ALA D 65 -7.36 0.56 62.53
CA ALA D 65 -7.11 -0.11 63.79
C ALA D 65 -7.13 -1.64 63.70
N SER D 66 -6.96 -2.17 62.49
CA SER D 66 -7.16 -3.58 62.26
C SER D 66 -5.97 -4.36 61.76
N LYS D 67 -4.77 -3.84 61.98
CA LYS D 67 -3.53 -4.60 61.73
C LYS D 67 -3.58 -6.08 62.14
N ASP D 68 -4.30 -6.37 63.21
CA ASP D 68 -4.43 -7.74 63.69
C ASP D 68 -5.50 -8.62 63.07
N CYS D 69 -6.01 -8.23 61.91
CA CYS D 69 -6.86 -9.11 61.11
C CYS D 69 -6.03 -9.82 60.07
N TYR D 70 -4.74 -9.46 60.00
CA TYR D 70 -3.87 -9.87 58.88
C TYR D 70 -2.64 -10.58 59.31
N THR D 71 -2.44 -11.70 58.65
CA THR D 71 -1.27 -12.53 58.76
C THR D 71 0.02 -11.90 58.26
N ASN D 72 -0.11 -10.94 57.37
CA ASN D 72 1.03 -10.35 56.70
C ASN D 72 1.00 -8.86 56.90
N MET D 73 2.00 -8.33 57.59
CA MET D 73 2.01 -6.93 57.97
C MET D 73 2.22 -6.01 56.77
N LYS D 74 2.97 -6.50 55.78
CA LYS D 74 3.39 -5.69 54.65
C LYS D 74 2.19 -5.39 53.77
N ALA D 75 1.41 -6.43 53.49
CA ALA D 75 0.17 -6.33 52.75
C ALA D 75 -0.78 -5.30 53.34
N TYR D 76 -0.95 -5.36 54.66
CA TYR D 76 -1.77 -4.42 55.36
C TYR D 76 -1.27 -3.01 55.16
N GLU D 77 -0.03 -2.76 55.54
CA GLU D 77 0.50 -1.44 55.38
C GLU D 77 0.57 -0.96 53.93
N ASN D 78 0.85 -1.88 53.01
CA ASN D 78 0.81 -1.54 51.60
C ASN D 78 -0.57 -1.05 51.15
N PHE D 79 -1.62 -1.74 51.60
CA PHE D 79 -2.97 -1.33 51.35
C PHE D 79 -3.27 0.04 51.94
N MET D 80 -2.91 0.27 53.20
CA MET D 80 -3.13 1.59 53.81
C MET D 80 -2.43 2.73 53.04
N MET D 81 -1.23 2.50 52.52
CA MET D 81 -0.55 3.54 51.75
C MET D 81 -1.42 3.93 50.55
N MET D 82 -1.82 2.95 49.73
CA MET D 82 -2.67 3.23 48.57
C MET D 82 -4.02 3.75 49.02
N TYR D 83 -4.52 3.22 50.13
CA TYR D 83 -5.82 3.59 50.69
C TYR D 83 -5.90 5.06 50.96
N LYS D 84 -4.86 5.60 51.60
CA LYS D 84 -4.83 7.02 51.99
C LYS D 84 -4.80 7.94 50.77
N VAL D 85 -4.14 7.51 49.70
CA VAL D 85 -4.21 8.22 48.42
C VAL D 85 -5.68 8.11 47.92
N GLY D 86 -6.11 6.89 47.65
CA GLY D 86 -7.44 6.62 47.12
C GLY D 86 -7.41 5.62 45.97
N PHE D 87 -8.55 4.99 45.75
CA PHE D 87 -8.69 3.94 44.74
C PHE D 87 -9.43 4.31 43.47
N LEU D 88 -9.49 3.35 42.54
CA LEU D 88 -10.38 3.40 41.41
C LEU D 88 -11.83 3.70 41.89
N PRO D 89 -12.39 4.86 41.45
CA PRO D 89 -13.74 5.30 41.84
C PRO D 89 -14.82 4.31 41.38
N LYS D 90 -15.93 4.30 42.10
CA LYS D 90 -17.07 3.47 41.76
C LYS D 90 -17.49 3.77 40.34
N ASN D 91 -18.19 2.82 39.72
CA ASN D 91 -18.77 3.00 38.37
C ASN D 91 -17.87 2.99 37.13
N LEU D 92 -16.57 3.19 37.29
CA LEU D 92 -15.62 3.05 36.17
C LEU D 92 -15.38 1.57 35.76
N GLU D 93 -14.84 1.34 34.58
CA GLU D 93 -14.64 -0.03 34.13
C GLU D 93 -13.38 -0.55 34.76
N PHE D 94 -13.35 -1.82 35.12
CA PHE D 94 -12.13 -2.36 35.70
C PHE D 94 -11.54 -3.45 34.81
N SER D 95 -10.22 -3.43 34.65
CA SER D 95 -9.48 -4.40 33.87
C SER D 95 -8.10 -4.58 34.46
N ILE D 96 -7.66 -5.83 34.68
CA ILE D 96 -6.34 -6.04 35.31
C ILE D 96 -5.24 -5.76 34.31
N PHE D 97 -5.61 -5.54 33.05
CA PHE D 97 -4.61 -5.33 31.99
C PHE D 97 -4.06 -3.92 31.99
N TYR D 98 -4.56 -3.04 32.85
CA TYR D 98 -3.96 -1.71 32.99
C TYR D 98 -3.23 -1.66 34.31
N GLU D 99 -2.02 -1.12 34.37
CA GLU D 99 -1.17 -1.32 35.55
C GLU D 99 -1.61 -0.71 36.88
N LYS D 100 -1.92 0.57 36.91
CA LYS D 100 -2.34 1.23 38.15
C LYS D 100 -3.48 0.41 38.77
N MET D 101 -4.50 0.13 37.98
CA MET D 101 -5.59 -0.75 38.36
C MET D 101 -5.15 -2.09 38.96
N ARG D 102 -4.24 -2.77 38.26
CA ARG D 102 -3.79 -4.09 38.66
C ARG D 102 -3.14 -4.06 40.04
N GLU D 103 -2.26 -3.08 40.26
CA GLU D 103 -1.59 -2.89 41.54
C GLU D 103 -2.56 -2.71 42.69
N GLU D 104 -3.72 -2.17 42.40
CA GLU D 104 -4.78 -1.99 43.38
C GLU D 104 -5.58 -3.31 43.65
N ALA D 105 -6.01 -3.99 42.59
CA ALA D 105 -6.72 -5.23 42.76
C ALA D 105 -5.84 -6.22 43.55
N ILE D 106 -4.58 -6.36 43.14
CA ILE D 106 -3.59 -7.14 43.86
C ILE D 106 -3.46 -6.78 45.37
N ALA D 107 -3.55 -5.49 45.72
CA ALA D 107 -3.49 -5.07 47.12
C ALA D 107 -4.73 -5.55 47.88
N LEU D 108 -5.88 -5.31 47.26
CA LEU D 108 -7.17 -5.86 47.70
C LEU D 108 -7.17 -7.41 47.90
N PHE D 109 -6.62 -8.15 46.95
CA PHE D 109 -6.50 -9.59 47.08
C PHE D 109 -5.57 -10.00 48.22
N LYS D 110 -4.45 -9.28 48.40
CA LYS D 110 -3.52 -9.65 49.46
C LYS D 110 -4.21 -9.50 50.81
N LEU D 111 -5.00 -8.42 50.92
CA LEU D 111 -5.84 -8.24 52.09
C LEU D 111 -6.80 -9.40 52.30
N PHE D 112 -7.57 -9.69 51.27
CA PHE D 112 -8.48 -10.81 51.39
C PHE D 112 -7.74 -12.12 51.74
N TYR D 113 -6.59 -12.34 51.13
CA TYR D 113 -5.98 -13.66 51.19
C TYR D 113 -5.24 -13.87 52.52
N TYR D 114 -4.74 -12.79 53.13
CA TYR D 114 -4.02 -12.89 54.40
C TYR D 114 -4.87 -12.54 55.61
N ALA D 115 -6.19 -12.64 55.50
CA ALA D 115 -7.10 -12.36 56.62
C ALA D 115 -7.00 -13.58 57.53
N LYS D 116 -6.91 -13.38 58.87
CA LYS D 116 -6.57 -14.47 59.84
C LYS D 116 -7.50 -15.62 59.69
N ASP D 117 -8.75 -15.31 59.37
CA ASP D 117 -9.85 -16.26 59.46
C ASP D 117 -11.06 -15.66 58.78
N PHE D 118 -12.19 -16.33 58.91
CA PHE D 118 -13.32 -16.02 58.07
C PHE D 118 -13.99 -14.72 58.44
N GLU D 119 -14.22 -14.49 59.74
CA GLU D 119 -14.72 -13.21 60.25
C GLU D 119 -13.97 -12.07 59.59
N CYS D 120 -12.65 -12.19 59.55
CA CYS D 120 -11.76 -11.13 59.11
C CYS D 120 -11.88 -10.84 57.65
N PHE D 121 -12.03 -11.91 56.89
CA PHE D 121 -12.20 -11.85 55.47
C PHE D 121 -13.53 -11.19 55.14
N TYR D 122 -14.60 -11.57 55.87
CA TYR D 122 -15.96 -11.03 55.65
C TYR D 122 -16.05 -9.52 55.93
N LYS D 123 -15.61 -9.05 57.10
CA LYS D 123 -15.49 -7.61 57.34
C LYS D 123 -14.70 -6.89 56.22
N THR D 124 -13.53 -7.41 55.84
CA THR D 124 -12.76 -6.82 54.76
C THR D 124 -13.60 -6.70 53.46
N ALA D 125 -14.26 -7.78 53.08
CA ALA D 125 -15.05 -7.79 51.84
C ALA D 125 -16.24 -6.87 51.91
N CYS D 126 -16.96 -6.85 53.04
CA CYS D 126 -18.10 -5.93 53.23
C CYS D 126 -17.60 -4.51 53.00
N TYR D 127 -16.51 -4.16 53.68
CA TYR D 127 -15.85 -2.87 53.49
C TYR D 127 -15.59 -2.55 52.02
N ALA D 128 -15.05 -3.53 51.29
CA ALA D 128 -14.71 -3.37 49.90
C ALA D 128 -15.98 -3.29 49.04
N ARG D 129 -16.96 -4.13 49.38
CA ARG D 129 -18.26 -4.15 48.70
C ARG D 129 -18.90 -2.78 48.80
N VAL D 130 -18.63 -2.05 49.87
CA VAL D 130 -19.23 -0.74 50.05
C VAL D 130 -18.37 0.36 49.47
N TYR D 131 -17.09 0.40 49.83
CA TYR D 131 -16.32 1.58 49.51
C TYR D 131 -15.52 1.51 48.21
N MET D 132 -15.53 0.35 47.56
CA MET D 132 -14.68 0.15 46.37
C MET D 132 -15.39 -0.11 45.07
N ASN D 133 -14.73 0.22 43.99
CA ASN D 133 -15.21 -0.09 42.66
C ASN D 133 -15.70 -1.51 42.59
N GLN D 134 -16.91 -1.68 42.09
CA GLN D 134 -17.61 -2.95 42.10
C GLN D 134 -16.90 -3.99 41.27
N GLY D 135 -16.26 -3.58 40.18
CA GLY D 135 -15.55 -4.49 39.30
C GLY D 135 -14.33 -5.01 40.01
N MET D 136 -13.59 -4.08 40.60
CA MET D 136 -12.43 -4.43 41.35
C MET D 136 -12.80 -5.31 42.55
N PHE D 137 -13.89 -4.98 43.25
CA PHE D 137 -14.30 -5.79 44.36
C PHE D 137 -14.58 -7.21 43.89
N LEU D 138 -15.37 -7.36 42.83
CA LEU D 138 -15.78 -8.70 42.41
C LEU D 138 -14.62 -9.55 41.91
N TYR D 139 -13.72 -8.94 41.17
CA TYR D 139 -12.53 -9.62 40.73
C TYR D 139 -11.71 -10.17 41.93
N ALA D 140 -11.26 -9.31 42.81
CA ALA D 140 -10.53 -9.76 44.00
C ALA D 140 -11.30 -10.76 44.86
N TYR D 141 -12.59 -10.53 45.05
CA TYR D 141 -13.44 -11.37 45.87
C TYR D 141 -13.56 -12.82 45.35
N TYR D 142 -13.95 -12.97 44.08
CA TYR D 142 -13.88 -14.27 43.39
C TYR D 142 -12.54 -14.98 43.58
N ILE D 143 -11.45 -14.26 43.31
CA ILE D 143 -10.17 -14.94 43.32
C ILE D 143 -9.88 -15.39 44.74
N ALA D 144 -10.05 -14.48 45.70
CA ALA D 144 -9.82 -14.85 47.10
C ALA D 144 -10.64 -16.05 47.57
N ILE D 145 -11.91 -16.14 47.17
CA ILE D 145 -12.71 -17.31 47.55
C ILE D 145 -12.17 -18.62 46.99
N ILE D 146 -11.71 -18.61 45.76
CA ILE D 146 -11.08 -19.76 45.15
C ILE D 146 -9.74 -20.09 45.81
N GLN D 147 -9.06 -19.08 46.33
CA GLN D 147 -7.66 -19.24 46.75
C GLN D 147 -7.45 -19.53 48.23
N ARG D 148 -8.11 -18.76 49.11
CA ARG D 148 -8.10 -19.04 50.55
C ARG D 148 -8.49 -20.48 50.80
N SER D 149 -7.64 -21.19 51.54
CA SER D 149 -7.81 -22.61 51.74
C SER D 149 -8.96 -22.94 52.69
N ASP D 150 -9.44 -21.93 53.43
CA ASP D 150 -10.63 -22.07 54.28
C ASP D 150 -11.95 -21.78 53.54
N THR D 151 -11.84 -21.28 52.31
CA THR D 151 -13.00 -20.97 51.50
C THR D 151 -13.05 -21.91 50.29
N ALA D 152 -11.95 -22.65 50.07
CA ALA D 152 -11.80 -23.54 48.89
C ALA D 152 -13.07 -24.30 48.49
N SER D 153 -13.89 -24.67 49.48
CA SER D 153 -15.06 -25.53 49.24
C SER D 153 -16.41 -24.81 49.08
N PHE D 154 -16.45 -23.53 49.41
CA PHE D 154 -17.63 -22.72 49.13
C PHE D 154 -17.91 -22.54 47.64
N VAL D 155 -19.18 -22.29 47.39
CA VAL D 155 -19.75 -22.15 46.05
C VAL D 155 -19.83 -20.67 45.65
N LEU D 156 -19.62 -20.38 44.37
CA LEU D 156 -19.81 -19.01 43.90
C LEU D 156 -20.90 -18.94 42.88
N PRO D 157 -21.59 -17.78 42.76
CA PRO D 157 -22.48 -17.58 41.61
C PRO D 157 -21.73 -17.71 40.30
N ALA D 158 -22.44 -18.18 39.29
CA ALA D 158 -21.93 -18.18 37.94
C ALA D 158 -21.55 -16.75 37.56
N PRO D 159 -20.41 -16.56 36.88
CA PRO D 159 -19.99 -15.20 36.57
C PRO D 159 -21.00 -14.35 35.73
N TYR D 160 -21.84 -14.99 34.92
CA TYR D 160 -22.90 -14.26 34.21
C TYR D 160 -24.05 -13.71 35.12
N GLU D 161 -24.18 -14.27 36.32
CA GLU D 161 -25.07 -13.72 37.34
C GLU D 161 -24.41 -12.60 38.15
N ALA D 162 -23.09 -12.61 38.25
CA ALA D 162 -22.34 -11.54 38.93
C ALA D 162 -22.07 -10.33 38.03
N TYR D 163 -21.86 -10.55 36.74
CA TYR D 163 -21.56 -9.45 35.82
C TYR D 163 -22.43 -9.56 34.61
N PRO D 164 -23.74 -9.44 34.75
CA PRO D 164 -24.53 -9.69 33.54
C PRO D 164 -24.22 -8.78 32.36
N GLN D 165 -23.70 -7.57 32.61
CA GLN D 165 -23.42 -6.66 31.48
C GLN D 165 -22.33 -7.19 30.57
N TYR D 166 -21.69 -8.28 30.96
CA TYR D 166 -20.65 -8.88 30.15
C TYR D 166 -21.16 -10.07 29.38
N PHE D 167 -22.42 -10.40 29.64
CA PHE D 167 -23.00 -11.60 29.10
C PHE D 167 -24.28 -11.32 28.37
N VAL D 168 -24.77 -10.10 28.42
CA VAL D 168 -26.00 -9.76 27.74
C VAL D 168 -25.71 -8.76 26.61
N ASN D 169 -26.19 -9.03 25.42
CA ASN D 169 -26.07 -8.06 24.34
C ASN D 169 -26.91 -6.84 24.68
N MET D 170 -26.46 -5.66 24.23
CA MET D 170 -27.20 -4.41 24.44
C MET D 170 -28.71 -4.50 24.27
N GLU D 171 -29.17 -5.17 23.20
CA GLU D 171 -30.60 -5.22 22.88
C GLU D 171 -31.43 -5.63 24.08
N VAL D 172 -31.05 -6.77 24.64
CA VAL D 172 -31.66 -7.36 25.82
C VAL D 172 -31.52 -6.48 27.09
N LYS D 173 -30.32 -5.98 27.37
CA LYS D 173 -30.06 -5.06 28.47
C LYS D 173 -30.96 -3.85 28.40
N ASN D 174 -31.15 -3.32 27.20
CA ASN D 174 -32.03 -2.17 27.00
C ASN D 174 -33.50 -2.50 27.24
N LYS D 175 -33.93 -3.67 26.78
CA LYS D 175 -35.30 -4.08 26.98
C LYS D 175 -35.61 -4.19 28.47
N MET D 176 -34.67 -4.75 29.23
CA MET D 176 -34.80 -4.84 30.70
C MET D 176 -34.82 -3.50 31.41
N ASP D 177 -33.90 -2.61 31.06
CA ASP D 177 -33.91 -1.26 31.60
C ASP D 177 -35.24 -0.59 31.31
N TYR D 178 -35.80 -0.88 30.13
CA TYR D 178 -37.07 -0.28 29.69
C TYR D 178 -38.27 -0.72 30.52
N VAL D 179 -38.36 -2.04 30.69
CA VAL D 179 -39.35 -2.69 31.55
C VAL D 179 -39.26 -2.16 32.99
N LYS D 180 -38.05 -1.94 33.48
CA LYS D 180 -37.85 -1.39 34.81
C LYS D 180 -38.41 0.02 34.96
N MET D 181 -38.08 0.93 34.03
CA MET D 181 -38.51 2.34 34.08
C MET D 181 -40.03 2.45 34.05
N MET D 182 -40.65 1.55 33.31
CA MET D 182 -42.11 1.46 33.24
C MET D 182 -42.72 0.77 34.44
N ASP D 183 -41.88 0.13 35.27
CA ASP D 183 -42.37 -0.60 36.44
C ASP D 183 -43.24 -1.76 35.95
N GLY D 184 -42.80 -2.45 34.90
CA GLY D 184 -43.57 -3.55 34.32
C GLY D 184 -44.11 -3.35 32.91
N CYS D 185 -45.02 -4.25 32.53
CA CYS D 185 -45.56 -4.27 31.18
C CYS D 185 -46.83 -3.43 30.99
N LEU D 186 -46.81 -2.55 29.99
CA LEU D 186 -48.01 -1.78 29.65
C LEU D 186 -49.17 -2.74 29.37
N ASP D 187 -49.06 -3.53 28.30
CA ASP D 187 -49.91 -4.72 28.17
C ASP D 187 -49.15 -5.93 27.67
N GLU D 188 -49.61 -7.10 28.13
CA GLU D 188 -49.02 -8.41 27.88
C GLU D 188 -48.69 -8.67 26.43
N LYS D 189 -49.70 -8.46 25.57
CA LYS D 189 -49.63 -8.71 24.13
C LYS D 189 -48.52 -7.91 23.42
N ILE D 190 -48.47 -6.61 23.68
CA ILE D 190 -47.37 -5.78 23.17
C ILE D 190 -46.06 -6.44 23.62
N CYS D 191 -45.95 -6.67 24.92
CA CYS D 191 -44.73 -7.23 25.49
C CYS D 191 -44.28 -8.58 24.94
N TYR D 192 -45.20 -9.54 24.85
CA TYR D 192 -44.93 -10.87 24.32
C TYR D 192 -44.31 -10.84 22.92
N ASN D 193 -44.82 -9.92 22.09
CA ASN D 193 -44.32 -9.72 20.73
C ASN D 193 -42.88 -9.19 20.68
N TYR D 194 -42.39 -8.70 21.81
CA TYR D 194 -41.04 -8.19 21.89
C TYR D 194 -40.16 -9.11 22.72
N GLY D 195 -40.65 -10.33 22.92
CA GLY D 195 -39.93 -11.35 23.64
C GLY D 195 -39.87 -11.08 25.13
N ILE D 196 -40.89 -10.43 25.66
CA ILE D 196 -40.94 -10.14 27.08
C ILE D 196 -42.18 -10.76 27.72
N ILE D 197 -41.97 -11.70 28.64
CA ILE D 197 -43.08 -12.36 29.36
C ILE D 197 -42.89 -12.40 30.87
N LYS D 198 -44.01 -12.55 31.61
CA LYS D 198 -44.00 -12.83 33.05
C LYS D 198 -44.26 -14.30 33.40
N GLU D 199 -43.42 -14.89 34.23
CA GLU D 199 -43.60 -16.24 34.71
C GLU D 199 -43.34 -16.24 36.20
N ASN D 200 -44.34 -16.66 36.96
CA ASN D 200 -44.26 -16.66 38.42
C ASN D 200 -43.87 -15.27 38.95
N GLU D 201 -44.51 -14.22 38.44
CA GLU D 201 -44.13 -12.85 38.79
C GLU D 201 -42.61 -12.57 38.68
N GLN D 202 -41.98 -13.03 37.59
CA GLN D 202 -40.62 -12.62 37.23
C GLN D 202 -40.60 -12.29 35.75
N PHE D 203 -39.74 -11.39 35.32
CA PHE D 203 -39.65 -11.07 33.90
C PHE D 203 -38.71 -11.99 33.14
N VAL D 204 -39.15 -12.54 32.02
CA VAL D 204 -38.25 -13.34 31.16
C VAL D 204 -38.08 -12.67 29.79
N MET D 205 -36.83 -12.44 29.39
CA MET D 205 -36.48 -11.83 28.09
C MET D 205 -35.74 -12.80 27.18
N TYR D 206 -36.41 -13.14 26.08
CA TYR D 206 -35.84 -13.98 25.05
C TYR D 206 -34.70 -13.22 24.35
N ALA D 207 -33.58 -13.88 24.14
CA ALA D 207 -32.40 -13.26 23.56
C ALA D 207 -31.88 -14.06 22.40
N ASN D 208 -31.64 -13.35 21.29
CA ASN D 208 -30.96 -13.93 20.16
C ASN D 208 -29.45 -13.74 20.33
N TYR D 209 -28.67 -14.58 19.68
CA TYR D 209 -27.28 -14.23 19.42
C TYR D 209 -27.19 -13.13 18.36
N SER D 210 -26.11 -12.39 18.36
CA SER D 210 -25.99 -11.26 17.47
C SER D 210 -25.87 -11.60 16.00
N ASN D 211 -26.24 -10.65 15.15
CA ASN D 211 -26.24 -10.90 13.75
C ASN D 211 -25.08 -10.23 12.99
N SER D 212 -25.24 -10.15 11.67
CA SER D 212 -24.22 -9.65 10.78
C SER D 212 -23.74 -8.24 11.15
N LEU D 213 -24.55 -7.48 11.91
CA LEU D 213 -24.09 -6.17 12.41
C LEU D 213 -22.99 -6.18 13.46
N THR D 214 -22.83 -7.23 14.27
CA THR D 214 -21.67 -7.25 15.19
C THR D 214 -20.51 -8.14 14.73
N TYR D 215 -20.85 -9.17 13.95
CA TYR D 215 -19.89 -10.07 13.34
C TYR D 215 -20.03 -9.89 11.83
N PRO D 216 -19.45 -8.80 11.28
CA PRO D 216 -19.72 -8.48 9.87
C PRO D 216 -19.03 -9.41 8.86
N ASN D 217 -19.12 -10.72 9.09
CA ASN D 217 -18.53 -11.71 8.21
C ASN D 217 -18.98 -13.10 8.60
N ASN D 218 -18.34 -14.13 8.02
CA ASN D 218 -18.64 -15.52 8.28
C ASN D 218 -18.54 -15.99 9.73
N GLU D 219 -17.82 -15.25 10.56
CA GLU D 219 -17.66 -15.65 11.94
C GLU D 219 -19.01 -15.60 12.64
N ASP D 220 -19.98 -14.92 12.03
CA ASP D 220 -21.32 -14.92 12.58
C ASP D 220 -21.96 -16.30 12.55
N ARG D 221 -21.54 -17.17 11.65
CA ARG D 221 -22.03 -18.53 11.66
C ARG D 221 -21.91 -19.19 13.02
N ILE D 222 -20.93 -18.73 13.80
CA ILE D 222 -20.43 -19.40 14.99
C ILE D 222 -20.80 -18.61 16.28
N ALA D 223 -21.50 -17.49 16.12
CA ALA D 223 -21.92 -16.70 17.26
C ALA D 223 -22.59 -17.48 18.42
N TYR D 224 -23.38 -18.54 18.16
CA TYR D 224 -23.92 -19.35 19.26
C TYR D 224 -22.87 -20.05 20.15
N LEU D 225 -21.65 -20.22 19.64
CA LEU D 225 -20.57 -20.75 20.47
C LEU D 225 -19.82 -19.60 21.12
N THR D 226 -19.41 -18.64 20.31
CA THR D 226 -18.54 -17.58 20.81
C THR D 226 -19.23 -16.66 21.80
N GLU D 227 -20.55 -16.57 21.74
CA GLU D 227 -21.25 -15.73 22.70
C GLU D 227 -21.82 -16.57 23.84
N ASP D 228 -21.67 -17.88 23.76
CA ASP D 228 -22.21 -18.77 24.78
C ASP D 228 -21.74 -18.38 26.20
N VAL D 229 -22.67 -18.31 27.14
CA VAL D 229 -22.34 -17.79 28.46
C VAL D 229 -21.49 -18.78 29.26
N GLY D 230 -21.73 -20.07 29.05
CA GLY D 230 -20.91 -21.08 29.67
C GLY D 230 -19.49 -20.91 29.21
N LEU D 231 -19.30 -20.74 27.91
CA LEU D 231 -17.96 -20.75 27.37
C LEU D 231 -17.17 -19.51 27.80
N ASN D 232 -17.84 -18.36 27.87
CA ASN D 232 -17.19 -17.17 28.40
C ASN D 232 -16.88 -17.31 29.90
N ALA D 233 -17.81 -17.90 30.64
CA ALA D 233 -17.64 -18.06 32.09
C ALA D 233 -16.45 -19.00 32.36
N TYR D 234 -16.35 -20.05 31.56
CA TYR D 234 -15.24 -20.98 31.65
C TYR D 234 -13.87 -20.29 31.59
N TYR D 235 -13.70 -19.35 30.67
CA TYR D 235 -12.46 -18.63 30.55
C TYR D 235 -12.21 -17.78 31.80
N TYR D 236 -13.26 -17.25 32.38
CA TYR D 236 -13.12 -16.41 33.55
C TYR D 236 -12.68 -17.28 34.73
N TYR D 237 -13.28 -18.45 34.85
CA TYR D 237 -12.95 -19.34 35.94
C TYR D 237 -11.51 -19.80 35.75
N PHE D 238 -11.13 -20.07 34.51
CA PHE D 238 -9.77 -20.52 34.27
C PHE D 238 -8.79 -19.48 34.82
N HIS D 239 -8.96 -18.22 34.45
CA HIS D 239 -8.07 -17.20 34.94
C HIS D 239 -8.03 -17.12 36.49
N SER D 240 -9.20 -17.13 37.11
CA SER D 240 -9.32 -16.90 38.54
C SER D 240 -8.74 -18.06 39.38
N HIS D 241 -8.68 -19.24 38.77
CA HIS D 241 -8.06 -20.39 39.43
C HIS D 241 -6.53 -20.32 39.52
N LEU D 242 -5.87 -19.60 38.61
CA LEU D 242 -4.46 -19.22 38.79
C LEU D 242 -4.09 -17.99 37.98
N PRO D 243 -4.30 -16.80 38.53
CA PRO D 243 -4.08 -15.61 37.73
C PRO D 243 -2.60 -15.40 37.34
N PHE D 244 -2.40 -14.92 36.11
CA PHE D 244 -1.04 -14.65 35.63
C PHE D 244 -0.13 -13.89 36.63
N TRP D 245 -0.68 -12.93 37.35
CA TRP D 245 0.15 -12.05 38.18
C TRP D 245 0.59 -12.69 39.48
N TRP D 246 0.14 -13.92 39.73
CA TRP D 246 0.46 -14.60 40.98
C TRP D 246 1.36 -15.79 40.72
N ASN D 247 2.33 -16.01 41.61
CA ASN D 247 3.14 -17.21 41.55
C ASN D 247 2.26 -18.38 41.88
N SER D 248 2.78 -19.59 41.75
CA SER D 248 1.93 -20.76 41.97
C SER D 248 2.45 -21.67 43.10
N GLY D 249 3.31 -21.10 43.97
CA GLY D 249 3.85 -21.77 45.13
C GLY D 249 2.80 -22.34 46.09
N LYS D 250 1.59 -21.81 46.04
CA LYS D 250 0.50 -22.41 46.82
C LYS D 250 0.29 -23.86 46.41
N TYR D 251 0.60 -24.20 45.17
CA TYR D 251 0.28 -25.52 44.62
C TYR D 251 1.43 -26.52 44.53
N GLY D 252 2.47 -26.33 45.32
CA GLY D 252 3.52 -27.33 45.42
C GLY D 252 4.16 -27.74 44.11
N ALA D 253 4.29 -29.05 43.90
CA ALA D 253 4.95 -29.60 42.72
C ALA D 253 4.29 -29.20 41.39
N PHE D 254 3.07 -28.68 41.43
CA PHE D 254 2.43 -28.18 40.22
C PHE D 254 3.20 -27.00 39.61
N LYS D 255 3.87 -26.24 40.48
CA LYS D 255 4.68 -25.11 40.05
C LYS D 255 5.57 -25.49 38.89
N GLU D 256 6.23 -26.63 38.97
CA GLU D 256 7.14 -27.02 37.91
C GLU D 256 6.44 -27.46 36.61
N ARG D 257 5.11 -27.25 36.55
CA ARG D 257 4.28 -27.67 35.42
C ARG D 257 3.29 -26.59 35.01
N ARG D 258 3.47 -25.38 35.52
CA ARG D 258 2.50 -24.34 35.22
C ARG D 258 2.40 -24.00 33.71
N GLY D 259 3.55 -23.84 33.07
CA GLY D 259 3.65 -23.51 31.65
C GLY D 259 3.08 -24.59 30.76
N GLU D 260 3.14 -25.83 31.27
CA GLU D 260 2.59 -26.96 30.57
C GLU D 260 1.09 -26.79 30.46
N ILE D 261 0.44 -26.38 31.56
CA ILE D 261 -1.00 -26.37 31.54
C ILE D 261 -1.44 -25.18 30.71
N TYR D 262 -0.57 -24.19 30.56
CA TYR D 262 -0.94 -23.02 29.81
C TYR D 262 -1.12 -23.40 28.34
N PHE D 263 -0.14 -24.14 27.82
CA PHE D 263 -0.21 -24.62 26.47
C PHE D 263 -1.49 -25.43 26.36
N PHE D 264 -1.61 -26.43 27.21
CA PHE D 264 -2.71 -27.38 27.13
C PHE D 264 -4.06 -26.69 27.13
N PHE D 265 -4.25 -25.76 28.05
CA PHE D 265 -5.51 -25.09 28.10
C PHE D 265 -5.84 -24.47 26.74
N TYR D 266 -4.86 -23.80 26.11
CA TYR D 266 -5.15 -23.11 24.87
C TYR D 266 -5.19 -24.03 23.67
N GLN D 267 -4.34 -25.06 23.69
CA GLN D 267 -4.35 -26.04 22.60
C GLN D 267 -5.76 -26.70 22.55
N GLN D 268 -6.29 -27.10 23.71
CA GLN D 268 -7.64 -27.77 23.83
C GLN D 268 -8.79 -26.88 23.39
N LEU D 269 -8.80 -25.66 23.89
CA LEU D 269 -9.82 -24.68 23.55
C LEU D 269 -9.86 -24.37 22.01
N LEU D 270 -8.69 -24.17 21.39
CA LEU D 270 -8.61 -23.94 19.94
C LEU D 270 -9.00 -25.19 19.19
N ALA D 271 -8.70 -26.36 19.76
CA ALA D 271 -9.09 -27.58 19.12
C ALA D 271 -10.62 -27.66 19.14
N ARG D 272 -11.23 -27.28 20.26
CA ARG D 272 -12.68 -27.24 20.37
C ARG D 272 -13.31 -26.24 19.37
N TYR D 273 -12.66 -25.11 19.20
CA TYR D 273 -13.15 -24.05 18.34
C TYR D 273 -13.06 -24.39 16.83
N TYR D 274 -11.96 -25.00 16.43
CA TYR D 274 -11.77 -25.41 15.04
C TYR D 274 -12.82 -26.48 14.66
N MET D 275 -13.20 -27.30 15.62
CA MET D 275 -14.23 -28.26 15.31
C MET D 275 -15.57 -27.59 15.09
N GLU D 276 -15.85 -26.50 15.82
CA GLU D 276 -17.08 -25.79 15.53
C GLU D 276 -17.02 -25.23 14.10
N ARG D 277 -15.91 -24.56 13.77
CA ARG D 277 -15.71 -24.01 12.45
C ARG D 277 -15.96 -25.05 11.34
N LEU D 278 -15.34 -26.24 11.47
CA LEU D 278 -15.56 -27.32 10.49
C LEU D 278 -17.03 -27.67 10.26
N THR D 279 -17.82 -27.76 11.32
CA THR D 279 -19.22 -28.10 11.14
C THR D 279 -19.99 -26.95 10.47
N ASN D 280 -19.52 -25.74 10.67
CA ASN D 280 -20.17 -24.62 10.03
C ASN D 280 -19.50 -24.23 8.71
N GLY D 281 -18.69 -25.16 8.16
CA GLY D 281 -17.93 -24.97 6.92
C GLY D 281 -16.96 -23.79 6.85
N LEU D 282 -16.22 -23.48 7.93
CA LEU D 282 -15.37 -22.29 7.94
C LEU D 282 -13.84 -22.45 7.83
N GLY D 283 -13.30 -23.63 7.56
CA GLY D 283 -11.82 -23.75 7.50
C GLY D 283 -10.94 -23.22 8.65
N LYS D 284 -9.62 -23.20 8.41
CA LYS D 284 -8.60 -22.94 9.44
C LYS D 284 -8.77 -21.60 10.13
N ILE D 285 -8.31 -21.52 11.38
CA ILE D 285 -8.18 -20.24 12.06
C ILE D 285 -7.21 -19.33 11.32
N PRO D 286 -7.63 -18.08 11.03
CA PRO D 286 -6.76 -17.31 10.13
C PRO D 286 -5.45 -16.88 10.80
N GLU D 287 -4.38 -16.78 10.01
CA GLU D 287 -3.14 -16.17 10.48
C GLU D 287 -2.96 -14.73 10.03
N PHE D 288 -2.09 -13.97 10.69
CA PHE D 288 -2.01 -12.53 10.46
C PHE D 288 -0.63 -12.00 10.74
N SER D 289 -0.43 -10.73 10.48
CA SER D 289 0.85 -10.10 10.73
C SER D 289 0.62 -8.78 11.41
N TRP D 290 1.53 -8.39 12.30
CA TRP D 290 1.41 -7.06 12.88
C TRP D 290 1.57 -5.94 11.81
N TYR D 291 2.10 -6.29 10.65
CA TYR D 291 2.42 -5.28 9.64
C TYR D 291 1.37 -5.22 8.54
N SER D 292 0.26 -5.93 8.75
CA SER D 292 -0.79 -6.05 7.74
C SER D 292 -2.20 -5.80 8.28
N PRO D 293 -3.18 -5.50 7.38
CA PRO D 293 -4.59 -5.39 7.77
C PRO D 293 -5.10 -6.74 8.28
N LEU D 294 -5.86 -6.75 9.36
CA LEU D 294 -6.45 -8.01 9.90
C LEU D 294 -7.88 -8.12 9.33
N ARG D 295 -8.25 -9.27 8.75
CA ARG D 295 -9.53 -9.41 8.01
C ARG D 295 -10.82 -9.31 8.85
N THR D 296 -10.97 -10.22 9.81
CA THR D 296 -12.24 -10.40 10.49
C THR D 296 -12.46 -9.38 11.60
N GLY D 297 -13.28 -8.37 11.30
CA GLY D 297 -13.64 -7.35 12.28
C GLY D 297 -14.64 -7.87 13.29
N TYR D 298 -15.01 -7.04 14.25
CA TYR D 298 -15.97 -7.42 15.29
C TYR D 298 -16.45 -6.16 15.96
N LEU D 299 -17.77 -5.98 16.04
CA LEU D 299 -18.26 -4.79 16.73
C LEU D 299 -19.02 -5.21 18.00
N PRO D 300 -18.36 -5.10 19.18
CA PRO D 300 -18.85 -5.60 20.48
C PRO D 300 -20.13 -4.92 20.90
N PRO D 301 -21.19 -5.70 21.21
CA PRO D 301 -22.49 -5.05 21.52
C PRO D 301 -22.56 -4.72 23.03
N PHE D 302 -21.61 -3.89 23.46
CA PHE D 302 -21.48 -3.54 24.85
C PHE D 302 -21.14 -2.07 24.99
N ASN D 303 -21.50 -1.52 26.16
CA ASN D 303 -21.02 -0.21 26.61
C ASN D 303 -20.71 -0.11 28.10
N SER D 304 -19.84 0.81 28.45
CA SER D 304 -19.45 1.04 29.82
C SER D 304 -20.11 2.35 30.21
N PHE D 305 -19.90 2.83 31.42
CA PHE D 305 -20.50 4.10 31.83
C PHE D 305 -20.36 5.25 30.80
N TYR D 306 -19.18 5.37 30.17
CA TYR D 306 -18.88 6.50 29.27
C TYR D 306 -18.81 6.17 27.78
N TYR D 307 -18.45 4.94 27.44
CA TYR D 307 -18.03 4.63 26.08
C TYR D 307 -18.76 3.42 25.59
N PRO D 308 -19.23 3.47 24.34
CA PRO D 308 -19.46 2.22 23.62
C PRO D 308 -18.12 1.49 23.48
N PHE D 309 -18.11 0.17 23.65
CA PHE D 309 -16.92 -0.62 23.39
C PHE D 309 -16.33 -0.31 22.02
N ALA D 310 -15.00 -0.30 21.94
CA ALA D 310 -14.26 -0.08 20.70
C ALA D 310 -14.60 -1.10 19.64
N GLN D 311 -14.79 -0.63 18.40
CA GLN D 311 -15.10 -1.48 17.26
C GLN D 311 -13.88 -1.69 16.36
N ARG D 312 -13.68 -2.90 15.85
CA ARG D 312 -12.60 -3.15 14.88
C ARG D 312 -13.25 -3.53 13.53
N SER D 313 -12.97 -2.77 12.47
CA SER D 313 -13.63 -3.04 11.17
C SER D 313 -13.00 -4.23 10.48
N ASN D 314 -13.67 -4.77 9.49
CA ASN D 314 -12.98 -5.64 8.56
C ASN D 314 -11.79 -4.92 7.93
N ASP D 315 -10.70 -5.66 7.75
CA ASP D 315 -9.48 -5.17 7.10
C ASP D 315 -8.90 -3.97 7.84
N TYR D 316 -8.86 -4.09 9.16
CA TYR D 316 -8.33 -3.08 10.03
C TYR D 316 -6.80 -3.10 10.03
N GLU D 317 -6.19 -1.95 9.77
CA GLU D 317 -4.73 -1.88 9.72
C GLU D 317 -4.12 -1.82 11.13
N LEU D 318 -3.53 -2.92 11.54
CA LEU D 318 -2.88 -3.05 12.85
C LEU D 318 -1.74 -2.06 13.03
N HIS D 319 -0.99 -1.87 11.94
CA HIS D 319 0.19 -1.03 11.91
C HIS D 319 -0.09 0.44 11.69
N THR D 320 -0.54 1.15 12.72
CA THR D 320 -0.72 2.60 12.55
C THR D 320 -0.04 3.35 13.65
N GLU D 321 0.26 4.62 13.38
CA GLU D 321 0.85 5.55 14.32
C GLU D 321 0.59 5.17 15.80
N LYS D 322 -0.66 4.99 16.18
CA LYS D 322 -0.96 4.70 17.58
C LYS D 322 -0.36 3.39 18.11
N ASN D 323 -0.15 2.38 17.26
CA ASN D 323 0.41 1.08 17.71
C ASN D 323 1.86 0.76 17.41
N TYR D 324 2.59 1.70 16.82
CA TYR D 324 3.95 1.44 16.38
C TYR D 324 4.88 0.92 17.48
N GLU D 325 4.99 1.68 18.58
CA GLU D 325 5.75 1.27 19.75
C GLU D 325 5.29 -0.11 20.24
N GLU D 326 3.97 -0.32 20.32
CA GLU D 326 3.49 -1.63 20.78
C GLU D 326 3.93 -2.74 19.84
N ILE D 327 3.83 -2.48 18.54
CA ILE D 327 4.17 -3.50 17.55
C ILE D 327 5.64 -3.88 17.58
N ARG D 328 6.53 -2.88 17.71
CA ARG D 328 7.96 -3.13 17.94
C ARG D 328 8.19 -4.09 19.13
N PHE D 329 7.53 -3.81 20.24
CA PHE D 329 7.63 -4.66 21.40
C PHE D 329 7.19 -6.10 21.08
N LEU D 330 6.07 -6.25 20.39
CA LEU D 330 5.47 -7.58 20.13
C LEU D 330 6.35 -8.37 19.24
N ASP D 331 6.79 -7.68 18.20
CA ASP D 331 7.72 -8.22 17.24
C ASP D 331 8.97 -8.77 17.85
N ILE D 332 9.61 -8.05 18.78
CA ILE D 332 10.87 -8.57 19.32
C ILE D 332 10.60 -9.63 20.43
N TYR D 333 9.43 -9.53 21.06
CA TYR D 333 9.04 -10.56 22.00
C TYR D 333 9.00 -11.91 21.32
N GLU D 334 8.41 -12.01 20.12
CA GLU D 334 8.39 -13.30 19.38
C GLU D 334 9.75 -13.66 18.82
N LYS D 335 10.39 -12.73 18.14
CA LYS D 335 11.67 -13.08 17.55
C LYS D 335 12.73 -13.57 18.56
N THR D 336 12.69 -13.07 19.82
CA THR D 336 13.55 -13.60 20.89
C THR D 336 13.39 -15.13 21.06
N PHE D 337 12.14 -15.59 21.14
CA PHE D 337 11.84 -16.99 21.18
C PHE D 337 12.54 -17.70 20.02
N PHE D 338 12.39 -17.19 18.79
CA PHE D 338 13.08 -17.77 17.61
C PHE D 338 14.58 -17.89 17.94
N GLN D 339 15.16 -16.80 18.42
CA GLN D 339 16.56 -16.81 18.78
C GLN D 339 16.92 -17.88 19.81
N TYR D 340 16.02 -18.17 20.75
CA TYR D 340 16.26 -19.21 21.76
C TYR D 340 16.35 -20.58 21.09
N LEU D 341 15.30 -20.90 20.34
CA LEU D 341 15.25 -22.13 19.59
C LEU D 341 16.47 -22.25 18.69
N GLN D 342 16.75 -21.21 17.90
CA GLN D 342 17.88 -21.27 16.98
C GLN D 342 19.14 -21.74 17.73
N GLN D 343 19.24 -21.36 18.98
CA GLN D 343 20.45 -21.59 19.74
C GLN D 343 20.44 -22.86 20.60
N GLY D 344 19.27 -23.44 20.84
CA GLY D 344 19.20 -24.64 21.67
C GLY D 344 19.37 -24.33 23.15
N HIS D 345 20.56 -23.89 23.54
CA HIS D 345 20.88 -23.54 24.93
C HIS D 345 21.28 -22.08 25.06
N PHE D 346 20.71 -21.39 26.02
CA PHE D 346 20.76 -19.94 26.03
C PHE D 346 20.52 -19.61 27.49
N LYS D 347 21.02 -18.44 27.90
CA LYS D 347 20.79 -17.84 29.22
C LYS D 347 19.44 -17.14 29.22
N ALA D 348 18.54 -17.53 30.13
CA ALA D 348 17.23 -16.91 30.16
C ALA D 348 16.66 -16.78 31.58
N PHE D 349 16.52 -15.52 32.02
CA PHE D 349 15.92 -15.14 33.31
C PHE D 349 16.47 -15.90 34.54
N ASP D 350 17.79 -16.13 34.54
CA ASP D 350 18.57 -16.72 35.66
C ASP D 350 19.39 -17.95 35.26
N LYS D 351 18.73 -18.99 34.78
CA LYS D 351 19.41 -20.25 34.50
C LYS D 351 19.74 -20.37 33.01
N LYS D 352 20.53 -21.39 32.65
CA LYS D 352 20.58 -21.86 31.26
C LYS D 352 19.39 -22.76 30.94
N ILE D 353 18.65 -22.36 29.90
CA ILE D 353 17.55 -23.11 29.31
C ILE D 353 18.04 -24.25 28.42
N ASP D 354 17.92 -25.53 28.81
CA ASP D 354 18.15 -26.62 27.83
C ASP D 354 16.87 -27.15 27.22
N LEU D 355 16.76 -27.00 25.91
CA LEU D 355 15.55 -27.35 25.18
C LEU D 355 15.11 -28.81 25.23
N HIS D 356 16.00 -29.71 25.65
CA HIS D 356 15.66 -31.13 25.63
C HIS D 356 15.01 -31.68 26.89
N SER D 357 15.11 -30.95 28.00
CA SER D 357 14.38 -31.31 29.23
C SER D 357 12.90 -30.84 29.25
N SER D 358 12.30 -30.88 30.43
CA SER D 358 10.91 -30.43 30.62
C SER D 358 10.82 -29.21 31.54
N LYS D 359 11.93 -28.91 32.24
CA LYS D 359 12.12 -27.55 32.76
C LYS D 359 11.99 -26.54 31.59
N ALA D 360 12.29 -27.01 30.39
CA ALA D 360 12.03 -26.31 29.13
C ALA D 360 10.54 -26.12 28.87
N VAL D 361 9.77 -27.19 28.99
CA VAL D 361 8.33 -27.11 28.77
C VAL D 361 7.70 -26.03 29.66
N ASN D 362 8.05 -26.09 30.96
CA ASN D 362 7.58 -25.11 31.93
C ASN D 362 7.97 -23.68 31.58
N PHE D 363 9.25 -23.47 31.25
CA PHE D 363 9.75 -22.15 30.83
C PHE D 363 8.96 -21.57 29.66
N VAL D 364 8.74 -22.43 28.66
CA VAL D 364 8.10 -22.02 27.42
C VAL D 364 6.75 -21.37 27.64
N GLY D 365 5.89 -22.03 28.43
CA GLY D 365 4.59 -21.47 28.78
C GLY D 365 4.69 -20.21 29.63
N ASN D 366 5.63 -20.16 30.58
CA ASN D 366 5.73 -18.99 31.46
C ASN D 366 6.21 -17.78 30.68
N TYR D 367 7.12 -18.03 29.75
CA TYR D 367 7.60 -17.04 28.79
C TYR D 367 6.46 -16.39 28.00
N TRP D 368 5.64 -17.21 27.33
CA TRP D 368 4.53 -16.72 26.50
C TRP D 368 3.44 -16.01 27.27
N GLN D 369 3.28 -16.33 28.56
CA GLN D 369 2.28 -15.68 29.41
C GLN D 369 2.84 -14.54 30.27
N THR D 370 4.15 -14.36 30.25
CA THR D 370 4.77 -13.40 31.15
C THR D 370 4.15 -13.45 32.53
N ASN D 371 4.03 -14.65 33.11
CA ASN D 371 3.40 -14.78 34.42
C ASN D 371 4.45 -14.64 35.51
N ALA D 372 4.03 -14.54 36.77
CA ALA D 372 4.94 -14.30 37.90
C ALA D 372 6.03 -15.37 38.04
N ASP D 373 5.73 -16.60 37.60
CA ASP D 373 6.74 -17.67 37.72
C ASP D 373 8.00 -17.47 36.80
N LEU D 374 7.79 -16.87 35.62
CA LEU D 374 8.88 -16.54 34.70
C LEU D 374 10.04 -15.80 35.37
N PHE D 375 9.71 -14.99 36.37
CA PHE D 375 10.65 -14.10 37.03
C PHE D 375 10.96 -14.67 38.38
N GLU D 376 10.24 -15.73 38.76
CA GLU D 376 10.40 -16.42 40.06
C GLU D 376 10.21 -15.47 41.23
N GLU D 377 9.18 -14.64 41.14
CA GLU D 377 8.78 -13.74 42.20
C GLU D 377 7.34 -14.07 42.60
N ASP D 378 6.88 -13.41 43.65
CA ASP D 378 5.55 -13.67 44.17
C ASP D 378 4.43 -13.05 43.36
N PHE D 379 4.63 -11.79 42.95
CA PHE D 379 3.63 -11.08 42.18
C PHE D 379 4.27 -10.35 41.02
N LEU D 380 3.56 -10.31 39.91
CA LEU D 380 3.95 -9.53 38.77
C LEU D 380 4.24 -8.07 39.20
N GLN D 381 5.47 -7.61 38.96
CA GLN D 381 5.90 -6.23 39.29
C GLN D 381 5.47 -5.16 38.26
N PHE D 382 5.44 -3.90 38.71
CA PHE D 382 4.82 -2.79 37.96
C PHE D 382 5.40 -2.52 36.56
N TYR D 383 6.65 -2.90 36.36
CA TYR D 383 7.40 -2.55 35.18
C TYR D 383 7.59 -3.70 34.21
N GLN D 384 7.03 -4.85 34.52
CA GLN D 384 7.22 -5.99 33.63
C GLN D 384 6.08 -6.02 32.64
N ARG D 385 6.39 -5.78 31.36
CA ARG D 385 5.43 -5.67 30.27
C ARG D 385 5.11 -7.05 29.75
N SER D 386 3.85 -7.31 29.54
CA SER D 386 3.36 -8.60 29.08
C SER D 386 3.10 -8.63 27.58
N TYR D 387 3.42 -9.75 26.94
CA TYR D 387 3.11 -9.97 25.55
C TYR D 387 1.62 -9.95 25.31
N GLU D 388 0.89 -10.75 26.08
CA GLU D 388 -0.55 -10.87 25.88
C GLU D 388 -1.31 -9.56 26.10
N VAL D 389 -0.88 -8.76 27.07
CA VAL D 389 -1.53 -7.50 27.32
C VAL D 389 -1.36 -6.59 26.11
N ASN D 390 -0.14 -6.49 25.60
CA ASN D 390 0.04 -5.61 24.46
C ASN D 390 -0.62 -6.17 23.19
N ALA D 391 -0.71 -7.48 23.07
CA ALA D 391 -1.39 -8.00 21.91
C ALA D 391 -2.87 -7.61 21.93
N ARG D 392 -3.53 -7.84 23.06
CA ARG D 392 -4.94 -7.51 23.26
C ARG D 392 -5.18 -6.02 23.00
N ARG D 393 -4.25 -5.20 23.44
CA ARG D 393 -4.36 -3.76 23.18
C ARG D 393 -4.32 -3.39 21.68
N VAL D 394 -3.42 -4.02 20.94
CA VAL D 394 -3.35 -3.75 19.51
C VAL D 394 -4.59 -4.29 18.82
N LEU D 395 -4.97 -5.51 19.14
CA LEU D 395 -6.09 -6.15 18.48
C LEU D 395 -7.43 -5.61 18.96
N GLY D 396 -7.44 -4.94 20.11
CA GLY D 396 -8.72 -4.50 20.69
C GLY D 396 -9.28 -3.32 19.92
N ALA D 397 -8.39 -2.60 19.21
CA ALA D 397 -8.70 -1.44 18.34
C ALA D 397 -9.09 -0.16 19.07
N ALA D 398 -9.17 -0.21 20.40
CA ALA D 398 -9.57 0.95 21.23
C ALA D 398 -8.63 2.18 21.11
N PRO D 399 -9.19 3.40 21.25
CA PRO D 399 -8.37 4.62 21.46
C PRO D 399 -7.54 4.57 22.74
N LYS D 400 -6.47 5.34 22.81
CA LYS D 400 -5.58 5.22 23.95
C LYS D 400 -6.22 5.81 25.20
N PRO D 401 -5.89 5.26 26.40
CA PRO D 401 -6.69 5.60 27.58
C PRO D 401 -6.72 7.09 27.88
N PHE D 402 -7.83 7.56 28.43
CA PHE D 402 -7.99 8.97 28.72
C PHE D 402 -7.15 9.39 29.95
N ASN D 403 -7.05 8.51 30.94
CA ASN D 403 -6.16 8.70 32.09
C ASN D 403 -6.01 7.33 32.68
N GLN D 404 -5.31 7.21 33.82
CA GLN D 404 -4.95 5.88 34.27
C GLN D 404 -6.11 5.09 34.84
N TYR D 405 -7.24 5.75 35.02
CA TYR D 405 -8.39 5.12 35.63
C TYR D 405 -9.53 5.02 34.66
N THR D 406 -9.29 5.45 33.42
CA THR D 406 -10.35 5.51 32.43
C THR D 406 -9.77 5.06 31.13
N PHE D 407 -10.12 3.83 30.76
CA PHE D 407 -9.77 3.34 29.44
C PHE D 407 -11.03 3.18 28.57
N ILE D 408 -10.87 3.01 27.26
CA ILE D 408 -12.00 2.74 26.41
C ILE D 408 -12.09 1.24 26.20
N PRO D 409 -13.18 0.61 26.67
CA PRO D 409 -13.07 -0.85 26.68
C PRO D 409 -13.25 -1.53 25.33
N SER D 410 -12.67 -2.72 25.23
CA SER D 410 -12.90 -3.63 24.12
C SER D 410 -13.12 -5.03 24.69
N ALA D 411 -13.67 -5.95 23.88
CA ALA D 411 -13.92 -7.31 24.31
C ALA D 411 -12.69 -7.95 24.93
N LEU D 412 -11.50 -7.56 24.47
CA LEU D 412 -10.25 -8.19 24.91
C LEU D 412 -9.75 -7.68 26.26
N ASP D 413 -10.41 -6.64 26.80
CA ASP D 413 -10.06 -6.08 28.11
C ASP D 413 -10.53 -6.95 29.30
N PHE D 414 -11.33 -7.99 29.04
CA PHE D 414 -11.87 -8.84 30.10
C PHE D 414 -11.98 -10.32 29.72
N TYR D 415 -11.69 -11.21 30.68
CA TYR D 415 -11.85 -12.65 30.47
C TYR D 415 -13.27 -13.01 30.31
N GLN D 416 -14.18 -12.18 30.82
CA GLN D 416 -15.60 -12.47 30.61
C GLN D 416 -16.09 -12.29 29.16
N THR D 417 -15.50 -11.39 28.40
CA THR D 417 -15.92 -11.15 27.02
C THR D 417 -14.91 -11.56 25.97
N SER D 418 -13.70 -11.91 26.38
CA SER D 418 -12.64 -12.29 25.44
C SER D 418 -13.04 -13.29 24.36
N ALA D 419 -13.77 -14.35 24.71
CA ALA D 419 -14.02 -15.39 23.70
C ALA D 419 -15.07 -14.97 22.68
N ARG D 420 -15.58 -13.75 22.80
CA ARG D 420 -16.56 -13.26 21.84
C ARG D 420 -15.86 -12.74 20.56
N ASP D 421 -14.57 -12.43 20.69
CA ASP D 421 -13.85 -11.78 19.61
C ASP D 421 -13.10 -12.77 18.74
N PRO D 422 -13.34 -12.77 17.42
CA PRO D 422 -12.58 -13.68 16.58
C PRO D 422 -11.05 -13.54 16.76
N ALA D 423 -10.58 -12.32 16.95
CA ALA D 423 -9.15 -12.04 17.14
C ALA D 423 -8.53 -12.77 18.30
N PHE D 424 -9.33 -13.10 19.31
CA PHE D 424 -8.83 -13.78 20.47
C PHE D 424 -8.36 -15.14 20.05
N TYR D 425 -9.12 -15.84 19.23
CA TYR D 425 -8.72 -17.17 18.84
C TYR D 425 -7.55 -17.08 17.92
N GLN D 426 -7.50 -16.03 17.12
CA GLN D 426 -6.35 -15.84 16.28
C GLN D 426 -5.11 -15.60 17.08
N LEU D 427 -5.18 -14.76 18.10
CA LEU D 427 -3.96 -14.50 18.87
C LEU D 427 -3.36 -15.75 19.57
N TYR D 428 -4.21 -16.48 20.32
CA TYR D 428 -3.77 -17.73 20.95
C TYR D 428 -3.35 -18.81 19.93
N LYS D 429 -3.98 -18.86 18.76
CA LYS D 429 -3.50 -19.77 17.71
C LYS D 429 -2.00 -19.48 17.40
N ARG D 430 -1.68 -18.21 17.32
CA ARG D 430 -0.35 -17.77 16.97
C ARG D 430 0.63 -18.23 18.10
N ILE D 431 0.28 -17.97 19.37
CA ILE D 431 1.11 -18.41 20.48
C ILE D 431 1.26 -19.93 20.48
N VAL D 432 0.15 -20.63 20.31
CA VAL D 432 0.20 -22.09 20.24
C VAL D 432 1.08 -22.62 19.11
N GLN D 433 1.04 -22.01 17.92
CA GLN D 433 2.00 -22.32 16.80
C GLN D 433 3.47 -22.15 17.19
N TYR D 434 3.77 -21.07 17.88
CA TYR D 434 5.10 -20.78 18.34
C TYR D 434 5.56 -21.87 19.28
N ILE D 435 4.69 -22.27 20.20
CA ILE D 435 5.08 -23.30 21.15
C ILE D 435 5.33 -24.59 20.42
N ILE D 436 4.54 -24.83 19.38
CA ILE D 436 4.65 -26.07 18.62
C ILE D 436 5.95 -26.07 17.83
N GLU D 437 6.50 -24.89 17.61
CA GLU D 437 7.79 -24.80 16.99
C GLU D 437 8.85 -25.30 17.96
N PHE D 438 8.83 -24.83 19.20
CA PHE D 438 9.67 -25.44 20.23
C PHE D 438 9.39 -26.93 20.35
N LYS D 439 8.13 -27.37 20.24
CA LYS D 439 7.89 -28.77 20.52
C LYS D 439 8.50 -29.69 19.51
N GLN D 440 8.96 -29.10 18.40
CA GLN D 440 9.77 -29.83 17.41
C GLN D 440 11.10 -30.28 17.98
N TYR D 441 11.53 -29.70 19.09
CA TYR D 441 12.79 -30.12 19.67
C TYR D 441 12.61 -31.30 20.63
N GLN D 442 11.37 -31.65 20.93
CA GLN D 442 11.10 -32.70 21.90
C GLN D 442 11.22 -34.03 21.19
N VAL D 443 11.87 -34.99 21.84
CA VAL D 443 11.95 -36.37 21.34
C VAL D 443 10.55 -36.99 21.28
N PRO D 444 10.13 -37.47 20.11
CA PRO D 444 8.87 -38.22 19.97
C PRO D 444 8.79 -39.50 20.79
N TYR D 445 7.56 -39.91 21.10
CA TYR D 445 7.35 -41.20 21.76
C TYR D 445 7.69 -42.35 20.81
N THR D 446 8.42 -43.30 21.37
CA THR D 446 8.78 -44.57 20.73
C THR D 446 7.64 -45.58 20.88
N GLN D 447 7.66 -46.60 20.03
CA GLN D 447 6.89 -47.84 20.20
C GLN D 447 6.74 -48.27 21.68
N GLU D 448 7.85 -48.39 22.40
CA GLU D 448 7.86 -48.98 23.76
C GLU D 448 7.28 -48.10 24.87
N ALA D 449 7.27 -46.80 24.63
CA ALA D 449 6.70 -45.88 25.57
C ALA D 449 5.18 -45.83 25.43
N LEU D 450 4.64 -46.24 24.27
CA LEU D 450 3.18 -46.22 24.04
C LEU D 450 2.50 -47.59 24.00
N HIS D 451 3.28 -48.66 23.76
CA HIS D 451 2.75 -50.02 23.63
C HIS D 451 2.35 -50.46 25.01
N PHE D 452 1.14 -50.99 25.12
CA PHE D 452 0.75 -51.59 26.36
C PHE D 452 0.84 -53.11 26.20
N VAL D 453 1.99 -53.65 26.56
CA VAL D 453 2.24 -55.06 26.35
C VAL D 453 1.20 -55.91 27.10
N GLY D 454 0.52 -56.76 26.32
CA GLY D 454 -0.41 -57.75 26.84
C GLY D 454 -1.85 -57.29 26.86
N LEU D 455 -2.15 -56.27 26.07
CA LEU D 455 -3.49 -55.73 26.04
C LEU D 455 -3.81 -55.11 24.68
N LYS D 456 -5.03 -55.35 24.21
CA LYS D 456 -5.49 -54.95 22.91
C LYS D 456 -6.93 -54.43 23.07
N ILE D 457 -7.25 -53.32 22.43
CA ILE D 457 -8.64 -52.86 22.25
C ILE D 457 -9.15 -53.54 21.01
N SER D 458 -10.17 -54.40 21.13
CA SER D 458 -10.71 -55.08 19.93
C SER D 458 -11.81 -54.29 19.19
N ASP D 459 -12.44 -53.31 19.86
CA ASP D 459 -13.56 -52.55 19.26
C ASP D 459 -14.11 -51.48 20.20
N VAL D 460 -14.70 -50.47 19.58
CA VAL D 460 -15.30 -49.33 20.26
C VAL D 460 -16.70 -49.15 19.71
N LYS D 461 -17.71 -49.10 20.56
CA LYS D 461 -19.06 -48.77 20.10
C LYS D 461 -19.60 -47.55 20.83
N VAL D 462 -20.35 -46.73 20.11
CA VAL D 462 -20.91 -45.48 20.65
C VAL D 462 -22.39 -45.36 20.34
N ASP D 463 -23.20 -45.02 21.33
CA ASP D 463 -24.59 -44.61 21.11
C ASP D 463 -24.65 -43.43 20.15
N LYS D 464 -25.81 -43.18 19.57
CA LYS D 464 -25.99 -42.01 18.70
C LYS D 464 -25.51 -40.77 19.41
N MET D 465 -24.65 -39.97 18.78
CA MET D 465 -24.23 -38.69 19.39
C MET D 465 -25.04 -37.57 18.77
N VAL D 466 -25.85 -36.90 19.57
CA VAL D 466 -26.87 -35.99 19.04
C VAL D 466 -26.76 -34.63 19.68
N THR D 467 -26.65 -33.56 18.89
CA THR D 467 -26.81 -32.22 19.48
C THR D 467 -28.21 -31.59 19.16
N PHE D 468 -28.56 -30.56 19.91
CA PHE D 468 -29.79 -29.78 19.70
C PHE D 468 -29.65 -28.46 20.46
N PHE D 469 -30.53 -27.49 20.19
CA PHE D 469 -30.65 -26.27 21.04
C PHE D 469 -31.85 -26.37 22.00
N ASP D 470 -31.66 -25.92 23.23
CA ASP D 470 -32.75 -25.77 24.17
C ASP D 470 -32.58 -24.56 25.04
N HIS D 471 -33.65 -24.10 25.68
CA HIS D 471 -33.61 -22.83 26.41
C HIS D 471 -32.82 -22.92 27.69
N PHE D 472 -32.28 -21.80 28.11
CA PHE D 472 -31.45 -21.68 29.29
C PHE D 472 -31.70 -20.30 29.88
N ASP D 473 -32.01 -20.27 31.17
CA ASP D 473 -32.29 -19.04 31.90
C ASP D 473 -31.15 -18.67 32.81
N PHE D 474 -30.92 -17.37 32.96
CA PHE D 474 -30.19 -16.84 34.13
C PHE D 474 -30.74 -15.50 34.60
N ASP D 475 -30.57 -15.20 35.88
CA ASP D 475 -31.05 -13.93 36.44
C ASP D 475 -30.06 -12.81 36.12
N ALA D 476 -30.54 -11.77 35.46
CA ALA D 476 -29.65 -10.71 35.06
C ALA D 476 -29.88 -9.50 35.94
N PHE D 477 -30.59 -9.72 37.05
CA PHE D 477 -30.99 -8.63 37.94
C PHE D 477 -29.84 -7.68 38.28
N ASN D 478 -28.59 -8.15 38.30
CA ASN D 478 -27.48 -7.25 38.70
C ASN D 478 -27.19 -6.12 37.75
N THR D 479 -27.75 -6.22 36.58
CA THR D 479 -27.67 -5.17 35.62
C THR D 479 -28.92 -4.25 35.60
N VAL D 480 -29.89 -4.51 36.46
CA VAL D 480 -31.06 -3.63 36.67
C VAL D 480 -30.99 -2.78 37.96
N TYR D 481 -31.47 -1.54 37.92
CA TYR D 481 -31.48 -0.71 39.13
C TYR D 481 -32.82 -0.65 39.90
N PHE D 482 -32.72 -0.45 41.20
CA PHE D 482 -33.81 -0.59 42.14
C PHE D 482 -33.77 0.58 43.10
N SER D 483 -34.95 0.99 43.53
CA SER D 483 -35.14 2.08 44.47
C SER D 483 -34.60 1.68 45.82
N LYS D 484 -34.41 2.66 46.70
CA LYS D 484 -34.19 2.40 48.12
C LYS D 484 -35.19 1.41 48.73
N GLU D 485 -36.47 1.55 48.39
CA GLU D 485 -37.49 0.61 48.88
C GLU D 485 -37.24 -0.81 48.41
N GLU D 486 -37.11 -1.00 47.10
CA GLU D 486 -37.01 -2.36 46.56
C GLU D 486 -35.77 -3.08 47.10
N LEU D 487 -34.67 -2.36 47.28
CA LEU D 487 -33.41 -2.92 47.82
C LEU D 487 -33.53 -3.57 49.20
N LYS D 488 -34.32 -2.97 50.10
CA LYS D 488 -34.62 -3.60 51.41
C LYS D 488 -34.94 -5.12 51.42
N SER D 489 -35.24 -5.72 50.26
CA SER D 489 -35.51 -7.17 50.14
C SER D 489 -34.79 -7.88 48.99
N SER D 490 -33.55 -7.47 48.70
CA SER D 490 -32.72 -8.11 47.70
C SER D 490 -33.53 -8.44 46.47
N PRO D 491 -33.92 -7.44 45.69
CA PRO D 491 -34.80 -7.73 44.57
C PRO D 491 -34.09 -8.29 43.32
N HIS D 492 -34.76 -9.17 42.58
CA HIS D 492 -34.15 -9.83 41.44
C HIS D 492 -35.31 -10.19 40.50
N GLY D 493 -35.24 -11.30 39.77
CA GLY D 493 -36.33 -11.68 38.87
C GLY D 493 -36.33 -11.07 37.49
N TYR D 494 -35.13 -10.79 36.96
CA TYR D 494 -35.01 -10.30 35.62
C TYR D 494 -34.21 -11.29 34.81
N LYS D 495 -34.91 -12.29 34.28
CA LYS D 495 -34.25 -13.40 33.68
C LYS D 495 -34.03 -13.25 32.19
N VAL D 496 -32.84 -13.63 31.72
CA VAL D 496 -32.61 -13.74 30.30
C VAL D 496 -32.78 -15.21 29.91
N ARG D 497 -33.55 -15.47 28.85
CA ARG D 497 -33.70 -16.82 28.30
C ARG D 497 -33.11 -16.92 26.89
N GLN D 498 -32.33 -17.97 26.64
CA GLN D 498 -31.54 -18.05 25.42
C GLN D 498 -31.42 -19.48 24.93
N PRO D 499 -31.51 -19.69 23.60
CA PRO D 499 -31.19 -21.05 23.10
C PRO D 499 -29.71 -21.28 23.25
N ARG D 500 -29.34 -22.44 23.75
CA ARG D 500 -27.95 -22.77 24.01
C ARG D 500 -27.73 -24.18 23.46
N LEU D 501 -26.50 -24.46 23.03
CA LEU D 501 -26.20 -25.75 22.49
C LEU D 501 -26.26 -26.75 23.64
N ASN D 502 -26.47 -28.03 23.30
CA ASN D 502 -26.64 -29.13 24.23
C ASN D 502 -26.50 -30.41 23.43
N HIS D 503 -26.33 -31.55 24.11
CA HIS D 503 -26.31 -32.88 23.45
C HIS D 503 -27.04 -33.84 24.30
N LYS D 504 -27.47 -34.97 23.74
CA LYS D 504 -28.01 -36.04 24.58
C LYS D 504 -26.90 -36.86 25.27
N PRO D 505 -27.21 -37.54 26.38
CA PRO D 505 -26.25 -38.50 26.92
C PRO D 505 -25.92 -39.61 25.92
N PHE D 506 -24.72 -40.16 26.00
CA PHE D 506 -24.30 -41.30 25.21
C PHE D 506 -23.21 -42.12 25.92
N THR D 507 -23.17 -43.40 25.59
CA THR D 507 -22.30 -44.35 26.24
C THR D 507 -21.24 -44.85 25.28
N VAL D 508 -20.00 -44.82 25.72
CA VAL D 508 -18.93 -45.43 24.95
C VAL D 508 -18.60 -46.84 25.48
N THR D 509 -18.57 -47.84 24.61
CA THR D 509 -18.26 -49.21 25.02
C THR D 509 -16.94 -49.66 24.41
N ILE D 510 -16.07 -50.18 25.24
CA ILE D 510 -14.72 -50.49 24.80
C ILE D 510 -14.47 -51.96 25.09
N ASP D 511 -14.05 -52.69 24.06
CA ASP D 511 -13.83 -54.12 24.11
C ASP D 511 -12.35 -54.47 24.10
N ILE D 512 -11.93 -55.41 24.94
CA ILE D 512 -10.50 -55.59 25.20
C ILE D 512 -10.08 -57.04 25.47
N LYS D 513 -9.10 -57.51 24.69
CA LYS D 513 -8.26 -58.68 25.02
C LYS D 513 -7.09 -58.27 25.95
N SER D 514 -6.89 -59.01 27.04
CA SER D 514 -5.85 -58.67 28.03
C SER D 514 -5.22 -59.92 28.65
N ASP D 515 -3.89 -59.94 28.72
CA ASP D 515 -3.13 -61.01 29.39
C ASP D 515 -3.04 -60.80 30.88
N VAL D 516 -3.09 -59.52 31.22
CA VAL D 516 -2.60 -59.01 32.48
C VAL D 516 -3.68 -58.52 33.43
N ALA D 517 -3.32 -58.44 34.70
CA ALA D 517 -4.21 -57.97 35.75
C ALA D 517 -3.67 -56.70 36.43
N THR D 518 -3.90 -55.54 35.81
CA THR D 518 -3.45 -54.25 36.36
C THR D 518 -4.56 -53.17 36.35
N ASN D 519 -4.27 -52.05 37.01
CA ASN D 519 -5.07 -50.86 36.85
C ASN D 519 -4.55 -50.14 35.62
N ALA D 520 -5.45 -49.49 34.89
CA ALA D 520 -5.15 -48.92 33.59
C ALA D 520 -5.79 -47.56 33.46
N VAL D 521 -5.22 -46.74 32.59
CA VAL D 521 -5.85 -45.49 32.30
C VAL D 521 -6.54 -45.57 30.95
N VAL D 522 -7.79 -45.11 30.89
CA VAL D 522 -8.49 -44.97 29.64
C VAL D 522 -8.63 -43.49 29.34
N LYS D 523 -8.08 -43.06 28.20
CA LYS D 523 -8.27 -41.68 27.70
C LYS D 523 -9.08 -41.74 26.44
N MET D 524 -9.88 -40.70 26.23
CA MET D 524 -10.68 -40.55 25.03
C MET D 524 -10.54 -39.14 24.54
N PHE D 525 -10.28 -38.97 23.25
CA PHE D 525 -10.31 -37.64 22.64
C PHE D 525 -11.27 -37.63 21.47
N LEU D 526 -11.68 -36.42 21.07
CA LEU D 526 -12.40 -36.15 19.82
C LEU D 526 -11.55 -35.26 18.93
N GLY D 527 -11.42 -35.61 17.66
CA GLY D 527 -10.71 -34.76 16.72
C GLY D 527 -11.31 -34.84 15.34
N PRO D 528 -10.78 -34.02 14.39
CA PRO D 528 -11.37 -33.98 13.05
C PRO D 528 -11.04 -35.26 12.30
N LYS D 529 -11.88 -35.65 11.34
CA LYS D 529 -11.59 -36.78 10.46
C LYS D 529 -11.15 -36.29 9.08
N TYR D 530 -11.83 -35.27 8.55
CA TYR D 530 -11.52 -34.71 7.24
C TYR D 530 -11.22 -33.25 7.39
N ASP D 531 -10.39 -32.73 6.50
CA ASP D 531 -10.19 -31.29 6.48
C ASP D 531 -11.28 -30.68 5.61
N GLU D 532 -11.28 -29.36 5.53
CA GLU D 532 -12.24 -28.58 4.75
C GLU D 532 -12.28 -29.03 3.28
N ASN D 533 -11.20 -29.63 2.81
CA ASN D 533 -11.17 -30.14 1.46
C ASN D 533 -12.06 -31.38 1.37
N GLY D 534 -11.69 -32.47 2.03
CA GLY D 534 -12.42 -33.71 1.95
C GLY D 534 -11.46 -34.84 2.16
N PHE D 535 -10.22 -34.47 2.50
CA PHE D 535 -9.17 -35.46 2.67
C PHE D 535 -8.95 -35.91 4.08
N PRO D 536 -8.64 -37.20 4.27
CA PRO D 536 -8.37 -37.68 5.62
C PRO D 536 -7.20 -36.93 6.22
N PHE D 537 -7.38 -36.47 7.44
CA PHE D 537 -6.30 -35.87 8.14
C PHE D 537 -5.28 -36.94 8.42
N SER D 538 -4.02 -36.55 8.42
CA SER D 538 -3.01 -37.46 8.84
C SER D 538 -2.50 -37.02 10.21
N LEU D 539 -2.22 -37.99 11.07
CA LEU D 539 -1.92 -37.71 12.48
C LEU D 539 -0.80 -36.69 12.68
N GLU D 540 0.27 -36.79 11.91
CA GLU D 540 1.36 -35.83 12.01
C GLU D 540 0.84 -34.41 11.95
N ASP D 541 -0.28 -34.21 11.27
CA ASP D 541 -0.83 -32.85 11.07
C ASP D 541 -2.07 -32.56 11.89
N ASN D 542 -2.52 -33.51 12.69
CA ASN D 542 -3.81 -33.42 13.33
C ASN D 542 -3.75 -33.58 14.86
N TRP D 543 -2.61 -34.01 15.40
CA TRP D 543 -2.53 -34.29 16.83
C TRP D 543 -2.90 -33.09 17.70
N MET D 544 -2.66 -31.89 17.21
CA MET D 544 -2.99 -30.69 17.97
C MET D 544 -4.48 -30.40 17.91
N ASN D 545 -5.20 -31.09 17.02
CA ASN D 545 -6.62 -30.85 16.85
C ASN D 545 -7.53 -31.78 17.65
N PHE D 546 -6.93 -32.52 18.59
CA PHE D 546 -7.72 -33.42 19.45
C PHE D 546 -7.95 -32.79 20.80
N TYR D 547 -9.17 -32.86 21.28
CA TYR D 547 -9.42 -32.45 22.67
C TYR D 547 -9.93 -33.61 23.46
N GLU D 548 -9.56 -33.60 24.74
CA GLU D 548 -9.86 -34.68 25.66
C GLU D 548 -11.31 -34.65 26.07
N LEU D 549 -11.94 -35.80 25.98
CA LEU D 549 -13.25 -36.00 26.49
C LEU D 549 -13.15 -36.53 27.93
N ASP D 550 -12.30 -37.51 28.16
CA ASP D 550 -12.32 -38.20 29.45
C ASP D 550 -11.02 -38.87 29.90
N TRP D 551 -10.93 -39.15 31.18
CA TRP D 551 -9.84 -39.84 31.80
C TRP D 551 -10.43 -40.62 32.99
N PHE D 552 -10.01 -41.86 33.18
CA PHE D 552 -10.34 -42.61 34.40
C PHE D 552 -9.48 -43.88 34.55
N VAL D 553 -9.38 -44.39 35.78
CA VAL D 553 -8.64 -45.60 36.04
C VAL D 553 -9.61 -46.78 36.22
N GLN D 554 -9.19 -47.97 35.77
CA GLN D 554 -10.01 -49.16 35.64
C GLN D 554 -9.21 -50.42 36.04
N LYS D 555 -9.79 -51.31 36.85
CA LYS D 555 -9.14 -52.60 37.10
C LYS D 555 -9.41 -53.44 35.86
N VAL D 556 -8.35 -53.90 35.23
CA VAL D 556 -8.48 -54.85 34.13
C VAL D 556 -8.09 -56.26 34.62
N ASN D 557 -8.70 -57.29 34.02
CA ASN D 557 -8.40 -58.70 34.29
C ASN D 557 -8.19 -59.38 32.96
N PRO D 558 -7.52 -60.53 32.96
CA PRO D 558 -7.27 -61.20 31.69
C PRO D 558 -8.54 -61.70 31.00
N GLY D 559 -8.39 -62.05 29.72
CA GLY D 559 -9.46 -62.46 28.83
C GLY D 559 -10.13 -61.31 28.08
N GLN D 560 -11.30 -61.60 27.52
CA GLN D 560 -12.14 -60.54 26.99
C GLN D 560 -13.08 -59.96 28.03
N SER D 561 -13.11 -58.63 28.08
CA SER D 561 -13.96 -57.91 29.01
C SER D 561 -14.37 -56.63 28.28
N GLN D 562 -15.14 -55.78 28.95
CA GLN D 562 -15.54 -54.52 28.33
C GLN D 562 -15.87 -53.44 29.34
N ILE D 563 -15.32 -52.25 29.11
CA ILE D 563 -15.58 -51.06 29.92
C ILE D 563 -16.63 -50.21 29.25
N THR D 564 -17.59 -49.76 30.07
CA THR D 564 -18.66 -48.87 29.66
C THR D 564 -18.40 -47.53 30.31
N ARG D 565 -18.55 -46.46 29.54
CA ARG D 565 -18.42 -45.12 30.09
C ARG D 565 -19.47 -44.16 29.51
N SER D 566 -20.34 -43.67 30.39
CA SER D 566 -21.36 -42.69 30.07
C SER D 566 -20.81 -41.26 29.98
N SER D 567 -21.35 -40.47 29.06
CA SER D 567 -20.90 -39.09 28.84
C SER D 567 -21.15 -38.21 30.04
N THR D 568 -22.13 -38.62 30.83
CA THR D 568 -22.52 -37.93 32.05
C THR D 568 -21.42 -38.04 33.12
N ASP D 569 -20.44 -38.91 32.86
CA ASP D 569 -19.35 -39.17 33.79
C ASP D 569 -18.02 -38.67 33.27
N PHE D 570 -17.99 -38.16 32.04
CA PHE D 570 -16.75 -37.61 31.50
C PHE D 570 -16.10 -36.64 32.48
N ALA D 571 -14.80 -36.84 32.72
CA ALA D 571 -14.04 -36.10 33.71
C ALA D 571 -13.99 -34.60 33.48
N PHE D 572 -13.95 -34.16 32.22
CA PHE D 572 -13.60 -32.77 31.90
C PHE D 572 -14.77 -31.88 31.57
N PHE D 573 -15.96 -32.27 32.05
CA PHE D 573 -17.16 -31.53 31.74
C PHE D 573 -18.09 -31.49 32.97
N LYS D 574 -18.80 -30.39 33.11
CA LYS D 574 -19.67 -30.18 34.25
C LYS D 574 -21.12 -29.90 33.84
N GLU D 575 -21.99 -29.96 34.83
CA GLU D 575 -23.38 -29.58 34.73
C GLU D 575 -23.48 -28.06 34.74
N ASP D 576 -24.60 -27.54 34.24
CA ASP D 576 -24.81 -26.11 34.25
C ASP D 576 -24.83 -25.67 35.70
N SER D 577 -24.20 -24.54 36.01
CA SER D 577 -24.33 -23.95 37.35
C SER D 577 -25.79 -23.62 37.66
N LEU D 578 -26.14 -23.77 38.92
CA LEU D 578 -27.44 -23.31 39.39
C LEU D 578 -27.45 -21.78 39.57
N PRO D 579 -28.62 -21.14 39.38
CA PRO D 579 -28.75 -19.73 39.78
C PRO D 579 -28.77 -19.59 41.30
N MET D 580 -28.48 -18.41 41.84
CA MET D 580 -28.49 -18.18 43.30
C MET D 580 -29.81 -18.52 43.99
N ALA D 581 -30.93 -18.08 43.41
CA ALA D 581 -32.27 -18.52 43.87
C ALA D 581 -32.27 -20.02 44.21
N GLU D 582 -31.75 -20.85 43.30
CA GLU D 582 -31.68 -22.28 43.52
C GLU D 582 -30.63 -22.66 44.57
N ILE D 583 -29.50 -21.95 44.58
CA ILE D 583 -28.46 -22.18 45.59
C ILE D 583 -29.02 -22.01 47.00
N TYR D 584 -29.80 -20.93 47.22
CA TYR D 584 -30.48 -20.69 48.49
C TYR D 584 -31.54 -21.72 48.85
N LYS D 585 -32.38 -22.10 47.88
CA LYS D 585 -33.36 -23.18 48.08
C LYS D 585 -32.65 -24.44 48.56
N LEU D 586 -31.53 -24.76 47.92
CA LEU D 586 -30.77 -25.93 48.29
C LEU D 586 -30.13 -25.80 49.64
N LEU D 587 -29.67 -24.59 49.97
CA LEU D 587 -29.03 -24.37 51.25
C LEU D 587 -29.99 -24.69 52.40
N ASP D 588 -31.24 -24.27 52.27
CA ASP D 588 -32.28 -24.56 53.28
C ASP D 588 -32.62 -26.04 53.42
N GLN D 589 -31.92 -26.89 52.68
CA GLN D 589 -32.10 -28.34 52.75
C GLN D 589 -30.78 -29.05 53.06
N GLY D 590 -29.78 -28.29 53.47
CA GLY D 590 -28.45 -28.80 53.79
C GLY D 590 -27.77 -29.40 52.57
N LYS D 591 -28.07 -28.83 51.40
CA LYS D 591 -27.57 -29.39 50.14
C LYS D 591 -26.73 -28.41 49.34
N ILE D 592 -25.69 -28.95 48.72
CA ILE D 592 -24.79 -28.18 47.87
C ILE D 592 -24.66 -28.87 46.49
N PRO D 593 -24.65 -28.08 45.40
CA PRO D 593 -24.49 -28.68 44.06
C PRO D 593 -23.04 -29.10 43.79
N THR D 594 -22.78 -30.39 43.59
CA THR D 594 -21.38 -30.84 43.49
C THR D 594 -20.55 -30.07 42.47
N ASP D 595 -21.00 -30.04 41.21
CA ASP D 595 -20.19 -29.48 40.11
C ASP D 595 -19.72 -28.02 40.32
N MET D 596 -20.49 -27.27 41.11
CA MET D 596 -20.20 -25.85 41.39
C MET D 596 -19.11 -25.63 42.42
N PHE D 597 -18.83 -26.65 43.24
CA PHE D 597 -17.75 -26.49 44.19
C PHE D 597 -16.57 -27.40 43.90
N ASN D 598 -16.82 -28.62 43.44
CA ASN D 598 -15.75 -29.59 43.16
C ASN D 598 -15.09 -29.35 41.79
N SER D 599 -15.76 -28.60 40.90
CA SER D 599 -15.23 -28.38 39.54
C SER D 599 -15.88 -27.24 38.72
N SER D 600 -15.70 -26.00 39.16
CA SER D 600 -16.21 -24.83 38.40
C SER D 600 -15.39 -24.49 37.12
N ASP D 601 -14.08 -24.72 37.17
CA ASP D 601 -13.15 -24.39 36.08
C ASP D 601 -13.21 -25.38 34.92
N THR D 602 -14.30 -26.11 34.82
CA THR D 602 -14.45 -27.17 33.84
C THR D 602 -15.44 -26.72 32.77
N MET D 603 -15.19 -27.12 31.53
CA MET D 603 -16.08 -26.81 30.42
C MET D 603 -17.52 -27.29 30.70
N PRO D 604 -18.54 -26.41 30.47
CA PRO D 604 -19.91 -26.96 30.61
C PRO D 604 -20.05 -28.14 29.67
N SER D 605 -20.71 -29.22 30.10
CA SER D 605 -20.86 -30.31 29.14
C SER D 605 -21.82 -30.03 28.01
N ARG D 606 -22.72 -29.03 28.09
CA ARG D 606 -23.59 -28.76 26.91
C ARG D 606 -22.79 -28.49 25.61
N LEU D 607 -21.59 -27.96 25.78
CA LEU D 607 -20.71 -27.71 24.67
C LEU D 607 -19.73 -28.88 24.38
N MET D 608 -19.92 -30.01 25.04
CA MET D 608 -19.09 -31.16 24.76
C MET D 608 -18.92 -31.50 23.27
N LEU D 609 -19.99 -31.40 22.50
CA LEU D 609 -19.89 -31.77 21.10
C LEU D 609 -20.12 -30.55 20.23
N PRO D 610 -19.37 -30.46 19.10
CA PRO D 610 -19.69 -29.40 18.13
C PRO D 610 -21.11 -29.63 17.64
N LYS D 611 -21.76 -28.58 17.16
CA LYS D 611 -23.05 -28.74 16.53
C LYS D 611 -22.95 -29.70 15.34
N GLY D 612 -23.80 -30.71 15.31
CA GLY D 612 -23.78 -31.68 14.23
C GLY D 612 -24.51 -31.22 12.99
N THR D 613 -24.90 -32.17 12.15
CA THR D 613 -25.68 -31.88 10.97
C THR D 613 -26.74 -32.96 10.94
N TYR D 614 -27.84 -32.76 10.21
CA TYR D 614 -28.92 -33.75 10.20
C TYR D 614 -28.48 -35.08 9.64
N ASP D 615 -27.48 -35.08 8.75
CA ASP D 615 -26.97 -36.35 8.27
C ASP D 615 -25.92 -36.97 9.16
N GLY D 616 -25.23 -36.13 9.94
CA GLY D 616 -24.19 -36.58 10.84
C GLY D 616 -22.83 -36.09 10.36
N PHE D 617 -22.21 -35.21 11.15
CA PHE D 617 -20.89 -34.73 10.79
C PHE D 617 -19.77 -35.68 11.28
N PRO D 618 -18.85 -36.05 10.37
CA PRO D 618 -17.83 -37.02 10.72
C PRO D 618 -16.67 -36.49 11.58
N PHE D 619 -16.49 -37.09 12.76
CA PHE D 619 -15.31 -36.84 13.58
C PHE D 619 -14.71 -38.17 13.94
N GLN D 620 -13.59 -38.14 14.65
CA GLN D 620 -13.08 -39.40 15.16
C GLN D 620 -12.71 -39.37 16.63
N LEU D 621 -12.95 -40.52 17.24
CA LEU D 621 -12.78 -40.70 18.66
C LEU D 621 -11.56 -41.59 18.89
N PHE D 622 -10.56 -41.02 19.56
CA PHE D 622 -9.35 -41.74 19.85
C PHE D 622 -9.49 -42.31 21.25
N VAL D 623 -9.32 -43.62 21.36
CA VAL D 623 -9.41 -44.28 22.64
C VAL D 623 -8.08 -44.92 22.94
N PHE D 624 -7.55 -44.60 24.11
CA PHE D 624 -6.20 -45.00 24.43
C PHE D 624 -6.17 -45.59 25.83
N VAL D 625 -5.55 -46.77 25.95
CA VAL D 625 -5.46 -47.46 27.23
C VAL D 625 -4.00 -47.72 27.55
N TYR D 626 -3.57 -47.30 28.75
CA TYR D 626 -2.17 -47.51 29.16
C TYR D 626 -2.01 -47.82 30.65
N PRO D 627 -0.83 -48.31 31.09
CA PRO D 627 -0.71 -48.82 32.47
C PRO D 627 -0.75 -47.70 33.50
N TYR D 628 -1.28 -47.98 34.68
CA TYR D 628 -1.46 -46.94 35.70
C TYR D 628 -0.37 -46.95 36.76
N GLU D 629 0.26 -45.79 36.91
CA GLU D 629 1.35 -45.64 37.86
C GLU D 629 0.93 -44.81 39.06
N PRO D 630 0.80 -45.46 40.24
CA PRO D 630 0.31 -44.81 41.46
C PRO D 630 1.11 -43.55 41.80
N THR D 631 0.49 -42.40 41.55
CA THR D 631 1.07 -41.05 41.74
C THR D 631 0.42 -40.37 42.95
N PRO D 632 1.25 -39.80 43.87
CA PRO D 632 0.82 -39.29 45.19
C PRO D 632 -0.44 -38.39 45.24
N LYS D 633 -0.73 -37.86 46.43
CA LYS D 633 -1.92 -37.03 46.67
C LYS D 633 -1.60 -35.54 46.84
N GLU D 634 -2.22 -34.73 45.96
CA GLU D 634 -1.93 -33.31 45.82
C GLU D 634 -3.14 -32.49 46.24
N SER D 635 -3.33 -31.34 45.61
CA SER D 635 -4.58 -30.57 45.67
C SER D 635 -4.39 -29.36 44.74
N GLU D 636 -4.24 -29.67 43.47
CA GLU D 636 -3.84 -28.74 42.41
C GLU D 636 -4.93 -27.71 42.04
N PRO D 637 -4.60 -26.77 41.12
CA PRO D 637 -5.46 -25.62 40.79
C PRO D 637 -6.65 -25.90 39.86
N PHE D 638 -6.57 -26.99 39.09
CA PHE D 638 -7.56 -27.29 38.05
C PHE D 638 -7.93 -28.75 38.08
N LYS D 639 -9.07 -29.04 37.46
CA LYS D 639 -9.56 -30.39 37.18
C LYS D 639 -8.75 -31.12 36.10
N ALA D 640 -8.05 -30.34 35.27
CA ALA D 640 -7.22 -30.88 34.19
C ALA D 640 -5.96 -31.62 34.69
N VAL D 641 -5.52 -31.36 35.94
CA VAL D 641 -4.38 -32.09 36.56
C VAL D 641 -4.85 -33.41 37.24
N VAL D 642 -4.82 -34.49 36.46
CA VAL D 642 -5.20 -35.81 36.94
C VAL D 642 -3.99 -36.43 37.65
N PRO D 643 -4.24 -37.39 38.58
CA PRO D 643 -3.12 -37.93 39.36
C PRO D 643 -2.23 -38.92 38.56
N ASP D 644 -1.44 -38.36 37.64
CA ASP D 644 -0.62 -39.14 36.71
C ASP D 644 0.72 -38.49 36.33
N ASN D 645 1.79 -39.30 36.33
CA ASN D 645 3.13 -38.90 35.81
C ASN D 645 3.07 -38.23 34.44
N LYS D 646 2.10 -38.67 33.64
CA LYS D 646 2.02 -38.33 32.23
C LYS D 646 1.89 -36.84 31.90
N PRO D 647 2.52 -36.40 30.81
CA PRO D 647 2.30 -35.01 30.44
C PRO D 647 0.82 -34.73 30.25
N PHE D 648 0.41 -33.47 30.42
CA PHE D 648 -0.95 -33.04 30.08
C PHE D 648 -1.21 -33.26 28.59
N GLY D 649 -2.33 -33.90 28.29
CA GLY D 649 -2.69 -34.15 26.89
C GLY D 649 -2.08 -35.39 26.29
N TYR D 650 -1.19 -36.02 27.05
CA TYR D 650 -0.56 -37.27 26.63
C TYR D 650 -1.58 -38.22 26.07
N PRO D 651 -1.29 -38.90 24.93
CA PRO D 651 -0.09 -38.97 24.09
C PRO D 651 -0.07 -37.94 22.93
N PHE D 652 -0.97 -36.97 22.98
CA PHE D 652 -1.03 -35.95 21.97
C PHE D 652 -0.54 -34.63 22.52
N ASP D 653 0.56 -34.68 23.26
CA ASP D 653 1.12 -33.48 23.86
C ASP D 653 2.29 -32.95 23.03
N ARG D 654 2.59 -33.64 21.93
CA ARG D 654 3.82 -33.41 21.21
C ARG D 654 3.74 -34.13 19.89
N PRO D 655 4.52 -33.65 18.90
CA PRO D 655 4.60 -34.22 17.57
C PRO D 655 4.75 -35.74 17.46
N VAL D 656 4.11 -36.24 16.42
CA VAL D 656 3.74 -37.62 16.30
C VAL D 656 4.59 -38.30 15.22
N LEU D 657 5.08 -39.51 15.49
CA LEU D 657 5.52 -40.39 14.39
C LEU D 657 4.38 -41.38 14.11
N PRO D 658 3.71 -41.24 12.94
CA PRO D 658 2.44 -41.98 12.66
C PRO D 658 2.51 -43.49 12.70
N GLN D 659 3.65 -44.06 12.30
CA GLN D 659 3.87 -45.50 12.36
C GLN D 659 3.86 -46.08 13.79
N TYR D 660 3.94 -45.21 14.78
CA TYR D 660 3.88 -45.64 16.18
C TYR D 660 2.47 -45.59 16.77
N PHE D 661 1.52 -45.18 15.95
CA PHE D 661 0.16 -45.04 16.41
C PHE D 661 -0.78 -46.12 15.86
N LYS D 662 -0.23 -47.30 15.63
CA LYS D 662 -1.05 -48.46 15.30
C LYS D 662 -0.92 -49.51 16.42
N GLN D 663 -0.59 -49.02 17.61
CA GLN D 663 -0.57 -49.78 18.85
C GLN D 663 -1.85 -50.58 19.13
N PRO D 664 -1.71 -51.85 19.53
CA PRO D 664 -2.92 -52.61 19.84
C PRO D 664 -3.85 -51.92 20.86
N ASN D 665 -3.27 -51.07 21.74
CA ASN D 665 -4.02 -50.42 22.81
C ASN D 665 -4.53 -49.03 22.46
N MET D 666 -4.52 -48.74 21.17
CA MET D 666 -5.08 -47.52 20.63
C MET D 666 -6.15 -47.87 19.61
N PHE D 667 -7.09 -46.97 19.38
CA PHE D 667 -8.17 -47.26 18.46
C PHE D 667 -8.79 -45.96 18.06
N PHE D 668 -8.82 -45.73 16.76
CA PHE D 668 -9.41 -44.54 16.17
C PHE D 668 -10.74 -44.98 15.60
N LYS D 669 -11.82 -44.33 16.01
CA LYS D 669 -13.15 -44.78 15.64
C LYS D 669 -13.87 -43.66 15.00
N LYS D 670 -14.40 -43.90 13.82
CA LYS D 670 -15.16 -42.88 13.10
C LYS D 670 -16.55 -42.81 13.74
N VAL D 671 -17.01 -41.60 14.01
CA VAL D 671 -18.32 -41.39 14.61
C VAL D 671 -18.96 -40.18 13.91
N LEU D 672 -20.27 -40.22 13.72
CA LEU D 672 -20.98 -39.06 13.16
C LEU D 672 -21.70 -38.33 14.28
N VAL D 673 -21.68 -37.01 14.23
CA VAL D 673 -22.45 -36.21 15.20
C VAL D 673 -23.66 -35.65 14.48
N TYR D 674 -24.82 -36.15 14.87
CA TYR D 674 -26.10 -35.65 14.39
C TYR D 674 -26.54 -34.39 15.06
N HIS D 675 -27.60 -33.82 14.51
CA HIS D 675 -28.30 -32.70 15.15
C HIS D 675 -29.76 -32.93 14.95
N GLU D 676 -30.56 -32.51 15.92
CA GLU D 676 -32.01 -32.68 15.90
C GLU D 676 -32.74 -31.38 16.28
N GLY D 677 -34.01 -31.26 15.87
CA GLY D 677 -34.75 -30.01 16.01
C GLY D 677 -34.17 -28.93 15.12
N GLU D 678 -34.50 -27.68 15.42
CA GLU D 678 -34.08 -26.59 14.57
C GLU D 678 -32.56 -26.51 14.51
N LEU D 679 -32.05 -26.28 13.30
CA LEU D 679 -30.62 -26.10 13.07
C LEU D 679 -30.16 -24.68 13.44
N PHE D 680 -31.07 -23.72 13.48
CA PHE D 680 -30.68 -22.34 13.84
C PHE D 680 -31.36 -21.78 15.11
N PRO D 681 -30.56 -21.23 16.02
CA PRO D 681 -31.06 -20.80 17.34
C PRO D 681 -32.16 -19.74 17.31
N TYR D 682 -32.16 -18.84 16.33
CA TYR D 682 -33.23 -17.83 16.28
C TYR D 682 -34.64 -18.42 16.18
N LEU D 683 -34.74 -19.63 15.65
CA LEU D 683 -36.05 -20.24 15.44
C LEU D 683 -36.76 -20.54 16.76
N PHE D 684 -36.06 -20.34 17.86
CA PHE D 684 -36.61 -20.57 19.17
C PHE D 684 -37.18 -19.33 19.82
N ASN D 685 -37.01 -18.17 19.20
CA ASN D 685 -37.35 -16.90 19.84
C ASN D 685 -38.31 -16.04 19.03
N ILE D 686 -39.07 -16.71 18.16
CA ILE D 686 -40.02 -16.08 17.27
C ILE D 686 -41.34 -16.15 17.99
N PRO D 687 -42.01 -14.98 18.17
CA PRO D 687 -43.30 -14.91 18.85
C PRO D 687 -44.23 -16.04 18.47
N HIS D 688 -45.08 -15.91 17.47
CA HIS D 688 -46.18 -16.88 17.40
C HIS D 688 -45.82 -18.16 16.66
N TYR D 689 -44.74 -18.78 17.14
CA TYR D 689 -44.09 -19.90 16.48
C TYR D 689 -43.43 -20.79 17.52
N THR D 690 -43.63 -22.09 17.36
CA THR D 690 -42.89 -23.04 18.18
C THR D 690 -42.15 -24.09 17.33
N PRO D 691 -40.94 -24.45 17.77
CA PRO D 691 -39.95 -25.14 16.94
C PRO D 691 -40.02 -26.67 16.85
N ASP D 692 -39.14 -27.21 16.00
CA ASP D 692 -38.86 -28.65 15.76
C ASP D 692 -39.70 -29.21 14.62
N THR E 24 27.76 47.22 29.13
CA THR E 24 26.52 46.40 29.27
C THR E 24 26.66 44.99 28.66
N ILE E 25 27.91 44.62 28.36
CA ILE E 25 28.28 43.26 27.99
C ILE E 25 29.24 42.78 29.07
N LYS E 26 28.96 41.62 29.66
CA LYS E 26 29.77 41.13 30.79
C LYS E 26 31.23 40.94 30.38
N THR E 27 32.09 41.82 30.91
CA THR E 27 33.52 41.89 30.55
C THR E 27 34.41 40.91 31.36
N LYS E 28 35.70 40.85 31.02
CA LYS E 28 36.75 40.26 31.87
C LYS E 28 38.11 40.77 31.43
N ASN E 29 38.98 41.06 32.40
CA ASN E 29 40.31 41.62 32.12
C ASN E 29 41.37 40.56 31.77
N VAL E 30 42.43 41.02 31.09
CA VAL E 30 43.29 40.13 30.28
C VAL E 30 44.69 40.72 30.06
N ASP E 31 45.72 39.87 30.14
CA ASP E 31 47.13 40.32 30.06
C ASP E 31 47.73 40.27 28.65
N ALA E 32 49.02 40.65 28.56
CA ALA E 32 49.77 40.77 27.28
C ALA E 32 49.89 39.48 26.45
N VAL E 33 50.33 38.41 27.11
CA VAL E 33 50.51 37.09 26.50
C VAL E 33 49.17 36.58 25.96
N PHE E 34 48.11 36.79 26.76
CA PHE E 34 46.76 36.40 26.37
C PHE E 34 46.31 37.01 25.05
N VAL E 35 46.35 38.34 24.96
CA VAL E 35 45.87 39.00 23.75
C VAL E 35 46.58 38.48 22.49
N GLU E 36 47.90 38.30 22.54
CA GLU E 36 48.65 37.83 21.38
C GLU E 36 48.13 36.47 20.90
N LYS E 37 48.02 35.52 21.82
CA LYS E 37 47.53 34.18 21.49
C LYS E 37 46.12 34.20 20.93
N GLN E 38 45.26 35.01 21.56
CA GLN E 38 43.87 35.11 21.21
C GLN E 38 43.70 35.70 19.82
N LYS E 39 44.56 36.66 19.48
CA LYS E 39 44.62 37.22 18.12
C LYS E 39 45.04 36.17 17.09
N LYS E 40 46.09 35.40 17.40
CA LYS E 40 46.46 34.29 16.52
C LYS E 40 45.29 33.34 16.36
N ILE E 41 44.65 32.97 17.47
CA ILE E 41 43.45 32.11 17.37
C ILE E 41 42.33 32.72 16.49
N LEU E 42 42.02 34.00 16.67
CA LEU E 42 40.91 34.58 15.92
C LEU E 42 41.25 34.80 14.44
N SER E 43 42.54 34.90 14.13
CA SER E 43 42.99 35.03 12.75
C SER E 43 42.43 33.93 11.83
N PHE E 44 42.16 32.76 12.40
CA PHE E 44 41.78 31.59 11.63
C PHE E 44 40.30 31.57 11.21
N PHE E 45 39.50 32.43 11.83
CA PHE E 45 38.07 32.52 11.54
C PHE E 45 37.67 33.64 10.59
N GLN E 46 38.63 34.39 10.10
CA GLN E 46 38.30 35.44 9.14
C GLN E 46 38.78 35.15 7.72
N ASP E 47 37.93 35.47 6.76
CA ASP E 47 38.17 35.19 5.34
C ASP E 47 38.41 33.71 5.14
N VAL E 48 37.75 32.94 5.98
CA VAL E 48 37.90 31.52 6.14
C VAL E 48 38.09 30.66 4.86
N SER E 49 37.51 31.06 3.74
CA SER E 49 37.58 30.24 2.54
C SER E 49 38.64 30.69 1.57
N GLN E 50 39.50 31.63 1.96
CA GLN E 50 40.56 32.11 1.11
C GLN E 50 41.89 32.10 1.86
N LEU E 51 42.93 32.58 1.19
CA LEU E 51 44.25 32.64 1.77
C LEU E 51 44.89 33.98 1.51
N ASN E 52 45.39 34.59 2.58
CA ASN E 52 46.17 35.81 2.48
C ASN E 52 47.64 35.43 2.35
N THR E 53 48.16 35.59 1.13
CA THR E 53 49.53 35.25 0.82
C THR E 53 50.53 36.01 1.70
N ASP E 54 50.15 37.22 2.09
CA ASP E 54 51.04 38.13 2.83
C ASP E 54 51.00 37.94 4.33
N ASP E 55 49.94 37.32 4.85
CA ASP E 55 49.87 37.01 6.27
C ASP E 55 50.91 35.96 6.67
N GLU E 56 51.52 36.17 7.83
CA GLU E 56 52.52 35.24 8.29
C GLU E 56 51.97 33.83 8.62
N TYR E 57 50.67 33.70 8.88
CA TYR E 57 50.12 32.37 9.08
C TYR E 57 50.37 31.53 7.83
N TYR E 58 50.48 32.23 6.71
CA TYR E 58 50.66 31.54 5.44
C TYR E 58 52.12 31.15 5.26
N LYS E 59 53.02 32.08 5.56
CA LYS E 59 54.45 31.82 5.45
C LYS E 59 54.87 30.63 6.32
N ILE E 60 54.42 30.63 7.56
CA ILE E 60 54.56 29.49 8.47
C ILE E 60 53.96 28.23 7.80
N GLY E 61 52.70 28.34 7.40
CA GLY E 61 51.94 27.21 6.89
C GLY E 61 52.52 26.50 5.69
N LYS E 62 52.90 27.27 4.67
CA LYS E 62 53.38 26.71 3.43
C LYS E 62 54.49 25.69 3.69
N ASP E 63 55.49 26.08 4.48
CA ASP E 63 56.75 25.34 4.63
C ASP E 63 56.81 24.44 5.85
N TYR E 64 55.77 24.46 6.68
CA TYR E 64 55.85 23.78 7.96
C TYR E 64 55.99 22.28 7.77
N ASP E 65 57.04 21.72 8.37
CA ASP E 65 57.39 20.31 8.19
C ASP E 65 56.93 19.46 9.39
N ILE E 66 55.99 18.56 9.16
CA ILE E 66 55.48 17.75 10.27
C ILE E 66 56.44 16.63 10.71
N GLU E 67 56.93 15.82 9.75
CA GLU E 67 57.95 14.78 10.04
C GLU E 67 59.09 15.31 10.89
N MET E 68 59.73 16.37 10.41
CA MET E 68 60.84 16.98 11.12
C MET E 68 60.48 17.41 12.53
N ASN E 69 59.20 17.69 12.76
CA ASN E 69 58.78 18.23 14.06
C ASN E 69 58.19 17.23 15.02
N MET E 70 58.52 15.96 14.83
CA MET E 70 57.83 14.88 15.54
C MET E 70 58.00 14.93 17.05
N ASP E 71 59.15 15.43 17.48
CA ASP E 71 59.46 15.56 18.90
C ASP E 71 58.57 16.58 19.62
N ASN E 72 57.76 17.32 18.83
CA ASN E 72 56.88 18.40 19.33
C ASN E 72 55.44 17.94 19.60
N TYR E 73 55.22 16.64 19.64
CA TYR E 73 53.91 16.10 19.95
C TYR E 73 53.97 15.03 21.04
N THR E 74 53.07 15.13 22.01
CA THR E 74 52.92 14.17 23.11
C THR E 74 52.70 12.72 22.67
N ASN E 75 52.22 12.50 21.44
CA ASN E 75 51.77 11.17 20.97
C ASN E 75 52.44 10.79 19.64
N LYS E 76 53.54 10.05 19.68
CA LYS E 76 54.30 9.69 18.48
C LYS E 76 53.46 9.00 17.39
N LYS E 77 52.54 8.13 17.81
CA LYS E 77 51.67 7.38 16.88
C LYS E 77 50.56 8.20 16.21
N ALA E 78 50.15 9.29 16.87
CA ALA E 78 49.23 10.23 16.24
C ALA E 78 49.89 10.97 15.06
N VAL E 79 51.10 11.49 15.26
CA VAL E 79 51.86 12.09 14.16
C VAL E 79 52.01 11.11 12.99
N GLU E 80 52.41 9.87 13.29
CA GLU E 80 52.63 8.87 12.26
C GLU E 80 51.35 8.45 11.54
N GLU E 81 50.27 8.29 12.30
CA GLU E 81 48.98 7.96 11.70
C GLU E 81 48.52 9.06 10.76
N PHE E 82 48.62 10.30 11.21
CA PHE E 82 48.33 11.46 10.39
C PHE E 82 49.13 11.43 9.09
N LEU E 83 50.41 11.14 9.23
CA LEU E 83 51.33 11.19 8.11
C LEU E 83 51.01 10.13 7.04
N LYS E 84 50.62 8.94 7.46
CA LYS E 84 50.18 7.90 6.55
C LYS E 84 48.94 8.38 5.78
N MET E 85 47.94 8.91 6.49
CA MET E 85 46.77 9.42 5.81
C MET E 85 47.07 10.57 4.85
N TYR E 86 47.92 11.51 5.28
CA TYR E 86 48.21 12.69 4.48
C TYR E 86 48.90 12.37 3.17
N ARG E 87 49.64 11.28 3.11
CA ARG E 87 50.27 10.93 1.83
C ARG E 87 49.29 10.23 0.87
N THR E 88 48.48 9.32 1.39
CA THR E 88 47.31 8.76 0.70
C THR E 88 46.46 9.88 0.08
N GLY E 89 46.20 10.93 0.84
CA GLY E 89 45.44 12.05 0.34
C GLY E 89 44.28 12.37 1.26
N PHE E 90 44.14 13.65 1.54
CA PHE E 90 43.02 14.15 2.32
C PHE E 90 41.96 14.66 1.36
N MET E 91 40.72 14.72 1.82
CA MET E 91 39.64 15.40 1.10
C MET E 91 40.14 16.71 0.44
N PRO E 92 39.75 16.97 -0.83
CA PRO E 92 40.16 18.18 -1.57
C PRO E 92 39.50 19.44 -1.00
N LYS E 93 39.98 20.61 -1.40
CA LYS E 93 39.39 21.87 -0.92
C LYS E 93 38.05 22.16 -1.59
N ASN E 94 37.30 23.11 -1.02
CA ASN E 94 36.00 23.55 -1.55
C ASN E 94 34.85 22.55 -1.42
N LEU E 95 35.11 21.25 -1.61
CA LEU E 95 34.13 20.21 -1.28
C LEU E 95 33.57 20.35 0.14
N GLU E 96 32.35 19.88 0.32
CA GLU E 96 31.61 20.16 1.53
C GLU E 96 31.89 19.09 2.57
N PHE E 97 32.19 19.49 3.81
CA PHE E 97 32.55 18.55 4.85
C PHE E 97 31.43 18.17 5.83
N SER E 98 31.28 16.87 6.11
CA SER E 98 30.35 16.38 7.14
C SER E 98 31.00 15.25 7.91
N VAL E 99 30.84 15.24 9.25
CA VAL E 99 31.46 14.20 10.08
C VAL E 99 30.71 12.87 10.07
N PHE E 100 29.56 12.83 9.42
CA PHE E 100 28.76 11.63 9.48
C PHE E 100 29.26 10.61 8.49
N TYR E 101 30.27 10.96 7.69
CA TYR E 101 30.85 10.00 6.75
C TYR E 101 32.25 9.53 7.14
N ASP E 102 32.41 8.21 7.22
CA ASP E 102 33.67 7.51 7.57
C ASP E 102 35.00 8.22 7.21
N LYS E 103 35.29 8.36 5.92
CA LYS E 103 36.62 8.80 5.48
C LYS E 103 36.82 10.22 5.94
N MET E 104 35.84 11.08 5.65
CA MET E 104 35.93 12.46 6.09
C MET E 104 36.15 12.58 7.60
N ARG E 105 35.45 11.78 8.39
CA ARG E 105 35.56 11.88 9.84
C ARG E 105 36.95 11.40 10.29
N ASP E 106 37.36 10.26 9.75
CA ASP E 106 38.67 9.73 10.03
C ASP E 106 39.78 10.74 9.79
N GLU E 107 39.66 11.54 8.74
CA GLU E 107 40.66 12.56 8.47
C GLU E 107 40.53 13.67 9.48
N ALA E 108 39.31 14.05 9.82
CA ALA E 108 39.10 15.04 10.88
C ALA E 108 39.73 14.63 12.23
N ILE E 109 39.58 13.36 12.61
CA ILE E 109 40.07 12.88 13.90
C ILE E 109 41.61 12.85 13.91
N ALA E 110 42.17 12.38 12.79
CA ALA E 110 43.61 12.31 12.63
C ALA E 110 44.17 13.72 12.77
N LEU E 111 43.44 14.70 12.22
CA LEU E 111 43.84 16.11 12.28
C LEU E 111 43.66 16.65 13.68
N PHE E 112 42.55 16.29 14.31
CA PHE E 112 42.29 16.72 15.68
C PHE E 112 43.38 16.28 16.62
N HIS E 113 43.71 14.98 16.55
CA HIS E 113 44.77 14.43 17.40
C HIS E 113 46.01 15.26 17.28
N LEU E 114 46.37 15.60 16.04
CA LEU E 114 47.59 16.34 15.82
C LEU E 114 47.53 17.68 16.55
N PHE E 115 46.39 18.36 16.44
CA PHE E 115 46.20 19.61 17.19
C PHE E 115 46.29 19.35 18.69
N TYR E 116 45.64 18.26 19.12
CA TYR E 116 45.46 18.00 20.56
C TYR E 116 46.76 17.55 21.29
N TYR E 117 47.67 16.96 20.55
CA TYR E 117 48.87 16.40 21.14
C TYR E 117 50.10 17.26 20.86
N ALA E 118 49.88 18.48 20.40
CA ALA E 118 50.93 19.41 20.20
C ALA E 118 51.45 19.77 21.60
N LYS E 119 52.78 19.73 21.78
CA LYS E 119 53.41 19.98 23.09
C LYS E 119 52.90 21.21 23.82
N ASP E 120 52.70 22.30 23.09
CA ASP E 120 52.41 23.62 23.66
C ASP E 120 51.72 24.45 22.59
N PHE E 121 51.50 25.73 22.86
CA PHE E 121 50.82 26.61 21.93
C PHE E 121 51.52 26.85 20.60
N GLU E 122 52.81 27.17 20.62
CA GLU E 122 53.58 27.47 19.41
C GLU E 122 53.37 26.35 18.38
N THR E 123 53.56 25.12 18.83
CA THR E 123 53.41 23.93 18.00
C THR E 123 51.99 23.81 17.50
N PHE E 124 51.03 24.01 18.40
CA PHE E 124 49.63 23.99 18.02
C PHE E 124 49.36 25.04 16.96
N TYR E 125 49.81 26.27 17.21
CA TYR E 125 49.62 27.36 16.26
C TYR E 125 50.15 27.02 14.88
N LYS E 126 51.40 26.57 14.81
CA LYS E 126 52.02 26.21 13.54
C LYS E 126 51.30 25.10 12.81
N THR E 127 50.92 24.07 13.54
CA THR E 127 50.16 22.96 12.96
C THR E 127 48.86 23.45 12.34
N ALA E 128 48.20 24.41 12.96
CA ALA E 128 46.98 25.03 12.39
C ALA E 128 47.31 25.81 11.12
N CYS E 129 48.40 26.56 11.14
CA CYS E 129 48.87 27.28 9.95
C CYS E 129 49.01 26.34 8.77
N PHE E 130 49.71 25.23 8.98
CA PHE E 130 49.87 24.24 7.93
C PHE E 130 48.51 23.76 7.46
N ALA E 131 47.65 23.45 8.41
CA ALA E 131 46.39 22.84 8.11
C ALA E 131 45.45 23.82 7.41
N ARG E 132 45.52 25.10 7.79
CA ARG E 132 44.75 26.13 7.08
C ARG E 132 45.16 26.16 5.63
N VAL E 133 46.46 26.11 5.43
CA VAL E 133 46.96 26.26 4.09
C VAL E 133 46.63 25.03 3.27
N HIS E 134 46.81 23.83 3.82
CA HIS E 134 46.84 22.64 2.96
C HIS E 134 45.58 21.82 2.86
N LEU E 135 44.60 22.06 3.72
CA LEU E 135 43.48 21.12 3.82
C LEU E 135 42.12 21.78 3.67
N ASN E 136 41.09 20.96 3.51
CA ASN E 136 39.73 21.41 3.27
C ASN E 136 39.25 22.32 4.41
N GLN E 137 38.51 23.37 4.03
CA GLN E 137 38.13 24.44 4.96
C GLN E 137 37.23 23.98 6.11
N GLY E 138 36.16 23.27 5.79
CA GLY E 138 35.23 22.78 6.78
C GLY E 138 35.92 21.78 7.69
N GLN E 139 36.76 20.94 7.09
CA GLN E 139 37.44 19.90 7.85
C GLN E 139 38.33 20.58 8.87
N PHE E 140 39.08 21.56 8.39
CA PHE E 140 39.93 22.35 9.26
C PHE E 140 39.18 23.08 10.41
N LEU E 141 38.12 23.81 10.10
CA LEU E 141 37.45 24.59 11.13
C LEU E 141 36.82 23.66 12.13
N TYR E 142 36.32 22.53 11.63
CA TYR E 142 35.72 21.57 12.48
C TYR E 142 36.75 21.14 13.51
N ALA E 143 37.95 20.78 13.03
CA ALA E 143 38.95 20.18 13.90
C ALA E 143 39.54 21.23 14.80
N PHE E 144 39.83 22.40 14.25
CA PHE E 144 40.41 23.50 14.99
C PHE E 144 39.48 23.96 16.12
N TYR E 145 38.19 24.13 15.82
CA TYR E 145 37.21 24.59 16.80
C TYR E 145 37.25 23.69 18.02
N ILE E 146 37.09 22.39 17.76
CA ILE E 146 37.09 21.36 18.78
C ILE E 146 38.40 21.42 19.57
N ALA E 147 39.52 21.50 18.86
CA ALA E 147 40.82 21.57 19.48
C ALA E 147 40.89 22.71 20.50
N VAL E 148 40.46 23.91 20.09
CA VAL E 148 40.53 25.04 21.02
C VAL E 148 39.71 24.80 22.28
N ILE E 149 38.59 24.10 22.14
CA ILE E 149 37.74 23.78 23.29
C ILE E 149 38.39 22.72 24.22
N GLN E 150 39.15 21.81 23.64
CA GLN E 150 39.63 20.67 24.36
C GLN E 150 41.03 20.82 24.99
N ARG E 151 41.89 21.59 24.33
CA ARG E 151 43.23 21.82 24.84
C ARG E 151 43.16 22.52 26.19
N SER E 152 43.86 21.97 27.18
CA SER E 152 43.84 22.57 28.49
C SER E 152 44.47 23.96 28.48
N ASP E 153 45.64 24.15 27.85
CA ASP E 153 46.22 25.48 27.79
C ASP E 153 45.33 26.50 27.10
N CYS E 154 44.27 26.03 26.45
CA CYS E 154 43.37 26.90 25.72
C CYS E 154 42.11 27.21 26.50
N HIS E 155 41.93 26.53 27.62
CA HIS E 155 40.76 26.76 28.44
C HIS E 155 40.69 28.23 28.84
N GLY E 156 39.54 28.84 28.56
CA GLY E 156 39.30 30.21 28.93
C GLY E 156 39.52 31.16 27.77
N PHE E 157 40.04 30.63 26.66
CA PHE E 157 40.07 31.38 25.41
C PHE E 157 38.66 31.47 24.78
N VAL E 158 38.51 32.34 23.79
CA VAL E 158 37.20 32.62 23.20
C VAL E 158 37.18 32.23 21.72
N VAL E 159 36.10 31.58 21.27
CA VAL E 159 35.90 31.32 19.83
C VAL E 159 34.70 32.12 19.32
N PRO E 160 34.67 32.48 18.00
CA PRO E 160 33.53 33.28 17.49
C PRO E 160 32.27 32.44 17.43
N ALA E 161 31.13 33.07 17.20
CA ALA E 161 29.87 32.31 17.12
C ALA E 161 29.83 31.47 15.84
N PRO E 162 29.32 30.24 15.94
CA PRO E 162 29.23 29.37 14.76
C PRO E 162 28.72 30.11 13.53
N TYR E 163 27.80 31.07 13.71
CA TYR E 163 27.12 31.79 12.59
C TYR E 163 28.00 32.82 11.86
N GLU E 164 29.11 33.16 12.49
CA GLU E 164 30.03 34.11 11.94
C GLU E 164 31.08 33.30 11.17
N VAL E 165 31.28 32.06 11.59
CA VAL E 165 32.26 31.17 11.00
C VAL E 165 31.67 30.49 9.79
N TYR E 166 30.48 29.90 9.96
CA TYR E 166 29.74 29.28 8.86
C TYR E 166 28.46 30.06 8.47
N PRO E 167 28.60 31.29 7.98
CA PRO E 167 27.34 32.00 7.75
C PRO E 167 26.33 31.37 6.73
N LYS E 168 26.83 30.63 5.71
CA LYS E 168 25.95 30.11 4.68
C LYS E 168 24.94 29.17 5.29
N MET E 169 25.34 28.49 6.35
CA MET E 169 24.48 27.53 7.02
C MET E 169 23.49 28.21 7.94
N PHE E 170 23.56 29.52 8.10
CA PHE E 170 22.60 30.13 9.03
C PHE E 170 21.64 31.07 8.34
N MET E 171 21.44 30.85 7.04
CA MET E 171 20.63 31.78 6.26
C MET E 171 20.18 31.19 4.95
N ASN E 172 18.98 31.59 4.58
CA ASN E 172 18.38 31.18 3.36
C ASN E 172 19.07 31.76 2.12
N MET E 173 18.85 31.10 1.00
CA MET E 173 19.21 31.54 -0.32
C MET E 173 18.98 33.01 -0.66
N GLU E 174 17.78 33.51 -0.41
CA GLU E 174 17.41 34.84 -0.84
C GLU E 174 18.43 35.87 -0.38
N VAL E 175 18.71 35.81 0.92
CA VAL E 175 19.74 36.63 1.58
C VAL E 175 21.12 36.42 0.93
N LEU E 176 21.51 35.15 0.82
CA LEU E 176 22.80 34.80 0.27
C LEU E 176 22.96 35.46 -1.08
N GLN E 177 21.91 35.36 -1.88
CA GLN E 177 22.01 35.80 -3.23
C GLN E 177 22.03 37.29 -3.34
N LYS E 178 21.32 37.98 -2.45
CA LYS E 178 21.46 39.42 -2.41
C LYS E 178 22.92 39.77 -2.10
N ILE E 179 23.54 39.03 -1.19
CA ILE E 179 24.93 39.31 -0.79
C ILE E 179 25.87 39.12 -1.98
N TYR E 180 25.70 38.03 -2.71
CA TYR E 180 26.49 37.77 -3.91
C TYR E 180 26.34 38.87 -4.92
N VAL E 181 25.09 39.28 -5.18
CA VAL E 181 24.80 40.28 -6.22
C VAL E 181 25.49 41.61 -5.90
N THR E 182 25.36 42.05 -4.65
CA THR E 182 25.97 43.29 -4.21
C THR E 182 27.48 43.22 -4.36
N LYS E 183 28.04 42.05 -4.07
CA LYS E 183 29.48 41.90 -4.14
C LYS E 183 29.93 41.92 -5.59
N MET E 184 29.19 41.23 -6.45
CA MET E 184 29.50 41.23 -7.89
C MET E 184 29.44 42.63 -8.52
N GLN E 185 28.54 43.47 -8.02
CA GLN E 185 28.38 44.82 -8.55
C GLN E 185 29.31 45.82 -7.86
N ASP E 186 29.99 45.36 -6.84
CA ASP E 186 30.83 46.22 -6.02
C ASP E 186 30.01 47.37 -5.42
N GLY E 187 28.80 47.04 -4.97
CA GLY E 187 27.95 48.03 -4.35
C GLY E 187 26.57 48.09 -4.97
N LEU E 188 25.94 49.24 -4.86
CA LEU E 188 24.56 49.32 -5.23
C LEU E 188 24.43 50.17 -6.45
N ILE E 189 23.81 49.62 -7.48
CA ILE E 189 23.49 50.36 -8.69
C ILE E 189 22.38 51.36 -8.43
N ASN E 190 21.39 50.95 -7.65
CA ASN E 190 20.30 51.82 -7.21
C ASN E 190 20.03 51.71 -5.69
N PRO E 191 20.52 52.66 -4.89
CA PRO E 191 20.33 52.52 -3.44
C PRO E 191 18.85 52.45 -3.02
N GLU E 192 17.99 53.21 -3.68
CA GLU E 192 16.54 53.22 -3.42
C GLU E 192 15.82 51.97 -3.90
N ALA E 193 16.36 51.33 -4.94
CA ALA E 193 15.88 50.01 -5.34
C ALA E 193 16.37 48.95 -4.35
N ALA E 194 17.67 49.00 -4.02
CA ALA E 194 18.23 48.08 -3.05
C ALA E 194 17.45 48.18 -1.75
N ALA E 195 17.07 49.39 -1.36
CA ALA E 195 16.28 49.59 -0.14
C ALA E 195 15.01 48.76 -0.15
N LYS E 196 14.30 48.75 -1.29
CA LYS E 196 13.07 47.95 -1.44
C LYS E 196 13.28 46.44 -1.23
N TYR E 197 14.53 45.98 -1.28
CA TYR E 197 14.88 44.59 -1.10
C TYR E 197 15.50 44.36 0.26
N GLY E 198 15.46 45.37 1.13
CA GLY E 198 16.09 45.28 2.46
C GLY E 198 17.63 45.31 2.48
N ILE E 199 18.22 46.04 1.56
CA ILE E 199 19.67 46.19 1.44
C ILE E 199 20.01 47.67 1.65
N HIS E 200 20.84 47.97 2.65
CA HIS E 200 21.17 49.35 3.03
C HIS E 200 22.66 49.41 3.27
N LYS E 201 23.26 50.57 2.98
CA LYS E 201 24.64 50.89 3.37
C LYS E 201 24.62 51.67 4.71
N GLU E 202 25.29 51.14 5.73
CA GLU E 202 25.39 51.81 7.04
C GLU E 202 26.85 52.01 7.35
N ASN E 203 27.26 53.29 7.33
CA ASN E 203 28.64 53.73 7.03
C ASN E 203 29.37 52.89 5.99
N ASP E 204 30.14 51.90 6.42
CA ASP E 204 30.89 51.07 5.48
C ASP E 204 30.43 49.62 5.46
N TYR E 205 29.26 49.38 6.05
CA TYR E 205 28.61 48.07 6.06
C TYR E 205 27.49 47.98 5.05
N PHE E 206 27.30 46.78 4.53
CA PHE E 206 26.11 46.42 3.80
C PHE E 206 25.25 45.54 4.70
N VAL E 207 24.03 45.98 4.97
CA VAL E 207 23.17 45.34 5.95
C VAL E 207 22.01 44.73 5.21
N TYR E 208 21.80 43.43 5.43
CA TYR E 208 20.77 42.67 4.73
C TYR E 208 19.71 42.18 5.68
N LYS E 209 18.49 42.65 5.50
CA LYS E 209 17.34 42.13 6.24
C LYS E 209 16.96 40.72 5.72
N ALA E 210 16.52 39.86 6.62
CA ALA E 210 16.29 38.45 6.36
C ALA E 210 14.99 38.04 7.00
N ASN E 211 14.14 37.38 6.25
CA ASN E 211 12.98 36.76 6.85
C ASN E 211 13.27 35.31 7.16
N TYR E 212 12.48 34.71 8.04
CA TYR E 212 12.49 33.28 8.21
C TYR E 212 11.84 32.66 6.97
N SER E 213 11.96 31.36 6.77
CA SER E 213 11.55 30.74 5.50
C SER E 213 10.05 30.78 5.25
N ASN E 214 9.27 30.81 6.32
CA ASN E 214 7.82 30.81 6.20
C ASN E 214 7.31 32.03 5.45
N ALA E 215 8.13 33.07 5.42
CA ALA E 215 7.80 34.25 4.60
C ALA E 215 7.81 33.97 3.09
N VAL E 216 8.34 32.83 2.64
CA VAL E 216 8.20 32.44 1.21
C VAL E 216 7.66 31.03 0.99
N LEU E 217 7.39 30.30 2.08
CA LEU E 217 7.06 28.86 2.04
C LEU E 217 6.23 28.48 3.24
N TYR E 218 4.96 28.21 3.04
CA TYR E 218 4.18 27.62 4.09
C TYR E 218 3.56 26.29 3.61
N ASN E 219 4.39 25.25 3.61
CA ASN E 219 4.05 23.94 3.04
C ASN E 219 3.53 22.96 4.06
N ASN E 220 3.29 23.46 5.27
CA ASN E 220 2.66 22.72 6.38
C ASN E 220 2.80 23.52 7.69
N GLU E 221 2.01 23.16 8.69
CA GLU E 221 1.99 23.78 10.02
C GLU E 221 3.32 23.86 10.78
N GLU E 222 4.27 22.99 10.51
CA GLU E 222 5.57 23.13 11.17
C GLU E 222 6.25 24.49 10.89
N GLN E 223 5.95 25.10 9.75
CA GLN E 223 6.49 26.40 9.40
C GLN E 223 6.11 27.50 10.38
N ARG E 224 5.13 27.23 11.25
CA ARG E 224 4.74 28.15 12.31
C ARG E 224 5.91 28.41 13.25
N LEU E 225 6.81 27.43 13.37
CA LEU E 225 7.87 27.40 14.38
C LEU E 225 9.24 27.94 13.91
N THR E 226 9.28 28.53 12.72
CA THR E 226 10.57 28.91 12.13
C THR E 226 11.33 29.95 12.94
N TYR E 227 10.66 30.83 13.68
CA TYR E 227 11.40 31.77 14.53
C TYR E 227 12.20 31.08 15.67
N PHE E 228 11.87 29.82 15.94
CA PHE E 228 12.60 28.99 16.89
C PHE E 228 13.53 28.01 16.18
N THR E 229 13.00 27.18 15.31
CA THR E 229 13.84 26.18 14.62
C THR E 229 14.93 26.80 13.69
N GLU E 230 14.69 27.97 13.08
CA GLU E 230 15.70 28.60 12.25
C GLU E 230 16.53 29.61 13.03
N ASP E 231 16.17 29.86 14.27
CA ASP E 231 16.95 30.78 15.10
C ASP E 231 18.44 30.43 15.14
N ILE E 232 19.22 31.47 14.91
CA ILE E 232 20.66 31.42 14.76
C ILE E 232 21.37 30.96 16.04
N GLY E 233 20.87 31.42 17.19
CA GLY E 233 21.41 31.02 18.49
C GLY E 233 21.14 29.56 18.78
N MET E 234 19.90 29.15 18.63
CA MET E 234 19.52 27.79 18.95
C MET E 234 20.38 26.81 18.18
N ASN E 235 20.55 27.09 16.89
CA ASN E 235 21.34 26.26 16.01
C ASN E 235 22.82 26.32 16.38
N ALA E 236 23.30 27.50 16.77
CA ALA E 236 24.66 27.62 17.30
C ALA E 236 24.81 26.74 18.54
N TYR E 237 23.80 26.78 19.40
CA TYR E 237 23.77 25.99 20.61
C TYR E 237 24.01 24.50 20.41
N TYR E 238 23.31 23.88 19.48
CA TYR E 238 23.56 22.47 19.15
C TYR E 238 24.98 22.22 18.65
N TYR E 239 25.51 23.12 17.80
CA TYR E 239 26.88 22.99 17.30
C TYR E 239 27.89 22.95 18.44
N TYR E 240 27.80 23.92 19.34
CA TYR E 240 28.63 23.94 20.55
C TYR E 240 28.50 22.66 21.35
N PHE E 241 27.29 22.14 21.49
CA PHE E 241 27.11 20.96 22.31
C PHE E 241 27.91 19.82 21.71
N HIS E 242 27.83 19.66 20.39
CA HIS E 242 28.59 18.62 19.71
C HIS E 242 30.08 18.79 19.96
N SER E 243 30.54 20.04 19.94
CA SER E 243 31.96 20.28 19.90
C SER E 243 32.55 20.06 21.26
N HIS E 244 31.74 20.29 22.29
CA HIS E 244 32.20 20.20 23.65
C HIS E 244 32.58 18.76 24.03
N LEU E 245 31.97 17.80 23.32
CA LEU E 245 32.22 16.39 23.55
C LEU E 245 31.66 15.59 22.41
N PRO E 246 32.42 15.47 21.32
CA PRO E 246 31.85 14.86 20.16
C PRO E 246 31.66 13.38 20.41
N PHE E 247 30.64 12.81 19.78
CA PHE E 247 30.29 11.42 19.96
C PHE E 247 31.46 10.47 19.72
N TRP E 248 32.35 10.79 18.77
CA TRP E 248 33.39 9.85 18.37
C TRP E 248 34.57 9.77 19.34
N TRP E 249 34.56 10.59 20.38
CA TRP E 249 35.70 10.66 21.27
C TRP E 249 35.28 10.25 22.66
N THR E 250 36.16 9.53 23.34
CA THR E 250 36.05 9.29 24.77
C THR E 250 35.86 10.56 25.61
N SER E 251 35.50 10.41 26.87
CA SER E 251 35.42 11.56 27.74
C SER E 251 36.38 11.41 28.91
N GLU E 252 37.41 10.58 28.74
CA GLU E 252 38.46 10.35 29.75
C GLU E 252 38.95 11.68 30.31
N LYS E 253 39.20 12.63 29.42
CA LYS E 253 39.64 13.97 29.79
C LYS E 253 38.76 14.64 30.85
N TYR E 254 37.46 14.35 30.85
CA TYR E 254 36.56 15.03 31.76
C TYR E 254 36.29 14.28 33.07
N GLY E 255 37.11 13.26 33.33
CA GLY E 255 37.08 12.55 34.60
C GLY E 255 35.76 11.97 35.04
N ALA E 256 35.21 12.47 36.15
CA ALA E 256 34.02 11.87 36.75
C ALA E 256 32.73 11.96 35.89
N LEU E 257 32.73 12.84 34.89
CA LEU E 257 31.66 12.84 33.87
C LEU E 257 31.69 11.60 32.92
N LYS E 258 32.80 10.88 32.88
CA LYS E 258 32.87 9.66 32.07
C LYS E 258 31.81 8.66 32.52
N GLU E 259 31.61 8.55 33.83
CA GLU E 259 30.60 7.66 34.40
C GLU E 259 29.18 8.21 34.36
N ARG E 260 29.01 9.42 33.84
CA ARG E 260 27.70 10.06 33.74
C ARG E 260 27.38 10.52 32.31
N ARG E 261 28.16 10.05 31.35
CA ARG E 261 28.06 10.55 29.97
C ARG E 261 26.68 10.32 29.34
N GLY E 262 26.16 9.11 29.46
CA GLY E 262 24.82 8.79 28.95
C GLY E 262 23.69 9.66 29.52
N GLU E 263 23.82 9.95 30.80
CA GLU E 263 22.92 10.80 31.53
C GLU E 263 22.93 12.20 30.92
N VAL E 264 24.13 12.66 30.56
CA VAL E 264 24.29 13.98 29.97
C VAL E 264 23.66 14.00 28.58
N TYR E 265 23.78 12.87 27.88
CA TYR E 265 23.21 12.77 26.54
C TYR E 265 21.67 12.76 26.59
N PHE E 266 21.11 11.99 27.51
CA PHE E 266 19.66 12.01 27.68
C PHE E 266 19.17 13.41 28.02
N TYR E 267 19.78 14.04 29.00
CA TYR E 267 19.27 15.27 29.56
C TYR E 267 19.34 16.45 28.57
N PHE E 268 20.38 16.45 27.72
CA PHE E 268 20.51 17.51 26.74
C PHE E 268 19.31 17.40 25.84
N TYR E 269 19.06 16.21 25.33
CA TYR E 269 17.94 16.01 24.44
C TYR E 269 16.56 16.18 25.09
N GLN E 270 16.39 15.67 26.32
CA GLN E 270 15.15 15.85 27.10
C GLN E 270 14.82 17.33 27.27
N GLN E 271 15.80 18.13 27.70
CA GLN E 271 15.59 19.55 27.90
C GLN E 271 15.20 20.26 26.60
N LEU E 272 15.95 20.01 25.54
CA LEU E 272 15.66 20.58 24.23
C LEU E 272 14.23 20.30 23.74
N LEU E 273 13.78 19.05 23.85
CA LEU E 273 12.47 18.66 23.34
C LEU E 273 11.34 19.24 24.20
N ALA E 274 11.58 19.38 25.51
CA ALA E 274 10.66 20.14 26.36
C ALA E 274 10.55 21.55 25.81
N ARG E 275 11.70 22.19 25.60
CA ARG E 275 11.72 23.56 25.09
C ARG E 275 10.99 23.66 23.75
N TYR E 276 11.30 22.76 22.85
CA TYR E 276 10.62 22.71 21.56
C TYR E 276 9.10 22.52 21.74
N TYR E 277 8.71 21.47 22.46
CA TYR E 277 7.33 21.26 22.81
C TYR E 277 6.59 22.52 23.30
N PHE E 278 7.26 23.35 24.10
CA PHE E 278 6.66 24.58 24.62
C PHE E 278 6.32 25.45 23.45
N GLU E 279 7.22 25.51 22.48
CA GLU E 279 6.97 26.34 21.31
C GLU E 279 5.78 25.80 20.53
N ARG E 280 5.70 24.48 20.42
CA ARG E 280 4.56 23.85 19.79
C ARG E 280 3.22 24.27 20.45
N LEU E 281 3.12 24.06 21.76
CA LEU E 281 1.92 24.47 22.49
C LEU E 281 1.47 25.90 22.17
N THR E 282 2.39 26.85 22.17
CA THR E 282 1.98 28.26 22.01
C THR E 282 1.59 28.67 20.57
N ASN E 283 1.89 27.80 19.60
CA ASN E 283 1.42 27.95 18.20
C ASN E 283 0.34 26.90 17.82
N GLY E 284 -0.31 26.34 18.85
CA GLY E 284 -1.43 25.42 18.69
C GLY E 284 -1.16 24.09 18.02
N LEU E 285 -0.07 23.42 18.37
CA LEU E 285 0.38 22.19 17.66
C LEU E 285 0.48 20.83 18.40
N GLY E 286 0.51 20.82 19.73
CA GLY E 286 0.59 19.53 20.43
C GLY E 286 1.78 18.63 20.12
N LYS E 287 1.60 17.32 20.35
CA LYS E 287 2.70 16.32 20.48
C LYS E 287 3.53 16.07 19.22
N ILE E 288 4.83 15.81 19.41
CA ILE E 288 5.66 15.40 18.28
C ILE E 288 5.18 14.02 17.76
N PRO E 289 4.93 13.89 16.46
CA PRO E 289 4.36 12.60 16.02
C PRO E 289 5.39 11.45 15.92
N GLU E 290 4.94 10.26 16.36
CA GLU E 290 5.63 9.01 16.22
C GLU E 290 5.76 8.66 14.75
N PHE E 291 6.74 7.86 14.39
CA PHE E 291 6.96 7.47 13.00
C PHE E 291 7.45 6.02 12.92
N SER E 292 7.53 5.46 11.72
CA SER E 292 7.85 4.05 11.55
C SER E 292 8.84 3.88 10.41
N TRP E 293 9.91 3.10 10.58
CA TRP E 293 10.84 3.00 9.46
C TRP E 293 10.18 2.32 8.23
N TYR E 294 9.01 1.72 8.46
CA TYR E 294 8.32 0.95 7.44
C TYR E 294 7.10 1.67 6.88
N SER E 295 6.96 2.96 7.18
CA SER E 295 5.79 3.72 6.71
C SER E 295 6.21 5.07 6.19
N PRO E 296 5.28 5.78 5.51
CA PRO E 296 5.56 7.14 5.10
C PRO E 296 5.69 8.05 6.30
N ILE E 297 6.50 9.11 6.22
CA ILE E 297 6.57 10.10 7.29
C ILE E 297 5.88 11.39 6.80
N LYS E 298 5.00 11.95 7.64
CA LYS E 298 4.09 13.06 7.23
C LYS E 298 4.80 14.27 6.69
N THR E 299 5.47 15.01 7.55
CA THR E 299 5.84 16.37 7.24
C THR E 299 7.17 16.41 6.48
N GLY E 300 7.17 17.13 5.37
CA GLY E 300 8.33 17.22 4.52
C GLY E 300 9.23 18.31 5.00
N TYR E 301 10.40 18.44 4.38
CA TYR E 301 11.33 19.51 4.73
C TYR E 301 11.91 19.99 3.40
N TYR E 302 11.73 21.29 3.12
CA TYR E 302 12.14 21.91 1.86
C TYR E 302 13.16 23.02 2.12
N PRO E 303 14.46 22.66 2.35
CA PRO E 303 15.51 23.62 2.69
C PRO E 303 15.89 24.67 1.60
N LEU E 304 15.92 25.92 2.03
CA LEU E 304 16.34 27.01 1.18
C LEU E 304 17.84 27.31 1.34
N MET E 305 18.65 26.39 1.89
CA MET E 305 20.11 26.58 1.92
C MET E 305 20.79 26.08 0.63
N LEU E 306 21.78 26.85 0.18
CA LEU E 306 22.68 26.46 -0.89
C LEU E 306 24.06 26.06 -0.36
N THR E 307 24.66 25.10 -1.05
CA THR E 307 26.03 24.70 -0.83
C THR E 307 26.83 25.06 -2.09
N LYS E 308 28.02 25.63 -1.90
CA LYS E 308 28.88 26.04 -3.02
C LYS E 308 28.81 25.17 -4.29
N PHE E 309 28.34 23.93 -4.14
CA PHE E 309 28.38 22.90 -5.17
C PHE E 309 26.98 22.35 -5.50
N THR E 310 26.02 22.52 -4.58
CA THR E 310 24.68 21.91 -4.69
C THR E 310 23.56 22.52 -3.85
N PRO E 311 22.30 22.18 -4.18
CA PRO E 311 21.22 22.42 -3.23
C PRO E 311 21.11 21.30 -2.14
N PHE E 312 20.62 21.64 -0.96
CA PHE E 312 20.33 20.66 0.07
C PHE E 312 19.17 19.76 -0.40
N ALA E 313 19.04 18.56 0.15
CA ALA E 313 18.04 17.64 -0.37
C ALA E 313 16.71 17.86 0.31
N GLN E 314 15.64 17.84 -0.47
CA GLN E 314 14.26 17.92 0.06
C GLN E 314 13.69 16.56 0.42
N ARG E 315 12.82 16.53 1.41
CA ARG E 315 11.97 15.35 1.66
C ARG E 315 10.56 15.80 1.36
N PRO E 316 9.90 15.11 0.44
CA PRO E 316 8.54 15.57 0.22
C PRO E 316 7.68 15.08 1.37
N ASP E 317 6.46 15.64 1.51
CA ASP E 317 5.48 15.11 2.48
C ASP E 317 5.15 13.67 2.14
N TYR E 318 4.79 12.87 3.14
CA TYR E 318 4.50 11.44 2.92
C TYR E 318 5.60 10.64 2.21
N TYR E 319 6.83 10.90 2.58
CA TYR E 319 7.94 10.28 1.97
C TYR E 319 8.08 8.86 2.53
N ASN E 320 8.21 7.89 1.63
CA ASN E 320 8.33 6.49 2.02
C ASN E 320 9.77 6.18 2.42
N LEU E 321 9.99 6.09 3.74
CA LEU E 321 11.29 5.81 4.30
C LEU E 321 11.74 4.42 3.91
N HIS E 322 10.81 3.53 3.58
CA HIS E 322 11.15 2.17 3.21
C HIS E 322 11.24 1.94 1.67
N THR E 323 11.86 2.86 0.95
CA THR E 323 12.11 2.62 -0.49
C THR E 323 13.41 1.82 -0.71
N GLU E 324 13.64 1.41 -1.95
CA GLU E 324 14.70 0.47 -2.29
C GLU E 324 16.08 0.86 -1.74
N GLU E 325 16.52 2.08 -1.99
CA GLU E 325 17.83 2.48 -1.54
C GLU E 325 18.04 2.30 -0.02
N ASN E 326 16.94 2.08 0.72
CA ASN E 326 16.97 2.15 2.19
C ASN E 326 16.77 0.83 2.93
N TYR E 327 16.61 -0.24 2.16
CA TYR E 327 16.28 -1.52 2.70
C TYR E 327 17.31 -1.97 3.73
N GLU E 328 18.57 -2.03 3.31
CA GLU E 328 19.64 -2.43 4.18
C GLU E 328 19.78 -1.42 5.34
N ARG E 329 19.63 -0.13 5.05
CA ARG E 329 19.71 0.85 6.12
C ARG E 329 18.63 0.59 7.19
N VAL E 330 17.41 0.39 6.75
CA VAL E 330 16.29 0.19 7.67
C VAL E 330 16.42 -1.11 8.46
N ARG E 331 17.05 -2.12 7.87
CA ARG E 331 17.27 -3.36 8.57
C ARG E 331 18.19 -3.13 9.75
N PHE E 332 19.22 -2.32 9.54
CA PHE E 332 20.15 -1.96 10.60
C PHE E 332 19.38 -1.19 11.68
N LEU E 333 18.72 -0.09 11.32
CA LEU E 333 18.07 0.78 12.29
C LEU E 333 17.05 0.01 13.11
N ASP E 334 16.18 -0.74 12.45
CA ASP E 334 15.20 -1.58 13.13
C ASP E 334 15.83 -2.57 14.12
N THR E 335 16.99 -3.14 13.76
CA THR E 335 17.67 -4.03 14.66
C THR E 335 18.31 -3.31 15.83
N TYR E 336 18.84 -2.13 15.58
CA TYR E 336 19.44 -1.38 16.64
C TYR E 336 18.41 -1.18 17.73
N GLU E 337 17.21 -0.72 17.33
CA GLU E 337 16.08 -0.45 18.25
C GLU E 337 15.67 -1.75 18.91
N LYS E 338 15.45 -2.77 18.09
CA LYS E 338 14.95 -4.02 18.62
C LYS E 338 15.88 -4.63 19.67
N THR E 339 17.18 -4.41 19.51
CA THR E 339 18.15 -4.84 20.48
C THR E 339 17.96 -4.16 21.82
N PHE E 340 17.58 -2.88 21.79
CA PHE E 340 17.21 -2.16 23.02
C PHE E 340 15.95 -2.72 23.61
N VAL E 341 14.95 -2.98 22.78
CA VAL E 341 13.72 -3.52 23.32
C VAL E 341 13.99 -4.86 24.02
N GLN E 342 14.92 -5.63 23.47
CA GLN E 342 15.41 -6.84 24.12
C GLN E 342 16.03 -6.58 25.52
N PHE E 343 16.91 -5.57 25.62
CA PHE E 343 17.47 -5.15 26.93
C PHE E 343 16.33 -4.93 27.94
N LEU E 344 15.31 -4.19 27.53
CA LEU E 344 14.23 -3.86 28.43
C LEU E 344 13.56 -5.10 28.92
N GLN E 345 13.38 -6.06 28.01
CA GLN E 345 12.63 -7.26 28.33
C GLN E 345 13.40 -8.13 29.28
N LYS E 346 14.73 -8.14 29.22
CA LYS E 346 15.45 -8.98 30.14
C LYS E 346 16.05 -8.40 31.41
N ASP E 347 15.88 -7.10 31.68
CA ASP E 347 16.18 -6.46 32.99
C ASP E 347 17.66 -6.45 33.40
N HIS E 348 18.28 -7.62 33.37
CA HIS E 348 19.67 -7.76 33.72
C HIS E 348 20.29 -8.58 32.61
N PHE E 349 21.46 -8.17 32.13
CA PHE E 349 22.07 -8.78 30.94
C PHE E 349 23.52 -8.34 30.77
N GLU E 350 24.22 -9.03 29.88
CA GLU E 350 25.59 -8.68 29.53
C GLU E 350 25.66 -8.22 28.10
N ALA E 351 26.12 -7.01 27.90
CA ALA E 351 26.32 -6.49 26.57
C ALA E 351 27.56 -5.62 26.57
N PHE E 352 28.26 -5.59 25.44
CA PHE E 352 29.50 -4.80 25.26
C PHE E 352 30.56 -4.96 26.38
N GLY E 353 30.73 -6.18 26.87
CA GLY E 353 31.68 -6.45 27.96
C GLY E 353 31.25 -6.02 29.35
N GLN E 354 29.97 -5.69 29.53
CA GLN E 354 29.47 -5.19 30.82
C GLN E 354 28.22 -5.94 31.28
N LYS E 355 28.25 -6.45 32.52
CA LYS E 355 27.00 -6.87 33.18
C LYS E 355 26.18 -5.63 33.52
N ILE E 356 24.94 -5.57 33.01
CA ILE E 356 24.11 -4.39 33.24
C ILE E 356 22.78 -4.71 33.92
N ASP E 357 22.41 -3.87 34.89
CA ASP E 357 21.14 -4.03 35.60
C ASP E 357 20.24 -2.79 35.45
N PHE E 358 19.13 -2.96 34.77
CA PHE E 358 18.17 -1.88 34.58
C PHE E 358 17.44 -1.41 35.86
N HIS E 359 17.64 -2.12 36.98
CA HIS E 359 17.16 -1.66 38.30
C HIS E 359 18.07 -0.57 38.90
N ASP E 360 19.35 -0.66 38.58
CA ASP E 360 20.35 0.35 38.92
C ASP E 360 20.10 1.68 38.22
N PRO E 361 19.90 2.77 38.99
CA PRO E 361 19.78 4.04 38.27
C PRO E 361 21.01 4.43 37.45
N LYS E 362 22.22 4.01 37.86
CA LYS E 362 23.48 4.26 37.11
C LYS E 362 23.49 3.73 35.65
N ALA E 363 22.60 2.76 35.38
CA ALA E 363 22.44 2.22 34.05
C ALA E 363 22.13 3.27 32.95
N ILE E 364 21.73 4.50 33.31
CA ILE E 364 21.49 5.57 32.33
C ILE E 364 22.76 5.78 31.54
N ASN E 365 23.86 5.46 32.16
CA ASN E 365 25.11 5.75 31.53
C ASN E 365 25.24 4.88 30.31
N PHE E 366 25.06 3.58 30.50
CA PHE E 366 25.00 2.63 29.39
C PHE E 366 23.88 2.99 28.38
N VAL E 367 22.65 3.14 28.86
CA VAL E 367 21.52 3.48 28.00
C VAL E 367 21.84 4.66 27.05
N GLY E 368 22.28 5.79 27.60
CA GLY E 368 22.66 6.92 26.82
C GLY E 368 23.81 6.59 25.89
N ASN E 369 24.86 5.94 26.40
CA ASN E 369 26.00 5.61 25.56
C ASN E 369 25.65 4.71 24.35
N TYR E 370 24.67 3.81 24.54
CA TYR E 370 24.22 2.90 23.51
C TYR E 370 23.45 3.65 22.43
N TRP E 371 22.55 4.52 22.86
CA TRP E 371 21.77 5.24 21.90
C TRP E 371 22.67 6.18 21.11
N GLN E 372 23.85 6.48 21.64
CA GLN E 372 24.71 7.44 20.94
C GLN E 372 25.86 6.75 20.20
N ASP E 373 26.07 5.48 20.50
CA ASP E 373 27.15 4.75 19.88
C ASP E 373 28.47 5.55 20.05
N ASN E 374 28.64 6.22 21.19
CA ASN E 374 29.91 6.91 21.48
C ASN E 374 31.06 5.99 21.89
N ALA E 375 32.26 6.57 21.97
CA ALA E 375 33.47 5.83 22.27
C ALA E 375 33.41 5.14 23.63
N ASP E 376 32.72 5.76 24.59
CA ASP E 376 32.61 5.19 25.93
C ASP E 376 31.77 3.92 25.99
N LEU E 377 30.86 3.75 25.03
CA LEU E 377 30.17 2.47 24.84
C LEU E 377 31.11 1.27 24.75
N TYR E 378 32.28 1.50 24.17
CA TYR E 378 33.25 0.46 23.89
C TYR E 378 34.46 0.56 24.81
N GLY E 379 34.47 1.56 25.68
CA GLY E 379 35.62 1.87 26.50
C GLY E 379 36.88 2.08 25.67
N GLU E 380 36.78 2.90 24.63
CA GLU E 380 37.87 3.16 23.68
C GLU E 380 38.09 4.69 23.56
N GLU E 381 39.17 5.13 22.91
CA GLU E 381 39.46 6.56 22.81
C GLU E 381 38.76 7.21 21.58
N VAL E 382 38.63 6.45 20.50
CA VAL E 382 38.02 6.96 19.28
C VAL E 382 37.15 5.88 18.66
N THR E 383 36.03 6.25 18.04
CA THR E 383 35.14 5.22 17.48
C THR E 383 35.66 4.72 16.14
N LYS E 384 35.23 3.53 15.71
CA LYS E 384 35.79 2.90 14.52
C LYS E 384 34.72 2.71 13.47
N ASP E 385 35.14 2.50 12.23
CA ASP E 385 34.19 2.46 11.10
C ASP E 385 33.15 1.34 11.20
N TYR E 386 33.58 0.19 11.66
CA TYR E 386 32.70 -0.96 11.81
C TYR E 386 31.70 -0.88 12.98
N GLN E 387 31.77 0.20 13.76
CA GLN E 387 30.85 0.38 14.84
C GLN E 387 29.74 1.34 14.40
N ARG E 388 28.85 0.88 13.51
CA ARG E 388 27.75 1.70 12.97
C ARG E 388 26.90 2.37 14.06
N SER E 389 26.80 3.68 13.91
CA SER E 389 26.00 4.55 14.72
C SER E 389 24.57 4.52 14.23
N TYR E 390 23.65 4.59 15.16
CA TYR E 390 22.25 4.62 14.82
C TYR E 390 21.90 6.02 14.42
N GLU E 391 22.44 7.01 15.12
CA GLU E 391 22.07 8.40 14.86
C GLU E 391 22.42 8.71 13.41
N VAL E 392 23.60 8.29 13.00
CA VAL E 392 24.13 8.59 11.69
C VAL E 392 23.19 8.07 10.65
N PHE E 393 22.94 6.76 10.66
CA PHE E 393 22.12 6.16 9.60
C PHE E 393 20.67 6.60 9.68
N ALA E 394 20.19 6.96 10.87
CA ALA E 394 18.83 7.50 11.00
C ALA E 394 18.76 8.88 10.33
N ARG E 395 19.79 9.69 10.62
CA ARG E 395 19.94 10.99 9.96
C ARG E 395 19.92 10.85 8.48
N ARG E 396 20.66 9.87 7.98
CA ARG E 396 20.81 9.73 6.55
C ARG E 396 19.50 9.37 5.84
N VAL E 397 18.81 8.39 6.39
CA VAL E 397 17.56 7.96 5.84
C VAL E 397 16.50 9.04 5.89
N LEU E 398 16.42 9.77 7.00
CA LEU E 398 15.34 10.74 7.17
C LEU E 398 15.66 11.98 6.39
N GLY E 399 16.93 12.09 5.96
CA GLY E 399 17.43 13.26 5.23
C GLY E 399 17.01 13.18 3.80
N ALA E 400 16.57 11.99 3.40
CA ALA E 400 16.02 11.75 2.06
C ALA E 400 17.02 12.03 0.89
N ALA E 401 18.33 12.01 1.17
CA ALA E 401 19.33 12.25 0.09
C ALA E 401 19.46 11.06 -0.83
N PRO E 402 19.83 11.28 -2.10
CA PRO E 402 20.29 10.14 -2.89
C PRO E 402 21.64 9.60 -2.38
N MET E 403 22.03 8.41 -2.84
CA MET E 403 23.25 7.75 -2.39
C MET E 403 24.44 8.64 -2.65
N PRO E 404 25.34 8.78 -1.67
CA PRO E 404 26.55 9.54 -1.98
C PRO E 404 27.21 9.05 -3.27
N PHE E 405 27.68 9.98 -4.09
CA PHE E 405 28.41 9.65 -5.32
C PHE E 405 29.73 8.93 -5.01
N ASP E 406 30.41 9.34 -3.94
CA ASP E 406 31.60 8.60 -3.47
C ASP E 406 31.95 9.14 -2.09
N LYS E 407 33.10 8.72 -1.56
CA LYS E 407 33.56 9.05 -0.22
C LYS E 407 33.57 10.54 0.17
N TYR E 408 33.67 11.42 -0.83
CA TYR E 408 33.74 12.88 -0.60
C TYR E 408 32.62 13.70 -1.26
N THR E 409 31.72 13.02 -1.98
CA THR E 409 30.70 13.70 -2.79
C THR E 409 29.33 13.15 -2.42
N PHE E 410 28.62 13.91 -1.60
CA PHE E 410 27.28 13.55 -1.13
C PHE E 410 26.28 14.72 -1.31
N MET E 411 24.99 14.44 -1.30
CA MET E 411 24.02 15.52 -1.35
C MET E 411 23.63 15.86 0.08
N PRO E 412 24.06 17.03 0.57
CA PRO E 412 23.82 17.38 1.95
C PRO E 412 22.34 17.56 2.26
N SER E 413 21.90 17.10 3.43
CA SER E 413 20.59 17.52 3.99
C SER E 413 20.81 18.24 5.32
N ALA E 414 19.79 18.92 5.81
CA ALA E 414 19.89 19.60 7.12
C ALA E 414 20.60 18.77 8.20
N MET E 415 20.36 17.46 8.19
CA MET E 415 20.84 16.64 9.25
C MET E 415 22.26 16.10 9.11
N ASP E 416 22.94 16.55 8.06
CA ASP E 416 24.36 16.27 7.86
C ASP E 416 25.25 17.19 8.65
N PHE E 417 24.70 18.24 9.21
CA PHE E 417 25.45 19.21 9.99
C PHE E 417 24.75 19.54 11.29
N TYR E 418 25.55 19.67 12.33
CA TYR E 418 25.09 20.17 13.61
C TYR E 418 24.57 21.61 13.51
N GLN E 419 25.09 22.39 12.57
CA GLN E 419 24.66 23.77 12.42
C GLN E 419 23.32 23.93 11.73
N THR E 420 22.85 22.87 11.07
CA THR E 420 21.56 22.94 10.38
C THR E 420 20.47 22.01 10.93
N SER E 421 20.84 21.07 11.80
CA SER E 421 19.89 20.02 12.20
C SER E 421 18.53 20.51 12.73
N LEU E 422 18.51 21.57 13.52
CA LEU E 422 17.31 21.95 14.23
C LEU E 422 16.27 22.50 13.28
N ARG E 423 16.63 22.58 12.00
CA ARG E 423 15.77 23.19 10.99
C ARG E 423 14.73 22.21 10.54
N ASP E 424 15.03 20.92 10.72
CA ASP E 424 14.23 19.85 10.14
C ASP E 424 13.28 19.22 11.18
N PRO E 425 11.96 19.40 11.01
CA PRO E 425 11.04 18.77 11.96
C PRO E 425 11.39 17.30 12.22
N ALA E 426 11.87 16.59 11.20
CA ALA E 426 12.22 15.18 11.36
C ALA E 426 13.31 14.95 12.45
N PHE E 427 14.14 15.96 12.67
CA PHE E 427 15.14 15.86 13.69
C PHE E 427 14.49 15.68 15.05
N TYR E 428 13.44 16.46 15.32
CA TYR E 428 12.76 16.36 16.62
C TYR E 428 12.03 15.04 16.78
N GLN E 429 11.51 14.50 15.69
CA GLN E 429 10.88 13.18 15.70
C GLN E 429 11.91 12.14 16.03
N LEU E 430 13.12 12.33 15.53
CA LEU E 430 14.13 11.30 15.71
C LEU E 430 14.64 11.29 17.14
N TYR E 431 14.91 12.47 17.71
CA TYR E 431 15.34 12.46 19.10
C TYR E 431 14.24 12.29 20.11
N ASN E 432 13.02 12.63 19.74
CA ASN E 432 11.90 12.32 20.63
C ASN E 432 11.79 10.80 20.81
N ARG E 433 11.85 10.06 19.71
CA ARG E 433 11.81 8.63 19.74
C ARG E 433 12.91 8.06 20.65
N ILE E 434 14.16 8.52 20.44
CA ILE E 434 15.26 8.09 21.30
C ILE E 434 14.98 8.36 22.77
N VAL E 435 14.44 9.56 23.06
CA VAL E 435 14.21 9.98 24.45
C VAL E 435 13.13 9.10 25.05
N GLU E 436 12.14 8.76 24.23
CA GLU E 436 11.05 7.90 24.71
C GLU E 436 11.55 6.52 25.08
N TYR E 437 12.54 5.98 24.36
CA TYR E 437 13.11 4.65 24.68
C TYR E 437 13.90 4.74 25.97
N ILE E 438 14.46 5.90 26.27
CA ILE E 438 15.19 6.02 27.49
C ILE E 438 14.18 6.15 28.60
N VAL E 439 13.10 6.88 28.38
CA VAL E 439 12.01 6.93 29.35
C VAL E 439 11.51 5.51 29.64
N GLU E 440 11.48 4.63 28.63
CA GLU E 440 11.10 3.24 28.88
C GLU E 440 12.02 2.57 29.90
N PHE E 441 13.32 2.66 29.68
CA PHE E 441 14.24 2.27 30.72
C PHE E 441 13.94 2.95 32.08
N LYS E 442 13.57 4.22 32.09
CA LYS E 442 13.43 4.87 33.37
C LYS E 442 12.27 4.35 34.20
N GLN E 443 11.37 3.61 33.56
CA GLN E 443 10.22 3.02 34.25
C GLN E 443 10.65 1.96 35.25
N TYR E 444 11.85 1.40 35.09
CA TYR E 444 12.35 0.37 35.99
C TYR E 444 12.81 0.98 37.30
N LEU E 445 12.97 2.30 37.37
CA LEU E 445 13.41 2.91 38.62
C LEU E 445 12.24 3.15 39.56
N LYS E 446 12.45 2.84 40.84
CA LYS E 446 11.43 3.12 41.85
C LYS E 446 11.30 4.62 42.07
N PRO E 447 10.04 5.11 42.17
CA PRO E 447 9.80 6.54 42.38
C PRO E 447 10.24 6.99 43.76
N TYR E 448 10.63 8.26 43.85
CA TYR E 448 11.06 8.83 45.12
C TYR E 448 9.90 8.79 46.09
N THR E 449 10.22 8.42 47.33
CA THR E 449 9.27 8.44 48.40
C THR E 449 9.36 9.78 49.12
N GLN E 450 8.34 10.06 49.93
CA GLN E 450 8.29 11.25 50.76
C GLN E 450 9.63 11.56 51.41
N ASP E 451 10.22 10.56 52.08
CA ASP E 451 11.44 10.71 52.89
C ASP E 451 12.62 11.27 52.11
N LYS E 452 12.80 10.80 50.87
CA LYS E 452 13.87 11.30 50.01
C LYS E 452 13.71 12.78 49.63
N LEU E 453 12.49 13.29 49.71
CA LEU E 453 12.16 14.65 49.19
C LEU E 453 11.86 15.65 50.27
N TYR E 454 11.31 15.15 51.37
CA TYR E 454 10.89 15.96 52.51
C TYR E 454 12.09 16.68 53.13
N PHE E 455 11.90 17.98 53.37
CA PHE E 455 12.95 18.82 53.93
C PHE E 455 12.50 19.23 55.32
N ASP E 456 12.92 18.47 56.33
CA ASP E 456 12.55 18.70 57.72
C ASP E 456 12.50 20.16 58.12
N GLY E 457 11.31 20.64 58.47
CA GLY E 457 11.11 21.97 59.00
C GLY E 457 11.18 23.09 58.00
N VAL E 458 11.16 22.76 56.71
CA VAL E 458 11.22 23.77 55.62
C VAL E 458 9.96 23.76 54.76
N LYS E 459 9.39 24.95 54.56
CA LYS E 459 8.17 25.10 53.78
C LYS E 459 8.21 26.33 52.88
N ILE E 460 7.91 26.16 51.59
CA ILE E 460 7.70 27.31 50.70
C ILE E 460 6.28 27.82 50.90
N THR E 461 6.14 29.09 51.27
CA THR E 461 4.80 29.65 51.61
C THR E 461 4.21 30.50 50.48
N ASP E 462 5.08 31.09 49.67
CA ASP E 462 4.62 31.85 48.51
C ASP E 462 5.68 31.98 47.43
N VAL E 463 5.19 32.20 46.21
CA VAL E 463 6.01 32.53 45.06
C VAL E 463 5.26 33.58 44.23
N LYS E 464 5.94 34.68 43.92
CA LYS E 464 5.45 35.67 42.97
C LYS E 464 6.47 35.91 41.89
N VAL E 465 5.96 36.32 40.73
CA VAL E 465 6.76 36.43 39.52
C VAL E 465 6.32 37.72 38.88
N ASP E 466 7.30 38.49 38.42
CA ASP E 466 7.03 39.66 37.61
C ASP E 466 6.37 39.24 36.32
N LYS E 467 5.75 40.20 35.64
CA LYS E 467 5.16 39.92 34.34
C LYS E 467 6.18 39.24 33.42
N LEU E 468 5.75 38.23 32.67
CA LEU E 468 6.60 37.56 31.67
C LEU E 468 6.08 37.88 30.27
N THR E 469 6.92 38.57 29.51
CA THR E 469 6.56 39.04 28.18
C THR E 469 7.64 38.64 27.26
N THR E 470 7.24 38.12 26.11
CA THR E 470 8.20 37.90 25.06
C THR E 470 7.98 38.96 24.00
N PHE E 471 8.96 39.06 23.11
CA PHE E 471 8.92 40.05 22.03
C PHE E 471 10.00 39.77 21.00
N PHE E 472 9.80 40.24 19.77
CA PHE E 472 10.86 40.12 18.75
C PHE E 472 11.68 41.39 18.63
N GLU E 473 12.94 41.23 18.28
CA GLU E 473 13.89 42.32 18.29
C GLU E 473 14.98 42.02 17.30
N ASN E 474 15.41 43.04 16.56
CA ASN E 474 16.41 42.91 15.50
C ASN E 474 17.74 42.53 16.10
N PHE E 475 18.48 41.69 15.38
CA PHE E 475 19.81 41.28 15.78
C PHE E 475 20.64 41.18 14.52
N GLU E 476 21.89 41.64 14.56
CA GLU E 476 22.77 41.59 13.37
C GLU E 476 24.00 40.73 13.63
N PHE E 477 24.45 39.95 12.65
CA PHE E 477 25.71 39.21 12.76
C PHE E 477 26.60 39.37 11.53
N ASP E 478 27.92 39.23 11.71
CA ASP E 478 28.88 39.44 10.63
C ASP E 478 28.80 38.25 9.67
N ALA E 479 28.43 38.52 8.42
CA ALA E 479 28.20 37.43 7.50
C ALA E 479 29.27 37.34 6.43
N SER E 480 30.34 38.11 6.60
CA SER E 480 31.45 38.24 5.61
C SER E 480 32.15 36.96 5.16
N ASN E 481 32.09 35.89 5.93
CA ASN E 481 32.73 34.66 5.50
C ASN E 481 32.00 33.98 4.37
N SER E 482 30.78 34.41 4.10
CA SER E 482 29.99 33.86 3.00
C SER E 482 30.46 34.36 1.63
N VAL E 483 31.38 35.31 1.66
CA VAL E 483 31.74 36.11 0.49
C VAL E 483 33.23 36.02 0.17
N TYR E 484 33.59 36.10 -1.11
CA TYR E 484 34.97 36.02 -1.54
C TYR E 484 35.49 37.38 -1.86
N PHE E 485 36.64 37.73 -1.30
CA PHE E 485 37.21 39.04 -1.57
C PHE E 485 38.34 38.96 -2.60
N SER E 486 38.67 40.11 -3.19
CA SER E 486 39.71 40.19 -4.19
C SER E 486 41.07 40.25 -3.51
N LYS E 487 42.14 39.87 -4.22
CA LYS E 487 43.52 39.99 -3.74
C LYS E 487 43.76 41.36 -3.09
N GLU E 488 43.36 42.42 -3.79
CA GLU E 488 43.31 43.80 -3.29
C GLU E 488 42.67 43.89 -1.92
N GLU E 489 41.43 43.42 -1.79
CA GLU E 489 40.64 43.60 -0.57
C GLU E 489 41.18 42.80 0.60
N ILE E 490 41.76 41.65 0.30
CA ILE E 490 42.39 40.80 1.30
C ILE E 490 43.64 41.47 1.91
N LYS E 491 44.43 42.14 1.06
CA LYS E 491 45.60 42.87 1.50
C LYS E 491 45.27 44.12 2.31
N ASN E 492 44.38 44.98 1.82
CA ASN E 492 43.91 46.14 2.60
C ASN E 492 43.08 45.71 3.82
N ASN E 493 42.86 44.41 3.98
CA ASN E 493 42.11 43.92 5.14
C ASN E 493 40.62 44.33 5.12
N HIS E 494 40.10 44.74 3.96
CA HIS E 494 38.66 45.05 3.79
C HIS E 494 37.85 43.76 3.61
N VAL E 495 37.67 43.00 4.69
CA VAL E 495 37.02 41.69 4.63
C VAL E 495 35.81 41.54 5.54
N HIS E 496 35.21 42.64 5.99
CA HIS E 496 34.20 42.58 7.05
C HIS E 496 33.02 43.49 6.85
N ASP E 497 32.52 43.63 5.64
CA ASP E 497 31.50 44.63 5.40
C ASP E 497 30.09 44.08 5.17
N VAL E 498 29.88 42.82 5.51
CA VAL E 498 28.58 42.21 5.24
C VAL E 498 27.84 41.80 6.51
N LYS E 499 26.74 42.47 6.82
CA LYS E 499 25.97 42.04 7.98
C LYS E 499 24.55 41.62 7.64
N VAL E 500 24.04 40.62 8.37
CA VAL E 500 22.64 40.17 8.26
C VAL E 500 21.87 40.67 9.49
N ARG E 501 20.72 41.32 9.25
CA ARG E 501 19.83 41.79 10.31
C ARG E 501 18.66 40.83 10.31
N GLN E 502 18.22 40.41 11.49
CA GLN E 502 17.11 39.44 11.62
C GLN E 502 16.28 39.59 12.91
N PRO E 503 14.95 39.47 12.81
CA PRO E 503 14.23 39.56 14.09
C PRO E 503 14.37 38.24 14.91
N ARG E 504 14.81 38.34 16.16
CA ARG E 504 14.91 37.18 17.01
C ARG E 504 14.06 37.30 18.28
N LEU E 505 13.60 36.16 18.78
CA LEU E 505 12.89 36.11 20.07
C LEU E 505 13.74 36.66 21.22
N ASN E 506 13.05 37.33 22.16
CA ASN E 506 13.61 37.89 23.38
C ASN E 506 12.49 38.00 24.42
N HIS E 507 12.83 38.40 25.65
CA HIS E 507 11.88 38.55 26.78
C HIS E 507 12.42 39.59 27.76
N SER E 508 11.54 40.28 28.48
CA SER E 508 11.97 41.19 29.57
C SER E 508 12.54 40.39 30.74
N PRO E 509 13.53 40.97 31.47
CA PRO E 509 14.03 40.32 32.70
C PRO E 509 12.90 40.23 33.74
N PHE E 510 12.96 39.21 34.59
CA PHE E 510 11.91 39.04 35.60
C PHE E 510 12.44 38.48 36.91
N ASN E 511 11.89 38.93 38.02
CA ASN E 511 12.26 38.38 39.30
C ASN E 511 11.35 37.22 39.70
N VAL E 512 11.94 36.26 40.41
CA VAL E 512 11.19 35.23 41.11
C VAL E 512 11.35 35.45 42.62
N ASN E 513 10.24 35.75 43.31
CA ASN E 513 10.21 35.99 44.74
C ASN E 513 9.75 34.75 45.46
N ILE E 514 10.63 34.18 46.29
CA ILE E 514 10.29 32.97 47.01
C ILE E 514 10.35 33.24 48.50
N GLU E 515 9.26 32.94 49.19
CA GLU E 515 9.20 32.98 50.65
C GLU E 515 9.24 31.59 51.32
N VAL E 516 10.31 31.36 52.10
CA VAL E 516 10.61 30.05 52.67
C VAL E 516 10.62 30.13 54.19
N ASP E 517 10.01 29.15 54.87
CA ASP E 517 10.08 29.00 56.34
C ASP E 517 10.95 27.83 56.75
N SER E 518 11.73 28.01 57.81
CA SER E 518 12.53 26.90 58.35
C SER E 518 12.89 27.08 59.81
N ASN E 519 12.78 25.98 60.56
CA ASN E 519 13.13 25.91 61.99
C ASN E 519 14.61 26.18 62.23
N VAL E 520 15.46 25.29 61.73
CA VAL E 520 16.90 25.44 61.91
C VAL E 520 17.52 26.03 60.64
N ALA E 521 18.40 27.00 60.82
CA ALA E 521 19.20 27.57 59.73
C ALA E 521 19.98 26.45 59.05
N SER E 522 20.06 26.50 57.72
CA SER E 522 20.66 25.40 56.98
C SER E 522 21.05 25.85 55.59
N ASP E 523 22.12 25.25 55.06
CA ASP E 523 22.52 25.41 53.66
C ASP E 523 21.54 24.64 52.74
N ALA E 524 21.01 25.30 51.70
CA ALA E 524 19.93 24.72 50.87
C ALA E 524 20.16 24.92 49.38
N VAL E 525 19.62 24.01 48.60
CA VAL E 525 19.62 24.13 47.14
C VAL E 525 18.23 24.48 46.65
N VAL E 526 18.16 25.47 45.77
CA VAL E 526 16.91 25.91 45.16
C VAL E 526 16.97 25.62 43.67
N LYS E 527 15.89 25.05 43.17
CA LYS E 527 15.79 24.70 41.77
C LYS E 527 14.50 25.25 41.24
N ILE E 528 14.57 25.77 40.02
CA ILE E 528 13.42 26.33 39.32
C ILE E 528 13.16 25.62 37.97
N PHE E 529 11.94 25.12 37.78
CA PHE E 529 11.56 24.51 36.52
C PHE E 529 10.36 25.17 35.86
N LEU E 530 10.35 25.17 34.52
CA LEU E 530 9.18 25.57 33.72
C LEU E 530 8.49 24.36 33.09
N ALA E 531 7.17 24.33 33.20
CA ALA E 531 6.39 23.26 32.57
C ALA E 531 5.02 23.77 32.12
N PRO E 532 4.36 23.01 31.22
CA PRO E 532 3.07 23.52 30.77
C PRO E 532 1.98 23.33 31.82
N LYS E 533 0.88 24.06 31.71
CA LYS E 533 -0.21 23.88 32.68
C LYS E 533 -1.24 22.86 32.24
N TYR E 534 -1.58 22.87 30.96
CA TYR E 534 -2.62 21.99 30.39
C TYR E 534 -2.12 21.13 29.27
N ASP E 535 -2.76 19.98 29.05
CA ASP E 535 -2.62 19.32 27.75
C ASP E 535 -3.42 20.05 26.66
N ASP E 536 -3.56 19.42 25.49
CA ASP E 536 -4.29 20.05 24.36
C ASP E 536 -5.78 20.20 24.62
N ASN E 537 -6.31 19.34 25.49
CA ASN E 537 -7.73 19.30 25.80
C ASN E 537 -8.10 20.22 26.96
N GLY E 538 -7.09 20.71 27.65
CA GLY E 538 -7.30 21.70 28.68
C GLY E 538 -7.52 21.10 30.03
N ILE E 539 -7.05 19.86 30.20
CA ILE E 539 -6.94 19.21 31.51
C ILE E 539 -5.58 19.55 32.12
N PRO E 540 -5.57 19.90 33.42
CA PRO E 540 -4.34 20.18 34.15
C PRO E 540 -3.37 19.01 34.12
N LEU E 541 -2.07 19.28 34.02
CA LEU E 541 -1.05 18.21 33.96
C LEU E 541 -0.90 17.45 35.28
N THR E 542 -0.99 16.12 35.22
CA THR E 542 -0.46 15.29 36.30
C THR E 542 1.04 15.14 36.08
N LEU E 543 1.79 15.14 37.18
CA LEU E 543 3.20 14.81 37.16
C LEU E 543 3.42 13.41 36.63
N GLU E 544 2.46 12.52 36.88
CA GLU E 544 2.54 11.14 36.49
C GLU E 544 2.87 11.01 35.00
N ASP E 545 2.09 11.65 34.14
CA ASP E 545 2.36 11.53 32.71
C ASP E 545 3.40 12.51 32.19
N ASN E 546 3.70 13.55 32.96
CA ASN E 546 4.36 14.70 32.37
C ASN E 546 5.65 15.23 32.99
N TRP E 547 6.36 14.37 33.70
CA TRP E 547 7.57 14.81 34.41
C TRP E 547 8.73 15.10 33.47
N MET E 548 8.66 14.58 32.25
CA MET E 548 9.70 14.81 31.24
C MET E 548 9.39 16.06 30.40
N LYS E 549 8.34 16.77 30.76
CA LYS E 549 7.98 17.96 30.04
C LYS E 549 8.33 19.20 30.85
N PHE E 550 9.08 19.00 31.93
CA PHE E 550 9.56 20.06 32.83
C PHE E 550 10.93 20.54 32.39
N PHE E 551 11.10 21.85 32.31
CA PHE E 551 12.31 22.43 31.77
C PHE E 551 12.96 23.26 32.86
N GLU E 552 14.21 22.92 33.18
CA GLU E 552 14.97 23.54 34.28
C GLU E 552 15.44 24.97 33.96
N LEU E 553 15.09 25.93 34.81
CA LEU E 553 15.44 27.31 34.53
C LEU E 553 16.68 27.72 35.27
N ASP E 554 16.83 27.22 36.49
CA ASP E 554 17.94 27.65 37.33
C ASP E 554 18.12 26.79 38.58
N TRP E 555 19.38 26.65 39.00
CA TRP E 555 19.68 26.21 40.34
C TRP E 555 20.70 27.14 41.00
N PHE E 556 20.58 27.36 42.30
CA PHE E 556 21.58 28.08 43.07
C PHE E 556 21.49 27.62 44.53
N THR E 557 22.42 28.08 45.35
CA THR E 557 22.39 27.74 46.78
C THR E 557 22.15 29.00 47.63
N THR E 558 21.47 28.84 48.77
CA THR E 558 21.32 29.92 49.76
C THR E 558 21.51 29.38 51.18
N LYS E 559 21.50 30.28 52.16
CA LYS E 559 21.55 29.88 53.57
C LYS E 559 20.26 30.31 54.21
N LEU E 560 19.49 29.36 54.72
CA LEU E 560 18.28 29.69 55.45
C LEU E 560 18.61 30.04 56.89
N THR E 561 17.79 30.91 57.46
CA THR E 561 17.81 31.22 58.90
C THR E 561 16.51 30.76 59.54
N ALA E 562 16.58 30.47 60.84
CA ALA E 562 15.39 30.29 61.65
C ALA E 562 14.41 31.43 61.37
N GLY E 563 13.14 31.09 61.17
CA GLY E 563 12.10 32.07 60.87
C GLY E 563 11.72 32.11 59.42
N GLN E 564 11.60 33.30 58.85
CA GLN E 564 11.07 33.46 57.51
C GLN E 564 12.06 34.09 56.54
N ASN E 565 12.12 33.55 55.33
CA ASN E 565 13.13 33.96 54.37
C ASN E 565 12.53 34.54 53.10
N LYS E 566 13.21 35.54 52.56
CA LYS E 566 12.84 36.13 51.29
C LYS E 566 13.94 35.94 50.26
N ILE E 567 13.65 35.20 49.20
CA ILE E 567 14.65 34.91 48.20
C ILE E 567 14.24 35.50 46.86
N ILE E 568 15.02 36.47 46.39
CA ILE E 568 14.80 37.10 45.10
C ILE E 568 15.86 36.65 44.12
N ARG E 569 15.40 36.25 42.94
CA ARG E 569 16.26 35.76 41.90
C ARG E 569 15.76 36.26 40.55
N ASN E 570 16.68 36.87 39.80
CA ASN E 570 16.34 37.51 38.56
C ASN E 570 16.73 36.61 37.43
N SER E 571 16.07 36.77 36.29
CA SER E 571 16.25 35.91 35.14
C SER E 571 17.62 36.11 34.51
N ASN E 572 18.15 37.32 34.70
CA ASN E 572 19.43 37.75 34.16
C ASN E 572 20.56 37.01 34.86
N GLU E 573 20.26 36.42 36.02
CA GLU E 573 21.26 35.67 36.80
C GLU E 573 21.05 34.13 36.82
N PHE E 574 20.05 33.62 36.10
CA PHE E 574 19.91 32.15 35.97
C PHE E 574 21.18 31.53 35.41
N VAL E 575 21.67 30.53 36.12
CA VAL E 575 22.92 29.81 35.86
C VAL E 575 23.00 29.09 34.49
N ILE E 576 21.84 28.69 33.98
CA ILE E 576 21.69 27.79 32.80
C ILE E 576 21.69 28.45 31.38
N PHE E 577 21.78 29.77 31.33
CA PHE E 577 21.63 30.51 30.07
C PHE E 577 22.76 31.49 29.87
N LYS E 578 23.09 31.79 28.61
CA LYS E 578 24.13 32.78 28.33
C LYS E 578 23.63 34.04 27.60
N GLU E 579 24.50 35.03 27.52
CA GLU E 579 24.22 36.24 26.76
C GLU E 579 24.60 36.09 25.31
N ASP E 580 24.07 37.00 24.48
CA ASP E 580 24.33 36.97 23.07
C ASP E 580 25.81 37.08 22.93
N SER E 581 26.40 36.31 22.04
CA SER E 581 27.82 36.50 21.92
C SER E 581 28.18 37.73 21.04
N VAL E 582 29.40 38.24 21.23
CA VAL E 582 29.88 39.44 20.54
C VAL E 582 30.49 39.10 19.18
N PRO E 583 30.30 39.98 18.18
CA PRO E 583 31.03 39.77 16.92
C PRO E 583 32.56 39.87 17.09
N MET E 584 33.33 39.14 16.27
CA MET E 584 34.79 39.17 16.30
C MET E 584 35.39 40.57 16.21
N THR E 585 34.79 41.41 15.38
CA THR E 585 35.27 42.77 15.19
C THR E 585 35.23 43.53 16.51
N GLU E 586 34.17 43.29 17.28
CA GLU E 586 34.04 43.90 18.57
C GLU E 586 34.98 43.29 19.60
N ILE E 587 35.40 42.05 19.34
CA ILE E 587 36.35 41.38 20.22
C ILE E 587 37.78 41.90 19.96
N MET E 588 38.09 42.18 18.69
CA MET E 588 39.39 42.80 18.34
C MET E 588 39.54 44.16 19.04
N LYS E 589 38.45 44.93 19.08
CA LYS E 589 38.35 46.17 19.84
C LYS E 589 38.66 45.99 21.34
N MET E 590 38.01 45.01 21.96
CA MET E 590 38.19 44.73 23.38
C MET E 590 39.59 44.29 23.72
N LEU E 591 40.16 43.41 22.91
CA LEU E 591 41.55 42.96 23.11
C LEU E 591 42.58 44.09 23.11
N ASP E 592 42.29 45.21 22.45
CA ASP E 592 43.14 46.40 22.51
C ASP E 592 43.02 47.09 23.87
N GLU E 593 41.96 46.75 24.60
CA GLU E 593 41.71 47.30 25.94
C GLU E 593 42.01 46.29 27.07
N GLY E 594 42.26 45.03 26.72
CA GLY E 594 42.55 43.99 27.70
C GLY E 594 41.28 43.38 28.24
N LYS E 595 40.23 43.38 27.42
CA LYS E 595 38.93 42.86 27.80
C LYS E 595 38.53 41.65 26.95
N VAL E 596 37.77 40.75 27.57
CA VAL E 596 37.25 39.55 26.90
C VAL E 596 35.80 39.33 27.35
N PRO E 597 34.91 39.06 26.39
CA PRO E 597 33.48 38.79 26.66
C PRO E 597 33.29 37.52 27.54
N PHE E 598 32.86 37.72 28.79
CA PHE E 598 32.82 36.64 29.78
C PHE E 598 32.02 35.42 29.35
N ASP E 599 30.81 35.64 28.85
CA ASP E 599 29.92 34.54 28.47
C ASP E 599 30.41 33.74 27.26
N MET E 600 31.31 34.32 26.49
CA MET E 600 31.92 33.61 25.37
C MET E 600 33.05 32.69 25.82
N SER E 601 33.57 32.93 27.02
CA SER E 601 34.76 32.20 27.49
C SER E 601 34.40 30.91 28.20
N GLU E 602 33.40 30.96 29.06
CA GLU E 602 33.08 29.84 29.96
C GLU E 602 31.61 29.45 29.98
N GLU E 603 30.78 30.24 29.32
CA GLU E 603 29.37 29.96 29.20
C GLU E 603 28.95 29.80 27.73
N PHE E 604 29.90 29.56 26.82
CA PHE E 604 29.61 29.55 25.36
C PHE E 604 28.62 28.46 24.90
N CYS E 605 28.56 27.35 25.63
CA CYS E 605 27.71 26.22 25.26
C CYS E 605 26.40 26.12 26.06
N TYR E 606 25.95 27.24 26.61
CA TYR E 606 24.67 27.35 27.29
C TYR E 606 23.63 27.88 26.31
N MET E 607 22.35 27.66 26.59
CA MET E 607 21.29 28.20 25.74
C MET E 607 21.23 29.72 25.85
N PRO E 608 20.91 30.40 24.75
CA PRO E 608 20.87 31.86 24.94
C PRO E 608 19.66 32.31 25.77
N LYS E 609 19.94 33.24 26.69
CA LYS E 609 18.95 33.93 27.51
C LYS E 609 17.70 34.33 26.75
N ARG E 610 17.87 35.02 25.63
CA ARG E 610 16.70 35.55 24.91
C ARG E 610 15.68 34.48 24.52
N LEU E 611 16.11 33.22 24.48
CA LEU E 611 15.27 32.09 24.13
C LEU E 611 14.76 31.28 25.33
N MET E 612 14.88 31.85 26.52
CA MET E 612 14.47 31.15 27.71
C MET E 612 13.01 30.80 27.65
N LEU E 613 12.17 31.78 27.29
CA LEU E 613 10.71 31.58 27.30
C LEU E 613 10.22 31.31 25.92
N PRO E 614 9.21 30.43 25.77
CA PRO E 614 8.55 30.23 24.47
C PRO E 614 7.75 31.50 24.11
N ARG E 615 7.37 31.67 22.86
CA ARG E 615 6.74 32.94 22.50
C ARG E 615 5.39 32.93 23.18
N GLY E 616 5.08 33.98 23.94
CA GLY E 616 3.77 34.04 24.57
C GLY E 616 2.60 34.26 23.60
N THR E 617 1.45 34.56 24.15
CA THR E 617 0.33 35.00 23.35
C THR E 617 -0.13 36.33 23.92
N GLU E 618 -0.86 37.06 23.10
CA GLU E 618 -1.37 38.35 23.51
C GLU E 618 -2.23 38.26 24.78
N GLY E 619 -2.95 37.15 24.95
CA GLY E 619 -3.79 36.96 26.14
C GLY E 619 -3.09 36.44 27.40
N GLY E 620 -1.93 35.81 27.20
CA GLY E 620 -1.14 35.20 28.28
C GLY E 620 -1.37 33.71 28.27
N PHE E 621 -0.44 32.97 27.68
CA PHE E 621 -0.55 31.54 27.59
C PHE E 621 -0.20 30.90 28.95
N PRO E 622 -0.98 29.89 29.40
CA PRO E 622 -0.80 29.31 30.72
C PRO E 622 0.33 28.32 30.88
N PHE E 623 1.20 28.59 31.86
CA PHE E 623 2.28 27.70 32.23
C PHE E 623 2.40 27.58 33.75
N GLN E 624 3.37 26.78 34.20
CA GLN E 624 3.65 26.73 35.62
C GLN E 624 5.12 26.70 35.98
N LEU E 625 5.42 27.38 37.08
CA LEU E 625 6.73 27.32 37.70
C LEU E 625 6.71 26.32 38.80
N PHE E 626 7.71 25.46 38.78
CA PHE E 626 7.97 24.53 39.87
C PHE E 626 9.23 24.95 40.61
N VAL E 627 9.07 25.28 41.89
CA VAL E 627 10.18 25.55 42.79
C VAL E 627 10.37 24.43 43.81
N PHE E 628 11.59 23.90 43.86
CA PHE E 628 11.99 22.84 44.80
C PHE E 628 13.19 23.30 45.65
N VAL E 629 13.05 23.20 46.96
CA VAL E 629 14.11 23.53 47.92
C VAL E 629 14.51 22.26 48.64
N TYR E 630 15.80 21.95 48.63
CA TYR E 630 16.30 20.78 49.34
C TYR E 630 17.65 21.04 49.99
N PRO E 631 18.02 20.24 51.01
CA PRO E 631 19.29 20.46 51.72
C PRO E 631 20.55 20.27 50.87
N PHE E 632 21.47 21.21 50.99
CA PHE E 632 22.75 21.15 50.34
C PHE E 632 23.80 20.59 51.31
N ASP E 633 23.80 19.27 51.48
CA ASP E 633 24.55 18.61 52.56
C ASP E 633 26.05 19.02 52.68
N ASN E 634 26.80 18.66 51.64
CA ASN E 634 28.20 19.00 51.48
C ASN E 634 28.44 19.06 49.96
N LYS E 635 29.65 18.73 49.51
CA LYS E 635 30.00 18.73 48.09
C LYS E 635 30.42 17.34 47.57
N GLY E 636 29.64 16.30 47.89
CA GLY E 636 30.02 14.89 47.64
C GLY E 636 30.52 14.52 46.24
N LYS E 637 29.58 14.29 45.32
CA LYS E 637 29.84 14.03 43.90
C LYS E 637 29.63 15.35 43.17
N ASP E 638 30.65 15.80 42.44
CA ASP E 638 30.85 17.22 42.21
C ASP E 638 31.36 17.56 40.82
N LEU E 639 30.48 17.84 39.86
CA LEU E 639 30.94 18.08 38.49
C LEU E 639 31.42 19.52 38.17
N ALA E 640 32.69 19.61 37.77
CA ALA E 640 33.30 20.86 37.31
C ALA E 640 34.29 20.67 36.13
N PRO E 641 34.45 19.43 35.62
CA PRO E 641 35.37 19.28 34.48
C PRO E 641 34.73 19.62 33.13
N PHE E 642 33.57 19.01 32.84
CA PHE E 642 32.80 19.32 31.62
C PHE E 642 31.98 20.58 31.87
N GLU E 643 30.99 20.45 32.74
CA GLU E 643 30.08 21.53 33.06
C GLU E 643 30.15 21.92 34.52
N SER E 644 30.15 23.23 34.78
CA SER E 644 29.95 23.74 36.13
C SER E 644 28.44 23.64 36.44
N PHE E 645 27.85 22.49 36.11
CA PHE E 645 26.40 22.25 36.22
C PHE E 645 25.98 21.54 37.50
N VAL E 646 26.61 20.41 37.80
CA VAL E 646 26.13 19.49 38.84
C VAL E 646 27.08 19.36 40.04
N LEU E 647 27.25 20.43 40.81
CA LEU E 647 28.01 20.34 42.07
C LEU E 647 27.19 19.54 43.11
N ASP E 648 26.44 18.54 42.62
CA ASP E 648 25.55 17.72 43.44
C ASP E 648 25.65 16.22 43.15
N ASN E 649 25.46 15.44 44.22
CA ASN E 649 25.28 13.98 44.17
C ASN E 649 24.04 13.52 43.40
N LYS E 650 23.31 14.47 42.85
CA LYS E 650 21.97 14.23 42.40
C LYS E 650 21.94 14.05 40.92
N PRO E 651 21.11 13.11 40.44
CA PRO E 651 20.75 12.96 39.04
C PRO E 651 20.48 14.30 38.35
N LEU E 652 20.75 14.32 37.05
CA LEU E 652 20.41 15.45 36.23
C LEU E 652 18.87 15.58 36.15
N GLY E 653 18.37 16.79 36.40
CA GLY E 653 16.94 17.02 36.44
C GLY E 653 16.25 16.46 37.68
N PHE E 654 16.98 16.24 38.79
CA PHE E 654 16.40 15.87 40.08
C PHE E 654 15.50 17.03 40.58
N PRO E 655 14.31 16.73 41.12
CA PRO E 655 13.72 15.42 41.46
C PRO E 655 12.90 14.78 40.32
N LEU E 656 13.03 15.29 39.10
CA LEU E 656 12.20 14.81 38.00
C LEU E 656 13.06 14.09 36.97
N ASP E 657 13.83 13.12 37.43
CA ASP E 657 14.67 12.31 36.55
C ASP E 657 14.10 10.90 36.41
N ARG E 658 12.88 10.67 36.91
CA ARG E 658 12.21 9.37 36.89
C ARG E 658 10.71 9.53 37.11
N PRO E 659 9.93 8.43 36.94
CA PRO E 659 8.49 8.49 37.24
C PRO E 659 8.13 8.97 38.62
N VAL E 660 6.99 9.64 38.68
CA VAL E 660 6.47 10.30 39.86
C VAL E 660 5.09 9.72 40.20
N VAL E 661 4.80 9.54 41.48
CA VAL E 661 3.42 9.32 41.90
C VAL E 661 3.00 10.61 42.63
N ASP E 662 1.99 11.30 42.07
CA ASP E 662 1.57 12.64 42.54
C ASP E 662 1.45 12.73 44.07
N ALA E 663 0.86 11.72 44.69
CA ALA E 663 0.62 11.80 46.12
C ALA E 663 1.81 11.43 47.00
N LEU E 664 2.78 10.67 46.47
CA LEU E 664 4.00 10.36 47.23
C LEU E 664 5.04 11.43 47.04
N PHE E 665 4.71 12.45 46.26
CA PHE E 665 5.71 13.36 45.75
C PHE E 665 5.65 14.73 46.42
N LYS E 666 4.48 15.35 46.37
CA LYS E 666 4.29 16.72 46.84
C LYS E 666 4.61 16.81 48.32
N VAL E 667 5.52 17.72 48.64
CA VAL E 667 6.00 17.94 50.01
C VAL E 667 6.01 19.45 50.26
N PRO E 668 6.03 19.87 51.54
CA PRO E 668 6.00 21.30 51.88
C PRO E 668 7.06 22.17 51.19
N ASN E 669 8.25 21.63 50.92
CA ASN E 669 9.32 22.40 50.31
C ASN E 669 9.26 22.36 48.77
N MET E 670 8.03 22.28 48.26
CA MET E 670 7.77 22.36 46.83
C MET E 670 6.66 23.33 46.65
N TYR E 671 6.69 24.04 45.55
CA TYR E 671 5.64 24.96 45.22
C TYR E 671 5.39 24.98 43.71
N PHE E 672 4.12 24.86 43.33
CA PHE E 672 3.73 25.02 41.94
C PHE E 672 3.00 26.34 41.79
N LYS E 673 3.56 27.24 40.99
CA LYS E 673 2.88 28.48 40.72
C LYS E 673 2.42 28.55 39.29
N ASP E 674 1.14 28.89 39.12
CA ASP E 674 0.54 29.18 37.84
C ASP E 674 1.03 30.53 37.34
N ILE E 675 1.51 30.55 36.10
CA ILE E 675 2.01 31.77 35.46
C ILE E 675 1.50 31.84 34.01
N PHE E 676 1.59 33.04 33.43
CA PHE E 676 1.14 33.24 32.06
C PHE E 676 2.19 33.96 31.25
N ILE E 677 2.52 33.45 30.06
CA ILE E 677 3.49 34.13 29.24
C ILE E 677 2.84 35.01 28.18
N TYR E 678 3.13 36.30 28.27
CA TYR E 678 2.56 37.28 27.37
C TYR E 678 3.47 37.55 26.16
N HIS E 679 2.93 38.16 25.11
CA HIS E 679 3.74 38.60 24.00
C HIS E 679 3.39 40.02 23.66
N GLU E 680 4.41 40.82 23.41
CA GLU E 680 4.21 42.23 23.14
C GLU E 680 4.76 42.61 21.80
N GLY E 681 4.14 43.65 21.24
CA GLY E 681 4.49 44.19 19.95
C GLY E 681 4.11 43.26 18.82
N GLU E 682 4.80 43.45 17.70
CA GLU E 682 4.56 42.70 16.49
C GLU E 682 4.61 41.22 16.73
N ARG E 683 3.63 40.52 16.16
CA ARG E 683 3.40 39.12 16.44
C ARG E 683 4.27 38.25 15.54
N PHE E 684 4.64 38.81 14.39
CA PHE E 684 5.16 38.03 13.28
C PHE E 684 6.44 38.66 12.83
N PRO E 685 7.52 37.89 12.82
CA PRO E 685 8.86 38.43 12.50
C PRO E 685 8.93 39.20 11.18
N TYR E 686 8.11 38.79 10.22
CA TYR E 686 8.21 39.38 8.90
C TYR E 686 7.75 40.84 8.98
N LYS E 687 6.92 41.19 9.94
CA LYS E 687 6.49 42.59 10.02
C LYS E 687 7.65 43.49 10.38
N PHE E 688 8.79 42.93 10.74
CA PHE E 688 9.97 43.79 10.95
C PHE E 688 10.72 44.07 9.65
N ASN E 689 10.46 43.30 8.60
CA ASN E 689 11.27 43.39 7.41
C ASN E 689 10.66 44.10 6.21
N ILE E 690 9.57 44.83 6.44
CA ILE E 690 8.90 45.53 5.36
C ILE E 690 9.56 46.90 5.11
N PRO E 691 9.77 47.25 3.81
CA PRO E 691 10.27 48.53 3.30
C PRO E 691 9.22 49.67 3.21
N SER E 692 9.63 50.79 2.61
CA SER E 692 8.92 52.11 2.60
C SER E 692 8.96 52.73 3.98
N THR F 24 40.45 -34.00 -29.68
CA THR F 24 41.31 -33.32 -28.66
C THR F 24 40.63 -33.35 -27.32
N ILE F 25 40.61 -34.54 -26.70
CA ILE F 25 40.08 -34.72 -25.35
C ILE F 25 41.17 -35.35 -24.47
N LYS F 26 41.52 -34.63 -23.39
CA LYS F 26 42.52 -35.11 -22.42
C LYS F 26 42.11 -36.48 -21.87
N THR F 27 42.95 -37.48 -22.17
CA THR F 27 42.61 -38.87 -21.96
C THR F 27 43.33 -39.32 -20.69
N LYS F 28 43.25 -40.62 -20.35
CA LYS F 28 44.01 -41.22 -19.24
C LYS F 28 43.74 -42.73 -19.26
N ASN F 29 44.79 -43.53 -19.08
CA ASN F 29 44.70 -44.99 -19.28
C ASN F 29 44.27 -45.80 -18.05
N VAL F 30 43.61 -46.94 -18.27
CA VAL F 30 42.98 -47.72 -17.19
C VAL F 30 42.96 -49.23 -17.46
N ASP F 31 42.86 -50.01 -16.39
CA ASP F 31 42.90 -51.47 -16.47
C ASP F 31 41.49 -52.07 -16.57
N ALA F 32 41.40 -53.36 -16.92
CA ALA F 32 40.10 -54.03 -17.11
C ALA F 32 39.25 -54.15 -15.82
N VAL F 33 39.88 -54.15 -14.67
CA VAL F 33 39.14 -54.10 -13.39
C VAL F 33 38.37 -52.77 -13.25
N PHE F 34 38.96 -51.68 -13.75
CA PHE F 34 38.38 -50.35 -13.70
C PHE F 34 37.19 -50.28 -14.64
N VAL F 35 37.46 -50.54 -15.92
CA VAL F 35 36.45 -50.63 -16.95
C VAL F 35 35.21 -51.40 -16.49
N GLU F 36 35.40 -52.52 -15.78
CA GLU F 36 34.26 -53.30 -15.32
C GLU F 36 33.43 -52.57 -14.27
N LYS F 37 34.11 -52.00 -13.27
CA LYS F 37 33.47 -51.21 -12.23
C LYS F 37 32.82 -50.01 -12.84
N GLN F 38 33.55 -49.39 -13.78
CA GLN F 38 33.10 -48.16 -14.42
C GLN F 38 31.87 -48.40 -15.28
N LYS F 39 31.83 -49.53 -15.98
CA LYS F 39 30.67 -49.91 -16.75
C LYS F 39 29.49 -50.17 -15.85
N LYS F 40 29.75 -50.82 -14.71
CA LYS F 40 28.73 -51.05 -13.69
C LYS F 40 28.11 -49.73 -13.14
N ILE F 41 28.97 -48.81 -12.73
CA ILE F 41 28.56 -47.48 -12.29
C ILE F 41 27.74 -46.75 -13.37
N LEU F 42 28.24 -46.72 -14.59
CA LEU F 42 27.52 -46.10 -15.71
C LEU F 42 26.16 -46.73 -16.07
N SER F 43 26.00 -48.03 -15.80
CA SER F 43 24.77 -48.73 -16.16
C SER F 43 23.54 -48.09 -15.52
N PHE F 44 23.72 -47.56 -14.32
CA PHE F 44 22.65 -46.90 -13.58
C PHE F 44 22.07 -45.62 -14.15
N PHE F 45 22.71 -45.10 -15.19
CA PHE F 45 22.38 -43.80 -15.76
C PHE F 45 21.71 -43.91 -17.12
N GLN F 46 21.46 -45.16 -17.53
CA GLN F 46 20.85 -45.51 -18.80
C GLN F 46 19.38 -45.77 -18.56
N ASP F 47 18.53 -45.05 -19.26
CA ASP F 47 17.09 -45.37 -19.29
C ASP F 47 16.52 -45.26 -17.89
N VAL F 48 16.95 -44.20 -17.23
CA VAL F 48 16.84 -44.02 -15.81
C VAL F 48 15.45 -44.10 -15.22
N SER F 49 14.42 -43.98 -16.04
CA SER F 49 13.08 -43.91 -15.50
C SER F 49 12.34 -45.22 -15.73
N GLN F 50 13.08 -46.25 -16.13
CA GLN F 50 12.46 -47.53 -16.51
C GLN F 50 13.29 -48.66 -16.01
N LEU F 51 12.74 -49.87 -16.08
CA LEU F 51 13.47 -51.08 -15.70
C LEU F 51 13.60 -52.03 -16.88
N ASN F 52 14.82 -52.45 -17.19
CA ASN F 52 15.03 -53.57 -18.11
C ASN F 52 15.02 -54.84 -17.24
N THR F 53 13.90 -55.54 -17.21
CA THR F 53 13.83 -56.63 -16.25
C THR F 53 14.73 -57.80 -16.72
N ASP F 54 15.36 -57.60 -17.88
CA ASP F 54 16.35 -58.53 -18.41
C ASP F 54 17.76 -58.28 -17.88
N ASP F 55 18.09 -57.01 -17.64
CA ASP F 55 19.42 -56.64 -17.18
C ASP F 55 19.80 -57.20 -15.83
N GLU F 56 21.10 -57.41 -15.67
CA GLU F 56 21.62 -58.02 -14.46
C GLU F 56 21.24 -57.23 -13.24
N TYR F 57 21.23 -55.90 -13.41
CA TYR F 57 20.92 -55.01 -12.31
C TYR F 57 19.55 -55.34 -11.72
N TYR F 58 18.68 -55.89 -12.56
CA TYR F 58 17.36 -56.30 -12.12
C TYR F 58 17.36 -57.54 -11.23
N LYS F 59 18.04 -58.59 -11.69
CA LYS F 59 18.09 -59.87 -10.97
C LYS F 59 18.61 -59.68 -9.52
N ILE F 60 19.77 -59.01 -9.45
CA ILE F 60 20.37 -58.57 -8.20
C ILE F 60 19.33 -57.79 -7.39
N GLY F 61 18.84 -56.71 -7.99
CA GLY F 61 17.98 -55.75 -7.34
C GLY F 61 16.73 -56.34 -6.73
N LYS F 62 16.07 -57.21 -7.50
CA LYS F 62 14.82 -57.85 -7.11
C LYS F 62 14.89 -58.58 -5.76
N ASP F 63 15.94 -59.40 -5.61
CA ASP F 63 16.02 -60.37 -4.53
C ASP F 63 16.90 -59.95 -3.36
N TYR F 64 17.65 -58.88 -3.55
CA TYR F 64 18.63 -58.46 -2.57
C TYR F 64 18.05 -58.21 -1.18
N ASP F 65 18.48 -59.05 -0.23
CA ASP F 65 18.03 -58.96 1.15
C ASP F 65 18.99 -58.17 2.02
N ILE F 66 18.49 -57.04 2.50
CA ILE F 66 19.29 -56.05 3.19
C ILE F 66 19.57 -56.48 4.63
N GLU F 67 18.53 -56.91 5.35
CA GLU F 67 18.67 -57.40 6.72
C GLU F 67 19.73 -58.50 6.78
N MET F 68 19.66 -59.41 5.81
CA MET F 68 20.55 -60.54 5.75
C MET F 68 21.99 -60.11 5.52
N ASN F 69 22.17 -58.93 4.93
CA ASN F 69 23.51 -58.47 4.61
C ASN F 69 24.08 -57.45 5.57
N MET F 70 23.58 -57.44 6.81
CA MET F 70 23.95 -56.40 7.75
C MET F 70 25.46 -56.34 8.00
N ASP F 71 26.11 -57.50 7.90
CA ASP F 71 27.55 -57.63 8.16
C ASP F 71 28.44 -57.08 7.02
N ASN F 72 27.80 -56.64 5.94
CA ASN F 72 28.44 -55.98 4.79
C ASN F 72 28.46 -54.45 4.88
N TYR F 73 28.20 -53.92 6.07
CA TYR F 73 28.17 -52.48 6.22
C TYR F 73 29.00 -52.01 7.41
N THR F 74 29.80 -50.97 7.19
CA THR F 74 30.59 -50.33 8.22
C THR F 74 29.75 -49.89 9.42
N ASN F 75 28.44 -49.67 9.23
CA ASN F 75 27.60 -49.10 10.27
C ASN F 75 26.30 -49.78 10.61
N LYS F 76 26.35 -50.76 11.51
CA LYS F 76 25.19 -51.39 12.10
C LYS F 76 23.93 -50.47 12.12
N LYS F 77 23.98 -49.34 12.81
CA LYS F 77 22.73 -48.62 13.00
C LYS F 77 22.22 -47.88 11.80
N ALA F 78 23.07 -47.63 10.81
CA ALA F 78 22.64 -46.94 9.60
C ALA F 78 21.78 -47.89 8.77
N VAL F 79 22.17 -49.15 8.72
CA VAL F 79 21.35 -50.23 8.18
C VAL F 79 19.99 -50.35 8.88
N GLU F 80 19.98 -50.30 10.21
CA GLU F 80 18.75 -50.49 10.95
C GLU F 80 17.87 -49.28 10.89
N GLU F 81 18.50 -48.10 10.89
CA GLU F 81 17.75 -46.87 10.70
C GLU F 81 17.08 -46.90 9.33
N PHE F 82 17.84 -47.33 8.31
CA PHE F 82 17.32 -47.43 6.96
C PHE F 82 16.14 -48.36 6.92
N LEU F 83 16.34 -49.58 7.42
CA LEU F 83 15.34 -50.62 7.33
C LEU F 83 14.07 -50.26 8.11
N LYS F 84 14.20 -49.52 9.22
CA LYS F 84 13.02 -48.96 9.89
C LYS F 84 12.32 -47.94 9.00
N MET F 85 13.10 -47.06 8.34
CA MET F 85 12.53 -46.12 7.39
C MET F 85 11.81 -46.82 6.22
N TYR F 86 12.48 -47.84 5.65
CA TYR F 86 11.99 -48.58 4.48
C TYR F 86 10.71 -49.35 4.77
N ARG F 87 10.56 -49.84 5.98
CA ARG F 87 9.32 -50.51 6.35
C ARG F 87 8.16 -49.53 6.52
N THR F 88 8.43 -48.30 6.96
CA THR F 88 7.35 -47.31 7.00
C THR F 88 6.97 -46.92 5.58
N GLY F 89 7.90 -47.05 4.64
CA GLY F 89 7.70 -46.69 3.24
C GLY F 89 8.46 -45.44 2.83
N PHE F 90 9.02 -45.46 1.64
CA PHE F 90 9.77 -44.32 1.09
C PHE F 90 8.90 -43.59 0.07
N MET F 91 9.35 -42.41 -0.35
CA MET F 91 8.73 -41.69 -1.45
C MET F 91 8.42 -42.63 -2.61
N PRO F 92 7.18 -42.60 -3.13
CA PRO F 92 6.92 -43.55 -4.22
C PRO F 92 7.61 -43.16 -5.52
N LYS F 93 7.57 -44.07 -6.48
CA LYS F 93 8.05 -43.84 -7.83
C LYS F 93 7.41 -42.65 -8.53
N ASN F 94 8.16 -42.05 -9.44
CA ASN F 94 7.62 -41.10 -10.40
C ASN F 94 7.45 -39.68 -9.88
N LEU F 95 7.08 -39.55 -8.60
CA LEU F 95 6.97 -38.22 -8.02
C LEU F 95 8.33 -37.50 -8.05
N GLU F 96 8.31 -36.18 -8.13
CA GLU F 96 9.51 -35.37 -8.12
C GLU F 96 10.18 -35.37 -6.75
N PHE F 97 11.49 -35.59 -6.74
CA PHE F 97 12.29 -35.48 -5.53
C PHE F 97 13.01 -34.13 -5.48
N SER F 98 13.06 -33.54 -4.28
CA SER F 98 13.90 -32.41 -4.01
C SER F 98 14.39 -32.51 -2.57
N VAL F 99 15.64 -32.13 -2.33
CA VAL F 99 16.28 -32.33 -1.04
C VAL F 99 15.86 -31.23 -0.02
N PHE F 100 15.06 -30.26 -0.49
CA PHE F 100 14.68 -29.15 0.38
C PHE F 100 13.49 -29.43 1.28
N TYR F 101 12.93 -30.63 1.19
CA TYR F 101 11.77 -31.00 1.99
C TYR F 101 12.18 -32.08 2.96
N ASP F 102 11.79 -31.86 4.22
CA ASP F 102 12.17 -32.69 5.33
C ASP F 102 12.15 -34.18 5.08
N LYS F 103 10.96 -34.73 4.85
CA LYS F 103 10.87 -36.18 4.79
C LYS F 103 11.70 -36.75 3.63
N MET F 104 11.72 -36.03 2.51
CA MET F 104 12.50 -36.46 1.35
C MET F 104 14.01 -36.47 1.60
N ARG F 105 14.52 -35.40 2.21
CA ARG F 105 15.92 -35.32 2.59
C ARG F 105 16.29 -36.53 3.43
N ASP F 106 15.49 -36.79 4.45
CA ASP F 106 15.85 -37.78 5.44
C ASP F 106 15.92 -39.17 4.84
N GLU F 107 15.06 -39.44 3.88
CA GLU F 107 15.12 -40.68 3.12
C GLU F 107 16.36 -40.70 2.22
N ALA F 108 16.63 -39.58 1.55
CA ALA F 108 17.83 -39.45 0.75
C ALA F 108 19.10 -39.70 1.56
N ILE F 109 19.22 -39.10 2.76
CA ILE F 109 20.36 -39.29 3.65
C ILE F 109 20.39 -40.76 4.11
N ALA F 110 19.23 -41.27 4.51
CA ALA F 110 19.19 -42.63 4.99
C ALA F 110 19.79 -43.54 3.94
N LEU F 111 19.43 -43.33 2.67
CA LEU F 111 19.95 -44.14 1.56
C LEU F 111 21.43 -43.84 1.28
N PHE F 112 21.80 -42.57 1.42
CA PHE F 112 23.19 -42.19 1.30
C PHE F 112 24.11 -42.99 2.23
N HIS F 113 23.76 -43.03 3.52
CA HIS F 113 24.51 -43.78 4.52
C HIS F 113 24.69 -45.23 4.11
N LEU F 114 23.61 -45.82 3.60
CA LEU F 114 23.64 -47.22 3.18
C LEU F 114 24.68 -47.41 2.09
N PHE F 115 24.67 -46.50 1.12
CA PHE F 115 25.64 -46.53 0.05
C PHE F 115 27.06 -46.32 0.58
N TYR F 116 27.20 -45.39 1.50
CA TYR F 116 28.52 -44.94 1.95
C TYR F 116 29.21 -45.93 2.90
N TYR F 117 28.43 -46.74 3.58
CA TYR F 117 28.99 -47.65 4.55
C TYR F 117 29.09 -49.07 4.01
N ALA F 118 28.77 -49.26 2.73
CA ALA F 118 28.95 -50.55 2.10
C ALA F 118 30.42 -50.94 2.24
N LYS F 119 30.65 -52.19 2.65
CA LYS F 119 31.99 -52.70 2.96
C LYS F 119 33.03 -52.43 1.85
N ASP F 120 32.61 -52.64 0.61
CA ASP F 120 33.49 -52.61 -0.53
C ASP F 120 32.59 -52.47 -1.73
N PHE F 121 33.18 -52.50 -2.92
CA PHE F 121 32.45 -52.22 -4.13
C PHE F 121 31.29 -53.18 -4.40
N GLU F 122 31.56 -54.47 -4.29
CA GLU F 122 30.54 -55.50 -4.51
C GLU F 122 29.26 -55.12 -3.75
N THR F 123 29.41 -54.81 -2.46
CA THR F 123 28.27 -54.50 -1.60
C THR F 123 27.54 -53.23 -2.07
N PHE F 124 28.34 -52.20 -2.35
CA PHE F 124 27.85 -50.95 -2.87
C PHE F 124 27.00 -51.20 -4.11
N TYR F 125 27.54 -51.98 -5.05
CA TYR F 125 26.87 -52.22 -6.33
C TYR F 125 25.55 -52.94 -6.18
N LYS F 126 25.52 -54.04 -5.44
CA LYS F 126 24.26 -54.74 -5.16
C LYS F 126 23.26 -53.83 -4.47
N THR F 127 23.73 -53.02 -3.53
CA THR F 127 22.87 -52.07 -2.84
C THR F 127 22.20 -51.10 -3.82
N ALA F 128 22.96 -50.60 -4.79
CA ALA F 128 22.43 -49.60 -5.74
C ALA F 128 21.41 -50.25 -6.66
N CYS F 129 21.69 -51.50 -7.06
CA CYS F 129 20.74 -52.27 -7.85
C CYS F 129 19.38 -52.35 -7.18
N PHE F 130 19.40 -52.61 -5.88
CA PHE F 130 18.18 -52.69 -5.13
C PHE F 130 17.46 -51.34 -5.19
N ALA F 131 18.23 -50.26 -5.01
CA ALA F 131 17.68 -48.94 -4.85
C ALA F 131 17.10 -48.46 -6.17
N ARG F 132 17.76 -48.83 -7.25
CA ARG F 132 17.29 -48.49 -8.56
C ARG F 132 15.95 -49.14 -8.86
N VAL F 133 15.82 -50.42 -8.54
CA VAL F 133 14.57 -51.09 -8.82
C VAL F 133 13.42 -50.62 -7.92
N HIS F 134 13.69 -50.30 -6.66
CA HIS F 134 12.61 -50.14 -5.68
C HIS F 134 12.34 -48.72 -5.20
N LEU F 135 13.30 -47.82 -5.39
CA LEU F 135 13.13 -46.49 -4.84
C LEU F 135 12.77 -45.48 -5.92
N ASN F 136 12.35 -44.29 -5.49
CA ASN F 136 12.11 -43.19 -6.42
C ASN F 136 13.40 -42.85 -7.18
N GLN F 137 13.27 -42.57 -8.49
CA GLN F 137 14.44 -42.39 -9.36
C GLN F 137 15.26 -41.13 -9.12
N GLY F 138 14.61 -40.00 -8.83
CA GLY F 138 15.34 -38.78 -8.46
C GLY F 138 15.99 -38.91 -7.11
N GLN F 139 15.32 -39.61 -6.21
CA GLN F 139 15.88 -39.96 -4.91
C GLN F 139 17.10 -40.86 -5.07
N PHE F 140 16.91 -41.95 -5.79
CA PHE F 140 18.04 -42.84 -6.08
C PHE F 140 19.20 -42.07 -6.67
N LEU F 141 18.96 -41.36 -7.77
CA LEU F 141 20.01 -40.76 -8.54
C LEU F 141 20.79 -39.77 -7.71
N TYR F 142 20.07 -39.01 -6.91
CA TYR F 142 20.66 -37.97 -6.08
C TYR F 142 21.67 -38.61 -5.16
N ALA F 143 21.26 -39.70 -4.52
CA ALA F 143 22.09 -40.38 -3.53
C ALA F 143 23.28 -41.12 -4.16
N PHE F 144 22.98 -41.84 -5.24
CA PHE F 144 23.98 -42.52 -6.05
C PHE F 144 25.07 -41.58 -6.47
N TYR F 145 24.68 -40.44 -7.06
CA TYR F 145 25.63 -39.46 -7.55
C TYR F 145 26.59 -39.05 -6.45
N ILE F 146 26.04 -38.59 -5.33
CA ILE F 146 26.85 -38.22 -4.17
C ILE F 146 27.72 -39.39 -3.70
N ALA F 147 27.11 -40.56 -3.51
CA ALA F 147 27.88 -41.73 -3.08
C ALA F 147 29.15 -41.94 -3.92
N VAL F 148 29.06 -41.75 -5.24
CA VAL F 148 30.17 -42.08 -6.10
C VAL F 148 31.25 -41.03 -5.88
N ILE F 149 30.84 -39.78 -5.64
CA ILE F 149 31.83 -38.74 -5.41
C ILE F 149 32.44 -38.93 -4.05
N GLN F 150 31.68 -39.52 -3.12
CA GLN F 150 32.12 -39.57 -1.71
C GLN F 150 32.90 -40.80 -1.30
N ARG F 151 32.48 -41.98 -1.78
CA ARG F 151 33.17 -43.23 -1.49
C ARG F 151 34.61 -43.11 -1.89
N SER F 152 35.51 -43.31 -0.94
CA SER F 152 36.93 -43.18 -1.26
C SER F 152 37.34 -44.20 -2.32
N ASP F 153 36.76 -45.40 -2.33
CA ASP F 153 37.10 -46.38 -3.38
C ASP F 153 36.56 -46.05 -4.79
N CYS F 154 35.89 -44.91 -4.91
CA CYS F 154 35.36 -44.44 -6.18
C CYS F 154 36.05 -43.19 -6.73
N HIS F 155 36.97 -42.63 -5.94
CA HIS F 155 37.82 -41.52 -6.37
C HIS F 155 38.57 -41.97 -7.62
N GLY F 156 38.46 -41.18 -8.68
CA GLY F 156 39.04 -41.55 -9.95
C GLY F 156 37.99 -41.99 -10.95
N PHE F 157 36.83 -42.44 -10.47
CA PHE F 157 35.72 -42.81 -11.35
C PHE F 157 35.01 -41.61 -12.01
N VAL F 158 34.23 -41.91 -13.03
CA VAL F 158 33.59 -40.91 -13.85
C VAL F 158 32.07 -41.07 -13.76
N VAL F 159 31.41 -39.94 -13.70
CA VAL F 159 29.97 -39.90 -13.72
C VAL F 159 29.60 -39.02 -14.91
N PRO F 160 28.46 -39.28 -15.59
CA PRO F 160 28.25 -38.48 -16.77
C PRO F 160 27.70 -37.12 -16.38
N ALA F 161 27.54 -36.25 -17.36
CA ALA F 161 27.04 -34.91 -17.11
C ALA F 161 25.61 -34.87 -16.54
N PRO F 162 25.38 -34.03 -15.53
CA PRO F 162 24.03 -33.96 -14.96
C PRO F 162 22.94 -33.73 -16.03
N TYR F 163 23.26 -32.99 -17.08
CA TYR F 163 22.32 -32.78 -18.19
C TYR F 163 22.03 -34.02 -19.01
N GLU F 164 22.93 -34.99 -18.93
CA GLU F 164 22.67 -36.25 -19.57
C GLU F 164 21.83 -37.12 -18.64
N VAL F 165 21.93 -36.86 -17.34
CA VAL F 165 21.19 -37.61 -16.33
C VAL F 165 19.75 -37.10 -16.11
N TYR F 166 19.57 -35.78 -16.09
CA TYR F 166 18.27 -35.19 -15.86
C TYR F 166 17.92 -34.22 -17.01
N PRO F 167 17.78 -34.74 -18.24
CA PRO F 167 17.63 -33.81 -19.37
C PRO F 167 16.36 -32.95 -19.32
N LYS F 168 15.31 -33.44 -18.63
CA LYS F 168 14.11 -32.63 -18.34
C LYS F 168 14.43 -31.25 -17.70
N MET F 169 15.42 -31.25 -16.81
CA MET F 169 15.88 -30.06 -16.09
C MET F 169 16.71 -29.07 -16.91
N PHE F 170 17.08 -29.42 -18.13
CA PHE F 170 18.07 -28.63 -18.85
C PHE F 170 17.53 -28.16 -20.20
N MET F 171 16.21 -28.12 -20.28
CA MET F 171 15.55 -27.82 -21.53
C MET F 171 14.09 -27.43 -21.38
N ASN F 172 13.68 -26.50 -22.24
CA ASN F 172 12.33 -26.02 -22.24
C ASN F 172 11.34 -27.06 -22.75
N MET F 173 10.07 -26.83 -22.40
CA MET F 173 8.89 -27.49 -22.94
C MET F 173 8.89 -27.69 -24.45
N GLU F 174 9.34 -26.69 -25.21
CA GLU F 174 9.26 -26.75 -26.66
C GLU F 174 10.01 -27.97 -27.24
N VAL F 175 11.33 -28.04 -26.97
CA VAL F 175 12.19 -29.17 -27.38
C VAL F 175 11.61 -30.49 -26.89
N LEU F 176 11.23 -30.50 -25.62
CA LEU F 176 10.74 -31.70 -24.96
C LEU F 176 9.52 -32.25 -25.68
N GLN F 177 8.61 -31.38 -26.09
CA GLN F 177 7.41 -31.77 -26.79
C GLN F 177 7.70 -32.31 -28.19
N LYS F 178 8.59 -31.64 -28.90
CA LYS F 178 9.07 -32.13 -30.18
C LYS F 178 9.62 -33.55 -30.03
N ILE F 179 10.50 -33.73 -29.04
CA ILE F 179 11.08 -35.05 -28.71
C ILE F 179 9.99 -36.09 -28.43
N TYR F 180 9.00 -35.70 -27.64
CA TYR F 180 7.88 -36.56 -27.31
C TYR F 180 7.05 -36.91 -28.55
N VAL F 181 6.79 -35.90 -29.38
CA VAL F 181 5.98 -36.06 -30.60
C VAL F 181 6.68 -37.07 -31.50
N THR F 182 7.99 -36.92 -31.67
CA THR F 182 8.77 -37.82 -32.52
C THR F 182 8.77 -39.27 -32.02
N LYS F 183 8.83 -39.45 -30.71
CA LYS F 183 8.76 -40.79 -30.18
C LYS F 183 7.38 -41.46 -30.37
N MET F 184 6.30 -40.69 -30.22
CA MET F 184 4.95 -41.22 -30.41
C MET F 184 4.68 -41.63 -31.83
N GLN F 185 5.25 -40.89 -32.77
CA GLN F 185 5.03 -41.19 -34.16
C GLN F 185 6.07 -42.22 -34.59
N ASP F 186 7.07 -42.43 -33.75
CA ASP F 186 8.11 -43.38 -34.07
C ASP F 186 8.87 -42.90 -35.31
N GLY F 187 9.15 -41.61 -35.34
CA GLY F 187 9.88 -41.02 -36.45
C GLY F 187 9.14 -39.84 -37.03
N LEU F 188 9.54 -39.41 -38.21
CA LEU F 188 8.94 -38.24 -38.86
C LEU F 188 7.97 -38.64 -39.99
N ILE F 189 6.78 -38.03 -39.98
CA ILE F 189 5.80 -38.18 -41.07
C ILE F 189 6.25 -37.40 -42.31
N ASN F 190 7.15 -36.43 -42.12
CA ASN F 190 7.55 -35.47 -43.16
C ASN F 190 8.92 -34.87 -42.87
N PRO F 191 10.00 -35.49 -43.41
CA PRO F 191 11.37 -35.02 -43.19
C PRO F 191 11.52 -33.50 -43.33
N GLU F 192 10.96 -32.95 -44.39
CA GLU F 192 11.11 -31.54 -44.69
C GLU F 192 10.26 -30.62 -43.83
N ALA F 193 9.19 -31.14 -43.24
CA ALA F 193 8.42 -30.32 -42.29
C ALA F 193 9.13 -30.36 -40.95
N ALA F 194 9.77 -31.49 -40.66
CA ALA F 194 10.54 -31.65 -39.44
C ALA F 194 11.68 -30.65 -39.45
N ALA F 195 12.36 -30.54 -40.59
CA ALA F 195 13.48 -29.61 -40.75
C ALA F 195 13.11 -28.19 -40.37
N LYS F 196 11.90 -27.77 -40.79
CA LYS F 196 11.33 -26.47 -40.41
C LYS F 196 11.17 -26.28 -38.89
N TYR F 197 11.08 -27.38 -38.15
CA TYR F 197 10.96 -27.35 -36.69
C TYR F 197 12.28 -27.58 -35.95
N GLY F 198 13.38 -27.56 -36.69
CA GLY F 198 14.67 -27.82 -36.12
C GLY F 198 14.89 -29.28 -35.78
N ILE F 199 14.15 -30.18 -36.43
CA ILE F 199 14.31 -31.62 -36.23
C ILE F 199 14.93 -32.35 -37.43
N HIS F 200 16.14 -32.89 -37.25
CA HIS F 200 16.88 -33.62 -38.29
C HIS F 200 17.19 -35.08 -37.89
N LYS F 201 17.33 -35.96 -38.87
CA LYS F 201 17.89 -37.29 -38.61
C LYS F 201 19.31 -37.39 -39.18
N GLU F 202 20.28 -37.59 -38.29
CA GLU F 202 21.68 -37.83 -38.65
C GLU F 202 22.07 -39.18 -38.09
N ASN F 203 22.45 -40.09 -38.98
CA ASN F 203 22.72 -41.48 -38.62
C ASN F 203 21.43 -42.16 -38.15
N ASP F 204 21.47 -42.64 -36.91
CA ASP F 204 20.31 -43.24 -36.27
C ASP F 204 19.90 -42.38 -35.07
N TYR F 205 20.29 -41.12 -35.12
CA TYR F 205 19.99 -40.15 -34.10
C TYR F 205 18.95 -39.15 -34.55
N PHE F 206 18.14 -38.67 -33.62
CA PHE F 206 17.33 -37.49 -33.87
C PHE F 206 18.00 -36.28 -33.21
N VAL F 207 18.35 -35.28 -34.02
CA VAL F 207 18.92 -34.03 -33.50
C VAL F 207 17.83 -32.97 -33.47
N TYR F 208 17.66 -32.33 -32.32
CA TYR F 208 16.72 -31.21 -32.16
C TYR F 208 17.44 -29.94 -31.82
N LYS F 209 17.32 -28.95 -32.67
CA LYS F 209 17.79 -27.64 -32.31
C LYS F 209 16.92 -26.98 -31.22
N ALA F 210 17.54 -26.17 -30.37
CA ALA F 210 16.88 -25.58 -29.23
C ALA F 210 17.39 -24.17 -29.02
N ASN F 211 16.45 -23.27 -28.77
CA ASN F 211 16.72 -21.88 -28.53
C ASN F 211 16.69 -21.69 -27.03
N TYR F 212 17.31 -20.60 -26.59
CA TYR F 212 17.07 -20.09 -25.26
C TYR F 212 15.70 -19.43 -25.14
N SER F 213 15.26 -19.20 -23.92
CA SER F 213 13.84 -19.01 -23.68
C SER F 213 13.43 -17.63 -24.14
N ASN F 214 14.41 -16.72 -24.17
CA ASN F 214 14.18 -15.35 -24.68
C ASN F 214 13.78 -15.20 -26.18
N ALA F 215 14.13 -16.20 -27.00
CA ALA F 215 13.65 -16.31 -28.38
C ALA F 215 12.11 -16.47 -28.45
N VAL F 216 11.49 -16.77 -27.30
CA VAL F 216 10.04 -16.95 -27.24
C VAL F 216 9.39 -16.19 -26.08
N LEU F 217 10.21 -15.64 -25.18
CA LEU F 217 9.71 -14.94 -23.98
C LEU F 217 10.63 -13.78 -23.61
N TYR F 218 10.10 -12.56 -23.59
CA TYR F 218 10.89 -11.40 -23.17
C TYR F 218 10.10 -10.51 -22.21
N ASN F 219 10.00 -10.99 -20.95
CA ASN F 219 9.16 -10.41 -19.88
C ASN F 219 9.86 -9.41 -18.97
N ASN F 220 11.18 -9.34 -19.07
CA ASN F 220 11.98 -8.25 -18.51
C ASN F 220 13.36 -8.26 -19.14
N GLU F 221 14.21 -7.34 -18.69
CA GLU F 221 15.56 -7.21 -19.17
C GLU F 221 16.46 -8.39 -18.85
N GLU F 222 16.11 -9.19 -17.85
CA GLU F 222 16.98 -10.29 -17.44
C GLU F 222 17.07 -11.33 -18.54
N GLN F 223 16.13 -11.29 -19.48
CA GLN F 223 16.10 -12.18 -20.63
C GLN F 223 17.27 -11.99 -21.62
N ARG F 224 17.92 -10.84 -21.52
CA ARG F 224 19.17 -10.64 -22.24
C ARG F 224 20.20 -11.74 -21.91
N LEU F 225 20.16 -12.29 -20.69
CA LEU F 225 21.22 -13.17 -20.15
C LEU F 225 20.95 -14.68 -20.18
N THR F 226 19.86 -15.08 -20.81
CA THR F 226 19.51 -16.49 -20.86
C THR F 226 20.51 -17.43 -21.51
N TYR F 227 21.40 -16.94 -22.36
CA TYR F 227 22.49 -17.82 -22.84
C TYR F 227 23.46 -18.15 -21.71
N PHE F 228 23.39 -17.39 -20.64
CA PHE F 228 24.24 -17.64 -19.49
C PHE F 228 23.49 -18.39 -18.41
N THR F 229 22.32 -17.90 -18.04
CA THR F 229 21.57 -18.51 -16.95
C THR F 229 20.95 -19.83 -17.39
N GLU F 230 20.65 -19.97 -18.67
CA GLU F 230 20.17 -21.24 -19.16
C GLU F 230 21.30 -22.18 -19.61
N ASP F 231 22.52 -21.70 -19.65
CA ASP F 231 23.62 -22.57 -20.06
C ASP F 231 23.65 -23.88 -19.28
N ILE F 232 23.61 -24.98 -19.99
CA ILE F 232 23.58 -26.31 -19.41
C ILE F 232 24.84 -26.61 -18.62
N GLY F 233 25.94 -25.95 -18.98
CA GLY F 233 27.21 -26.15 -18.30
C GLY F 233 27.17 -25.49 -16.93
N MET F 234 26.68 -24.25 -16.91
CA MET F 234 26.66 -23.47 -15.68
C MET F 234 25.77 -24.10 -14.64
N ASN F 235 24.62 -24.60 -15.09
CA ASN F 235 23.68 -25.19 -14.19
C ASN F 235 24.21 -26.49 -13.70
N ALA F 236 24.86 -27.24 -14.57
CA ALA F 236 25.38 -28.53 -14.18
C ALA F 236 26.47 -28.28 -13.14
N TYR F 237 27.17 -27.16 -13.30
CA TYR F 237 28.22 -26.79 -12.37
C TYR F 237 27.76 -26.67 -10.91
N TYR F 238 26.66 -25.96 -10.70
CA TYR F 238 26.08 -25.79 -9.38
C TYR F 238 25.64 -27.12 -8.76
N TYR F 239 25.15 -28.04 -9.57
CA TYR F 239 24.75 -29.34 -9.06
C TYR F 239 25.99 -30.17 -8.62
N TYR F 240 27.09 -30.08 -9.37
CA TYR F 240 28.35 -30.67 -8.95
C TYR F 240 28.83 -30.08 -7.62
N PHE F 241 28.78 -28.76 -7.52
CA PHE F 241 29.23 -28.10 -6.31
C PHE F 241 28.44 -28.63 -5.13
N HIS F 242 27.11 -28.63 -5.21
CA HIS F 242 26.33 -29.21 -4.14
C HIS F 242 26.71 -30.66 -3.83
N SER F 243 26.84 -31.49 -4.87
CA SER F 243 27.17 -32.91 -4.68
C SER F 243 28.55 -33.20 -4.05
N HIS F 244 29.53 -32.31 -4.25
CA HIS F 244 30.85 -32.51 -3.65
C HIS F 244 30.88 -32.24 -2.15
N LEU F 245 30.00 -31.35 -1.67
CA LEU F 245 29.78 -31.21 -0.24
C LEU F 245 28.40 -30.70 0.14
N PRO F 246 27.41 -31.62 0.29
CA PRO F 246 26.05 -31.28 0.72
C PRO F 246 26.02 -30.50 2.01
N PHE F 247 25.18 -29.46 2.05
CA PHE F 247 25.01 -28.70 3.25
C PHE F 247 24.61 -29.59 4.42
N TRP F 248 23.97 -30.70 4.16
CA TRP F 248 23.40 -31.47 5.26
C TRP F 248 24.38 -32.42 5.89
N TRP F 249 25.60 -32.45 5.36
CA TRP F 249 26.60 -33.43 5.78
C TRP F 249 27.80 -32.68 6.28
N THR F 250 28.37 -33.20 7.37
CA THR F 250 29.61 -32.73 7.90
C THR F 250 30.69 -32.76 6.83
N SER F 251 31.79 -32.04 7.04
CA SER F 251 32.93 -32.19 6.16
C SER F 251 34.10 -32.89 6.83
N GLU F 252 33.81 -33.67 7.87
CA GLU F 252 34.85 -34.35 8.65
C GLU F 252 35.80 -35.17 7.76
N LYS F 253 35.24 -35.74 6.69
CA LYS F 253 35.96 -36.62 5.75
C LYS F 253 37.01 -35.88 4.93
N TYR F 254 36.93 -34.56 4.91
CA TYR F 254 37.92 -33.75 4.19
C TYR F 254 38.97 -33.06 5.07
N GLY F 255 39.11 -33.50 6.31
CA GLY F 255 40.20 -33.06 7.19
C GLY F 255 40.35 -31.56 7.26
N ALA F 256 41.42 -31.06 6.63
CA ALA F 256 41.81 -29.62 6.60
C ALA F 256 40.71 -28.63 6.22
N LEU F 257 39.87 -29.03 5.27
CA LEU F 257 38.76 -28.23 4.80
C LEU F 257 37.71 -27.93 5.85
N LYS F 258 37.68 -28.70 6.94
CA LYS F 258 36.67 -28.46 7.96
C LYS F 258 36.75 -27.08 8.59
N GLU F 259 37.95 -26.63 8.97
CA GLU F 259 38.11 -25.30 9.56
C GLU F 259 38.07 -24.20 8.49
N ARG F 260 37.73 -24.57 7.27
CA ARG F 260 37.69 -23.62 6.17
C ARG F 260 36.39 -23.71 5.37
N ARG F 261 35.40 -24.43 5.89
CA ARG F 261 34.19 -24.68 5.14
C ARG F 261 33.44 -23.40 4.80
N GLY F 262 33.40 -22.48 5.75
CA GLY F 262 32.64 -21.25 5.59
C GLY F 262 33.25 -20.38 4.54
N GLU F 263 34.57 -20.41 4.49
CA GLU F 263 35.30 -19.63 3.55
C GLU F 263 35.06 -20.18 2.13
N VAL F 264 34.93 -21.50 2.01
CA VAL F 264 34.65 -22.07 0.71
C VAL F 264 33.26 -21.61 0.22
N TYR F 265 32.28 -21.69 1.11
CA TYR F 265 30.93 -21.29 0.82
C TYR F 265 30.87 -19.84 0.30
N PHE F 266 31.48 -18.91 1.05
CA PHE F 266 31.53 -17.53 0.60
C PHE F 266 32.16 -17.43 -0.79
N TYR F 267 33.34 -18.04 -0.93
CA TYR F 267 34.17 -17.92 -2.09
C TYR F 267 33.48 -18.42 -3.33
N PHE F 268 32.78 -19.54 -3.19
CA PHE F 268 32.02 -20.06 -4.30
C PHE F 268 31.00 -19.04 -4.77
N TYR F 269 30.20 -18.49 -3.86
CA TYR F 269 29.19 -17.53 -4.32
C TYR F 269 29.79 -16.20 -4.78
N GLN F 270 30.71 -15.65 -3.99
CA GLN F 270 31.39 -14.45 -4.40
C GLN F 270 31.89 -14.61 -5.86
N GLN F 271 32.59 -15.71 -6.16
CA GLN F 271 33.10 -15.95 -7.53
C GLN F 271 31.96 -15.99 -8.57
N LEU F 272 30.99 -16.86 -8.31
CA LEU F 272 29.86 -17.03 -9.20
C LEU F 272 29.18 -15.71 -9.49
N LEU F 273 29.02 -14.87 -8.47
CA LEU F 273 28.34 -13.58 -8.63
C LEU F 273 29.16 -12.55 -9.41
N ALA F 274 30.48 -12.56 -9.26
CA ALA F 274 31.38 -11.71 -10.06
C ALA F 274 31.29 -12.06 -11.53
N ARG F 275 31.43 -13.36 -11.82
CA ARG F 275 31.22 -13.88 -13.17
C ARG F 275 29.85 -13.44 -13.75
N TYR F 276 28.77 -13.67 -13.03
CA TYR F 276 27.45 -13.28 -13.48
C TYR F 276 27.34 -11.77 -13.69
N TYR F 277 27.75 -10.98 -12.71
CA TYR F 277 27.75 -9.56 -12.85
C TYR F 277 28.44 -9.13 -14.17
N PHE F 278 29.52 -9.83 -14.54
CA PHE F 278 30.20 -9.49 -15.79
C PHE F 278 29.27 -9.64 -16.98
N GLU F 279 28.47 -10.70 -16.98
CA GLU F 279 27.52 -10.88 -18.05
C GLU F 279 26.51 -9.71 -18.07
N ARG F 280 26.18 -9.18 -16.91
CA ARG F 280 25.31 -8.03 -16.83
C ARG F 280 25.95 -6.83 -17.52
N LEU F 281 27.17 -6.47 -17.16
CA LEU F 281 27.81 -5.31 -17.73
C LEU F 281 27.84 -5.34 -19.25
N THR F 282 28.20 -6.47 -19.83
CA THR F 282 28.28 -6.56 -21.30
C THR F 282 26.93 -6.55 -21.95
N ASN F 283 25.88 -6.68 -21.17
CA ASN F 283 24.56 -6.63 -21.72
C ASN F 283 23.85 -5.38 -21.24
N GLY F 284 24.65 -4.46 -20.69
CA GLY F 284 24.19 -3.14 -20.27
C GLY F 284 23.14 -3.10 -19.18
N LEU F 285 23.32 -3.92 -18.13
CA LEU F 285 22.32 -4.17 -17.09
C LEU F 285 22.71 -3.81 -15.64
N GLY F 286 23.98 -3.50 -15.37
CA GLY F 286 24.39 -3.02 -14.04
C GLY F 286 24.14 -3.94 -12.84
N LYS F 287 24.22 -3.36 -11.64
CA LYS F 287 24.18 -4.09 -10.36
C LYS F 287 22.98 -4.99 -10.18
N ILE F 288 23.21 -6.12 -9.52
CA ILE F 288 22.16 -7.04 -9.01
C ILE F 288 21.23 -6.31 -8.03
N PRO F 289 19.93 -6.23 -8.36
CA PRO F 289 19.04 -5.43 -7.49
C PRO F 289 18.84 -6.04 -6.08
N GLU F 290 18.82 -5.19 -5.05
CA GLU F 290 18.48 -5.55 -3.68
C GLU F 290 16.98 -5.71 -3.54
N PHE F 291 16.53 -6.48 -2.56
CA PHE F 291 15.12 -6.59 -2.23
C PHE F 291 14.79 -6.61 -0.71
N SER F 292 13.49 -6.61 -0.40
CA SER F 292 13.05 -6.65 0.96
C SER F 292 12.07 -7.78 1.15
N TRP F 293 12.11 -8.48 2.27
CA TRP F 293 11.06 -9.48 2.59
C TRP F 293 9.69 -8.82 2.75
N TYR F 294 9.69 -7.50 2.96
CA TYR F 294 8.46 -6.78 3.21
C TYR F 294 7.89 -6.02 1.99
N SER F 295 8.53 -6.14 0.85
CA SER F 295 8.13 -5.38 -0.31
C SER F 295 7.95 -6.29 -1.51
N PRO F 296 7.38 -5.78 -2.61
CA PRO F 296 7.27 -6.74 -3.69
C PRO F 296 8.65 -6.89 -4.34
N ILE F 297 8.93 -7.96 -5.06
CA ILE F 297 10.16 -7.94 -5.86
C ILE F 297 9.87 -7.78 -7.32
N LYS F 298 10.75 -7.05 -8.01
CA LYS F 298 10.46 -6.56 -9.33
C LYS F 298 10.42 -7.66 -10.34
N THR F 299 11.52 -8.36 -10.53
CA THR F 299 11.65 -9.21 -11.72
C THR F 299 11.08 -10.63 -11.53
N GLY F 300 10.08 -10.99 -12.35
CA GLY F 300 9.48 -12.29 -12.31
C GLY F 300 10.32 -13.34 -13.01
N TYR F 301 9.93 -14.60 -12.87
CA TYR F 301 10.48 -15.70 -13.63
C TYR F 301 9.33 -16.58 -14.08
N TYR F 302 9.38 -16.97 -15.35
CA TYR F 302 8.30 -17.71 -15.96
C TYR F 302 8.87 -18.99 -16.56
N PRO F 303 9.07 -20.05 -15.74
CA PRO F 303 9.78 -21.25 -16.16
C PRO F 303 9.11 -21.94 -17.33
N LEU F 304 9.90 -22.36 -18.31
CA LEU F 304 9.36 -23.06 -19.45
C LEU F 304 9.61 -24.56 -19.32
N MET F 305 9.76 -25.03 -18.09
CA MET F 305 10.13 -26.42 -17.83
C MET F 305 8.96 -27.22 -17.32
N LEU F 306 8.99 -28.51 -17.67
CA LEU F 306 7.91 -29.43 -17.41
C LEU F 306 8.31 -30.50 -16.40
N THR F 307 7.43 -30.73 -15.40
CA THR F 307 7.46 -31.98 -14.63
C THR F 307 6.40 -32.93 -15.11
N LYS F 308 6.81 -34.16 -15.45
CA LYS F 308 5.89 -35.24 -15.77
C LYS F 308 4.55 -35.26 -14.99
N PHE F 309 4.52 -34.67 -13.80
CA PHE F 309 3.31 -34.58 -12.96
C PHE F 309 2.72 -33.15 -12.98
N THR F 310 3.58 -32.12 -13.09
CA THR F 310 3.16 -30.70 -12.94
C THR F 310 3.97 -29.62 -13.69
N PRO F 311 3.42 -28.39 -13.72
CA PRO F 311 4.23 -27.27 -14.20
C PRO F 311 4.99 -26.61 -13.04
N PHE F 312 6.22 -26.16 -13.29
CA PHE F 312 6.92 -25.34 -12.32
C PHE F 312 6.12 -24.07 -11.95
N ALA F 313 6.33 -23.52 -10.74
CA ALA F 313 5.69 -22.26 -10.31
C ALA F 313 6.22 -20.98 -10.97
N GLN F 314 5.32 -20.03 -11.20
CA GLN F 314 5.68 -18.77 -11.78
C GLN F 314 5.64 -17.67 -10.73
N ARG F 315 6.58 -16.73 -10.81
CA ARG F 315 6.53 -15.52 -10.00
C ARG F 315 6.29 -14.34 -10.93
N PRO F 316 5.10 -13.73 -10.86
CA PRO F 316 4.88 -12.62 -11.80
C PRO F 316 5.83 -11.51 -11.40
N ASP F 317 6.02 -10.50 -12.26
CA ASP F 317 6.68 -9.29 -11.81
C ASP F 317 5.94 -8.66 -10.63
N TYR F 318 6.68 -7.93 -9.79
CA TYR F 318 6.07 -7.28 -8.59
C TYR F 318 5.31 -8.20 -7.66
N TYR F 319 5.89 -9.35 -7.40
CA TYR F 319 5.33 -10.34 -6.53
C TYR F 319 5.52 -9.90 -5.08
N ASN F 320 4.42 -9.77 -4.37
CA ASN F 320 4.52 -9.36 -2.99
C ASN F 320 4.95 -10.56 -2.15
N LEU F 321 6.18 -10.48 -1.69
CA LEU F 321 6.76 -11.52 -0.86
C LEU F 321 5.97 -11.70 0.43
N HIS F 322 5.42 -10.62 0.95
CA HIS F 322 4.78 -10.64 2.24
C HIS F 322 3.25 -10.83 2.15
N THR F 323 2.76 -11.96 1.65
CA THR F 323 1.33 -12.25 1.68
C THR F 323 1.06 -13.30 2.72
N GLU F 324 -0.21 -13.44 3.09
CA GLU F 324 -0.61 -14.35 4.14
C GLU F 324 0.18 -15.68 4.22
N GLU F 325 0.33 -16.39 3.11
CA GLU F 325 1.03 -17.67 3.13
C GLU F 325 2.50 -17.57 3.57
N ASN F 326 3.06 -16.36 3.60
CA ASN F 326 4.47 -16.21 3.92
C ASN F 326 4.77 -15.55 5.25
N TYR F 327 3.73 -15.04 5.90
CA TYR F 327 3.88 -14.39 7.18
C TYR F 327 4.78 -15.18 8.13
N GLU F 328 4.59 -16.48 8.23
CA GLU F 328 5.43 -17.24 9.15
C GLU F 328 6.89 -17.39 8.64
N ARG F 329 7.07 -17.70 7.35
CA ARG F 329 8.36 -17.94 6.76
C ARG F 329 9.18 -16.64 6.84
N VAL F 330 8.55 -15.50 6.58
CA VAL F 330 9.26 -14.19 6.57
C VAL F 330 9.66 -13.77 8.01
N ARG F 331 8.86 -14.11 9.01
CA ARG F 331 9.27 -13.84 10.39
C ARG F 331 10.56 -14.61 10.69
N PHE F 332 10.67 -15.80 10.11
CA PHE F 332 11.87 -16.60 10.28
C PHE F 332 13.10 -15.99 9.59
N LEU F 333 12.97 -15.60 8.32
CA LEU F 333 14.05 -15.03 7.55
C LEU F 333 14.56 -13.76 8.17
N ASP F 334 13.64 -12.89 8.57
CA ASP F 334 13.97 -11.67 9.28
C ASP F 334 14.78 -11.86 10.57
N THR F 335 14.41 -12.83 11.43
CA THR F 335 15.16 -13.00 12.65
C THR F 335 16.50 -13.58 12.30
N TYR F 336 16.51 -14.50 11.34
CA TYR F 336 17.77 -15.10 10.91
C TYR F 336 18.73 -14.01 10.50
N GLU F 337 18.26 -13.02 9.74
CA GLU F 337 19.09 -11.89 9.34
C GLU F 337 19.45 -11.01 10.54
N LYS F 338 18.47 -10.70 11.37
CA LYS F 338 18.70 -9.77 12.46
C LYS F 338 19.68 -10.28 13.53
N THR F 339 19.57 -11.55 13.88
CA THR F 339 20.54 -12.19 14.74
C THR F 339 21.96 -11.91 14.24
N PHE F 340 22.13 -11.94 12.90
CA PHE F 340 23.42 -11.65 12.33
C PHE F 340 23.82 -10.19 12.50
N VAL F 341 22.89 -9.27 12.23
CA VAL F 341 23.12 -7.86 12.45
C VAL F 341 23.53 -7.67 13.91
N GLN F 342 22.93 -8.47 14.80
CA GLN F 342 23.35 -8.40 16.20
C GLN F 342 24.76 -8.92 16.48
N PHE F 343 25.16 -9.99 15.82
CA PHE F 343 26.52 -10.47 15.91
C PHE F 343 27.45 -9.36 15.46
N LEU F 344 27.08 -8.66 14.38
CA LEU F 344 27.92 -7.59 13.83
C LEU F 344 28.12 -6.49 14.83
N GLN F 345 27.02 -5.97 15.35
CA GLN F 345 27.05 -4.97 16.39
C GLN F 345 27.82 -5.41 17.62
N LYS F 346 27.71 -6.68 18.02
CA LYS F 346 28.43 -7.20 19.21
C LYS F 346 29.92 -7.41 19.08
N ASP F 347 30.43 -7.61 17.85
CA ASP F 347 31.86 -7.95 17.58
C ASP F 347 32.35 -9.30 18.16
N HIS F 348 32.14 -9.49 19.45
CA HIS F 348 32.59 -10.69 20.17
C HIS F 348 31.43 -11.24 21.00
N PHE F 349 31.21 -12.55 20.90
CA PHE F 349 30.01 -13.16 21.46
C PHE F 349 30.13 -14.69 21.46
N GLU F 350 29.29 -15.36 22.25
CA GLU F 350 29.23 -16.81 22.19
C GLU F 350 27.99 -17.18 21.44
N ALA F 351 28.14 -17.82 20.28
CA ALA F 351 27.02 -18.41 19.56
C ALA F 351 27.29 -19.86 19.22
N PHE F 352 26.21 -20.64 19.19
CA PHE F 352 26.28 -22.08 18.91
C PHE F 352 27.35 -22.84 19.74
N GLY F 353 27.61 -22.40 20.98
CA GLY F 353 28.57 -23.09 21.85
C GLY F 353 30.02 -22.80 21.47
N GLN F 354 30.24 -21.64 20.87
CA GLN F 354 31.56 -21.24 20.38
C GLN F 354 31.69 -19.74 20.61
N LYS F 355 32.83 -19.32 21.14
CA LYS F 355 33.14 -17.90 21.27
C LYS F 355 33.75 -17.46 19.95
N ILE F 356 33.14 -16.47 19.37
CA ILE F 356 33.48 -16.05 18.03
C ILE F 356 34.01 -14.64 18.19
N ASP F 357 35.09 -14.33 17.48
CA ASP F 357 35.60 -12.97 17.48
C ASP F 357 35.73 -12.47 16.04
N PHE F 358 35.13 -11.32 15.78
CA PHE F 358 34.99 -10.81 14.43
C PHE F 358 36.26 -10.19 13.84
N HIS F 359 37.25 -9.87 14.68
CA HIS F 359 38.56 -9.34 14.25
C HIS F 359 39.51 -10.47 13.85
N ASP F 360 39.25 -11.67 14.34
CA ASP F 360 39.88 -12.89 13.86
C ASP F 360 39.40 -13.21 12.42
N PRO F 361 40.34 -13.22 11.40
CA PRO F 361 39.88 -13.62 10.05
C PRO F 361 39.27 -15.05 9.97
N LYS F 362 39.74 -15.95 10.84
CA LYS F 362 39.23 -17.33 10.88
C LYS F 362 37.73 -17.48 11.21
N ALA F 363 37.17 -16.47 11.87
CA ALA F 363 35.72 -16.40 12.08
C ALA F 363 34.91 -16.56 10.78
N ILE F 364 35.56 -16.40 9.62
CA ILE F 364 34.88 -16.63 8.33
C ILE F 364 34.34 -18.04 8.24
N ASN F 365 34.96 -18.97 8.96
CA ASN F 365 34.43 -20.31 9.03
C ASN F 365 33.00 -20.29 9.58
N PHE F 366 32.82 -19.72 10.77
CA PHE F 366 31.51 -19.62 11.39
C PHE F 366 30.56 -18.81 10.51
N VAL F 367 31.02 -17.65 10.02
CA VAL F 367 30.16 -16.78 9.21
C VAL F 367 29.51 -17.55 8.07
N GLY F 368 30.32 -18.19 7.24
CA GLY F 368 29.78 -18.95 6.11
C GLY F 368 28.86 -20.07 6.55
N ASN F 369 29.27 -20.82 7.58
CA ASN F 369 28.49 -21.93 8.09
C ASN F 369 27.13 -21.50 8.56
N TYR F 370 27.07 -20.32 9.17
CA TYR F 370 25.84 -19.74 9.72
C TYR F 370 24.83 -19.46 8.59
N TRP F 371 25.32 -18.96 7.47
CA TRP F 371 24.45 -18.64 6.34
C TRP F 371 23.99 -19.88 5.58
N GLN F 372 24.77 -20.96 5.64
CA GLN F 372 24.39 -22.17 4.92
C GLN F 372 23.65 -23.10 5.84
N ASP F 373 23.70 -22.78 7.13
CA ASP F 373 23.03 -23.58 8.15
C ASP F 373 23.44 -25.04 7.92
N ASN F 374 24.74 -25.27 7.72
CA ASN F 374 25.26 -26.61 7.42
C ASN F 374 25.59 -27.37 8.70
N ALA F 375 25.86 -28.67 8.58
CA ALA F 375 26.03 -29.53 9.75
C ALA F 375 27.19 -29.07 10.61
N ASP F 376 28.18 -28.44 10.00
CA ASP F 376 29.35 -28.05 10.78
C ASP F 376 29.04 -26.88 11.71
N LEU F 377 27.98 -26.13 11.41
CA LEU F 377 27.54 -25.08 12.30
C LEU F 377 27.23 -25.64 13.67
N TYR F 378 26.68 -26.86 13.68
CA TYR F 378 26.35 -27.55 14.92
C TYR F 378 27.38 -28.57 15.33
N GLY F 379 28.34 -28.86 14.47
CA GLY F 379 29.39 -29.83 14.81
C GLY F 379 28.76 -31.20 14.93
N GLU F 380 28.02 -31.56 13.89
CA GLU F 380 27.29 -32.80 13.83
C GLU F 380 27.52 -33.46 12.47
N GLU F 381 27.12 -34.73 12.36
CA GLU F 381 27.31 -35.51 11.14
C GLU F 381 26.28 -35.09 10.06
N VAL F 382 25.03 -34.92 10.46
CA VAL F 382 23.93 -34.71 9.55
C VAL F 382 23.00 -33.66 10.14
N THR F 383 22.51 -32.71 9.34
CA THR F 383 21.59 -31.68 9.89
C THR F 383 20.29 -32.33 10.29
N LYS F 384 19.56 -31.72 11.22
CA LYS F 384 18.32 -32.29 11.74
C LYS F 384 17.13 -31.39 11.34
N ASP F 385 15.92 -31.96 11.33
CA ASP F 385 14.73 -31.27 10.80
C ASP F 385 14.49 -29.93 11.47
N TYR F 386 14.68 -29.90 12.78
CA TYR F 386 14.40 -28.71 13.57
C TYR F 386 15.48 -27.65 13.47
N GLN F 387 16.54 -27.93 12.71
CA GLN F 387 17.51 -26.89 12.44
C GLN F 387 17.13 -26.18 11.14
N ARG F 388 16.12 -25.31 11.23
CA ARG F 388 15.58 -24.62 10.07
C ARG F 388 16.66 -23.85 9.34
N SER F 389 16.71 -24.05 8.02
CA SER F 389 17.66 -23.40 7.15
C SER F 389 17.09 -22.08 6.57
N TYR F 390 17.89 -21.02 6.64
CA TYR F 390 17.61 -19.79 5.95
C TYR F 390 17.50 -19.96 4.40
N GLU F 391 18.39 -20.74 3.79
CA GLU F 391 18.40 -20.77 2.32
C GLU F 391 17.19 -21.52 1.81
N VAL F 392 16.89 -22.62 2.49
CA VAL F 392 15.71 -23.40 2.22
C VAL F 392 14.42 -22.54 2.22
N PHE F 393 14.29 -21.69 3.25
CA PHE F 393 13.11 -20.83 3.38
C PHE F 393 13.09 -19.59 2.52
N ALA F 394 14.25 -19.01 2.22
CA ALA F 394 14.35 -18.02 1.14
C ALA F 394 13.92 -18.60 -0.23
N ARG F 395 14.43 -19.79 -0.57
CA ARG F 395 14.09 -20.46 -1.82
C ARG F 395 12.58 -20.71 -1.91
N ARG F 396 11.98 -21.20 -0.84
CA ARG F 396 10.55 -21.39 -0.80
C ARG F 396 9.76 -20.07 -0.98
N VAL F 397 10.13 -19.06 -0.20
CA VAL F 397 9.47 -17.78 -0.29
C VAL F 397 9.56 -17.20 -1.71
N LEU F 398 10.75 -17.17 -2.27
CA LEU F 398 11.00 -16.56 -3.58
C LEU F 398 10.50 -17.45 -4.71
N GLY F 399 10.28 -18.73 -4.40
CA GLY F 399 9.87 -19.69 -5.42
C GLY F 399 8.44 -19.44 -5.91
N ALA F 400 7.69 -18.71 -5.09
CA ALA F 400 6.30 -18.41 -5.31
C ALA F 400 5.36 -19.60 -5.42
N ALA F 401 5.73 -20.78 -4.94
CA ALA F 401 4.83 -21.93 -5.07
C ALA F 401 3.69 -21.89 -4.06
N PRO F 402 2.56 -22.54 -4.38
CA PRO F 402 1.58 -22.69 -3.30
C PRO F 402 2.13 -23.74 -2.33
N MET F 403 1.51 -23.84 -1.15
CA MET F 403 2.02 -24.70 -0.09
C MET F 403 2.00 -26.13 -0.58
N PRO F 404 3.02 -26.93 -0.23
CA PRO F 404 2.97 -28.36 -0.57
C PRO F 404 1.64 -29.01 -0.16
N PHE F 405 1.13 -29.93 -0.98
CA PHE F 405 -0.09 -30.74 -0.70
C PHE F 405 0.09 -31.68 0.44
N ASP F 406 1.17 -32.47 0.43
CA ASP F 406 1.61 -33.29 1.57
C ASP F 406 3.13 -33.45 1.53
N LYS F 407 3.65 -34.30 2.40
CA LYS F 407 5.10 -34.60 2.51
C LYS F 407 5.80 -34.95 1.20
N TYR F 408 5.08 -35.56 0.27
CA TYR F 408 5.65 -36.02 -0.98
C TYR F 408 5.25 -35.19 -2.21
N THR F 409 4.29 -34.29 -2.03
CA THR F 409 3.69 -33.63 -3.18
C THR F 409 3.82 -32.11 -3.06
N PHE F 410 4.70 -31.51 -3.86
CA PHE F 410 4.91 -30.07 -3.85
C PHE F 410 4.80 -29.44 -5.26
N MET F 411 4.66 -28.13 -5.36
CA MET F 411 4.71 -27.52 -6.68
C MET F 411 6.11 -26.96 -6.92
N PRO F 412 6.89 -27.69 -7.73
CA PRO F 412 8.30 -27.32 -7.87
C PRO F 412 8.48 -25.93 -8.47
N SER F 413 9.54 -25.24 -8.04
CA SER F 413 10.06 -24.07 -8.72
C SER F 413 11.55 -24.29 -9.06
N ALA F 414 12.10 -23.46 -9.94
CA ALA F 414 13.50 -23.57 -10.33
C ALA F 414 14.39 -23.73 -9.12
N MET F 415 13.93 -23.21 -7.99
CA MET F 415 14.77 -23.19 -6.83
C MET F 415 14.62 -24.38 -5.87
N ASP F 416 13.76 -25.33 -6.19
CA ASP F 416 13.77 -26.60 -5.48
C ASP F 416 14.92 -27.54 -5.93
N PHE F 417 15.65 -27.18 -7.00
CA PHE F 417 16.69 -28.05 -7.55
C PHE F 417 17.98 -27.33 -7.85
N TYR F 418 19.06 -28.00 -7.52
CA TYR F 418 20.37 -27.49 -7.88
C TYR F 418 20.56 -27.41 -9.40
N GLN F 419 19.94 -28.34 -10.14
CA GLN F 419 20.04 -28.30 -11.58
C GLN F 419 19.40 -27.08 -12.26
N THR F 420 18.51 -26.34 -11.56
CA THR F 420 17.68 -25.28 -12.19
C THR F 420 17.79 -23.89 -11.54
N SER F 421 18.31 -23.84 -10.32
CA SER F 421 18.47 -22.60 -9.55
C SER F 421 19.03 -21.43 -10.31
N LEU F 422 20.13 -21.64 -11.03
CA LEU F 422 20.72 -20.56 -11.83
C LEU F 422 19.81 -19.98 -12.90
N ARG F 423 18.68 -20.62 -13.17
CA ARG F 423 17.80 -20.08 -14.20
C ARG F 423 16.99 -18.89 -13.72
N ASP F 424 16.88 -18.74 -12.40
CA ASP F 424 16.02 -17.74 -11.79
C ASP F 424 16.75 -16.45 -11.39
N PRO F 425 16.47 -15.32 -12.05
CA PRO F 425 17.11 -14.08 -11.54
C PRO F 425 17.12 -13.95 -9.96
N ALA F 426 16.03 -14.34 -9.29
CA ALA F 426 15.95 -14.28 -7.82
C ALA F 426 17.02 -15.08 -7.10
N PHE F 427 17.55 -16.12 -7.75
CA PHE F 427 18.69 -16.87 -7.19
C PHE F 427 19.86 -15.95 -6.93
N TYR F 428 20.21 -15.13 -7.91
CA TYR F 428 21.37 -14.27 -7.80
C TYR F 428 21.10 -13.18 -6.81
N GLN F 429 19.86 -12.75 -6.71
CA GLN F 429 19.56 -11.72 -5.72
C GLN F 429 19.64 -12.26 -4.28
N LEU F 430 19.33 -13.54 -4.11
CA LEU F 430 19.34 -14.14 -2.78
C LEU F 430 20.76 -14.23 -2.29
N TYR F 431 21.62 -14.82 -3.12
CA TYR F 431 23.00 -15.02 -2.75
C TYR F 431 23.83 -13.74 -2.81
N ASN F 432 23.42 -12.78 -3.65
CA ASN F 432 24.05 -11.46 -3.55
C ASN F 432 23.82 -10.91 -2.13
N ARG F 433 22.57 -11.05 -1.66
CA ARG F 433 22.14 -10.63 -0.33
C ARG F 433 23.03 -11.23 0.76
N ILE F 434 23.13 -12.56 0.77
CA ILE F 434 24.00 -13.26 1.72
C ILE F 434 25.48 -12.90 1.63
N VAL F 435 25.96 -12.67 0.42
CA VAL F 435 27.38 -12.39 0.21
C VAL F 435 27.66 -11.03 0.79
N GLU F 436 26.74 -10.09 0.54
CA GLU F 436 26.87 -8.71 1.05
C GLU F 436 26.93 -8.66 2.56
N TYR F 437 26.11 -9.45 3.23
CA TYR F 437 26.15 -9.53 4.67
C TYR F 437 27.51 -10.07 5.13
N ILE F 438 28.11 -10.91 4.31
CA ILE F 438 29.39 -11.46 4.70
C ILE F 438 30.46 -10.39 4.50
N VAL F 439 30.26 -9.56 3.48
CA VAL F 439 31.17 -8.48 3.19
C VAL F 439 31.16 -7.56 4.38
N GLU F 440 29.99 -7.38 4.99
CA GLU F 440 29.88 -6.52 6.15
C GLU F 440 30.79 -7.02 7.25
N PHE F 441 30.71 -8.31 7.54
CA PHE F 441 31.62 -8.84 8.54
C PHE F 441 33.07 -8.63 8.12
N LYS F 442 33.37 -8.77 6.83
CA LYS F 442 34.75 -8.62 6.35
C LYS F 442 35.38 -7.26 6.73
N GLN F 443 34.52 -6.29 7.01
CA GLN F 443 34.98 -4.98 7.38
C GLN F 443 35.70 -4.96 8.73
N TYR F 444 35.55 -6.03 9.50
CA TYR F 444 36.24 -6.19 10.79
C TYR F 444 37.67 -6.66 10.63
N LEU F 445 37.98 -7.25 9.46
CA LEU F 445 39.35 -7.65 9.13
C LEU F 445 40.22 -6.44 8.80
N LYS F 446 41.43 -6.43 9.35
CA LYS F 446 42.44 -5.41 9.00
C LYS F 446 42.86 -5.65 7.57
N PRO F 447 42.90 -4.59 6.76
CA PRO F 447 43.44 -4.67 5.42
C PRO F 447 44.92 -4.98 5.48
N TYR F 448 45.40 -5.81 4.54
CA TYR F 448 46.83 -6.16 4.46
C TYR F 448 47.70 -4.89 4.33
N THR F 449 48.87 -4.89 4.96
CA THR F 449 49.86 -3.81 4.73
C THR F 449 50.78 -4.06 3.53
N GLN F 450 51.58 -3.04 3.18
CA GLN F 450 52.70 -3.17 2.26
C GLN F 450 53.41 -4.48 2.51
N ASP F 451 53.77 -4.71 3.77
CA ASP F 451 54.72 -5.75 4.20
C ASP F 451 54.34 -7.18 3.81
N LYS F 452 53.06 -7.47 3.84
CA LYS F 452 52.58 -8.82 3.61
C LYS F 452 52.44 -9.10 2.12
N LEU F 453 52.37 -8.03 1.33
CA LEU F 453 52.08 -8.13 -0.09
C LEU F 453 53.35 -7.97 -0.91
N TYR F 454 54.36 -7.33 -0.34
CA TYR F 454 55.62 -7.00 -1.03
C TYR F 454 56.58 -8.18 -1.19
N PHE F 455 56.84 -8.57 -2.44
CA PHE F 455 57.85 -9.59 -2.80
C PHE F 455 59.22 -8.92 -2.87
N ASP F 456 60.06 -9.12 -1.86
CA ASP F 456 61.40 -8.53 -1.86
C ASP F 456 62.16 -8.77 -3.15
N GLY F 457 62.54 -7.68 -3.83
CA GLY F 457 63.36 -7.74 -5.03
C GLY F 457 62.73 -8.29 -6.31
N VAL F 458 61.40 -8.41 -6.35
CA VAL F 458 60.66 -8.89 -7.54
C VAL F 458 59.72 -7.83 -8.09
N LYS F 459 59.74 -7.66 -9.41
CA LYS F 459 58.93 -6.64 -10.07
C LYS F 459 58.38 -7.11 -11.40
N ILE F 460 57.08 -6.91 -11.62
CA ILE F 460 56.44 -7.16 -12.93
C ILE F 460 56.61 -5.93 -13.84
N THR F 461 57.30 -6.09 -14.98
CA THR F 461 57.58 -4.93 -15.87
C THR F 461 56.55 -4.77 -16.99
N ASP F 462 55.98 -5.89 -17.42
CA ASP F 462 54.93 -5.89 -18.44
C ASP F 462 54.04 -7.12 -18.32
N VAL F 463 52.78 -6.97 -18.77
CA VAL F 463 51.90 -8.09 -19.06
C VAL F 463 51.28 -7.84 -20.42
N LYS F 464 51.22 -8.90 -21.24
CA LYS F 464 50.71 -8.86 -22.60
C LYS F 464 49.67 -9.95 -22.78
N VAL F 465 48.56 -9.64 -23.43
CA VAL F 465 47.55 -10.65 -23.72
C VAL F 465 47.21 -10.77 -25.19
N ASP F 466 47.04 -12.02 -25.64
CA ASP F 466 46.47 -12.32 -26.95
C ASP F 466 45.06 -11.79 -27.01
N LYS F 467 44.58 -11.52 -28.22
CA LYS F 467 43.20 -11.08 -28.38
C LYS F 467 42.26 -12.02 -27.61
N LEU F 468 41.38 -11.46 -26.77
CA LEU F 468 40.28 -12.20 -26.16
C LEU F 468 38.95 -12.08 -26.98
N THR F 469 38.54 -13.18 -27.61
CA THR F 469 37.31 -13.20 -28.41
C THR F 469 36.32 -14.25 -27.98
N THR F 470 35.06 -13.86 -27.91
CA THR F 470 33.99 -14.83 -27.70
C THR F 470 33.24 -15.05 -29.00
N PHE F 471 32.49 -16.16 -29.03
CA PHE F 471 31.73 -16.58 -30.19
C PHE F 471 30.80 -17.69 -29.74
N PHE F 472 29.73 -17.96 -30.51
CA PHE F 472 28.86 -19.07 -30.18
C PHE F 472 29.11 -20.22 -31.12
N GLU F 473 29.15 -21.43 -30.59
CA GLU F 473 29.17 -22.58 -31.45
C GLU F 473 28.27 -23.64 -30.89
N ASN F 474 27.72 -24.43 -31.81
CA ASN F 474 26.80 -25.48 -31.49
C ASN F 474 27.39 -26.54 -30.55
N PHE F 475 26.52 -27.12 -29.73
CA PHE F 475 26.88 -28.14 -28.78
C PHE F 475 25.72 -29.12 -28.68
N GLU F 476 26.03 -30.42 -28.71
CA GLU F 476 25.01 -31.46 -28.64
C GLU F 476 25.14 -32.25 -27.36
N PHE F 477 24.01 -32.74 -26.85
CA PHE F 477 24.04 -33.70 -25.75
C PHE F 477 22.96 -34.77 -25.83
N ASP F 478 23.22 -35.91 -25.22
CA ASP F 478 22.28 -37.03 -25.23
C ASP F 478 21.12 -36.72 -24.30
N ALA F 479 19.93 -36.59 -24.87
CA ALA F 479 18.76 -36.29 -24.05
C ALA F 479 17.88 -37.52 -23.87
N SER F 480 18.45 -38.69 -24.08
CA SER F 480 17.65 -39.92 -24.13
C SER F 480 16.85 -40.28 -22.89
N ASN F 481 17.33 -39.87 -21.72
CA ASN F 481 16.56 -40.13 -20.50
C ASN F 481 15.17 -39.45 -20.37
N SER F 482 14.88 -38.47 -21.22
CA SER F 482 13.61 -37.76 -21.15
C SER F 482 12.49 -38.56 -21.81
N VAL F 483 12.87 -39.61 -22.51
CA VAL F 483 12.00 -40.38 -23.40
C VAL F 483 11.78 -41.79 -22.84
N TYR F 484 10.62 -42.37 -23.14
CA TYR F 484 10.26 -43.70 -22.69
C TYR F 484 10.29 -44.70 -23.86
N PHE F 485 10.95 -45.83 -23.65
CA PHE F 485 11.07 -46.76 -24.73
C PHE F 485 10.19 -47.96 -24.47
N SER F 486 9.89 -48.69 -25.54
CA SER F 486 9.08 -49.88 -25.47
C SER F 486 9.86 -51.06 -24.93
N LYS F 487 9.14 -52.11 -24.56
CA LYS F 487 9.77 -53.30 -24.03
C LYS F 487 10.82 -53.82 -25.02
N GLU F 488 10.46 -53.85 -26.31
CA GLU F 488 11.38 -54.30 -27.37
C GLU F 488 12.61 -53.43 -27.48
N GLU F 489 12.42 -52.13 -27.62
CA GLU F 489 13.55 -51.20 -27.71
C GLU F 489 14.48 -51.32 -26.48
N ILE F 490 13.89 -51.58 -25.30
CA ILE F 490 14.67 -51.70 -24.09
C ILE F 490 15.55 -52.95 -24.14
N LYS F 491 15.01 -54.03 -24.71
CA LYS F 491 15.74 -55.29 -24.95
C LYS F 491 16.93 -55.10 -25.87
N ASN F 492 16.67 -54.77 -27.15
CA ASN F 492 17.68 -54.51 -28.20
C ASN F 492 18.62 -53.35 -27.88
N ASN F 493 18.40 -52.69 -26.74
CA ASN F 493 19.17 -51.54 -26.31
C ASN F 493 19.34 -50.33 -27.27
N HIS F 494 18.37 -50.12 -28.19
CA HIS F 494 18.23 -48.86 -28.97
C HIS F 494 17.53 -47.84 -28.06
N VAL F 495 18.33 -47.13 -27.26
CA VAL F 495 17.85 -46.34 -26.14
C VAL F 495 18.64 -45.03 -26.00
N HIS F 496 19.35 -44.64 -27.05
CA HIS F 496 20.33 -43.55 -27.00
C HIS F 496 20.13 -42.59 -28.16
N ASP F 497 18.92 -42.43 -28.67
CA ASP F 497 18.85 -41.85 -30.01
C ASP F 497 18.41 -40.38 -30.12
N VAL F 498 18.43 -39.66 -28.99
CA VAL F 498 17.91 -38.29 -28.95
C VAL F 498 18.96 -37.28 -28.49
N LYS F 499 19.31 -36.36 -29.37
CA LYS F 499 20.36 -35.38 -29.07
C LYS F 499 19.75 -34.02 -29.20
N VAL F 500 20.20 -33.10 -28.36
CA VAL F 500 19.77 -31.71 -28.42
C VAL F 500 20.96 -30.84 -28.81
N ARG F 501 20.73 -30.01 -29.82
CA ARG F 501 21.71 -29.13 -30.42
C ARG F 501 21.35 -27.72 -29.99
N GLN F 502 22.31 -26.98 -29.43
CA GLN F 502 22.02 -25.69 -28.81
C GLN F 502 23.28 -24.86 -28.87
N PRO F 503 23.17 -23.58 -29.28
CA PRO F 503 24.40 -22.78 -29.31
C PRO F 503 24.89 -22.42 -27.90
N ARG F 504 26.17 -22.63 -27.62
CA ARG F 504 26.69 -22.21 -26.35
C ARG F 504 27.84 -21.28 -26.57
N LEU F 505 28.07 -20.44 -25.57
CA LEU F 505 29.17 -19.46 -25.59
C LEU F 505 30.47 -20.23 -25.54
N ASN F 506 31.50 -19.64 -26.14
CA ASN F 506 32.83 -20.19 -26.13
C ASN F 506 33.81 -19.06 -26.38
N HIS F 507 35.11 -19.37 -26.37
CA HIS F 507 36.14 -18.39 -26.65
C HIS F 507 37.38 -19.01 -27.23
N SER F 508 38.13 -18.22 -28.01
CA SER F 508 39.39 -18.66 -28.56
C SER F 508 40.44 -18.73 -27.46
N PRO F 509 41.34 -19.74 -27.54
CA PRO F 509 42.51 -19.83 -26.68
C PRO F 509 43.38 -18.56 -26.75
N PHE F 510 43.91 -18.13 -25.60
CA PHE F 510 44.74 -16.93 -25.57
C PHE F 510 45.86 -17.05 -24.55
N ASN F 511 46.99 -16.43 -24.86
CA ASN F 511 48.15 -16.45 -23.99
C ASN F 511 48.34 -15.21 -23.16
N VAL F 512 49.08 -15.36 -22.06
CA VAL F 512 49.39 -14.27 -21.17
C VAL F 512 50.88 -14.29 -20.89
N ASN F 513 51.56 -13.22 -21.26
CA ASN F 513 52.97 -13.09 -21.08
C ASN F 513 53.19 -12.22 -19.88
N ILE F 514 53.88 -12.76 -18.88
CA ILE F 514 54.31 -11.99 -17.74
C ILE F 514 55.81 -11.82 -17.81
N GLU F 515 56.28 -10.57 -17.79
CA GLU F 515 57.70 -10.30 -17.72
C GLU F 515 58.09 -9.81 -16.32
N VAL F 516 58.91 -10.60 -15.63
CA VAL F 516 59.29 -10.25 -14.26
C VAL F 516 60.79 -10.06 -14.10
N ASP F 517 61.15 -9.10 -13.25
CA ASP F 517 62.52 -8.95 -12.76
C ASP F 517 62.64 -9.41 -11.33
N SER F 518 63.66 -10.23 -11.07
CA SER F 518 64.04 -10.59 -9.70
C SER F 518 65.56 -10.76 -9.57
N ASN F 519 66.12 -10.18 -8.53
CA ASN F 519 67.53 -10.30 -8.27
C ASN F 519 67.91 -11.64 -7.67
N VAL F 520 67.04 -12.14 -6.79
CA VAL F 520 67.29 -13.41 -6.11
C VAL F 520 66.30 -14.45 -6.62
N ALA F 521 66.85 -15.56 -7.12
CA ALA F 521 66.10 -16.74 -7.55
C ALA F 521 65.28 -17.30 -6.42
N SER F 522 64.09 -17.82 -6.73
CA SER F 522 63.21 -18.44 -5.73
C SER F 522 61.88 -18.86 -6.33
N ASP F 523 61.19 -19.75 -5.61
CA ASP F 523 59.88 -20.24 -5.99
C ASP F 523 58.81 -19.19 -5.77
N ALA F 524 57.81 -19.16 -6.64
CA ALA F 524 56.78 -18.13 -6.58
C ALA F 524 55.42 -18.61 -7.04
N VAL F 525 54.37 -18.02 -6.49
CA VAL F 525 53.01 -18.25 -6.96
C VAL F 525 52.60 -17.10 -7.88
N VAL F 526 51.93 -17.47 -8.97
CA VAL F 526 51.44 -16.54 -9.95
C VAL F 526 49.93 -16.66 -9.93
N LYS F 527 49.24 -15.53 -9.77
CA LYS F 527 47.80 -15.57 -9.75
C LYS F 527 47.20 -14.62 -10.75
N ILE F 528 46.20 -15.11 -11.48
CA ILE F 528 45.50 -14.32 -12.51
C ILE F 528 44.00 -14.07 -12.17
N PHE F 529 43.62 -12.80 -12.15
CA PHE F 529 42.24 -12.36 -11.83
C PHE F 529 41.68 -11.47 -12.93
N LEU F 530 40.39 -11.60 -13.19
CA LEU F 530 39.67 -10.74 -14.16
C LEU F 530 38.64 -9.85 -13.45
N ALA F 531 38.51 -8.61 -13.91
CA ALA F 531 37.64 -7.61 -13.27
C ALA F 531 37.13 -6.56 -14.24
N PRO F 532 36.03 -5.87 -13.85
CA PRO F 532 35.49 -4.76 -14.66
C PRO F 532 36.45 -3.59 -14.60
N LYS F 533 36.30 -2.65 -15.51
CA LYS F 533 37.18 -1.51 -15.53
C LYS F 533 36.43 -0.27 -15.10
N TYR F 534 35.13 -0.21 -15.45
CA TYR F 534 34.26 0.95 -15.17
C TYR F 534 32.94 0.49 -14.54
N ASP F 535 32.32 1.32 -13.71
CA ASP F 535 30.88 1.13 -13.38
C ASP F 535 30.01 1.54 -14.59
N ASP F 536 28.71 1.72 -14.39
CA ASP F 536 27.77 2.14 -15.46
C ASP F 536 27.94 3.58 -15.92
N ASN F 537 28.36 4.45 -14.99
CA ASN F 537 28.69 5.85 -15.30
C ASN F 537 30.02 6.01 -16.06
N GLY F 538 30.76 4.91 -16.16
CA GLY F 538 32.03 4.91 -16.86
C GLY F 538 33.13 5.57 -16.06
N ILE F 539 33.04 5.45 -14.75
CA ILE F 539 34.11 5.91 -13.89
C ILE F 539 34.96 4.68 -13.54
N PRO F 540 36.30 4.82 -13.58
CA PRO F 540 37.15 3.66 -13.27
C PRO F 540 36.87 3.05 -11.89
N LEU F 541 36.82 1.72 -11.82
CA LEU F 541 36.75 0.99 -10.56
C LEU F 541 37.93 1.32 -9.66
N THR F 542 37.62 1.86 -8.48
CA THR F 542 38.57 1.92 -7.38
C THR F 542 38.56 0.55 -6.69
N LEU F 543 39.70 0.15 -6.16
CA LEU F 543 39.80 -1.12 -5.46
C LEU F 543 39.02 -1.17 -4.16
N GLU F 544 39.05 -0.05 -3.44
CA GLU F 544 38.32 0.14 -2.20
C GLU F 544 36.90 -0.43 -2.29
N ASP F 545 36.22 -0.11 -3.38
CA ASP F 545 34.81 -0.48 -3.51
C ASP F 545 34.63 -1.81 -4.19
N ASN F 546 35.55 -2.12 -5.09
CA ASN F 546 35.28 -3.17 -6.08
C ASN F 546 36.11 -4.45 -5.99
N TRP F 547 36.66 -4.72 -4.82
CA TRP F 547 37.50 -5.90 -4.66
C TRP F 547 36.79 -7.23 -4.76
N MET F 548 35.47 -7.21 -4.64
CA MET F 548 34.69 -8.42 -4.61
C MET F 548 34.11 -8.71 -5.97
N LYS F 549 34.45 -7.88 -6.94
CA LYS F 549 33.96 -8.06 -8.31
C LYS F 549 35.07 -8.69 -9.16
N PHE F 550 36.15 -9.12 -8.51
CA PHE F 550 37.24 -9.84 -9.16
C PHE F 550 37.02 -11.33 -9.23
N PHE F 551 37.24 -11.87 -10.41
CA PHE F 551 36.98 -13.26 -10.75
C PHE F 551 38.32 -13.98 -11.00
N GLU F 552 38.56 -15.09 -10.31
CA GLU F 552 39.87 -15.76 -10.38
C GLU F 552 39.94 -16.62 -11.63
N LEU F 553 40.91 -16.36 -12.51
CA LEU F 553 41.10 -17.20 -13.70
C LEU F 553 42.14 -18.32 -13.52
N ASP F 554 43.24 -18.04 -12.80
CA ASP F 554 44.31 -19.02 -12.68
C ASP F 554 45.23 -18.89 -11.46
N TRP F 555 45.64 -20.06 -10.98
CA TRP F 555 46.59 -20.29 -9.89
C TRP F 555 47.76 -21.13 -10.47
N PHE F 556 49.00 -20.67 -10.33
CA PHE F 556 50.18 -21.58 -10.52
C PHE F 556 51.54 -21.14 -9.88
N THR F 557 52.52 -22.04 -9.91
CA THR F 557 53.88 -21.73 -9.42
C THR F 557 54.94 -21.79 -10.51
N THR F 558 56.00 -21.02 -10.35
CA THR F 558 57.19 -21.13 -11.20
C THR F 558 58.46 -20.92 -10.39
N LYS F 559 59.59 -21.15 -11.05
CA LYS F 559 60.91 -20.92 -10.47
C LYS F 559 61.43 -19.59 -11.01
N LEU F 560 61.66 -18.60 -10.16
CA LEU F 560 62.33 -17.37 -10.62
C LEU F 560 63.84 -17.54 -10.63
N THR F 561 64.50 -16.89 -11.60
CA THR F 561 65.97 -16.76 -11.60
C THR F 561 66.42 -15.29 -11.51
N ALA F 562 67.64 -15.06 -11.04
CA ALA F 562 68.24 -13.74 -11.09
C ALA F 562 68.13 -13.21 -12.53
N GLY F 563 67.74 -11.95 -12.68
CA GLY F 563 67.66 -11.32 -13.99
C GLY F 563 66.23 -11.09 -14.42
N GLN F 564 65.93 -11.38 -15.67
CA GLN F 564 64.59 -11.19 -16.24
C GLN F 564 64.02 -12.49 -16.81
N ASN F 565 62.76 -12.75 -16.46
CA ASN F 565 62.09 -13.93 -16.97
C ASN F 565 60.86 -13.57 -17.78
N LYS F 566 60.47 -14.47 -18.68
CA LYS F 566 59.21 -14.41 -19.40
C LYS F 566 58.36 -15.60 -19.00
N ILE F 567 57.20 -15.35 -18.42
CA ILE F 567 56.30 -16.44 -18.09
C ILE F 567 55.08 -16.45 -19.04
N ILE F 568 54.90 -17.55 -19.75
CA ILE F 568 53.82 -17.72 -20.70
C ILE F 568 52.81 -18.74 -20.14
N ARG F 569 51.52 -18.43 -20.23
CA ARG F 569 50.48 -19.33 -19.74
C ARG F 569 49.26 -19.25 -20.65
N ASN F 570 48.88 -20.40 -21.19
CA ASN F 570 47.74 -20.50 -22.07
C ASN F 570 46.47 -20.59 -21.27
N SER F 571 45.38 -20.09 -21.88
CA SER F 571 44.08 -20.08 -21.26
C SER F 571 43.61 -21.49 -21.00
N ASN F 572 44.16 -22.44 -21.76
CA ASN F 572 43.65 -23.79 -21.62
C ASN F 572 44.48 -24.65 -20.65
N GLU F 573 45.49 -24.01 -20.06
CA GLU F 573 46.23 -24.54 -18.90
C GLU F 573 45.66 -23.96 -17.59
N PHE F 574 44.71 -23.05 -17.70
CA PHE F 574 44.11 -22.45 -16.52
C PHE F 574 43.51 -23.53 -15.62
N VAL F 575 43.94 -23.56 -14.36
CA VAL F 575 43.60 -24.66 -13.43
C VAL F 575 42.12 -24.70 -12.93
N ILE F 576 41.47 -23.54 -12.95
CA ILE F 576 40.14 -23.35 -12.37
C ILE F 576 39.02 -23.71 -13.34
N PHE F 577 39.37 -24.16 -14.55
CA PHE F 577 38.38 -24.48 -15.56
C PHE F 577 38.56 -25.86 -16.17
N LYS F 578 37.49 -26.43 -16.71
CA LYS F 578 37.56 -27.74 -17.35
C LYS F 578 36.96 -27.75 -18.77
N GLU F 579 37.23 -28.82 -19.51
CA GLU F 579 36.65 -29.04 -20.83
C GLU F 579 35.26 -29.61 -20.66
N ASP F 580 34.49 -29.59 -21.73
CA ASP F 580 33.16 -30.15 -21.73
C ASP F 580 33.23 -31.64 -21.42
N SER F 581 32.23 -32.16 -20.70
CA SER F 581 32.08 -33.59 -20.55
C SER F 581 31.84 -34.21 -21.90
N VAL F 582 32.22 -35.47 -22.06
CA VAL F 582 31.84 -36.21 -23.24
C VAL F 582 30.58 -37.05 -22.93
N PRO F 583 29.71 -37.24 -23.95
CA PRO F 583 28.52 -38.07 -23.75
C PRO F 583 28.88 -39.47 -23.28
N MET F 584 28.00 -40.07 -22.48
CA MET F 584 28.28 -41.36 -21.86
C MET F 584 28.47 -42.48 -22.90
N THR F 585 27.81 -42.30 -24.05
CA THR F 585 28.02 -43.14 -25.23
C THR F 585 29.49 -43.18 -25.69
N GLU F 586 30.13 -42.02 -25.73
CA GLU F 586 31.53 -41.94 -26.09
C GLU F 586 32.47 -42.48 -25.02
N ILE F 587 32.00 -42.47 -23.78
CA ILE F 587 32.74 -43.04 -22.66
C ILE F 587 32.77 -44.56 -22.79
N MET F 588 31.71 -45.14 -23.35
CA MET F 588 31.68 -46.57 -23.63
C MET F 588 32.69 -46.95 -24.74
N LYS F 589 32.72 -46.15 -25.82
CA LYS F 589 33.70 -46.30 -26.90
C LYS F 589 35.09 -46.31 -26.31
N MET F 590 35.37 -45.31 -25.48
CA MET F 590 36.71 -45.15 -24.90
C MET F 590 37.09 -46.24 -23.91
N LEU F 591 36.16 -46.65 -23.05
CA LEU F 591 36.41 -47.73 -22.12
C LEU F 591 36.77 -49.04 -22.82
N ASP F 592 36.42 -49.16 -24.09
CA ASP F 592 36.78 -50.32 -24.91
C ASP F 592 38.26 -50.29 -25.33
N GLU F 593 38.85 -49.10 -25.32
CA GLU F 593 40.27 -48.91 -25.55
C GLU F 593 41.03 -48.86 -24.21
N GLY F 594 40.31 -48.78 -23.10
CA GLY F 594 40.94 -48.62 -21.80
C GLY F 594 41.29 -47.17 -21.50
N LYS F 595 40.39 -46.25 -21.86
CA LYS F 595 40.57 -44.82 -21.59
C LYS F 595 39.35 -44.14 -20.93
N VAL F 596 39.62 -43.07 -20.18
CA VAL F 596 38.58 -42.20 -19.63
C VAL F 596 39.05 -40.76 -19.83
N PRO F 597 38.11 -39.85 -20.17
CA PRO F 597 38.48 -38.44 -20.31
C PRO F 597 38.83 -37.78 -18.96
N PHE F 598 40.06 -37.26 -18.87
CA PHE F 598 40.68 -36.73 -17.63
C PHE F 598 39.81 -35.75 -16.86
N ASP F 599 39.21 -34.80 -17.58
CA ASP F 599 38.47 -33.70 -16.96
C ASP F 599 37.15 -34.14 -16.36
N MET F 600 36.68 -35.31 -16.74
CA MET F 600 35.50 -35.86 -16.10
C MET F 600 35.83 -36.55 -14.76
N SER F 601 37.11 -36.93 -14.58
CA SER F 601 37.52 -37.76 -13.44
C SER F 601 37.92 -36.98 -12.19
N GLU F 602 38.78 -35.97 -12.37
CA GLU F 602 39.28 -35.22 -11.21
C GLU F 602 39.04 -33.73 -11.33
N GLU F 603 38.50 -33.32 -12.46
CA GLU F 603 38.10 -31.93 -12.67
C GLU F 603 36.59 -31.78 -12.86
N PHE F 604 35.84 -32.79 -12.40
CA PHE F 604 34.35 -32.81 -12.32
C PHE F 604 33.64 -31.46 -12.10
N CYS F 605 34.06 -30.74 -11.07
CA CYS F 605 33.28 -29.62 -10.48
C CYS F 605 33.87 -28.24 -10.68
N TYR F 606 34.75 -28.08 -11.67
CA TYR F 606 35.18 -26.75 -12.07
C TYR F 606 34.19 -26.22 -13.10
N MET F 607 34.22 -24.91 -13.31
CA MET F 607 33.42 -24.25 -14.34
C MET F 607 33.90 -24.63 -15.73
N PRO F 608 32.98 -24.73 -16.71
CA PRO F 608 33.44 -25.06 -18.06
C PRO F 608 34.27 -23.91 -18.65
N LYS F 609 35.39 -24.26 -19.30
CA LYS F 609 36.29 -23.30 -19.97
C LYS F 609 35.56 -22.33 -20.92
N ARG F 610 34.64 -22.87 -21.72
CA ARG F 610 33.93 -22.05 -22.69
C ARG F 610 33.22 -20.84 -22.12
N LEU F 611 32.79 -20.95 -20.87
CA LEU F 611 32.15 -19.88 -20.13
C LEU F 611 33.14 -19.02 -19.33
N MET F 612 34.43 -19.18 -19.57
CA MET F 612 35.43 -18.44 -18.82
C MET F 612 35.23 -16.94 -18.92
N LEU F 613 35.07 -16.44 -20.14
CA LEU F 613 34.91 -15.03 -20.43
C LEU F 613 33.43 -14.67 -20.65
N PRO F 614 33.02 -13.45 -20.24
CA PRO F 614 31.67 -12.91 -20.55
C PRO F 614 31.58 -12.73 -22.04
N ARG F 615 30.38 -12.79 -22.60
CA ARG F 615 30.25 -12.46 -24.02
C ARG F 615 30.74 -11.04 -24.31
N GLY F 616 31.71 -10.95 -25.21
CA GLY F 616 32.24 -9.65 -25.65
C GLY F 616 31.28 -8.81 -26.48
N THR F 617 31.71 -7.61 -26.80
CA THR F 617 31.01 -6.81 -27.78
C THR F 617 31.88 -6.73 -29.01
N GLU F 618 31.30 -6.34 -30.13
CA GLU F 618 32.04 -6.40 -31.38
C GLU F 618 33.10 -5.29 -31.45
N GLY F 619 32.88 -4.19 -30.72
CA GLY F 619 33.88 -3.11 -30.57
C GLY F 619 34.95 -3.39 -29.51
N GLY F 620 34.66 -4.34 -28.63
CA GLY F 620 35.62 -4.80 -27.61
C GLY F 620 35.30 -4.19 -26.27
N PHE F 621 34.77 -4.99 -25.37
CA PHE F 621 34.34 -4.49 -24.06
C PHE F 621 35.49 -4.34 -23.07
N PRO F 622 35.57 -3.19 -22.35
CA PRO F 622 36.69 -2.97 -21.43
C PRO F 622 36.64 -3.75 -20.10
N PHE F 623 37.63 -4.62 -19.92
CA PHE F 623 37.89 -5.22 -18.62
C PHE F 623 39.32 -4.94 -18.12
N GLN F 624 39.60 -5.38 -16.89
CA GLN F 624 40.99 -5.44 -16.46
C GLN F 624 41.45 -6.79 -15.93
N LEU F 625 42.74 -7.02 -16.10
CA LEU F 625 43.36 -8.26 -15.74
C LEU F 625 44.33 -7.93 -14.63
N PHE F 626 44.21 -8.69 -13.55
CA PHE F 626 45.05 -8.46 -12.38
C PHE F 626 45.96 -9.65 -12.19
N VAL F 627 47.24 -9.36 -12.01
CA VAL F 627 48.27 -10.37 -11.94
C VAL F 627 49.15 -10.15 -10.69
N PHE F 628 49.18 -11.19 -9.87
CA PHE F 628 49.79 -11.15 -8.55
C PHE F 628 50.86 -12.21 -8.53
N VAL F 629 52.04 -11.87 -8.02
CA VAL F 629 53.17 -12.82 -7.88
C VAL F 629 53.76 -12.68 -6.47
N TYR F 630 53.80 -13.79 -5.75
CA TYR F 630 54.20 -13.80 -4.35
C TYR F 630 54.90 -15.12 -3.99
N PRO F 631 55.66 -15.14 -2.89
CA PRO F 631 56.51 -16.31 -2.69
C PRO F 631 55.74 -17.54 -2.24
N PHE F 632 56.04 -18.67 -2.89
CA PHE F 632 55.59 -20.02 -2.51
C PHE F 632 56.59 -20.56 -1.48
N ASP F 633 56.48 -20.10 -0.23
CA ASP F 633 57.54 -20.28 0.81
C ASP F 633 57.91 -21.75 1.10
N ASN F 634 56.93 -22.47 1.63
CA ASN F 634 56.95 -23.90 1.79
C ASN F 634 55.53 -24.24 1.36
N LYS F 635 54.92 -25.24 1.97
CA LYS F 635 53.49 -25.49 1.83
C LYS F 635 52.97 -25.94 3.20
N GLY F 636 53.19 -25.09 4.21
CA GLY F 636 52.78 -25.36 5.59
C GLY F 636 51.43 -26.05 5.67
N LYS F 637 50.43 -25.46 5.04
CA LYS F 637 49.11 -26.08 4.95
C LYS F 637 48.53 -25.89 3.55
N ASP F 638 48.28 -27.00 2.87
CA ASP F 638 47.72 -26.97 1.52
C ASP F 638 46.49 -27.88 1.31
N LEU F 639 45.49 -27.32 0.62
CA LEU F 639 44.24 -28.00 0.26
C LEU F 639 44.48 -29.13 -0.76
N ALA F 640 44.19 -30.35 -0.36
CA ALA F 640 44.18 -31.50 -1.28
C ALA F 640 42.95 -32.43 -1.07
N PRO F 641 42.01 -32.04 -0.17
CA PRO F 641 40.95 -32.93 0.29
C PRO F 641 39.71 -32.92 -0.61
N PHE F 642 38.94 -31.83 -0.59
CA PHE F 642 37.87 -31.62 -1.57
C PHE F 642 38.49 -31.08 -2.84
N GLU F 643 39.14 -29.92 -2.74
CA GLU F 643 39.65 -29.22 -3.91
C GLU F 643 41.19 -29.18 -3.97
N SER F 644 41.76 -29.49 -5.14
CA SER F 644 43.21 -29.34 -5.39
C SER F 644 43.52 -27.85 -5.59
N PHE F 645 43.01 -27.03 -4.66
CA PHE F 645 42.80 -25.59 -4.86
C PHE F 645 43.84 -24.65 -4.22
N VAL F 646 43.77 -24.45 -2.91
CA VAL F 646 44.74 -23.55 -2.26
C VAL F 646 45.86 -24.37 -1.60
N LEU F 647 46.89 -24.62 -2.42
CA LEU F 647 48.11 -25.29 -2.00
C LEU F 647 48.91 -24.30 -1.14
N ASP F 648 48.17 -23.39 -0.49
CA ASP F 648 48.72 -22.27 0.24
C ASP F 648 48.09 -22.06 1.61
N ASN F 649 48.89 -21.50 2.51
CA ASN F 649 48.43 -20.99 3.78
C ASN F 649 47.61 -19.73 3.61
N LYS F 650 47.26 -19.45 2.36
CA LYS F 650 46.62 -18.21 1.98
C LYS F 650 45.12 -18.38 1.92
N PRO F 651 44.36 -17.36 2.38
CA PRO F 651 42.91 -17.33 2.23
C PRO F 651 42.54 -17.50 0.78
N LEU F 652 41.34 -18.03 0.50
CA LEU F 652 40.88 -18.16 -0.88
C LEU F 652 40.61 -16.77 -1.44
N GLY F 653 40.98 -16.55 -2.69
CA GLY F 653 40.89 -15.22 -3.29
C GLY F 653 41.96 -14.26 -2.80
N PHE F 654 43.00 -14.80 -2.15
CA PHE F 654 44.17 -14.01 -1.73
C PHE F 654 44.74 -13.37 -2.98
N PRO F 655 44.96 -12.04 -2.96
CA PRO F 655 44.87 -11.12 -1.84
C PRO F 655 43.59 -10.26 -1.81
N LEU F 656 42.58 -10.67 -2.56
CA LEU F 656 41.32 -9.93 -2.66
C LEU F 656 40.23 -10.62 -1.83
N ASP F 657 40.58 -11.05 -0.63
CA ASP F 657 39.68 -11.82 0.23
C ASP F 657 39.14 -10.91 1.34
N ARG F 658 39.55 -9.64 1.32
CA ARG F 658 39.18 -8.69 2.37
C ARG F 658 39.31 -7.25 1.87
N PRO F 659 38.73 -6.28 2.60
CA PRO F 659 38.78 -4.94 2.01
C PRO F 659 40.19 -4.40 1.84
N VAL F 660 40.41 -3.73 0.70
CA VAL F 660 41.70 -3.16 0.32
C VAL F 660 41.82 -1.65 0.44
N VAL F 661 43.05 -1.18 0.66
CA VAL F 661 43.33 0.26 0.58
C VAL F 661 44.20 0.52 -0.64
N ASP F 662 43.61 1.06 -1.71
CA ASP F 662 44.35 1.49 -2.91
C ASP F 662 45.78 1.94 -2.63
N ALA F 663 45.95 2.90 -1.73
CA ALA F 663 47.26 3.44 -1.37
C ALA F 663 48.22 2.43 -0.73
N LEU F 664 47.75 1.61 0.20
CA LEU F 664 48.61 0.62 0.90
C LEU F 664 48.70 -0.73 0.21
N PHE F 665 48.22 -0.79 -1.04
CA PHE F 665 47.97 -2.04 -1.73
C PHE F 665 48.96 -2.29 -2.84
N LYS F 666 48.88 -1.52 -3.93
CA LYS F 666 49.84 -1.58 -5.06
C LYS F 666 51.29 -1.68 -4.61
N VAL F 667 51.99 -2.70 -5.12
CA VAL F 667 53.43 -2.87 -4.89
C VAL F 667 54.03 -3.31 -6.23
N PRO F 668 55.38 -3.27 -6.36
CA PRO F 668 56.11 -3.66 -7.59
C PRO F 668 55.73 -5.02 -8.19
N ASN F 669 55.32 -5.96 -7.37
CA ASN F 669 54.89 -7.28 -7.86
C ASN F 669 53.38 -7.42 -8.15
N MET F 670 52.70 -6.32 -8.43
CA MET F 670 51.33 -6.38 -8.96
C MET F 670 51.22 -5.61 -10.25
N TYR F 671 50.36 -6.10 -11.13
CA TYR F 671 50.17 -5.45 -12.39
C TYR F 671 48.72 -5.49 -12.78
N PHE F 672 48.17 -4.31 -12.96
CA PHE F 672 46.85 -4.18 -13.58
C PHE F 672 47.00 -3.82 -15.05
N LYS F 673 46.51 -4.70 -15.91
CA LYS F 673 46.45 -4.40 -17.34
C LYS F 673 45.02 -4.33 -17.86
N ASP F 674 44.73 -3.23 -18.55
CA ASP F 674 43.55 -3.02 -19.35
C ASP F 674 43.41 -3.99 -20.52
N ILE F 675 42.28 -4.64 -20.56
CA ILE F 675 42.05 -5.69 -21.51
C ILE F 675 40.67 -5.47 -22.19
N PHE F 676 40.49 -5.97 -23.41
CA PHE F 676 39.23 -5.74 -24.15
C PHE F 676 38.66 -7.04 -24.68
N ILE F 677 37.38 -7.29 -24.45
CA ILE F 677 36.82 -8.59 -24.82
C ILE F 677 35.94 -8.47 -26.06
N TYR F 678 36.36 -9.15 -27.12
CA TYR F 678 35.70 -9.07 -28.41
C TYR F 678 34.67 -10.17 -28.59
N HIS F 679 33.94 -10.10 -29.70
CA HIS F 679 33.01 -11.16 -30.09
C HIS F 679 33.00 -11.28 -31.60
N GLU F 680 32.98 -12.53 -32.09
CA GLU F 680 32.98 -12.82 -33.52
C GLU F 680 31.76 -13.63 -33.92
N GLY F 681 31.35 -13.50 -35.17
CA GLY F 681 30.15 -14.13 -35.68
C GLY F 681 28.88 -13.58 -35.07
N GLU F 682 27.80 -14.33 -35.19
CA GLU F 682 26.49 -13.91 -34.70
C GLU F 682 26.56 -13.50 -33.26
N ARG F 683 25.90 -12.38 -32.96
CA ARG F 683 25.78 -11.89 -31.60
C ARG F 683 24.73 -12.66 -30.82
N PHE F 684 23.76 -13.20 -31.56
CA PHE F 684 22.56 -13.79 -30.97
C PHE F 684 22.36 -15.25 -31.28
N PRO F 685 22.31 -16.06 -30.24
CA PRO F 685 22.12 -17.51 -30.28
C PRO F 685 21.04 -17.99 -31.25
N TYR F 686 19.93 -17.26 -31.35
CA TYR F 686 18.77 -17.74 -32.09
C TYR F 686 19.11 -17.80 -33.57
N LYS F 687 20.07 -16.98 -33.96
CA LYS F 687 20.54 -16.93 -35.32
C LYS F 687 21.14 -18.27 -35.80
N PHE F 688 21.40 -19.18 -34.87
CA PHE F 688 22.04 -20.46 -35.17
C PHE F 688 20.97 -21.53 -35.38
N ASN F 689 19.75 -21.18 -35.02
CA ASN F 689 18.68 -22.16 -35.08
C ASN F 689 17.63 -21.86 -36.14
N ILE F 690 17.97 -20.95 -37.05
CA ILE F 690 17.09 -20.62 -38.16
C ILE F 690 17.20 -21.71 -39.23
N PRO F 691 16.06 -22.20 -39.72
CA PRO F 691 16.28 -23.17 -40.78
C PRO F 691 16.44 -22.51 -42.17
N SER F 692 17.52 -22.78 -42.88
CA SER F 692 17.46 -22.52 -44.30
C SER F 692 18.31 -23.53 -45.05
C1 NAG G . -17.28 17.33 33.14
C2 NAG G . -17.74 16.71 34.45
C3 NAG G . -16.86 17.09 35.61
C4 NAG G . -15.40 16.94 35.24
C5 NAG G . -15.17 17.82 34.03
C6 NAG G . -13.74 17.83 33.56
C7 NAG G . -20.03 16.16 34.64
C8 NAG G . -21.46 16.44 35.01
N2 NAG G . -19.10 17.09 34.80
O3 NAG G . -17.20 16.31 36.73
O4 NAG G . -14.60 17.47 36.27
O5 NAG G . -15.90 17.25 33.00
O6 NAG G . -13.31 16.53 33.82
O7 NAG G . -19.68 15.05 34.22
C1 NAG G . -14.08 16.49 37.16
C2 NAG G . -12.97 17.27 37.81
C3 NAG G . -12.32 16.48 38.91
C4 NAG G . -13.36 15.99 39.91
C5 NAG G . -14.29 15.14 39.03
C6 NAG G . -15.21 14.13 39.71
C7 NAG G . -11.27 18.65 36.67
C8 NAG G . -10.43 18.75 35.43
N2 NAG G . -12.05 17.57 36.74
O3 NAG G . -11.52 17.43 39.49
O4 NAG G . -12.70 15.22 40.90
O5 NAG G . -14.96 16.04 38.17
O6 NAG G . -16.49 14.70 39.91
O7 NAG G . -11.22 19.50 37.55
C1 BMA G . -12.72 15.67 42.27
C2 BMA G . -12.58 14.40 43.11
C3 BMA G . -12.52 14.68 44.62
C4 BMA G . -11.60 15.85 44.95
C5 BMA G . -11.81 17.04 44.03
C6 BMA G . -10.98 18.24 44.57
O2 BMA G . -11.44 13.62 42.71
O3 BMA G . -12.13 13.54 45.41
O4 BMA G . -11.99 16.29 46.24
O5 BMA G . -11.72 16.63 42.63
O6 BMA G . -9.82 18.75 43.87
C1 MAN G . -13.21 12.57 45.45
C2 MAN G . -13.64 12.28 46.90
C3 MAN G . -12.58 11.47 47.64
C4 MAN G . -12.01 10.32 46.77
C5 MAN G . -11.82 10.62 45.28
C6 MAN G . -11.67 9.34 44.46
O2 MAN G . -14.82 11.53 46.88
O3 MAN G . -13.17 10.99 48.85
O4 MAN G . -10.75 9.93 47.28
O5 MAN G . -12.92 11.34 44.74
O6 MAN G . -10.34 8.87 44.57
C1 BMA G . -8.69 17.87 44.02
C2 BMA G . -7.81 17.78 42.75
C3 BMA G . -6.65 16.76 42.92
C4 BMA G . -6.02 16.84 44.34
C5 BMA G . -7.25 16.77 45.23
C6 BMA G . -7.18 15.93 46.54
O2 BMA G . -7.36 19.06 42.36
O3 BMA G . -5.69 16.82 41.88
O4 BMA G . -5.19 15.73 44.59
O5 BMA G . -7.91 18.02 45.21
O6 BMA G . -5.99 16.20 47.22
C1 NAG H . -7.19 -40.03 -7.02
C2 NAG H . -6.14 -41.12 -7.26
C3 NAG H . -6.09 -42.14 -6.14
C4 NAG H . -6.04 -41.52 -4.75
C5 NAG H . -7.16 -40.49 -4.65
C6 NAG H . -7.05 -39.74 -3.32
C7 NAG H . -6.14 -41.69 -9.64
C8 NAG H . -6.57 -42.67 -10.68
N2 NAG H . -6.50 -41.94 -8.40
O3 NAG H . -5.00 -43.02 -6.38
O4 NAG H . -6.21 -42.51 -3.76
O5 NAG H . -7.07 -39.55 -5.71
O6 NAG H . -5.92 -38.88 -3.36
O7 NAG H . -5.47 -40.72 -9.94
C1 NAG H . -4.98 -42.71 -3.03
C2 NAG H . -5.30 -43.03 -1.57
C3 NAG H . -4.10 -43.69 -0.86
C4 NAG H . -3.49 -44.82 -1.68
C5 NAG H . -3.08 -44.21 -3.03
C6 NAG H . -2.43 -45.22 -3.96
C7 NAG H . -6.72 -41.61 -0.13
C8 NAG H . -6.88 -40.24 0.47
N2 NAG H . -5.63 -41.79 -0.87
O3 NAG H . -4.51 -44.16 0.40
O4 NAG H . -2.40 -45.36 -0.95
O5 NAG H . -4.22 -43.71 -3.69
O6 NAG H . -2.87 -45.00 -5.29
O7 NAG H . -7.58 -42.48 0.06
C1 BMA H . -2.03 -46.61 -1.40
C2 BMA H . -0.57 -46.91 -1.11
C3 BMA H . -0.43 -48.33 -0.51
C4 BMA H . -1.54 -48.64 0.50
C5 BMA H . -2.90 -47.96 0.22
C6 BMA H . -3.84 -48.01 1.43
O2 BMA H . -0.11 -45.92 -0.21
O3 BMA H . 0.83 -48.59 0.16
O4 BMA H . -1.73 -50.06 0.49
O5 BMA H . -2.71 -46.61 -0.22
O6 BMA H . -3.07 -47.86 2.63
C1 BMA H . 2.03 -48.18 -0.53
C2 BMA H . 3.28 -48.52 0.28
C3 BMA H . 4.48 -47.74 -0.27
C4 BMA H . 4.54 -47.74 -1.81
C5 BMA H . 3.17 -47.77 -2.52
C6 BMA H . 3.33 -48.16 -3.99
O2 BMA H . 3.54 -49.91 0.22
O3 BMA H . 5.70 -48.22 0.24
O4 BMA H . 5.24 -46.59 -2.23
O5 BMA H . 2.25 -48.62 -1.86
O6 BMA H . 3.68 -47.02 -4.72
C1 MAN H . -3.92 -47.87 3.81
C2 MAN H . -4.12 -46.42 4.30
C3 MAN H . -2.89 -45.92 5.08
C4 MAN H . -2.40 -46.94 6.12
C5 MAN H . -2.25 -48.34 5.50
C6 MAN H . -1.85 -49.37 6.57
O2 MAN H . -5.28 -46.37 5.09
O3 MAN H . -3.07 -44.62 5.65
O4 MAN H . -1.15 -46.52 6.61
O5 MAN H . -3.46 -48.72 4.86
O6 MAN H . -1.81 -50.66 6.01
C1 NAG I . 34.60 16.53 -14.96
C2 NAG I . 35.51 17.27 -14.01
C3 NAG I . 36.82 16.51 -13.75
C4 NAG I . 36.59 15.06 -13.33
C5 NAG I . 35.58 14.39 -14.26
C6 NAG I . 35.15 12.98 -13.80
C7 NAG I . 35.19 19.68 -14.22
C8 NAG I . 35.53 20.97 -14.91
N2 NAG I . 35.79 18.56 -14.62
O3 NAG I . 37.60 17.21 -12.80
O4 NAG I . 37.76 14.29 -13.52
O5 NAG I . 34.42 15.20 -14.52
O6 NAG I . 34.71 12.97 -12.48
O7 NAG I . 34.40 19.71 -13.30
C1 NAG I . 38.51 14.04 -12.32
C2 NAG I . 39.47 12.87 -12.55
C3 NAG I . 40.51 12.76 -11.47
C4 NAG I . 41.17 14.12 -11.20
C5 NAG I . 40.15 15.24 -11.01
C6 NAG I . 40.78 16.63 -11.06
C7 NAG I . 38.67 10.79 -13.60
C8 NAG I . 37.83 9.58 -13.41
N2 NAG I . 38.72 11.63 -12.56
O3 NAG I . 41.51 11.86 -11.91
O4 NAG I . 42.00 14.02 -10.06
O5 NAG I . 39.19 15.23 -12.06
O6 NAG I . 39.97 17.56 -10.38
O7 NAG I . 39.28 10.94 -14.66
C1 BMA I . 43.39 14.26 -10.41
C2 BMA I . 44.08 14.90 -9.20
C3 BMA I . 45.60 14.73 -9.10
C4 BMA I . 46.17 13.52 -9.85
C5 BMA I . 45.40 13.09 -11.10
C6 BMA I . 45.89 11.71 -11.57
O2 BMA I . 43.46 14.43 -7.99
O3 BMA I . 46.02 14.63 -7.71
O4 BMA I . 47.49 13.85 -10.27
O5 BMA I . 43.98 13.06 -10.89
O6 BMA I . 45.03 10.68 -11.05
C1 MAN I . 45.71 9.44 -10.75
C2 MAN I . 44.95 8.71 -9.62
C3 MAN I . 45.64 8.64 -8.23
C4 MAN I . 47.16 8.83 -8.25
C5 MAN I . 47.52 9.97 -9.23
C6 MAN I . 48.99 10.39 -9.30
O2 MAN I . 44.58 7.41 -10.08
O3 MAN I . 45.35 7.43 -7.55
O4 MAN I . 47.60 9.10 -6.94
O5 MAN I . 47.11 9.58 -10.53
O6 MAN I . 49.81 9.26 -9.41
C1 MAN I . 50.26 8.95 -10.75
C2 MAN I . 49.36 7.83 -11.34
C3 MAN I . 50.08 6.64 -11.98
C4 MAN I . 51.48 6.93 -12.55
C5 MAN I . 52.29 8.04 -11.85
C6 MAN I . 52.74 9.13 -12.84
O2 MAN I . 48.38 8.36 -12.23
O3 MAN I . 49.25 6.09 -12.98
O4 MAN I . 52.22 5.72 -12.51
O5 MAN I . 51.65 8.61 -10.71
O6 MAN I . 54.15 9.24 -12.84
C1 MAN I . 46.26 15.93 -7.09
C2 MAN I . 47.40 15.87 -6.05
C3 MAN I . 46.94 15.53 -4.61
C4 MAN I . 45.59 16.14 -4.19
C5 MAN I . 44.55 16.13 -5.33
C6 MAN I . 43.33 17.01 -5.04
O2 MAN I . 48.10 17.09 -6.10
O3 MAN I . 47.91 15.90 -3.66
O4 MAN I . 45.09 15.39 -3.11
O5 MAN I . 45.10 16.58 -6.57
O6 MAN I . 42.64 16.57 -3.89
C1 NAG J . -34.74 -13.23 17.17
C2 NAG J . -35.98 -12.39 17.48
C3 NAG J . -37.11 -12.85 16.59
C4 NAG J . -36.72 -12.86 15.13
C5 NAG J . -35.54 -13.79 15.00
C6 NAG J . -35.12 -13.97 13.56
C7 NAG J . -35.90 -11.81 19.83
C8 NAG J . -36.31 -12.13 21.25
N2 NAG J . -36.34 -12.63 18.86
O3 NAG J . -38.19 -11.99 16.79
O4 NAG J . -37.74 -13.45 14.33
O5 NAG J . -34.47 -13.28 15.77
O6 NAG J . -34.89 -12.67 13.09
O7 NAG J . -35.18 -10.84 19.63
C1 NAG J . -38.55 -12.50 13.63
C2 NAG J . -39.01 -13.20 12.39
C3 NAG J . -40.14 -12.43 11.68
C4 NAG J . -41.24 -12.00 12.62
C5 NAG J . -40.58 -11.33 13.84
C6 NAG J . -41.58 -10.98 14.93
C7 NAG J . -37.78 -14.65 10.95
C8 NAG J . -36.64 -14.83 10.01
N2 NAG J . -37.92 -13.43 11.46
O3 NAG J . -40.69 -13.26 10.70
O4 NAG J . -42.08 -11.11 11.91
O5 NAG J . -39.67 -12.23 14.42
O6 NAG J . -40.97 -10.00 15.73
O7 NAG J . -38.53 -15.61 11.23
C1 BMA J . -43.50 -11.30 12.14
C2 BMA J . -44.21 -9.97 11.81
C3 BMA J . -45.68 -10.11 11.42
C4 BMA J . -45.85 -11.35 10.54
C5 BMA J . -45.41 -12.59 11.32
C6 BMA J . -45.76 -13.88 10.59
O2 BMA J . -43.55 -9.25 10.77
O3 BMA J . -46.06 -8.96 10.63
O4 BMA J . -47.20 -11.48 10.10
O5 BMA J . -43.99 -12.48 11.47
O6 BMA J . -45.14 -13.84 9.30
C1 MAN J . -46.61 -7.89 11.46
C2 MAN J . -47.82 -7.23 10.77
C3 MAN J . -47.32 -6.28 9.69
C4 MAN J . -46.35 -5.25 10.25
C5 MAN J . -45.20 -5.94 10.99
C6 MAN J . -44.36 -4.93 11.75
O2 MAN J . -48.65 -6.54 11.72
O3 MAN J . -48.38 -5.60 9.05
O4 MAN J . -45.89 -4.42 9.20
O5 MAN J . -45.65 -6.93 11.91
O6 MAN J . -44.50 -5.13 13.15
C1 MAN J . -49.22 -7.41 12.73
C2 MAN J . -50.62 -6.93 13.19
C3 MAN J . -50.56 -6.01 14.44
C4 MAN J . -49.51 -6.46 15.46
C5 MAN J . -48.19 -6.57 14.71
C6 MAN J . -47.00 -6.83 15.62
O2 MAN J . -51.48 -8.04 13.41
O3 MAN J . -51.81 -5.92 15.07
O4 MAN J . -49.42 -5.52 16.51
O5 MAN J . -48.35 -7.65 13.83
O6 MAN J . -45.95 -7.26 14.80
C1 MAN J . -45.70 -14.78 8.36
C2 MAN J . -44.74 -14.83 7.18
C3 MAN J . -44.91 -13.59 6.29
C4 MAN J . -46.39 -13.31 5.92
C5 MAN J . -47.22 -13.28 7.19
C6 MAN J . -48.70 -12.98 6.89
O2 MAN J . -44.89 -16.04 6.46
O3 MAN J . -44.11 -13.71 5.15
O4 MAN J . -46.52 -12.06 5.29
O5 MAN J . -47.05 -14.51 7.89
O6 MAN J . -49.55 -13.98 7.41
C1 MAN J . -50.21 -14.81 6.41
C2 MAN J . -51.37 -15.54 7.12
C3 MAN J . -51.39 -17.05 6.82
C4 MAN J . -51.22 -17.24 5.33
C5 MAN J . -49.75 -16.88 5.01
C6 MAN J . -49.43 -16.88 3.51
O2 MAN J . -52.58 -14.93 6.74
O3 MAN J . -52.57 -17.67 7.29
O4 MAN J . -51.59 -18.54 4.93
O5 MAN J . -49.33 -15.65 5.62
O6 MAN J . -50.42 -16.19 2.77
C1 NAG K . 10.02 39.73 4.26
C2 NAG K . 10.42 40.69 3.17
C3 NAG K . 9.37 41.79 3.06
C4 NAG K . 7.98 41.19 2.81
C5 NAG K . 7.67 40.27 3.98
C6 NAG K . 6.35 39.58 3.80
C7 NAG K . 12.83 40.89 3.05
C8 NAG K . 14.07 41.54 3.58
N2 NAG K . 11.67 41.25 3.59
O3 NAG K . 9.73 42.63 2.02
O4 NAG K . 6.97 42.18 2.83
O5 NAG K . 8.69 39.29 4.05
O6 NAG K . 6.53 38.55 2.84
O7 NAG K . 12.92 40.06 2.14
C1 NAG K . 6.38 42.46 1.55
C2 NAG K . 4.96 42.98 1.80
C3 NAG K . 4.30 43.38 0.49
C4 NAG K . 5.22 44.39 -0.21
C5 NAG K . 6.59 43.72 -0.44
C6 NAG K . 7.53 44.62 -1.26
C7 NAG K . 3.38 42.21 3.54
C8 NAG K . 2.57 41.05 4.03
N2 NAG K . 4.11 41.98 2.44
O3 NAG K . 3.04 43.94 0.76
O4 NAG K . 4.63 44.86 -1.42
O5 NAG K . 7.14 43.40 0.82
O6 NAG K . 8.89 44.28 -1.06
O7 NAG K . 3.32 43.29 4.14
C1 BMA K . 4.57 46.29 -1.47
C2 BMA K . 4.57 46.57 -2.94
C3 BMA K . 4.31 48.06 -3.11
C4 BMA K . 2.96 48.43 -2.51
C5 BMA K . 3.05 48.22 -0.99
C6 BMA K . 1.72 48.51 -0.28
O2 BMA K . 3.56 45.74 -3.52
O3 BMA K . 4.57 48.63 -4.41
O4 BMA K . 2.60 49.76 -2.86
O5 BMA K . 3.44 46.83 -0.77
O6 BMA K . 0.89 47.30 -0.30
C1 BMA K . 4.11 48.05 -5.65
C2 BMA K . 4.00 49.24 -6.60
C3 BMA K . 3.36 48.80 -7.92
C4 BMA K . 4.00 47.52 -8.50
C5 BMA K . 4.97 46.75 -7.56
C6 BMA K . 6.39 46.90 -8.11
O2 BMA K . 5.30 49.80 -6.78
O3 BMA K . 3.23 49.83 -8.91
O4 BMA K . 3.01 46.61 -8.95
O5 BMA K . 5.03 47.12 -6.18
O6 BMA K . 7.01 45.63 -8.06
C1 BMA K . 4.36 50.74 -9.12
C2 BMA K . 4.40 51.35 -10.55
C3 BMA K . 4.05 52.85 -10.73
C4 BMA K . 3.91 53.61 -9.42
C5 BMA K . 4.87 53.02 -8.38
C6 BMA K . 4.93 53.81 -7.08
O2 BMA K . 3.64 50.57 -11.46
O3 BMA K . 2.86 53.02 -11.48
O4 BMA K . 4.16 54.97 -9.68
O5 BMA K . 4.49 51.69 -8.05
O6 BMA K . 6.01 53.33 -6.33
C1 MAN K . -0.54 47.44 -0.06
C2 MAN K . -1.26 46.08 -0.29
C3 MAN K . -1.84 45.90 -1.71
C4 MAN K . -2.59 47.18 -2.14
C5 MAN K . -1.58 48.31 -2.07
C6 MAN K . -2.18 49.61 -2.58
O2 MAN K . -2.29 45.87 0.65
O3 MAN K . -2.63 44.73 -1.85
O4 MAN K . -3.07 47.06 -3.47
O5 MAN K . -1.17 48.53 -0.72
O6 MAN K . -2.11 50.51 -1.51
C1 NAG L . 14.73 -20.15 -32.65
C2 NAG L . 13.93 -20.96 -33.64
C3 NAG L . 14.00 -20.26 -34.98
C4 NAG L . 13.56 -18.80 -34.93
C5 NAG L . 14.39 -18.09 -33.87
C6 NAG L . 13.81 -16.71 -33.62
C7 NAG L . 14.10 -23.42 -33.24
C8 NAG L . 14.91 -24.63 -33.58
N2 NAG L . 14.52 -22.27 -33.79
O3 NAG L . 13.17 -21.00 -35.85
O4 NAG L . 13.80 -18.12 -36.15
O5 NAG L . 14.35 -18.78 -32.64
O6 NAG L . 12.54 -16.83 -32.99
O7 NAG L . 13.13 -23.56 -32.51
C1 NAG L . 12.65 -17.98 -37.02
C2 NAG L . 12.74 -16.72 -37.88
C3 NAG L . 11.55 -16.62 -38.84
C4 NAG L . 11.43 -17.89 -39.67
C5 NAG L . 11.35 -19.05 -38.70
C6 NAG L . 11.16 -20.37 -39.44
C7 NAG L . 13.80 -14.62 -37.23
C8 NAG L . 13.72 -13.39 -36.38
N2 NAG L . 12.79 -15.48 -37.10
O3 NAG L . 11.61 -15.51 -39.71
O4 NAG L . 10.22 -17.79 -40.39
O5 NAG L . 12.51 -19.09 -37.87
O6 NAG L . 10.66 -21.31 -38.52
O7 NAG L . 14.77 -14.79 -37.98
C1 BMA L . 10.42 -17.94 -41.79
C2 BMA L . 9.07 -18.33 -42.36
C3 BMA L . 9.12 -18.52 -43.88
C4 BMA L . 9.95 -17.44 -44.59
C5 BMA L . 11.21 -17.02 -43.81
C6 BMA L . 11.95 -15.82 -44.40
O2 BMA L . 8.21 -17.24 -42.03
O3 BMA L . 7.75 -18.47 -44.36
O4 BMA L . 10.35 -17.91 -45.89
O5 BMA L . 10.86 -16.76 -42.45
O6 BMA L . 11.07 -14.71 -44.56
C1 MAN L . 7.17 -19.75 -44.72
C2 MAN L . 6.38 -19.61 -46.03
C3 MAN L . 4.96 -19.01 -45.83
C4 MAN L . 4.23 -19.45 -44.56
C5 MAN L . 5.18 -19.56 -43.37
C6 MAN L . 4.43 -20.18 -42.18
O2 MAN L . 6.40 -20.83 -46.77
O3 MAN L . 4.12 -19.31 -46.93
O4 MAN L . 3.19 -18.54 -44.26
O5 MAN L . 6.34 -20.32 -43.71
O6 MAN L . 5.23 -21.14 -41.52
C1 BMA L . 7.17 -20.64 -47.98
C2 BMA L . 7.50 -21.96 -48.68
C3 BMA L . 6.75 -22.17 -50.02
C4 BMA L . 5.47 -21.33 -50.10
C5 BMA L . 5.85 -19.86 -49.98
C6 BMA L . 4.63 -18.96 -50.03
O2 BMA L . 7.24 -23.01 -47.76
O3 BMA L . 6.44 -23.54 -50.26
O4 BMA L . 4.81 -21.58 -51.32
O5 BMA L . 6.65 -19.59 -48.82
O6 BMA L . 4.53 -18.39 -51.32
#